data_5CJX
#
_entry.id   5CJX
#
_cell.length_a   117.739
_cell.length_b   195.224
_cell.length_c   119.094
_cell.angle_alpha   90.00
_cell.angle_beta   101.60
_cell.angle_gamma   90.00
#
_symmetry.space_group_name_H-M   'P 1 21 1'
#
loop_
_entity.id
_entity.type
_entity.pdbx_description
1 polymer '8ANC195 G52K5 heavy chain, IG gamma-1 chain'
2 polymer 'BG505 Env gp41'
3 polymer '8ANC195 G52K5 light chain'
4 polymer 'BG505 Env gp120'
5 branched alpha-D-mannopyranose-(1-3)-[alpha-D-mannopyranose-(1-6)]beta-D-mannopyranose-(1-4)-2-acetamido-2-deoxy-beta-D-glucopyranose-(1-4)-2-acetamido-2-deoxy-beta-D-glucopyranose
6 branched 2-acetamido-2-deoxy-beta-D-glucopyranose-(1-4)-2-acetamido-2-deoxy-beta-D-glucopyranose
7 branched alpha-D-mannopyranose-(1-2)-alpha-D-mannopyranose-(1-2)-alpha-D-mannopyranose-(1-3)-[alpha-D-mannopyranose-(1-2)-alpha-D-mannopyranose-(1-6)-[alpha-D-mannopyranose-(1-3)]alpha-D-mannopyranose-(1-6)]beta-D-mannopyranose-(1-4)-2-acetamido-2-deoxy-beta-D-glucopyranose-(1-4)-2-acetamido-2-deoxy-beta-D-glucopyranose
8 branched alpha-D-mannopyranose-(1-2)-alpha-D-mannopyranose-(1-3)-[alpha-D-mannopyranose-(1-6)]beta-D-mannopyranose-(1-4)-2-acetamido-2-deoxy-beta-D-glucopyranose-(1-4)-2-acetamido-2-deoxy-beta-D-glucopyranose
9 branched alpha-D-mannopyranose-(1-3)-beta-D-mannopyranose-(1-4)-2-acetamido-2-deoxy-beta-D-glucopyranose-(1-4)-2-acetamido-2-deoxy-beta-D-glucopyranose
10 branched beta-D-mannopyranose-(1-4)-2-acetamido-2-deoxy-beta-D-glucopyranose-(1-4)-2-acetamido-2-deoxy-beta-D-glucopyranose
11 non-polymer 2-acetamido-2-deoxy-beta-D-glucopyranose
#
loop_
_entity_poly.entity_id
_entity_poly.type
_entity_poly.pdbx_seq_one_letter_code
_entity_poly.pdbx_strand_id
1 'polypeptide(L)'
;QIHLVQSGTEVKKPGSSVTVSCKAYGVNTFGLYAVNWVRQAPGQSLEYIGQIWRWKSSASHHFRGRVLISAVDLTGSSPP
ISSLEIKNLTSDDTAVYFCTTTSTYDRWSGLHHDGVMAFSSWGQGTLISVSAASTKGPSVFPLAPSSKSTSGGTAALGCL
VKDYFPEPVTVSWNSGALTSGVHTFPAVLQSSGLYSLSSVVTVPSSSLGTQTYICNVNHKPSNTKVDKRVEPKSCDKTHH
HHHH
;
A,D,H
2 'polypeptide(L)'
;AVGIGAVFLGFLGAAGSTMGAASMTLTVQARNLLSGIVQQQSNLLRAPEAQQHLLKLTVWGIKQLQARVLAVERYLRDQQ
LLGIWGCSGKLICCTNVPWNSSWSNRNLSEIWDNMTWLQWDKEISNYTQIIYGLLEESQNQQEKNEQDLLALD
;
B,J,X
3 'polypeptide(L)'
;DIQMTQSPSTLSASTGDTVRISCRASQSITGNWVAWYQQRPGKAPRLLIYRGAALLGGVPSRFRGSAAGTDFTLTIGNLQ
AEDFGTFYCQQYDTYPGTFGQGTKVEVKRTVAAPSVFIFPPSDEQLKSGTASVVCLLNNFYPREAKVQWKVDNALQSGNS
QESVTEQDSKDSTYSLSSTLTLSKADYEKHKVYACEVTHQGLSSPVTKSFNRGEC
;
C,E,L
4 'polypeptide(L)'
;NLWVTVYYGVPVWKDAETTLFCASDAKAYETEKHNVWATHACVPTDPNPQEIHLENVTEEFNMWKNNMVEQMHTDIISLW
DQSLKPCVKLTPLCVTLQCTNVTNNITDDMRGELKNCSFNMTTELRDKKQKVYSLFYRLDVVQINENQGNRSNNSNKEYR
LINCNTSAITQACPKVSFEPIPIHYCAPAGFAILKCKDKKFNGTGPCPSVSTVQCTHGIKPVVSTQLLLNGSLAEEEVMI
RSENITNNAKNILVQFNTPVQINCTRPNNNTRKSIRIGPGQAFYATGDIIGDIRQAHCNVSKATWNETLGKVVKQLRKHF
GNNTIIRFANSSGGDLEVTTHSFNCGGEFFYCNTSGLFNSTWISNTSVQGSNSTGSNDSITLPCRIKQIINMWQRIGQAM
YAPPIQGVIRCVSNITGLILTRDGGSTNSTTETFRPGGGDMRDNWRSELYKYKVVKIEPLGVAPTRCKRRVVGRRRRRR
;
G,K,Y
#
# COMPACT_ATOMS: atom_id res chain seq x y z
N GLN A 1 9.97 -33.29 -28.02
CA GLN A 1 10.83 -34.11 -27.16
C GLN A 1 12.25 -34.14 -27.71
N ILE A 2 13.22 -34.31 -26.81
CA ILE A 2 14.63 -34.35 -27.17
C ILE A 2 15.02 -35.79 -27.48
N HIS A 3 15.58 -36.02 -28.67
CA HIS A 3 16.15 -37.30 -29.06
C HIS A 3 17.55 -37.06 -29.61
N LEU A 4 18.52 -37.80 -29.11
CA LEU A 4 19.91 -37.72 -29.58
C LEU A 4 20.21 -38.96 -30.41
N VAL A 5 20.55 -38.76 -31.68
CA VAL A 5 20.81 -39.85 -32.61
C VAL A 5 22.26 -39.77 -33.04
N GLN A 6 23.03 -40.83 -32.78
CA GLN A 6 24.45 -40.86 -33.08
C GLN A 6 24.73 -41.63 -34.36
N SER A 7 25.97 -41.54 -34.82
CA SER A 7 26.39 -42.20 -36.04
C SER A 7 26.47 -43.72 -35.83
N GLY A 8 26.73 -44.43 -36.92
CA GLY A 8 26.77 -45.87 -36.88
C GLY A 8 28.10 -46.42 -36.38
N THR A 9 28.08 -47.72 -36.08
CA THR A 9 29.25 -48.40 -35.53
C THR A 9 30.44 -48.31 -36.48
N GLU A 10 31.64 -48.29 -35.91
CA GLU A 10 32.88 -48.24 -36.67
C GLU A 10 33.89 -49.22 -36.08
N VAL A 11 34.53 -50.00 -36.95
CA VAL A 11 35.66 -50.85 -36.58
C VAL A 11 36.90 -50.25 -37.25
N LYS A 12 37.90 -49.92 -36.43
CA LYS A 12 39.07 -49.22 -36.95
C LYS A 12 40.33 -49.71 -36.26
N LYS A 13 41.47 -49.38 -36.86
CA LYS A 13 42.79 -49.89 -36.53
C LYS A 13 43.56 -48.90 -35.65
N PRO A 14 44.56 -49.39 -34.91
CA PRO A 14 45.34 -48.49 -34.05
C PRO A 14 46.10 -47.45 -34.85
N GLY A 15 46.43 -46.35 -34.19
CA GLY A 15 47.06 -45.22 -34.84
C GLY A 15 46.18 -44.41 -35.75
N SER A 16 44.98 -44.91 -36.06
CA SER A 16 44.04 -44.17 -36.89
C SER A 16 43.23 -43.20 -36.04
N SER A 17 42.43 -42.39 -36.70
CA SER A 17 41.49 -41.48 -36.05
C SER A 17 40.07 -41.88 -36.41
N VAL A 18 39.12 -41.22 -35.75
CA VAL A 18 37.70 -41.53 -35.92
C VAL A 18 36.90 -40.37 -35.36
N THR A 19 35.84 -39.98 -36.09
CA THR A 19 34.92 -38.95 -35.68
C THR A 19 33.52 -39.52 -35.62
N VAL A 20 32.80 -39.25 -34.53
CA VAL A 20 31.45 -39.75 -34.33
C VAL A 20 30.49 -38.57 -34.32
N SER A 21 29.33 -38.75 -34.96
CA SER A 21 28.34 -37.71 -35.12
C SER A 21 27.25 -37.85 -34.06
N CYS A 22 26.64 -36.72 -33.70
CA CYS A 22 25.58 -36.72 -32.68
C CYS A 22 24.50 -35.72 -33.08
N LYS A 23 23.44 -36.22 -33.72
CA LYS A 23 22.29 -35.37 -34.03
C LYS A 23 21.48 -35.12 -32.78
N ALA A 24 21.05 -33.88 -32.57
CA ALA A 24 20.39 -33.54 -31.33
C ALA A 24 19.02 -32.96 -31.65
N TYR A 25 18.11 -33.85 -32.02
CA TYR A 25 16.74 -33.48 -32.32
C TYR A 25 16.02 -33.05 -31.05
N GLY A 26 15.17 -32.03 -31.17
CA GLY A 26 14.43 -31.50 -30.04
C GLY A 26 15.13 -30.41 -29.26
N VAL A 27 16.45 -30.34 -29.34
CA VAL A 27 17.21 -29.35 -28.59
C VAL A 27 16.96 -27.96 -29.16
N ASN A 28 16.64 -27.00 -28.28
CA ASN A 28 16.41 -25.63 -28.73
C ASN A 28 17.66 -25.04 -29.35
N THR A 29 18.77 -25.07 -28.62
CA THR A 29 20.06 -24.58 -29.11
C THR A 29 21.12 -24.98 -28.10
N PHE A 30 22.35 -25.13 -28.59
CA PHE A 30 23.46 -25.43 -27.69
C PHE A 30 23.83 -24.26 -26.80
N GLY A 31 23.10 -23.14 -26.89
CA GLY A 31 23.28 -22.04 -25.96
C GLY A 31 22.43 -22.20 -24.72
N LEU A 32 21.41 -23.06 -24.81
CA LEU A 32 20.56 -23.40 -23.68
C LEU A 32 20.71 -24.86 -23.26
N TYR A 33 21.67 -25.58 -23.86
CA TYR A 33 21.97 -26.97 -23.53
C TYR A 33 23.46 -27.19 -23.74
N ALA A 34 24.07 -28.02 -22.89
CA ALA A 34 25.49 -28.33 -22.98
C ALA A 34 25.69 -29.79 -23.37
N VAL A 35 26.77 -30.06 -24.10
CA VAL A 35 27.04 -31.38 -24.64
C VAL A 35 28.27 -31.95 -23.94
N ASN A 36 28.10 -33.14 -23.35
CA ASN A 36 29.18 -33.84 -22.67
C ASN A 36 29.37 -35.20 -23.34
N TRP A 37 30.62 -35.63 -23.48
CA TRP A 37 30.96 -36.90 -24.11
C TRP A 37 31.58 -37.84 -23.08
N VAL A 38 30.98 -39.02 -22.93
CA VAL A 38 31.39 -40.03 -21.95
C VAL A 38 31.44 -41.39 -22.63
N ARG A 39 32.49 -42.16 -22.34
CA ARG A 39 32.67 -43.49 -22.91
C ARG A 39 32.49 -44.56 -21.84
N GLN A 40 31.99 -45.72 -22.26
CA GLN A 40 31.77 -46.86 -21.37
C GLN A 40 32.51 -48.07 -21.94
N ALA A 41 33.64 -48.41 -21.33
CA ALA A 41 34.45 -49.58 -21.67
C ALA A 41 33.60 -50.84 -21.58
N PRO A 42 33.98 -51.92 -22.25
CA PRO A 42 33.17 -53.15 -22.20
C PRO A 42 33.01 -53.67 -20.77
N GLY A 43 31.76 -53.77 -20.33
CA GLY A 43 31.45 -54.23 -18.99
C GLY A 43 32.12 -53.44 -17.88
N GLN A 44 32.26 -52.14 -18.06
CA GLN A 44 32.97 -51.29 -17.11
C GLN A 44 32.13 -50.07 -16.76
N SER A 45 32.73 -49.18 -15.98
CA SER A 45 32.10 -47.94 -15.58
C SER A 45 32.18 -46.91 -16.71
N LEU A 46 31.73 -45.70 -16.44
CA LEU A 46 31.73 -44.62 -17.42
C LEU A 46 32.85 -43.64 -17.11
N GLU A 47 33.35 -42.98 -18.15
CA GLU A 47 34.49 -42.07 -18.02
C GLU A 47 34.23 -40.80 -18.83
N TYR A 48 34.52 -39.65 -18.22
CA TYR A 48 34.34 -38.37 -18.88
C TYR A 48 35.53 -38.05 -19.76
N ILE A 49 35.26 -37.75 -21.03
CA ILE A 49 36.31 -37.37 -21.98
C ILE A 49 36.36 -35.85 -22.09
N GLY A 50 35.24 -35.24 -22.45
CA GLY A 50 35.18 -33.80 -22.56
C GLY A 50 33.76 -33.35 -22.85
N GLN A 51 33.63 -32.04 -23.07
CA GLN A 51 32.32 -31.42 -23.23
C GLN A 51 32.46 -30.22 -24.16
N ILE A 52 31.34 -29.53 -24.38
CA ILE A 52 31.34 -28.23 -25.03
C ILE A 52 30.16 -27.41 -24.51
N TRP A 53 30.45 -26.47 -23.63
CA TRP A 53 29.44 -25.63 -22.99
C TRP A 53 29.80 -24.17 -23.22
N ARG A 54 28.79 -23.37 -23.56
CA ARG A 54 29.00 -21.98 -23.97
C ARG A 54 30.00 -21.90 -25.12
N TRP A 55 29.97 -22.89 -26.00
CA TRP A 55 30.84 -22.93 -27.17
C TRP A 55 32.31 -22.98 -26.79
N LYS A 56 32.62 -23.73 -25.74
CA LYS A 56 34.00 -23.93 -25.29
C LYS A 56 34.29 -25.42 -25.25
N SER A 57 35.16 -25.88 -26.15
CA SER A 57 35.57 -27.27 -26.16
C SER A 57 36.57 -27.53 -25.04
N SER A 58 36.41 -28.68 -24.38
CA SER A 58 37.29 -29.06 -23.29
C SER A 58 37.37 -30.58 -23.25
N ALA A 59 38.47 -31.09 -22.70
CA ALA A 59 38.66 -32.54 -22.57
C ALA A 59 39.32 -32.85 -21.24
N SER A 60 39.02 -34.04 -20.73
CA SER A 60 39.59 -34.51 -19.48
C SER A 60 41.11 -34.62 -19.58
N HIS A 61 41.75 -34.61 -18.41
CA HIS A 61 43.20 -34.71 -18.36
C HIS A 61 43.71 -35.98 -19.05
N HIS A 62 42.99 -37.09 -18.88
CA HIS A 62 43.40 -38.34 -19.51
C HIS A 62 43.34 -38.23 -21.03
N PHE A 63 42.35 -37.50 -21.54
CA PHE A 63 42.11 -37.37 -22.97
C PHE A 63 42.47 -35.99 -23.50
N ARG A 64 43.14 -35.17 -22.69
CA ARG A 64 43.47 -33.80 -23.10
C ARG A 64 44.41 -33.81 -24.30
N GLY A 65 44.03 -33.07 -25.34
CA GLY A 65 44.85 -32.91 -26.51
C GLY A 65 44.75 -34.00 -27.55
N ARG A 66 44.41 -35.23 -27.15
CA ARG A 66 44.26 -36.34 -28.08
C ARG A 66 42.87 -36.38 -28.71
N VAL A 67 41.99 -35.48 -28.27
CA VAL A 67 40.58 -35.51 -28.66
C VAL A 67 40.17 -34.10 -29.05
N LEU A 68 39.23 -33.99 -29.99
CA LEU A 68 38.66 -32.72 -30.38
C LEU A 68 37.14 -32.84 -30.35
N ILE A 69 36.48 -31.85 -29.75
CA ILE A 69 35.04 -31.89 -29.50
C ILE A 69 34.44 -30.60 -30.06
N SER A 70 33.65 -30.72 -31.13
CA SER A 70 33.08 -29.58 -31.83
C SER A 70 31.59 -29.80 -32.04
N ALA A 71 30.86 -28.69 -32.20
CA ALA A 71 29.42 -28.74 -32.37
C ALA A 71 28.95 -27.48 -33.09
N VAL A 72 27.77 -27.58 -33.70
CA VAL A 72 27.16 -26.47 -34.44
C VAL A 72 25.66 -26.47 -34.15
N ASP A 73 25.08 -25.27 -34.15
CA ASP A 73 23.70 -25.07 -33.73
C ASP A 73 22.71 -25.53 -34.80
N LEU A 74 21.42 -25.29 -34.51
CA LEU A 74 20.33 -25.60 -35.43
C LEU A 74 20.57 -25.01 -36.81
N THR A 75 20.15 -25.75 -37.83
CA THR A 75 20.02 -25.27 -39.19
C THR A 75 18.58 -25.50 -39.63
N GLY A 76 18.10 -24.67 -40.56
CA GLY A 76 16.82 -24.97 -41.20
C GLY A 76 16.78 -26.35 -41.80
N SER A 77 17.93 -26.88 -42.20
CA SER A 77 18.03 -28.24 -42.71
C SER A 77 18.17 -29.26 -41.59
N SER A 78 18.95 -28.94 -40.55
CA SER A 78 19.36 -29.93 -39.59
C SER A 78 19.38 -29.37 -38.17
N PRO A 79 19.07 -30.20 -37.18
CA PRO A 79 19.18 -29.78 -35.78
C PRO A 79 20.63 -29.71 -35.36
N PRO A 80 20.95 -29.16 -34.18
CA PRO A 80 22.36 -28.99 -33.83
C PRO A 80 23.04 -30.33 -33.61
N ILE A 81 24.32 -30.38 -33.95
CA ILE A 81 25.08 -31.63 -33.95
C ILE A 81 26.44 -31.39 -33.31
N SER A 82 26.86 -32.34 -32.49
CA SER A 82 28.21 -32.38 -31.93
C SER A 82 28.95 -33.58 -32.51
N SER A 83 30.29 -33.46 -32.51
CA SER A 83 31.14 -34.50 -33.08
C SER A 83 32.34 -34.73 -32.18
N LEU A 84 32.62 -35.99 -31.88
CA LEU A 84 33.71 -36.38 -30.99
C LEU A 84 34.79 -37.07 -31.83
N GLU A 85 35.96 -36.44 -31.91
CA GLU A 85 37.06 -36.93 -32.72
C GLU A 85 38.19 -37.42 -31.82
N ILE A 86 38.70 -38.61 -32.11
CA ILE A 86 39.70 -39.27 -31.29
C ILE A 86 40.87 -39.66 -32.18
N LYS A 87 42.05 -39.13 -31.89
CA LYS A 87 43.27 -39.51 -32.59
C LYS A 87 44.04 -40.55 -31.79
N ASN A 88 44.90 -41.28 -32.49
CA ASN A 88 45.80 -42.26 -31.87
C ASN A 88 45.00 -43.33 -31.10
N LEU A 89 44.19 -44.07 -31.85
CA LEU A 89 43.38 -45.11 -31.23
C LEU A 89 44.27 -46.25 -30.73
N THR A 90 43.91 -46.76 -29.55
CA THR A 90 44.55 -47.93 -28.96
C THR A 90 43.47 -48.92 -28.53
N SER A 91 43.89 -50.15 -28.26
CA SER A 91 42.93 -51.20 -27.91
C SER A 91 42.16 -50.86 -26.64
N ASP A 92 42.75 -50.06 -25.75
CA ASP A 92 42.05 -49.65 -24.53
C ASP A 92 41.03 -48.54 -24.78
N ASP A 93 40.95 -48.02 -26.00
CA ASP A 93 39.89 -47.08 -26.37
C ASP A 93 38.64 -47.79 -26.88
N THR A 94 38.70 -49.11 -27.07
CA THR A 94 37.53 -49.87 -27.46
C THR A 94 36.44 -49.74 -26.41
N ALA A 95 35.32 -49.12 -26.79
CA ALA A 95 34.24 -48.87 -25.84
C ALA A 95 33.02 -48.38 -26.62
N VAL A 96 31.96 -48.09 -25.88
CA VAL A 96 30.76 -47.44 -26.41
C VAL A 96 30.79 -45.98 -25.99
N TYR A 97 30.57 -45.07 -26.94
CA TYR A 97 30.67 -43.64 -26.72
C TYR A 97 29.30 -43.00 -26.76
N PHE A 98 29.00 -42.16 -25.77
CA PHE A 98 27.67 -41.62 -25.53
C PHE A 98 27.64 -40.11 -25.67
N CYS A 99 26.48 -39.58 -26.04
CA CYS A 99 26.24 -38.16 -26.23
C CYS A 99 25.28 -37.66 -25.16
N THR A 100 25.50 -36.43 -24.68
CA THR A 100 24.77 -35.90 -23.54
C THR A 100 24.29 -34.48 -23.84
N THR A 101 23.03 -34.19 -23.50
CA THR A 101 22.52 -32.82 -23.53
C THR A 101 21.88 -32.51 -22.18
N THR A 102 22.26 -31.36 -21.60
CA THR A 102 21.78 -30.94 -20.29
C THR A 102 21.35 -29.47 -20.38
N SER A 103 20.10 -29.19 -20.03
CA SER A 103 19.59 -27.83 -20.11
C SER A 103 20.38 -26.91 -19.20
N THR A 104 20.80 -25.75 -19.74
CA THR A 104 21.66 -24.84 -19.00
C THR A 104 21.08 -23.44 -18.88
N TYR A 105 19.80 -23.23 -19.20
CA TYR A 105 19.25 -21.87 -19.17
C TYR A 105 19.24 -21.31 -17.75
N ASP A 106 18.80 -22.10 -16.78
CA ASP A 106 18.61 -21.65 -15.41
C ASP A 106 19.88 -21.91 -14.61
N ARG A 107 20.48 -20.84 -14.06
CA ARG A 107 21.72 -20.95 -13.32
C ARG A 107 21.56 -21.75 -12.02
N TRP A 108 20.33 -22.05 -11.61
CA TRP A 108 20.09 -22.70 -10.33
C TRP A 108 19.75 -24.18 -10.45
N SER A 109 19.68 -24.71 -11.66
CA SER A 109 19.43 -26.14 -11.81
C SER A 109 20.54 -26.95 -11.16
N GLY A 110 20.15 -27.88 -10.29
CA GLY A 110 21.12 -28.77 -9.67
C GLY A 110 21.81 -29.72 -10.64
N LEU A 111 21.50 -29.63 -11.94
CA LEU A 111 22.15 -30.48 -12.94
C LEU A 111 23.59 -30.04 -13.24
N HIS A 112 23.87 -28.73 -13.18
CA HIS A 112 25.16 -28.19 -13.58
C HIS A 112 25.78 -27.40 -12.43
N HIS A 113 27.11 -27.33 -12.45
CA HIS A 113 27.90 -26.75 -11.36
C HIS A 113 29.20 -26.19 -11.96
N ASP A 114 29.10 -25.00 -12.55
CA ASP A 114 30.24 -24.26 -13.09
C ASP A 114 30.98 -25.06 -14.16
N GLY A 115 30.21 -25.61 -15.12
CA GLY A 115 30.78 -26.37 -16.20
C GLY A 115 30.88 -27.86 -15.95
N VAL A 116 30.92 -28.29 -14.69
CA VAL A 116 30.86 -29.70 -14.34
C VAL A 116 29.41 -30.03 -14.01
N MET A 117 28.83 -30.99 -14.72
CA MET A 117 27.39 -31.15 -14.68
C MET A 117 26.99 -32.62 -14.77
N ALA A 118 25.77 -32.89 -14.32
CA ALA A 118 25.10 -34.16 -14.55
C ALA A 118 24.52 -34.18 -15.96
N PHE A 119 23.94 -35.30 -16.36
CA PHE A 119 23.61 -35.58 -17.75
C PHE A 119 22.14 -35.96 -17.86
N SER A 120 21.32 -35.08 -18.44
CA SER A 120 19.87 -35.25 -18.40
C SER A 120 19.30 -36.08 -19.54
N SER A 121 19.88 -36.02 -20.74
CA SER A 121 19.38 -36.79 -21.87
C SER A 121 20.53 -37.45 -22.61
N TRP A 122 20.31 -38.69 -23.04
CA TRP A 122 21.36 -39.54 -23.59
C TRP A 122 20.93 -40.11 -24.94
N GLY A 123 21.92 -40.55 -25.71
CA GLY A 123 21.70 -41.18 -26.99
C GLY A 123 22.00 -42.67 -26.99
N GLN A 124 21.76 -43.28 -28.14
CA GLN A 124 21.90 -44.74 -28.28
C GLN A 124 23.33 -45.18 -27.98
N GLY A 125 24.31 -44.47 -28.52
CA GLY A 125 25.69 -44.86 -28.33
C GLY A 125 26.31 -45.41 -29.60
N THR A 126 27.62 -45.28 -29.71
CA THR A 126 28.37 -45.76 -30.86
C THR A 126 29.51 -46.63 -30.39
N LEU A 127 29.59 -47.85 -30.93
CA LEU A 127 30.63 -48.79 -30.56
C LEU A 127 31.87 -48.56 -31.41
N ILE A 128 32.96 -48.15 -30.77
CA ILE A 128 34.26 -47.99 -31.42
C ILE A 128 35.14 -49.15 -30.99
N SER A 129 35.55 -49.97 -31.95
CA SER A 129 36.39 -51.13 -31.70
C SER A 129 37.77 -50.86 -32.32
N VAL A 130 38.80 -50.94 -31.48
CA VAL A 130 40.17 -50.69 -31.91
C VAL A 130 40.95 -51.99 -31.76
N SER A 131 41.39 -52.54 -32.89
CA SER A 131 42.17 -53.77 -32.87
C SER A 131 42.98 -53.87 -34.16
N ALA A 132 44.15 -54.48 -34.06
CA ALA A 132 45.01 -54.65 -35.22
C ALA A 132 44.58 -55.82 -36.11
N ALA A 133 43.80 -56.75 -35.58
CA ALA A 133 43.37 -57.90 -36.36
C ALA A 133 42.35 -57.50 -37.42
N SER A 134 42.29 -58.30 -38.48
CA SER A 134 41.34 -58.10 -39.57
C SER A 134 40.27 -59.18 -39.53
N THR A 135 39.31 -59.04 -40.43
CA THR A 135 38.19 -59.97 -40.53
C THR A 135 38.69 -61.40 -40.73
N LYS A 136 38.17 -62.33 -39.93
CA LYS A 136 38.53 -63.74 -40.02
C LYS A 136 37.38 -64.61 -39.55
N GLY A 137 37.14 -65.71 -40.27
CA GLY A 137 36.10 -66.66 -39.91
C GLY A 137 36.52 -67.54 -38.75
N PRO A 138 35.55 -68.05 -37.99
CA PRO A 138 35.86 -68.80 -36.78
C PRO A 138 36.15 -70.27 -37.05
N SER A 139 37.12 -70.79 -36.30
CA SER A 139 37.35 -72.23 -36.23
C SER A 139 36.45 -72.82 -35.16
N VAL A 140 35.66 -73.82 -35.53
CA VAL A 140 34.65 -74.39 -34.64
C VAL A 140 35.04 -75.82 -34.30
N PHE A 141 35.19 -76.08 -33.00
CA PHE A 141 35.58 -77.37 -32.46
C PHE A 141 34.47 -77.91 -31.56
N PRO A 142 34.29 -79.23 -31.52
CA PRO A 142 33.22 -79.80 -30.71
C PRO A 142 33.63 -80.00 -29.26
N LEU A 143 32.71 -79.67 -28.35
CA LEU A 143 32.85 -79.97 -26.93
C LEU A 143 31.98 -81.18 -26.65
N ALA A 144 32.60 -82.37 -26.68
CA ALA A 144 31.86 -83.63 -26.67
C ALA A 144 31.53 -84.06 -25.24
N PRO A 145 30.37 -84.70 -25.05
CA PRO A 145 29.94 -85.27 -23.76
C PRO A 145 30.58 -86.62 -23.48
N THR A 154 21.30 -86.84 -16.85
CA THR A 154 21.29 -85.65 -17.70
C THR A 154 22.71 -85.13 -17.90
N ALA A 155 23.12 -85.00 -19.16
CA ALA A 155 24.47 -84.58 -19.53
C ALA A 155 24.41 -83.32 -20.38
N ALA A 156 25.58 -82.71 -20.61
CA ALA A 156 25.67 -81.44 -21.31
C ALA A 156 26.79 -81.47 -22.34
N LEU A 157 26.59 -80.72 -23.42
CA LEU A 157 27.52 -80.67 -24.54
C LEU A 157 27.49 -79.26 -25.12
N GLY A 158 28.39 -79.00 -26.07
CA GLY A 158 28.40 -77.69 -26.67
C GLY A 158 29.36 -77.59 -27.85
N CYS A 159 29.55 -76.35 -28.30
CA CYS A 159 30.43 -76.00 -29.41
C CYS A 159 31.37 -74.88 -28.99
N LEU A 160 32.64 -74.98 -29.41
CA LEU A 160 33.67 -74.00 -29.08
C LEU A 160 33.99 -73.16 -30.32
N VAL A 161 33.59 -71.90 -30.30
CA VAL A 161 33.81 -70.97 -31.40
C VAL A 161 35.01 -70.10 -31.03
N LYS A 162 36.17 -70.40 -31.62
CA LYS A 162 37.41 -69.77 -31.23
C LYS A 162 38.05 -69.01 -32.39
N ASP A 163 38.84 -67.97 -32.03
CA ASP A 163 39.62 -67.15 -32.96
C ASP A 163 38.93 -66.36 -34.09
N TYR A 164 37.96 -65.51 -33.74
CA TYR A 164 37.14 -64.82 -34.73
C TYR A 164 37.17 -63.33 -34.47
N PHE A 165 36.84 -62.57 -35.53
CA PHE A 165 36.88 -61.11 -35.53
C PHE A 165 36.29 -60.52 -36.83
N PRO A 166 35.53 -59.42 -36.72
CA PRO A 166 35.06 -58.82 -35.47
C PRO A 166 33.72 -59.43 -35.06
N GLU A 167 33.15 -58.96 -33.95
CA GLU A 167 31.85 -59.44 -33.50
C GLU A 167 30.77 -59.02 -34.50
N PRO A 168 29.60 -59.68 -34.45
CA PRO A 168 29.21 -60.81 -33.61
C PRO A 168 29.01 -62.13 -34.35
N VAL A 169 28.89 -63.21 -33.60
CA VAL A 169 28.49 -64.51 -34.13
C VAL A 169 27.16 -64.90 -33.51
N THR A 170 26.35 -65.62 -34.27
CA THR A 170 25.12 -66.20 -33.78
C THR A 170 25.22 -67.72 -33.91
N VAL A 171 24.73 -68.43 -32.89
CA VAL A 171 24.82 -69.88 -32.83
C VAL A 171 23.41 -70.44 -32.65
N SER A 172 23.07 -71.43 -33.46
CA SER A 172 21.77 -72.11 -33.39
C SER A 172 22.00 -73.60 -33.52
N TRP A 173 21.22 -74.38 -32.77
CA TRP A 173 21.38 -75.82 -32.70
C TRP A 173 20.30 -76.51 -33.51
N ASN A 174 20.71 -77.48 -34.34
CA ASN A 174 19.80 -78.26 -35.17
C ASN A 174 18.92 -77.36 -36.02
N SER A 175 19.53 -76.31 -36.57
CA SER A 175 18.85 -75.36 -37.47
C SER A 175 17.64 -74.73 -36.78
N GLY A 176 17.79 -74.39 -35.51
CA GLY A 176 16.73 -73.76 -34.74
C GLY A 176 15.80 -74.71 -34.03
N ALA A 177 15.93 -76.03 -34.26
CA ALA A 177 15.03 -76.98 -33.61
C ALA A 177 15.26 -77.02 -32.11
N LEU A 178 16.52 -77.19 -31.70
CA LEU A 178 16.87 -77.26 -30.28
C LEU A 178 17.12 -75.84 -29.76
N THR A 179 16.22 -75.38 -28.90
CA THR A 179 16.34 -74.08 -28.25
C THR A 179 16.34 -74.17 -26.72
N SER A 180 15.82 -75.26 -26.16
CA SER A 180 15.69 -75.39 -24.72
C SER A 180 17.00 -75.89 -24.11
N GLY A 181 17.41 -75.29 -23.00
CA GLY A 181 18.66 -75.62 -22.34
C GLY A 181 19.89 -75.06 -23.01
N VAL A 182 19.74 -74.07 -23.87
CA VAL A 182 20.84 -73.54 -24.67
C VAL A 182 21.35 -72.25 -24.01
N HIS A 183 22.60 -72.28 -23.57
CA HIS A 183 23.29 -71.11 -23.02
C HIS A 183 24.43 -70.74 -23.95
N THR A 184 24.35 -69.56 -24.54
CA THR A 184 25.42 -69.03 -25.40
C THR A 184 26.14 -67.93 -24.64
N PHE A 185 27.37 -68.23 -24.23
CA PHE A 185 28.14 -67.30 -23.40
C PHE A 185 28.57 -66.08 -24.23
N PRO A 186 28.71 -64.93 -23.58
CA PRO A 186 29.20 -63.75 -24.30
C PRO A 186 30.66 -63.89 -24.68
N ALA A 187 31.05 -63.11 -25.68
CA ALA A 187 32.39 -63.20 -26.23
C ALA A 187 33.43 -62.71 -25.22
N VAL A 188 34.59 -63.35 -25.23
CA VAL A 188 35.76 -62.83 -24.53
C VAL A 188 36.82 -62.51 -25.58
N LEU A 189 37.68 -61.56 -25.26
CA LEU A 189 38.68 -61.04 -26.19
C LEU A 189 40.04 -61.59 -25.80
N GLN A 190 40.62 -62.41 -26.68
CA GLN A 190 41.85 -63.11 -26.37
C GLN A 190 43.06 -62.19 -26.43
N SER A 191 44.16 -62.68 -25.86
CA SER A 191 45.44 -61.98 -25.96
C SER A 191 45.81 -61.69 -27.40
N SER A 192 45.36 -62.52 -28.33
CA SER A 192 45.73 -62.31 -29.73
C SER A 192 45.21 -60.95 -30.23
N GLY A 193 44.17 -60.46 -29.57
CA GLY A 193 43.24 -59.50 -30.15
C GLY A 193 42.14 -60.14 -30.95
N LEU A 194 41.73 -61.35 -30.56
CA LEU A 194 40.79 -62.16 -31.31
C LEU A 194 39.71 -62.67 -30.38
N TYR A 195 38.49 -62.79 -30.88
CA TYR A 195 37.38 -63.16 -30.02
C TYR A 195 37.22 -64.68 -29.96
N SER A 196 36.53 -65.13 -28.92
CA SER A 196 36.28 -66.55 -28.70
C SER A 196 35.14 -66.70 -27.70
N LEU A 197 34.24 -67.64 -27.99
CA LEU A 197 33.13 -67.93 -27.08
C LEU A 197 32.71 -69.37 -27.26
N SER A 198 31.79 -69.81 -26.42
CA SER A 198 31.28 -71.17 -26.47
C SER A 198 29.79 -71.18 -26.13
N SER A 199 29.11 -72.24 -26.55
CA SER A 199 27.68 -72.39 -26.36
C SER A 199 27.37 -73.85 -26.04
N VAL A 200 26.59 -74.07 -24.98
CA VAL A 200 26.38 -75.42 -24.45
C VAL A 200 24.88 -75.71 -24.32
N VAL A 201 24.55 -77.00 -24.26
CA VAL A 201 23.17 -77.47 -24.15
C VAL A 201 23.12 -78.60 -23.12
N THR A 202 22.14 -78.52 -22.22
CA THR A 202 21.84 -79.62 -21.31
C THR A 202 20.70 -80.46 -21.90
N VAL A 203 20.93 -81.77 -22.01
CA VAL A 203 19.94 -82.69 -22.53
C VAL A 203 20.02 -83.99 -21.74
N PRO A 204 18.93 -84.75 -21.69
CA PRO A 204 18.96 -86.04 -20.99
C PRO A 204 19.97 -86.98 -21.64
N SER A 205 20.79 -87.63 -20.81
CA SER A 205 21.83 -88.53 -21.29
C SER A 205 21.28 -89.77 -21.99
N SER A 206 20.04 -90.16 -21.69
CA SER A 206 19.43 -91.30 -22.37
C SER A 206 19.24 -91.06 -23.87
N SER A 207 19.13 -89.80 -24.30
CA SER A 207 18.93 -89.45 -25.70
C SER A 207 20.23 -89.06 -26.39
N LEU A 208 21.38 -89.37 -25.79
CA LEU A 208 22.66 -89.03 -26.42
C LEU A 208 22.92 -89.90 -27.64
N GLY A 209 22.65 -91.20 -27.54
CA GLY A 209 22.74 -92.04 -28.72
C GLY A 209 21.54 -91.94 -29.64
N THR A 210 20.39 -91.52 -29.10
CA THR A 210 19.13 -91.34 -29.84
C THR A 210 18.96 -90.21 -30.90
N GLN A 211 19.37 -88.99 -30.56
CA GLN A 211 19.34 -87.87 -31.48
C GLN A 211 20.73 -87.32 -31.75
N THR A 212 20.88 -86.72 -32.94
CA THR A 212 22.12 -86.07 -33.34
C THR A 212 22.03 -84.57 -33.04
N TYR A 213 23.15 -84.01 -32.58
CA TYR A 213 23.22 -82.60 -32.22
C TYR A 213 24.23 -81.90 -33.12
N ILE A 214 23.78 -80.82 -33.76
CA ILE A 214 24.61 -80.02 -34.65
C ILE A 214 24.40 -78.55 -34.30
N CYS A 215 25.48 -77.81 -34.13
CA CYS A 215 25.43 -76.37 -33.92
C CYS A 215 25.71 -75.66 -35.24
N ASN A 216 25.02 -74.54 -35.46
CA ASN A 216 25.10 -73.78 -36.70
C ASN A 216 25.64 -72.39 -36.38
N VAL A 217 26.92 -72.17 -36.66
CA VAL A 217 27.58 -70.89 -36.43
C VAL A 217 27.69 -70.16 -37.76
N ASN A 218 27.34 -68.87 -37.77
CA ASN A 218 27.48 -68.03 -38.96
C ASN A 218 28.15 -66.72 -38.58
N HIS A 219 28.98 -66.22 -39.48
CA HIS A 219 29.69 -64.95 -39.29
C HIS A 219 29.52 -64.11 -40.54
N LYS A 220 28.77 -63.03 -40.42
CA LYS A 220 28.52 -62.11 -41.53
C LYS A 220 29.74 -61.26 -41.87
N PRO A 221 30.50 -60.72 -40.90
CA PRO A 221 31.70 -59.95 -41.28
C PRO A 221 32.68 -60.72 -42.14
N SER A 222 32.91 -62.00 -41.84
CA SER A 222 33.76 -62.86 -42.65
C SER A 222 32.98 -63.66 -43.67
N ASN A 223 31.68 -63.39 -43.82
CA ASN A 223 30.80 -64.09 -44.76
C ASN A 223 30.96 -65.61 -44.68
N THR A 224 31.08 -66.12 -43.45
CA THR A 224 31.38 -67.53 -43.22
C THR A 224 30.29 -68.16 -42.36
N LYS A 225 29.93 -69.40 -42.68
CA LYS A 225 28.97 -70.16 -41.89
C LYS A 225 29.36 -71.63 -41.95
N VAL A 226 29.59 -72.25 -40.79
CA VAL A 226 29.95 -73.65 -40.71
C VAL A 226 28.97 -74.37 -39.78
N ASP A 227 28.72 -75.65 -40.08
CA ASP A 227 27.88 -76.51 -39.25
C ASP A 227 28.75 -77.64 -38.71
N LYS A 228 28.95 -77.65 -37.39
CA LYS A 228 29.81 -78.62 -36.74
C LYS A 228 28.98 -79.59 -35.92
N ARG A 229 29.24 -80.88 -36.05
CA ARG A 229 28.51 -81.90 -35.33
C ARG A 229 29.14 -82.18 -33.97
N VAL A 230 28.32 -82.27 -32.94
CA VAL A 230 28.82 -82.54 -31.61
C VAL A 230 28.44 -83.94 -31.14
N GLU A 231 28.79 -84.94 -31.93
CA GLU A 231 28.55 -86.31 -31.56
C GLU A 231 29.45 -86.71 -30.40
N PRO A 232 28.92 -87.66 -29.50
CA PRO A 232 29.88 -88.03 -28.44
C PRO A 232 31.12 -88.69 -29.02
N PHE B 8 5.46 19.06 26.81
CA PHE B 8 4.39 18.72 25.87
C PHE B 8 3.99 19.95 25.04
N LEU B 9 4.91 20.43 24.21
CA LEU B 9 4.64 21.55 23.32
C LEU B 9 4.01 21.13 22.00
N GLY B 10 3.90 19.83 21.73
CA GLY B 10 3.14 19.36 20.60
C GLY B 10 3.94 19.19 19.32
N PHE B 11 3.24 18.69 18.30
CA PHE B 11 3.84 18.41 17.02
C PHE B 11 4.33 19.69 16.35
N LEU B 12 5.58 19.67 15.89
CA LEU B 12 6.26 20.84 15.34
C LEU B 12 6.33 22.00 16.34
N GLY B 13 6.23 21.70 17.63
CA GLY B 13 6.01 22.75 18.61
C GLY B 13 7.16 23.73 18.68
N ALA B 14 8.39 23.23 18.69
CA ALA B 14 9.57 24.07 18.83
C ALA B 14 10.08 24.60 17.50
N ALA B 15 9.21 24.71 16.49
CA ALA B 15 9.66 25.11 15.16
C ALA B 15 10.29 26.50 15.16
N GLY B 16 9.68 27.45 15.88
CA GLY B 16 10.23 28.78 15.96
C GLY B 16 11.29 28.99 17.02
N SER B 17 11.67 27.92 17.72
CA SER B 17 12.69 28.00 18.76
C SER B 17 14.07 27.73 18.18
N THR B 18 15.09 28.03 18.98
CA THR B 18 16.47 27.79 18.55
C THR B 18 16.71 26.30 18.38
N MET B 19 17.77 25.97 17.63
CA MET B 19 18.09 24.57 17.38
C MET B 19 18.34 23.82 18.69
N GLY B 20 19.06 24.46 19.63
CA GLY B 20 19.38 23.78 20.88
C GLY B 20 18.15 23.39 21.67
N ALA B 21 17.18 24.31 21.76
CA ALA B 21 15.95 24.02 22.48
C ALA B 21 15.03 23.08 21.70
N ALA B 22 15.05 23.16 20.37
CA ALA B 22 14.18 22.30 19.57
C ALA B 22 14.58 20.83 19.61
N SER B 23 15.84 20.54 19.91
CA SER B 23 16.29 19.16 20.05
C SER B 23 15.85 18.54 21.37
N MET B 24 15.26 19.32 22.27
CA MET B 24 14.64 18.77 23.48
C MET B 24 13.30 18.11 23.17
N THR B 25 12.60 18.59 22.16
CA THR B 25 11.27 18.09 21.77
C THR B 25 11.34 17.29 20.47
N LEU B 26 12.35 16.44 20.33
CA LEU B 26 12.51 15.68 19.09
C LEU B 26 11.49 14.57 18.98
N THR B 27 11.23 13.87 20.09
CA THR B 27 10.36 12.70 20.07
C THR B 27 8.90 13.02 19.77
N VAL B 28 8.56 14.29 19.56
CA VAL B 28 7.18 14.66 19.27
C VAL B 28 6.91 14.71 17.77
N GLN B 29 7.89 15.15 16.97
CA GLN B 29 7.75 15.12 15.51
C GLN B 29 8.11 13.78 14.90
N ALA B 30 8.71 12.87 15.69
CA ALA B 30 9.09 11.55 15.19
C ALA B 30 7.99 10.51 15.41
N ARG B 31 7.26 10.61 16.54
CA ARG B 31 6.13 9.70 16.74
C ARG B 31 4.97 10.03 15.82
N ASN B 32 4.76 11.31 15.51
CA ASN B 32 3.75 11.75 14.55
C ASN B 32 4.30 11.86 13.13
N LEU B 33 5.28 11.01 12.79
CA LEU B 33 5.83 10.93 11.46
C LEU B 33 5.26 9.79 10.65
N LEU B 34 4.70 8.78 11.32
CA LEU B 34 3.83 7.79 10.70
C LEU B 34 2.40 7.88 11.20
N SER B 35 2.17 8.57 12.32
CA SER B 35 0.83 8.86 12.87
C SER B 35 -0.12 7.67 12.84
N THR B 58 -13.71 -0.68 -4.96
CA THR B 58 -14.31 0.51 -4.39
C THR B 58 -13.44 1.75 -4.64
N VAL B 59 -13.98 2.70 -5.39
CA VAL B 59 -13.27 3.94 -5.70
C VAL B 59 -13.53 4.93 -4.57
N TRP B 60 -13.05 6.16 -4.71
CA TRP B 60 -13.14 7.23 -3.71
C TRP B 60 -12.28 6.93 -2.50
N GLY B 61 -12.52 5.81 -1.83
CA GLY B 61 -11.61 5.37 -0.79
C GLY B 61 -10.22 5.01 -1.30
N ILE B 62 -10.10 4.77 -2.60
CA ILE B 62 -8.80 4.52 -3.20
C ILE B 62 -7.87 5.71 -3.05
N LYS B 63 -8.43 6.91 -2.81
CA LYS B 63 -7.61 8.10 -2.63
C LYS B 63 -7.07 8.24 -1.21
N GLN B 64 -7.62 7.51 -0.24
CA GLN B 64 -7.02 7.45 1.08
C GLN B 64 -5.99 6.35 1.21
N LEU B 65 -6.00 5.38 0.29
CA LEU B 65 -5.11 4.22 0.39
C LEU B 65 -3.67 4.60 0.04
N GLN B 66 -3.46 5.15 -1.17
CA GLN B 66 -2.12 5.54 -1.58
C GLN B 66 -1.53 6.63 -0.71
N ALA B 67 -2.35 7.33 0.10
CA ALA B 67 -1.80 8.19 1.14
C ALA B 67 -1.19 7.38 2.27
N ARG B 68 -1.90 6.32 2.69
CA ARG B 68 -1.30 5.38 3.64
C ARG B 68 -0.06 4.73 3.05
N VAL B 69 -0.11 4.34 1.77
CA VAL B 69 1.01 3.65 1.13
C VAL B 69 2.21 4.58 1.02
N LEU B 70 1.99 5.80 0.51
CA LEU B 70 3.08 6.76 0.46
C LEU B 70 3.66 7.03 1.84
N ALA B 71 2.82 6.98 2.88
CA ALA B 71 3.27 7.33 4.22
C ALA B 71 4.40 6.42 4.70
N VAL B 72 4.37 5.14 4.34
CA VAL B 72 5.37 4.21 4.83
C VAL B 72 6.63 4.22 3.97
N GLU B 73 6.50 4.37 2.64
CA GLU B 73 7.71 4.51 1.83
C GLU B 73 8.36 5.87 2.06
N ARG B 74 7.57 6.87 2.44
CA ARG B 74 8.13 8.14 2.88
C ARG B 74 8.90 7.99 4.20
N TYR B 75 8.51 7.02 5.02
CA TYR B 75 9.10 6.78 6.32
C TYR B 75 10.26 5.79 6.26
N LEU B 76 10.15 4.75 5.43
CA LEU B 76 11.24 3.80 5.27
C LEU B 76 12.42 4.41 4.51
N ARG B 77 12.15 5.36 3.61
CA ARG B 77 13.23 6.05 2.92
C ARG B 77 14.11 6.81 3.91
N ASP B 78 13.49 7.52 4.85
CA ASP B 78 14.25 8.25 5.85
C ASP B 78 15.02 7.32 6.78
N GLN B 79 14.47 6.14 7.07
CA GLN B 79 15.11 5.24 8.00
C GLN B 79 16.10 4.30 7.34
N GLN B 80 16.00 4.08 6.03
CA GLN B 80 17.07 3.39 5.32
C GLN B 80 18.37 4.16 5.41
N LEU B 81 18.32 5.47 5.15
CA LEU B 81 19.46 6.35 5.39
C LEU B 81 19.94 6.20 6.82
N LEU B 82 19.02 6.41 7.78
CA LEU B 82 19.32 6.18 9.18
C LEU B 82 19.92 4.81 9.42
N GLY B 83 19.67 3.86 8.51
CA GLY B 83 20.25 2.54 8.60
C GLY B 83 21.58 2.41 7.88
N ILE B 84 21.65 2.93 6.64
CA ILE B 84 22.94 2.97 5.94
C ILE B 84 23.93 3.79 6.76
N TRP B 85 23.49 4.91 7.32
CA TRP B 85 24.25 5.58 8.35
C TRP B 85 24.21 4.73 9.61
N GLY B 86 25.26 4.80 10.41
CA GLY B 86 25.36 3.96 11.59
C GLY B 86 24.47 4.40 12.73
N CYS B 87 23.20 4.62 12.45
CA CYS B 87 22.30 5.09 13.49
C CYS B 87 21.13 4.14 13.78
N SER B 88 20.02 4.31 13.07
CA SER B 88 18.88 3.48 13.34
C SER B 88 18.31 3.98 14.66
N GLY B 89 19.17 4.00 15.69
CA GLY B 89 18.75 4.45 16.99
C GLY B 89 18.21 5.85 16.83
N LYS B 90 17.05 6.09 17.40
CA LYS B 90 16.28 7.27 17.13
C LYS B 90 16.81 8.60 17.70
N LEU B 91 16.33 9.67 17.10
CA LEU B 91 16.44 11.02 17.63
C LEU B 91 17.80 11.65 17.53
N ILE B 92 18.81 11.05 18.15
CA ILE B 92 20.13 11.62 18.10
C ILE B 92 21.12 10.53 17.80
N CYS B 93 22.25 10.93 17.23
CA CYS B 93 23.23 10.01 16.70
C CYS B 93 24.57 10.72 16.53
N CYS B 94 25.65 10.17 17.10
CA CYS B 94 26.96 10.78 16.97
C CYS B 94 27.76 10.09 15.85
N THR B 95 28.60 10.89 15.18
CA THR B 95 29.27 10.49 13.95
C THR B 95 30.78 10.58 14.12
N ASN B 96 31.50 9.94 13.19
CA ASN B 96 32.94 10.10 13.04
C ASN B 96 33.29 10.84 11.76
N VAL B 97 32.41 11.73 11.32
CA VAL B 97 32.68 12.64 10.21
C VAL B 97 33.11 13.98 10.79
N PRO B 98 34.37 14.37 10.64
CA PRO B 98 34.75 15.73 11.06
C PRO B 98 34.06 16.75 10.18
N TRP B 99 33.48 17.76 10.81
CA TRP B 99 32.81 18.83 10.09
C TRP B 99 33.87 19.77 9.53
N ASN B 100 34.20 19.63 8.25
CA ASN B 100 35.11 20.61 7.63
C ASN B 100 34.47 21.99 7.75
N SER B 101 35.31 23.01 7.92
CA SER B 101 34.77 24.35 8.17
C SER B 101 33.92 24.83 7.01
N SER B 102 34.28 24.45 5.78
CA SER B 102 33.60 24.93 4.59
C SER B 102 32.09 24.73 4.64
N TRP B 103 31.64 23.73 5.37
CA TRP B 103 30.21 23.53 5.52
C TRP B 103 29.52 24.67 6.25
N SER B 104 30.11 25.13 7.35
CA SER B 104 29.53 26.26 8.08
C SER B 104 30.48 27.38 8.52
N ASN B 105 31.55 27.02 9.22
CA ASN B 105 32.42 28.00 9.84
C ASN B 105 31.75 28.83 10.94
N ARG B 106 30.84 28.22 11.69
CA ARG B 106 30.18 28.92 12.79
C ARG B 106 30.43 28.27 14.12
N ASN B 107 30.78 29.05 15.14
CA ASN B 107 30.84 28.53 16.50
C ASN B 107 29.49 27.92 16.86
N LEU B 108 29.53 26.78 17.55
CA LEU B 108 28.29 26.07 17.86
C LEU B 108 27.29 26.96 18.59
N SER B 109 27.79 27.97 19.30
CA SER B 109 26.90 28.95 19.92
C SER B 109 26.14 29.75 18.87
N GLU B 110 26.79 30.05 17.73
CA GLU B 110 26.10 30.74 16.65
C GLU B 110 24.99 29.88 16.04
N ILE B 111 25.06 28.57 16.21
CA ILE B 111 24.15 27.64 15.56
C ILE B 111 23.07 27.16 16.52
N TRP B 112 23.46 26.70 17.70
CA TRP B 112 22.50 26.11 18.62
C TRP B 112 21.66 27.17 19.33
N ASP B 113 22.20 28.36 19.54
CA ASP B 113 21.57 29.35 20.42
C ASP B 113 21.10 30.60 19.69
N ASN B 114 21.26 30.68 18.37
CA ASN B 114 20.83 31.87 17.65
C ASN B 114 20.39 31.50 16.23
N MET B 115 19.72 30.35 16.09
CA MET B 115 19.33 29.87 14.78
C MET B 115 18.26 28.80 14.92
N THR B 116 17.34 28.77 13.97
CA THR B 116 16.31 27.74 13.94
C THR B 116 16.65 26.70 12.88
N TRP B 117 16.04 25.52 13.03
CA TRP B 117 16.30 24.43 12.09
C TRP B 117 15.94 24.83 10.67
N LEU B 118 14.86 25.61 10.50
CA LEU B 118 14.47 26.06 9.17
C LEU B 118 15.56 26.95 8.56
N GLN B 119 16.21 27.79 9.38
CA GLN B 119 17.29 28.62 8.87
C GLN B 119 18.53 27.80 8.54
N TRP B 120 18.84 26.84 9.41
CA TRP B 120 20.04 26.01 9.24
C TRP B 120 19.94 25.16 7.99
N ASP B 121 18.80 24.48 7.81
CA ASP B 121 18.57 23.69 6.60
C ASP B 121 18.74 24.53 5.34
N LYS B 122 18.54 25.84 5.43
CA LYS B 122 18.70 26.71 4.28
C LYS B 122 20.17 26.99 3.98
N GLU B 123 20.98 27.18 5.03
CA GLU B 123 22.39 27.49 4.82
C GLU B 123 23.12 26.30 4.21
N ILE B 124 22.92 25.11 4.76
CA ILE B 124 23.69 23.94 4.33
C ILE B 124 23.10 23.24 3.14
N SER B 125 21.95 23.68 2.64
CA SER B 125 21.25 23.04 1.52
C SER B 125 22.23 22.61 0.43
N ASN B 126 23.29 23.40 0.23
CA ASN B 126 24.26 23.08 -0.82
C ASN B 126 25.09 21.85 -0.46
N TYR B 127 25.47 21.69 0.81
CA TYR B 127 26.41 20.66 1.21
C TYR B 127 25.74 19.44 1.84
N THR B 128 24.41 19.41 1.89
CA THR B 128 23.73 18.33 2.60
C THR B 128 24.00 16.99 1.96
N GLN B 129 23.74 16.88 0.65
CA GLN B 129 23.93 15.60 -0.03
C GLN B 129 25.39 15.19 -0.08
N ILE B 130 26.32 16.14 0.10
CA ILE B 130 27.71 15.78 0.32
C ILE B 130 27.86 15.06 1.65
N ILE B 131 27.26 15.61 2.71
CA ILE B 131 27.36 15.00 4.03
C ILE B 131 26.70 13.62 4.02
N TYR B 132 25.51 13.53 3.42
CA TYR B 132 24.80 12.24 3.35
C TYR B 132 25.68 11.16 2.77
N GLY B 133 26.38 11.46 1.68
CA GLY B 133 27.27 10.49 1.07
C GLY B 133 28.48 10.21 1.94
N LEU B 134 29.00 11.25 2.61
CA LEU B 134 30.17 11.06 3.45
C LEU B 134 29.84 10.19 4.66
N LEU B 135 28.60 10.30 5.17
CA LEU B 135 28.21 9.53 6.35
C LEU B 135 28.37 8.04 6.11
N GLU B 136 27.72 7.53 5.07
CA GLU B 136 27.67 6.10 4.89
C GLU B 136 29.05 5.52 4.63
N GLU B 137 29.75 6.14 3.69
CA GLU B 137 31.10 5.73 3.41
C GLU B 137 31.90 6.03 4.65
N SER B 138 31.55 7.13 5.28
CA SER B 138 32.40 7.84 6.20
C SER B 138 32.78 6.97 7.38
N GLN B 139 31.84 6.20 7.91
CA GLN B 139 32.17 5.29 8.98
C GLN B 139 31.77 3.86 8.70
N ASN B 140 30.50 3.67 8.37
CA ASN B 140 29.97 2.34 8.35
C ASN B 140 30.68 1.46 7.34
N GLN B 141 30.92 1.99 6.15
CA GLN B 141 31.60 1.20 5.13
C GLN B 141 32.97 0.88 5.65
N GLN B 142 33.58 1.89 6.23
CA GLN B 142 34.91 1.82 6.84
C GLN B 142 34.86 1.39 8.29
N GLU B 143 33.73 1.58 8.97
CA GLU B 143 33.61 1.31 10.40
C GLU B 143 33.10 -0.10 10.67
N LYS B 144 32.05 -0.54 9.97
CA LYS B 144 31.57 -1.90 10.18
C LYS B 144 32.61 -2.91 9.72
N ASN B 145 33.40 -2.57 8.70
CA ASN B 145 34.41 -3.51 8.21
C ASN B 145 35.49 -3.76 9.25
N GLU B 146 35.98 -2.70 9.89
CA GLU B 146 37.07 -2.92 10.86
C GLU B 146 36.57 -3.68 12.08
N GLN B 147 35.34 -3.41 12.53
CA GLN B 147 34.76 -4.23 13.59
C GLN B 147 34.77 -5.70 13.21
N ASP B 148 34.54 -6.02 11.93
CA ASP B 148 34.67 -7.39 11.45
C ASP B 148 36.08 -7.91 11.70
N LEU B 149 37.10 -7.11 11.37
CA LEU B 149 38.47 -7.49 11.69
C LEU B 149 38.67 -7.57 13.19
N LEU B 150 38.22 -6.56 13.93
CA LEU B 150 38.46 -6.51 15.37
C LEU B 150 37.74 -7.64 16.10
N ALA B 151 36.51 -7.96 15.68
CA ALA B 151 35.73 -8.99 16.36
C ALA B 151 36.21 -10.40 16.03
N LEU B 152 37.29 -10.55 15.26
CA LEU B 152 37.87 -11.86 15.01
C LEU B 152 38.66 -12.38 16.20
N ASP B 153 39.31 -11.48 16.93
CA ASP B 153 40.25 -11.87 17.98
C ASP B 153 39.57 -11.90 19.36
N ASP C 1 41.19 -35.87 -8.86
CA ASP C 1 39.95 -36.55 -9.21
C ASP C 1 39.28 -37.12 -7.96
N ILE C 2 37.95 -36.96 -7.88
CA ILE C 2 37.18 -37.63 -6.84
C ILE C 2 37.02 -39.09 -7.20
N GLN C 3 37.22 -39.96 -6.22
CA GLN C 3 36.99 -41.39 -6.38
C GLN C 3 35.70 -41.75 -5.66
N MET C 4 34.72 -42.25 -6.40
CA MET C 4 33.44 -42.67 -5.85
C MET C 4 33.44 -44.19 -5.71
N THR C 5 33.38 -44.68 -4.47
CA THR C 5 33.36 -46.10 -4.18
C THR C 5 31.92 -46.52 -3.90
N GLN C 6 31.31 -47.26 -4.82
CA GLN C 6 29.93 -47.70 -4.68
C GLN C 6 29.87 -49.00 -3.90
N SER C 7 28.85 -49.14 -3.05
CA SER C 7 28.63 -50.39 -2.34
C SER C 7 27.14 -50.60 -2.12
N PRO C 8 26.69 -51.85 -2.13
CA PRO C 8 27.49 -53.02 -2.51
C PRO C 8 27.61 -53.20 -4.02
N SER C 9 28.48 -54.11 -4.45
CA SER C 9 28.66 -54.33 -5.89
C SER C 9 27.45 -55.06 -6.48
N THR C 10 26.92 -56.06 -5.77
CA THR C 10 25.74 -56.80 -6.21
C THR C 10 24.77 -56.96 -5.05
N LEU C 11 23.47 -56.90 -5.36
CA LEU C 11 22.42 -57.09 -4.37
C LEU C 11 21.25 -57.80 -5.04
N SER C 12 20.47 -58.49 -4.22
CA SER C 12 19.31 -59.26 -4.68
C SER C 12 18.05 -58.79 -3.96
N ALA C 13 16.93 -58.76 -4.68
CA ALA C 13 15.68 -58.27 -4.11
C ALA C 13 14.52 -58.86 -4.92
N SER C 14 13.30 -58.46 -4.54
CA SER C 14 12.08 -58.95 -5.16
C SER C 14 11.14 -57.79 -5.40
N THR C 15 10.01 -58.08 -6.05
CA THR C 15 9.01 -57.06 -6.31
C THR C 15 8.40 -56.57 -5.00
N GLY C 16 8.35 -55.24 -4.84
CA GLY C 16 7.81 -54.63 -3.66
C GLY C 16 8.80 -54.36 -2.54
N ASP C 17 10.03 -54.88 -2.65
CA ASP C 17 11.03 -54.69 -1.62
C ASP C 17 11.48 -53.24 -1.55
N THR C 18 12.19 -52.92 -0.47
CA THR C 18 12.80 -51.61 -0.26
C THR C 18 14.31 -51.81 -0.20
N VAL C 19 15.04 -51.09 -1.06
CA VAL C 19 16.46 -51.37 -1.27
C VAL C 19 17.26 -50.08 -1.21
N ARG C 20 18.50 -50.20 -0.71
CA ARG C 20 19.38 -49.06 -0.45
C ARG C 20 20.74 -49.32 -1.09
N ILE C 21 21.20 -48.36 -1.90
CA ILE C 21 22.51 -48.42 -2.55
C ILE C 21 23.35 -47.27 -2.01
N SER C 22 24.45 -47.59 -1.34
CA SER C 22 25.32 -46.58 -0.78
C SER C 22 26.48 -46.27 -1.72
N CYS C 23 26.94 -45.02 -1.67
CA CYS C 23 28.03 -44.56 -2.51
C CYS C 23 28.83 -43.52 -1.73
N ARG C 24 30.13 -43.76 -1.59
CA ARG C 24 31.00 -42.94 -0.76
C ARG C 24 32.07 -42.29 -1.62
N ALA C 25 32.27 -40.99 -1.45
CA ALA C 25 33.23 -40.23 -2.22
C ALA C 25 34.58 -40.20 -1.52
N SER C 26 35.63 -39.95 -2.30
CA SER C 26 36.97 -39.83 -1.73
C SER C 26 37.07 -38.61 -0.83
N GLN C 27 36.38 -37.52 -1.19
CA GLN C 27 36.30 -36.32 -0.38
C GLN C 27 34.86 -36.09 0.03
N SER C 28 34.66 -35.09 0.89
CA SER C 28 33.32 -34.71 1.32
C SER C 28 32.69 -33.81 0.26
N ILE C 29 31.48 -34.14 -0.18
CA ILE C 29 30.74 -33.34 -1.13
C ILE C 29 29.64 -32.65 -0.35
N THR C 30 29.95 -31.45 0.12
CA THR C 30 28.98 -30.67 0.87
C THR C 30 27.87 -30.15 -0.02
N GLY C 31 28.22 -29.63 -1.19
CA GLY C 31 27.25 -29.12 -2.14
C GLY C 31 26.28 -30.16 -2.68
N ASN C 32 26.49 -31.42 -2.33
CA ASN C 32 25.60 -32.52 -2.73
C ASN C 32 25.54 -32.68 -4.25
N TRP C 33 26.61 -32.31 -4.96
CA TRP C 33 26.64 -32.42 -6.42
C TRP C 33 26.85 -33.89 -6.81
N VAL C 34 25.81 -34.68 -6.62
CA VAL C 34 25.86 -36.10 -6.90
C VAL C 34 24.57 -36.53 -7.59
N ALA C 35 24.72 -37.36 -8.62
CA ALA C 35 23.61 -37.87 -9.41
C ALA C 35 23.62 -39.39 -9.43
N TRP C 36 22.47 -39.96 -9.78
CA TRP C 36 22.28 -41.41 -9.84
C TRP C 36 21.70 -41.80 -11.18
N TYR C 37 22.14 -42.95 -11.72
CA TYR C 37 21.77 -43.41 -13.05
C TYR C 37 21.39 -44.88 -13.04
N GLN C 38 20.40 -45.24 -13.86
CA GLN C 38 20.00 -46.62 -14.10
C GLN C 38 20.31 -47.01 -15.53
N GLN C 39 20.97 -48.15 -15.70
CA GLN C 39 21.34 -48.65 -17.03
C GLN C 39 20.96 -50.13 -17.14
N ARG C 40 19.87 -50.41 -17.83
CA ARG C 40 19.59 -51.78 -18.21
C ARG C 40 20.54 -52.21 -19.33
N PRO C 41 20.93 -53.48 -19.37
CA PRO C 41 21.97 -53.91 -20.30
C PRO C 41 21.63 -53.55 -21.74
N GLY C 42 22.62 -53.03 -22.46
CA GLY C 42 22.44 -52.73 -23.86
C GLY C 42 21.94 -51.33 -24.15
N LYS C 43 21.07 -50.81 -23.29
CA LYS C 43 20.46 -49.50 -23.52
C LYS C 43 21.13 -48.43 -22.67
N ALA C 44 20.93 -47.19 -23.08
CA ALA C 44 21.62 -46.06 -22.47
C ALA C 44 21.13 -45.83 -21.04
N PRO C 45 21.99 -45.30 -20.17
CA PRO C 45 21.54 -44.94 -18.82
C PRO C 45 20.45 -43.88 -18.85
N ARG C 46 19.73 -43.79 -17.74
CA ARG C 46 18.69 -42.78 -17.54
C ARG C 46 19.02 -42.02 -16.27
N LEU C 47 19.03 -40.69 -16.35
CA LEU C 47 19.28 -39.88 -15.18
C LEU C 47 18.06 -39.91 -14.26
N LEU C 48 18.26 -40.40 -13.05
CA LEU C 48 17.19 -40.53 -12.07
C LEU C 48 17.16 -39.39 -11.07
N ILE C 49 18.30 -39.10 -10.46
CA ILE C 49 18.38 -38.12 -9.38
C ILE C 49 19.59 -37.23 -9.63
N TYR C 50 19.43 -35.93 -9.40
CA TYR C 50 20.53 -34.99 -9.44
C TYR C 50 20.64 -34.28 -8.10
N ARG C 51 21.87 -33.92 -7.74
CA ARG C 51 22.16 -33.17 -6.52
C ARG C 51 21.65 -33.88 -5.26
N GLY C 52 21.61 -35.21 -5.29
CA GLY C 52 21.36 -35.96 -4.08
C GLY C 52 19.91 -36.32 -3.80
N ALA C 53 19.03 -35.32 -3.73
CA ALA C 53 17.64 -35.54 -3.32
C ALA C 53 16.64 -35.02 -4.33
N ALA C 54 17.09 -34.60 -5.52
CA ALA C 54 16.21 -34.02 -6.52
C ALA C 54 15.88 -35.07 -7.57
N LEU C 55 14.59 -35.38 -7.72
CA LEU C 55 14.16 -36.32 -8.75
C LEU C 55 13.90 -35.57 -10.05
N LEU C 56 14.34 -36.16 -11.16
CA LEU C 56 14.13 -35.59 -12.48
C LEU C 56 12.66 -35.65 -12.86
N GLY C 57 12.27 -34.78 -13.80
CA GLY C 57 10.89 -34.73 -14.24
C GLY C 57 10.37 -36.05 -14.77
N GLY C 58 9.23 -36.50 -14.26
CA GLY C 58 8.63 -37.77 -14.67
C GLY C 58 9.26 -39.01 -14.06
N VAL C 59 10.18 -38.86 -13.10
CA VAL C 59 10.87 -39.97 -12.46
C VAL C 59 9.95 -40.54 -11.38
N PRO C 60 10.00 -41.85 -11.10
CA PRO C 60 9.11 -42.43 -10.10
C PRO C 60 9.19 -41.73 -8.75
N SER C 61 8.01 -41.56 -8.12
CA SER C 61 7.96 -41.02 -6.77
C SER C 61 8.71 -41.91 -5.78
N ARG C 62 8.80 -43.22 -6.07
CA ARG C 62 9.40 -44.15 -5.11
C ARG C 62 10.89 -43.87 -4.92
N PHE C 63 11.61 -43.61 -6.00
CA PHE C 63 13.03 -43.30 -5.90
C PHE C 63 13.24 -42.05 -5.03
N ARG C 64 14.34 -42.06 -4.28
CA ARG C 64 14.69 -40.94 -3.40
C ARG C 64 16.12 -41.12 -2.92
N GLY C 65 16.84 -40.01 -2.77
CA GLY C 65 18.23 -40.06 -2.39
C GLY C 65 18.52 -39.17 -1.20
N SER C 66 19.51 -39.60 -0.41
CA SER C 66 19.93 -38.88 0.78
C SER C 66 21.44 -38.66 0.72
N ALA C 67 21.86 -37.44 1.02
CA ALA C 67 23.25 -37.00 0.87
C ALA C 67 23.73 -36.41 2.18
N ALA C 68 24.71 -37.05 2.81
CA ALA C 68 25.21 -36.63 4.12
C ALA C 68 26.73 -36.69 4.09
N GLY C 69 27.37 -35.52 4.11
CA GLY C 69 28.82 -35.45 4.04
C GLY C 69 29.37 -36.21 2.85
N THR C 70 30.11 -37.29 3.12
CA THR C 70 30.65 -38.12 2.05
C THR C 70 29.70 -39.22 1.61
N ASP C 71 28.88 -39.75 2.52
CA ASP C 71 27.99 -40.87 2.19
C ASP C 71 26.76 -40.39 1.45
N PHE C 72 26.37 -41.16 0.43
CA PHE C 72 25.15 -40.95 -0.32
C PHE C 72 24.40 -42.28 -0.41
N THR C 73 23.07 -42.22 -0.36
CA THR C 73 22.25 -43.42 -0.40
C THR C 73 21.11 -43.22 -1.39
N LEU C 74 21.04 -44.09 -2.39
CA LEU C 74 19.90 -44.15 -3.28
C LEU C 74 18.94 -45.22 -2.77
N THR C 75 17.66 -44.85 -2.64
CA THR C 75 16.65 -45.70 -2.03
C THR C 75 15.53 -45.98 -3.02
N ILE C 76 15.15 -47.26 -3.15
CA ILE C 76 14.08 -47.70 -4.04
C ILE C 76 13.09 -48.48 -3.19
N GLY C 77 11.98 -47.86 -2.84
CA GLY C 77 10.89 -48.56 -2.21
C GLY C 77 9.93 -49.11 -3.24
N ASN C 78 9.25 -50.22 -2.88
CA ASN C 78 8.31 -50.91 -3.76
C ASN C 78 8.87 -51.40 -5.11
N LEU C 79 10.00 -52.08 -5.06
CA LEU C 79 10.78 -52.40 -6.25
C LEU C 79 9.92 -53.12 -7.28
N GLN C 80 10.13 -52.79 -8.55
CA GLN C 80 9.38 -53.35 -9.66
C GLN C 80 10.31 -54.08 -10.62
N ALA C 81 9.71 -54.86 -11.51
CA ALA C 81 10.50 -55.56 -12.52
C ALA C 81 11.27 -54.57 -13.39
N GLU C 82 10.63 -53.47 -13.77
CA GLU C 82 11.25 -52.47 -14.65
C GLU C 82 12.49 -51.83 -14.03
N ASP C 83 12.62 -51.89 -12.70
CA ASP C 83 13.72 -51.20 -12.03
C ASP C 83 15.01 -52.02 -12.02
N PHE C 84 14.93 -53.33 -12.17
CA PHE C 84 16.12 -54.17 -12.12
C PHE C 84 17.12 -53.75 -13.20
N GLY C 85 18.39 -53.79 -12.85
CA GLY C 85 19.45 -53.36 -13.75
C GLY C 85 20.68 -52.94 -12.96
N THR C 86 21.52 -52.14 -13.59
CA THR C 86 22.75 -51.63 -12.99
C THR C 86 22.57 -50.15 -12.68
N PHE C 87 23.08 -49.73 -11.51
CA PHE C 87 22.98 -48.35 -11.06
C PHE C 87 24.36 -47.77 -10.85
N TYR C 88 24.51 -46.49 -11.19
CA TYR C 88 25.75 -45.76 -11.05
C TYR C 88 25.51 -44.46 -10.31
N CYS C 89 26.38 -44.14 -9.35
CA CYS C 89 26.42 -42.82 -8.74
C CYS C 89 27.50 -41.99 -9.41
N GLN C 90 27.21 -40.70 -9.59
CA GLN C 90 28.14 -39.78 -10.23
C GLN C 90 28.25 -38.53 -9.37
N GLN C 91 29.48 -38.08 -9.12
CA GLN C 91 29.72 -36.80 -8.50
C GLN C 91 30.11 -35.78 -9.57
N TYR C 92 29.74 -34.53 -9.32
CA TYR C 92 30.16 -33.43 -10.18
C TYR C 92 30.46 -32.20 -9.34
N ASP C 93 31.09 -32.42 -8.18
CA ASP C 93 31.58 -31.33 -7.36
C ASP C 93 32.93 -30.82 -7.85
N THR C 94 33.72 -31.68 -8.48
CA THR C 94 35.04 -31.33 -8.99
C THR C 94 35.20 -31.85 -10.41
N TYR C 95 35.94 -31.10 -11.22
CA TYR C 95 36.24 -31.50 -12.59
C TYR C 95 37.40 -32.49 -12.60
N PRO C 96 37.24 -33.60 -13.35
CA PRO C 96 36.10 -33.98 -14.17
C PRO C 96 35.06 -34.78 -13.39
N GLY C 97 33.83 -34.86 -13.90
CA GLY C 97 32.84 -35.70 -13.27
C GLY C 97 33.24 -37.16 -13.34
N THR C 98 33.06 -37.87 -12.23
CA THR C 98 33.46 -39.27 -12.12
C THR C 98 32.28 -40.13 -11.72
N PHE C 99 32.35 -41.41 -12.09
CA PHE C 99 31.31 -42.37 -11.83
C PHE C 99 31.81 -43.45 -10.87
N GLY C 100 30.86 -44.17 -10.28
CA GLY C 100 31.19 -45.24 -9.36
C GLY C 100 31.44 -46.56 -10.06
N GLN C 101 31.91 -47.52 -9.26
CA GLN C 101 32.10 -48.87 -9.75
C GLN C 101 30.80 -49.45 -10.33
N GLY C 102 29.67 -49.07 -9.77
CA GLY C 102 28.39 -49.56 -10.22
C GLY C 102 27.80 -50.63 -9.30
N THR C 103 26.49 -50.81 -9.39
CA THR C 103 25.77 -51.73 -8.52
C THR C 103 24.77 -52.53 -9.33
N LYS C 104 24.92 -53.86 -9.29
CA LYS C 104 23.99 -54.77 -9.94
C LYS C 104 22.80 -55.06 -9.03
N VAL C 105 21.61 -55.11 -9.63
CA VAL C 105 20.37 -55.42 -8.93
C VAL C 105 19.78 -56.66 -9.58
N GLU C 106 19.97 -57.81 -8.94
CA GLU C 106 19.46 -59.07 -9.46
C GLU C 106 18.20 -59.50 -8.70
N VAL C 107 17.49 -60.47 -9.28
CA VAL C 107 16.23 -60.94 -8.70
C VAL C 107 16.52 -62.03 -7.69
N LYS C 108 15.56 -62.25 -6.79
CA LYS C 108 15.72 -63.22 -5.72
C LYS C 108 15.34 -64.62 -6.19
N ARG C 109 16.10 -65.61 -5.74
CA ARG C 109 15.84 -67.01 -6.05
C ARG C 109 16.54 -67.87 -5.01
N THR C 110 16.01 -69.07 -4.81
CA THR C 110 16.60 -70.00 -3.86
C THR C 110 18.01 -70.38 -4.30
N VAL C 111 18.89 -70.64 -3.32
CA VAL C 111 20.25 -71.04 -3.62
C VAL C 111 20.23 -72.31 -4.44
N ALA C 112 20.98 -72.31 -5.56
CA ALA C 112 21.03 -73.43 -6.48
C ALA C 112 22.47 -73.86 -6.69
N ALA C 113 22.72 -75.15 -6.53
CA ALA C 113 24.04 -75.69 -6.79
C ALA C 113 24.32 -75.71 -8.29
N PRO C 114 25.59 -75.56 -8.70
CA PRO C 114 25.91 -75.56 -10.14
C PRO C 114 26.08 -76.95 -10.73
N SER C 115 25.48 -77.18 -11.90
CA SER C 115 25.78 -78.36 -12.69
C SER C 115 27.14 -78.19 -13.33
N VAL C 116 28.12 -78.99 -12.88
CA VAL C 116 29.50 -78.84 -13.31
C VAL C 116 29.83 -79.91 -14.35
N PHE C 117 30.45 -79.49 -15.45
CA PHE C 117 30.91 -80.39 -16.49
C PHE C 117 32.30 -79.94 -16.93
N ILE C 118 33.08 -80.88 -17.46
CA ILE C 118 34.42 -80.58 -17.96
C ILE C 118 34.54 -81.12 -19.39
N PHE C 119 35.20 -80.35 -20.25
CA PHE C 119 35.33 -80.67 -21.67
C PHE C 119 36.79 -80.66 -22.06
N PRO C 120 37.33 -81.74 -22.60
CA PRO C 120 38.73 -81.76 -23.05
C PRO C 120 38.87 -81.13 -24.43
N PRO C 121 40.10 -80.87 -24.87
CA PRO C 121 40.29 -80.29 -26.21
C PRO C 121 39.90 -81.27 -27.30
N SER C 122 39.16 -80.78 -28.29
CA SER C 122 38.79 -81.62 -29.43
C SER C 122 40.05 -82.12 -30.12
N ASP C 123 39.99 -83.35 -30.63
CA ASP C 123 41.11 -83.90 -31.38
C ASP C 123 41.44 -83.05 -32.59
N GLU C 124 40.42 -82.45 -33.21
CA GLU C 124 40.65 -81.57 -34.36
C GLU C 124 41.41 -80.32 -33.97
N GLN C 125 41.23 -79.82 -32.75
CA GLN C 125 41.94 -78.62 -32.32
C GLN C 125 43.39 -78.89 -32.00
N LEU C 126 43.71 -80.10 -31.53
CA LEU C 126 45.10 -80.43 -31.19
C LEU C 126 45.98 -80.37 -32.43
N LYS C 127 45.47 -80.84 -33.56
CA LYS C 127 46.24 -80.73 -34.80
C LYS C 127 46.23 -79.31 -35.36
N SER C 128 45.46 -78.40 -34.77
CA SER C 128 45.51 -76.98 -35.13
C SER C 128 46.63 -76.23 -34.43
N GLY C 129 47.28 -76.83 -33.44
CA GLY C 129 48.40 -76.22 -32.76
C GLY C 129 48.09 -75.58 -31.41
N THR C 130 46.82 -75.56 -31.00
CA THR C 130 46.44 -75.06 -29.69
C THR C 130 45.50 -76.07 -29.03
N ALA C 131 45.35 -75.93 -27.72
CA ALA C 131 44.56 -76.87 -26.92
C ALA C 131 43.76 -76.08 -25.90
N SER C 132 42.43 -76.25 -25.92
CA SER C 132 41.53 -75.51 -25.04
C SER C 132 40.75 -76.50 -24.18
N VAL C 133 40.83 -76.32 -22.87
CA VAL C 133 40.05 -77.08 -21.91
C VAL C 133 39.01 -76.14 -21.32
N VAL C 134 37.76 -76.62 -21.24
CA VAL C 134 36.63 -75.78 -20.83
C VAL C 134 35.93 -76.44 -19.65
N CYS C 135 35.54 -75.63 -18.68
CA CYS C 135 34.76 -76.06 -17.53
C CYS C 135 33.45 -75.30 -17.51
N LEU C 136 32.34 -76.01 -17.36
CA LEU C 136 31.00 -75.43 -17.41
C LEU C 136 30.36 -75.48 -16.03
N LEU C 137 29.84 -74.34 -15.59
CA LEU C 137 29.01 -74.23 -14.39
C LEU C 137 27.64 -73.76 -14.85
N ASN C 138 26.62 -74.58 -14.62
CA ASN C 138 25.32 -74.37 -15.26
C ASN C 138 24.21 -74.28 -14.22
N ASN C 139 23.35 -73.28 -14.37
CA ASN C 139 22.10 -73.16 -13.61
C ASN C 139 22.35 -73.10 -12.10
N PHE C 140 23.13 -72.11 -11.68
CA PHE C 140 23.43 -71.94 -10.27
C PHE C 140 23.08 -70.54 -9.80
N TYR C 141 22.85 -70.45 -8.49
CA TYR C 141 22.54 -69.19 -7.83
C TYR C 141 23.14 -69.20 -6.43
N PRO C 142 23.79 -68.11 -6.04
CA PRO C 142 24.00 -66.89 -6.83
C PRO C 142 25.25 -66.89 -7.70
N ARG C 143 25.52 -65.74 -8.32
CA ARG C 143 26.59 -65.59 -9.30
C ARG C 143 27.99 -65.82 -8.70
N GLU C 144 28.15 -65.64 -7.39
CA GLU C 144 29.47 -65.73 -6.78
C GLU C 144 29.98 -67.16 -6.85
N ALA C 145 31.04 -67.38 -7.62
CA ALA C 145 31.62 -68.71 -7.76
C ALA C 145 33.08 -68.56 -8.17
N LYS C 146 33.93 -69.43 -7.64
CA LYS C 146 35.36 -69.41 -7.91
C LYS C 146 35.81 -70.77 -8.41
N VAL C 147 36.54 -70.78 -9.53
CA VAL C 147 37.04 -72.00 -10.15
C VAL C 147 38.53 -71.89 -10.33
N GLN C 148 39.22 -73.02 -10.20
CA GLN C 148 40.66 -73.08 -10.39
C GLN C 148 41.00 -74.34 -11.18
N TRP C 149 42.12 -74.31 -11.88
CA TRP C 149 42.56 -75.40 -12.74
C TRP C 149 43.74 -76.09 -12.09
N LYS C 150 43.62 -77.41 -11.90
CA LYS C 150 44.67 -78.23 -11.29
C LYS C 150 45.17 -79.21 -12.34
N VAL C 151 46.44 -79.06 -12.74
CA VAL C 151 47.06 -79.94 -13.72
C VAL C 151 48.24 -80.64 -13.05
N ASP C 152 48.27 -81.97 -13.15
CA ASP C 152 49.23 -82.80 -12.40
C ASP C 152 49.20 -82.46 -10.92
N ASN C 153 47.99 -82.17 -10.41
CA ASN C 153 47.75 -81.82 -9.02
C ASN C 153 48.48 -80.55 -8.60
N ALA C 154 48.82 -79.70 -9.56
CA ALA C 154 49.48 -78.42 -9.31
C ALA C 154 48.58 -77.30 -9.81
N LEU C 155 48.60 -76.17 -9.11
CA LEU C 155 47.77 -75.03 -9.47
C LEU C 155 48.22 -74.44 -10.81
N GLN C 156 47.29 -73.76 -11.47
CA GLN C 156 47.53 -73.20 -12.81
C GLN C 156 46.80 -71.87 -12.91
N SER C 157 47.55 -70.80 -13.14
CA SER C 157 46.99 -69.46 -13.18
C SER C 157 47.68 -68.63 -14.26
N GLY C 158 47.03 -67.54 -14.66
CA GLY C 158 47.52 -66.67 -15.69
C GLY C 158 47.14 -67.07 -17.11
N ASN C 159 46.38 -68.17 -17.28
CA ASN C 159 46.07 -68.67 -18.61
C ASN C 159 44.62 -69.08 -18.79
N SER C 160 43.72 -68.73 -17.87
CA SER C 160 42.32 -69.08 -17.96
C SER C 160 41.47 -67.82 -17.92
N GLN C 161 40.41 -67.79 -18.72
CA GLN C 161 39.53 -66.64 -18.83
C GLN C 161 38.07 -67.07 -18.69
N GLU C 162 37.26 -66.18 -18.15
CA GLU C 162 35.88 -66.49 -17.78
C GLU C 162 34.89 -65.68 -18.60
N SER C 163 33.69 -66.24 -18.76
CA SER C 163 32.57 -65.59 -19.40
C SER C 163 31.30 -66.07 -18.72
N VAL C 164 30.36 -65.15 -18.49
CA VAL C 164 29.18 -65.43 -17.67
C VAL C 164 27.94 -64.98 -18.42
N THR C 165 26.86 -65.75 -18.29
CA THR C 165 25.59 -65.40 -18.90
C THR C 165 24.86 -64.34 -18.07
N GLU C 166 23.97 -63.61 -18.75
CA GLU C 166 23.05 -62.74 -18.05
C GLU C 166 21.89 -63.57 -17.51
N GLN C 167 21.33 -63.11 -16.38
CA GLN C 167 20.35 -63.88 -15.63
C GLN C 167 19.22 -64.36 -16.51
N ASP C 168 18.89 -65.65 -16.38
CA ASP C 168 17.75 -66.21 -17.09
C ASP C 168 16.46 -65.76 -16.41
N SER C 169 15.53 -65.23 -17.20
CA SER C 169 14.30 -64.68 -16.63
C SER C 169 13.43 -65.74 -15.96
N LYS C 170 13.55 -67.00 -16.38
CA LYS C 170 12.65 -68.05 -15.92
C LYS C 170 13.10 -68.68 -14.60
N ASP C 171 14.35 -69.15 -14.52
CA ASP C 171 14.84 -69.82 -13.31
C ASP C 171 15.62 -68.88 -12.39
N SER C 172 15.97 -67.68 -12.86
CA SER C 172 16.73 -66.71 -12.08
C SER C 172 18.08 -67.27 -11.62
N THR C 173 18.71 -68.08 -12.46
CA THR C 173 20.03 -68.63 -12.19
C THR C 173 21.01 -68.15 -13.26
N TYR C 174 22.29 -68.41 -13.00
CA TYR C 174 23.37 -68.01 -13.89
C TYR C 174 24.04 -69.25 -14.50
N SER C 175 24.94 -69.00 -15.45
CA SER C 175 25.78 -70.04 -16.03
C SER C 175 27.12 -69.41 -16.41
N LEU C 176 28.20 -70.17 -16.23
CA LEU C 176 29.55 -69.63 -16.36
C LEU C 176 30.43 -70.57 -17.18
N SER C 177 31.34 -70.00 -17.96
CA SER C 177 32.28 -70.74 -18.78
C SER C 177 33.70 -70.32 -18.42
N SER C 178 34.54 -71.30 -18.12
CA SER C 178 35.95 -71.08 -17.79
C SER C 178 36.80 -71.81 -18.82
N THR C 179 37.50 -71.05 -19.66
CA THR C 179 38.28 -71.59 -20.76
C THR C 179 39.77 -71.52 -20.40
N LEU C 180 40.39 -72.69 -20.22
CA LEU C 180 41.82 -72.79 -19.99
C LEU C 180 42.54 -73.09 -21.30
N THR C 181 43.40 -72.17 -21.74
CA THR C 181 44.09 -72.28 -23.01
C THR C 181 45.59 -72.41 -22.79
N LEU C 182 46.23 -73.24 -23.60
CA LEU C 182 47.68 -73.44 -23.52
C LEU C 182 48.14 -74.10 -24.81
N SER C 183 49.46 -74.18 -24.96
CA SER C 183 50.04 -74.63 -26.22
C SER C 183 49.82 -76.13 -26.42
N LYS C 184 49.87 -76.53 -27.70
CA LYS C 184 49.73 -77.95 -28.05
C LYS C 184 50.82 -78.78 -27.39
N ALA C 185 52.05 -78.27 -27.37
CA ALA C 185 53.16 -79.01 -26.77
C ALA C 185 52.99 -79.13 -25.27
N ASP C 186 52.51 -78.08 -24.60
CA ASP C 186 52.31 -78.14 -23.16
C ASP C 186 51.24 -79.15 -22.77
N TYR C 187 50.26 -79.37 -23.67
CA TYR C 187 49.09 -80.15 -23.29
C TYR C 187 49.43 -81.58 -22.92
N GLU C 188 50.45 -82.17 -23.53
CA GLU C 188 50.84 -83.55 -23.28
C GLU C 188 52.03 -83.64 -22.31
N LYS C 189 52.14 -82.69 -21.38
CA LYS C 189 53.19 -82.73 -20.36
C LYS C 189 52.65 -83.06 -18.98
N HIS C 190 51.33 -83.20 -18.83
CA HIS C 190 50.70 -83.62 -17.59
C HIS C 190 49.55 -84.55 -17.93
N LYS C 191 49.32 -85.53 -17.05
CA LYS C 191 48.21 -86.46 -17.28
C LYS C 191 46.92 -86.01 -16.60
N VAL C 192 47.03 -85.28 -15.49
CA VAL C 192 45.86 -84.85 -14.74
C VAL C 192 45.46 -83.45 -15.19
N TYR C 193 44.18 -83.28 -15.51
CA TYR C 193 43.58 -81.98 -15.75
C TYR C 193 42.28 -81.91 -14.96
N ALA C 194 42.12 -80.88 -14.14
CA ALA C 194 41.05 -80.85 -13.15
C ALA C 194 40.44 -79.46 -13.03
N CYS C 195 39.12 -79.42 -12.87
CA CYS C 195 38.37 -78.22 -12.58
C CYS C 195 37.63 -78.43 -11.27
N GLU C 196 37.92 -77.60 -10.28
CA GLU C 196 37.24 -77.65 -8.99
C GLU C 196 36.44 -76.37 -8.79
N VAL C 197 35.19 -76.52 -8.35
CA VAL C 197 34.26 -75.41 -8.21
C VAL C 197 33.98 -75.19 -6.73
N THR C 198 34.23 -73.98 -6.26
CA THR C 198 33.86 -73.57 -4.91
C THR C 198 32.59 -72.74 -5.00
N HIS C 199 31.49 -73.29 -4.50
CA HIS C 199 30.22 -72.57 -4.44
C HIS C 199 29.51 -73.00 -3.17
N GLN C 200 28.79 -72.05 -2.55
CA GLN C 200 28.12 -72.33 -1.29
C GLN C 200 26.95 -73.29 -1.45
N GLY C 201 26.28 -73.29 -2.61
CA GLY C 201 25.28 -74.29 -2.89
C GLY C 201 25.81 -75.71 -2.82
N LEU C 202 27.12 -75.87 -2.88
CA LEU C 202 27.78 -77.16 -2.68
C LEU C 202 28.28 -77.23 -1.24
N SER C 203 27.95 -78.32 -0.55
CA SER C 203 28.42 -78.49 0.83
C SER C 203 29.93 -78.40 0.93
N SER C 204 30.63 -78.98 -0.04
CA SER C 204 32.08 -78.96 -0.11
C SER C 204 32.48 -78.81 -1.56
N PRO C 205 33.70 -78.29 -1.83
CA PRO C 205 34.13 -78.06 -3.22
C PRO C 205 34.04 -79.28 -4.11
N VAL C 206 33.26 -79.17 -5.20
CA VAL C 206 33.08 -80.26 -6.15
C VAL C 206 34.14 -80.13 -7.23
N THR C 207 34.90 -81.20 -7.44
CA THR C 207 35.96 -81.24 -8.45
C THR C 207 35.58 -82.28 -9.49
N LYS C 208 35.55 -81.86 -10.76
CA LYS C 208 35.34 -82.76 -11.89
C LYS C 208 36.53 -82.64 -12.83
N SER C 209 37.08 -83.78 -13.22
CA SER C 209 38.38 -83.80 -13.88
C SER C 209 38.42 -84.92 -14.92
N PHE C 210 39.50 -84.94 -15.69
CA PHE C 210 39.75 -85.99 -16.66
C PHE C 210 41.25 -86.20 -16.80
N ASN C 211 41.63 -87.44 -17.07
CA ASN C 211 43.02 -87.78 -17.36
C ASN C 211 43.19 -87.89 -18.88
N ARG C 212 44.36 -87.46 -19.35
CA ARG C 212 44.62 -87.46 -20.79
C ARG C 212 44.69 -88.87 -21.33
N GLY C 213 43.94 -89.13 -22.41
CA GLY C 213 43.88 -90.43 -23.02
C GLY C 213 42.69 -91.27 -22.60
N GLU C 214 42.07 -90.95 -21.46
CA GLU C 214 40.93 -91.71 -20.97
C GLU C 214 39.64 -91.24 -21.62
N GLN D 1 -34.68 -6.37 27.18
CA GLN D 1 -33.95 -5.94 28.36
C GLN D 1 -33.91 -7.06 29.39
N ILE D 2 -32.97 -6.98 30.33
CA ILE D 2 -32.77 -8.01 31.34
C ILE D 2 -33.61 -7.69 32.56
N HIS D 3 -34.40 -8.66 33.01
CA HIS D 3 -35.16 -8.57 34.25
C HIS D 3 -34.99 -9.87 35.02
N LEU D 4 -34.55 -9.76 36.27
CA LEU D 4 -34.37 -10.91 37.16
C LEU D 4 -35.53 -10.95 38.15
N VAL D 5 -36.32 -12.01 38.08
CA VAL D 5 -37.51 -12.18 38.91
C VAL D 5 -37.27 -13.35 39.82
N GLN D 6 -37.37 -13.14 41.10
CA GLN D 6 -37.03 -14.26 41.92
C GLN D 6 -38.32 -14.75 42.61
N SER D 7 -38.24 -15.77 43.47
CA SER D 7 -39.45 -16.39 44.03
C SER D 7 -40.12 -15.50 45.09
N GLY D 8 -41.26 -15.96 45.62
CA GLY D 8 -41.96 -15.20 46.61
C GLY D 8 -41.38 -15.37 48.01
N THR D 9 -41.81 -14.48 48.90
CA THR D 9 -41.32 -14.49 50.28
C THR D 9 -41.61 -15.82 50.96
N GLU D 10 -40.70 -16.25 51.82
CA GLU D 10 -40.86 -17.47 52.58
C GLU D 10 -40.48 -17.25 54.03
N VAL D 11 -41.29 -17.78 54.93
CA VAL D 11 -40.99 -17.81 56.36
C VAL D 11 -40.74 -19.27 56.74
N LYS D 12 -39.67 -19.51 57.49
CA LYS D 12 -39.26 -20.87 57.79
C LYS D 12 -38.60 -20.91 59.16
N LYS D 13 -38.59 -22.12 59.74
CA LYS D 13 -38.10 -22.37 61.08
C LYS D 13 -36.64 -22.79 61.05
N PRO D 14 -35.91 -22.63 62.16
CA PRO D 14 -34.51 -23.07 62.20
C PRO D 14 -34.39 -24.58 61.98
N GLY D 15 -33.19 -24.99 61.57
CA GLY D 15 -32.93 -26.37 61.23
C GLY D 15 -33.52 -26.83 59.91
N SER D 16 -34.39 -26.03 59.29
CA SER D 16 -35.01 -26.37 58.02
C SER D 16 -34.14 -25.90 56.86
N SER D 17 -34.58 -26.19 55.64
CA SER D 17 -33.91 -25.74 54.43
C SER D 17 -34.89 -24.97 53.56
N VAL D 18 -34.36 -24.39 52.48
CA VAL D 18 -35.14 -23.51 51.62
C VAL D 18 -34.39 -23.24 50.32
N THR D 19 -35.12 -23.19 49.21
CA THR D 19 -34.57 -22.89 47.90
C THR D 19 -35.33 -21.72 47.28
N VAL D 20 -34.60 -20.71 46.82
CA VAL D 20 -35.20 -19.53 46.19
C VAL D 20 -34.91 -19.58 44.70
N SER D 21 -35.92 -19.26 43.90
CA SER D 21 -35.81 -19.26 42.44
C SER D 21 -35.45 -17.88 41.95
N CYS D 22 -34.85 -17.80 40.75
CA CYS D 22 -34.40 -16.52 40.19
C CYS D 22 -34.58 -16.53 38.66
N LYS D 23 -35.77 -16.13 38.22
CA LYS D 23 -36.06 -16.05 36.80
C LYS D 23 -35.19 -14.98 36.14
N ALA D 24 -34.42 -15.36 35.12
CA ALA D 24 -33.52 -14.45 34.44
C ALA D 24 -34.02 -14.23 33.01
N TYR D 25 -34.97 -13.32 32.88
CA TYR D 25 -35.47 -12.90 31.58
C TYR D 25 -34.50 -11.93 30.93
N GLY D 26 -34.35 -12.04 29.61
CA GLY D 26 -33.45 -11.17 28.85
C GLY D 26 -32.04 -11.72 28.70
N VAL D 27 -31.58 -12.54 29.64
CA VAL D 27 -30.26 -13.16 29.52
C VAL D 27 -30.29 -14.17 28.38
N ASN D 28 -29.30 -14.08 27.49
CA ASN D 28 -29.24 -15.02 26.37
C ASN D 28 -28.81 -16.40 26.84
N THR D 29 -27.86 -16.47 27.78
CA THR D 29 -27.42 -17.73 28.36
C THR D 29 -26.52 -17.45 29.55
N PHE D 30 -26.43 -18.43 30.44
CA PHE D 30 -25.48 -18.40 31.55
C PHE D 30 -24.07 -18.75 31.11
N GLY D 31 -23.86 -19.03 29.82
CA GLY D 31 -22.51 -19.16 29.30
C GLY D 31 -21.85 -17.84 29.00
N LEU D 32 -22.64 -16.80 28.78
CA LEU D 32 -22.14 -15.44 28.59
C LEU D 32 -22.51 -14.51 29.74
N TYR D 33 -23.12 -15.06 30.80
CA TYR D 33 -23.46 -14.32 32.00
C TYR D 33 -23.23 -15.21 33.21
N ALA D 34 -22.78 -14.62 34.31
CA ALA D 34 -22.58 -15.34 35.55
C ALA D 34 -23.57 -14.86 36.60
N VAL D 35 -23.94 -15.77 37.51
CA VAL D 35 -24.94 -15.50 38.52
C VAL D 35 -24.27 -15.48 39.89
N ASN D 36 -24.41 -14.38 40.60
CA ASN D 36 -23.84 -14.22 41.93
C ASN D 36 -24.97 -14.02 42.94
N TRP D 37 -24.89 -14.73 44.05
CA TRP D 37 -25.87 -14.58 45.12
C TRP D 37 -25.27 -13.78 46.25
N VAL D 38 -25.95 -12.71 46.63
CA VAL D 38 -25.48 -11.80 47.67
C VAL D 38 -26.59 -11.60 48.68
N ARG D 39 -26.22 -11.61 49.96
CA ARG D 39 -27.13 -11.50 51.07
C ARG D 39 -27.00 -10.13 51.71
N GLN D 40 -28.14 -9.54 52.10
CA GLN D 40 -28.15 -8.27 52.84
C GLN D 40 -28.90 -8.46 54.15
N ALA D 41 -28.16 -8.45 55.26
CA ALA D 41 -28.74 -8.55 56.58
C ALA D 41 -29.61 -7.32 56.87
N PRO D 42 -30.51 -7.41 57.84
CA PRO D 42 -31.36 -6.26 58.17
C PRO D 42 -30.54 -5.04 58.57
N GLY D 43 -30.72 -3.96 57.80
CA GLY D 43 -30.11 -2.67 58.09
C GLY D 43 -28.61 -2.71 58.23
N GLN D 44 -27.95 -3.56 57.44
CA GLN D 44 -26.49 -3.67 57.46
C GLN D 44 -26.03 -3.78 56.02
N SER D 45 -24.77 -4.19 55.84
CA SER D 45 -24.15 -4.23 54.53
C SER D 45 -24.57 -5.51 53.80
N LEU D 46 -23.93 -5.77 52.66
CA LEU D 46 -24.19 -6.96 51.85
C LEU D 46 -23.06 -7.96 52.02
N GLU D 47 -23.34 -9.22 51.69
CA GLU D 47 -22.35 -10.27 51.84
C GLU D 47 -22.40 -11.21 50.64
N TYR D 48 -21.23 -11.50 50.09
CA TYR D 48 -21.14 -12.48 49.01
C TYR D 48 -21.32 -13.88 49.57
N ILE D 49 -22.23 -14.63 48.96
CA ILE D 49 -22.50 -16.01 49.34
C ILE D 49 -21.81 -16.99 48.42
N GLY D 50 -22.06 -16.87 47.12
CA GLY D 50 -21.50 -17.76 46.13
C GLY D 50 -21.91 -17.27 44.75
N GLN D 51 -21.54 -18.06 43.76
CA GLN D 51 -21.81 -17.69 42.38
C GLN D 51 -21.84 -18.96 41.54
N ILE D 52 -22.18 -18.79 40.26
CA ILE D 52 -22.04 -19.87 39.29
C ILE D 52 -21.59 -19.30 37.96
N TRP D 53 -20.31 -19.50 37.63
CA TRP D 53 -19.72 -19.00 36.40
C TRP D 53 -19.03 -20.15 35.69
N ARG D 54 -19.17 -20.17 34.36
CA ARG D 54 -18.70 -21.29 33.54
C ARG D 54 -19.25 -22.62 34.07
N TRP D 55 -20.50 -22.57 34.53
CA TRP D 55 -21.19 -23.72 35.13
C TRP D 55 -20.41 -24.32 36.29
N LYS D 56 -19.69 -23.46 37.03
CA LYS D 56 -18.92 -23.88 38.19
C LYS D 56 -19.52 -23.20 39.42
N SER D 57 -20.06 -24.02 40.32
CA SER D 57 -20.63 -23.50 41.55
C SER D 57 -19.54 -23.08 42.53
N SER D 58 -19.92 -22.25 43.49
CA SER D 58 -18.95 -21.61 44.37
C SER D 58 -19.57 -21.34 45.73
N ALA D 59 -18.73 -21.36 46.75
CA ALA D 59 -19.12 -20.98 48.10
C ALA D 59 -18.14 -19.96 48.66
N SER D 60 -18.67 -19.06 49.46
CA SER D 60 -17.82 -18.37 50.41
C SER D 60 -17.27 -19.38 51.40
N HIS D 61 -16.01 -19.18 51.81
CA HIS D 61 -15.46 -20.03 52.86
C HIS D 61 -16.32 -19.97 54.11
N HIS D 62 -16.89 -18.80 54.41
CA HIS D 62 -17.85 -18.69 55.51
C HIS D 62 -19.04 -19.62 55.29
N PHE D 63 -19.52 -19.71 54.05
CA PHE D 63 -20.69 -20.52 53.72
C PHE D 63 -20.31 -21.83 53.05
N ARG D 64 -19.06 -22.24 53.20
CA ARG D 64 -18.55 -23.45 52.55
C ARG D 64 -19.30 -24.68 53.04
N GLY D 65 -19.90 -25.41 52.11
CA GLY D 65 -20.58 -26.65 52.43
C GLY D 65 -21.98 -26.50 52.99
N ARG D 66 -22.39 -25.30 53.37
CA ARG D 66 -23.73 -25.09 53.91
C ARG D 66 -24.75 -24.77 52.83
N VAL D 67 -24.31 -24.31 51.66
CA VAL D 67 -25.19 -23.79 50.64
C VAL D 67 -24.93 -24.53 49.33
N LEU D 68 -25.93 -24.53 48.46
CA LEU D 68 -25.81 -25.07 47.11
C LEU D 68 -26.46 -24.13 46.12
N ILE D 69 -25.75 -23.82 45.04
CA ILE D 69 -26.22 -22.87 44.02
C ILE D 69 -26.23 -23.58 42.68
N SER D 70 -27.42 -23.75 42.10
CA SER D 70 -27.60 -24.42 40.82
C SER D 70 -28.29 -23.48 39.84
N ALA D 71 -28.13 -23.78 38.56
CA ALA D 71 -28.78 -23.02 37.50
C ALA D 71 -28.88 -23.91 36.27
N VAL D 72 -29.86 -23.62 35.41
CA VAL D 72 -30.10 -24.36 34.19
C VAL D 72 -30.36 -23.36 33.06
N ASP D 73 -29.90 -23.70 31.87
CA ASP D 73 -30.19 -22.87 30.72
C ASP D 73 -31.67 -22.89 30.39
N LEU D 74 -32.08 -21.95 29.55
CA LEU D 74 -33.49 -21.73 29.29
C LEU D 74 -34.17 -22.98 28.75
N THR D 75 -35.31 -23.31 29.34
CA THR D 75 -36.25 -24.18 28.64
C THR D 75 -36.76 -23.43 27.41
N GLY D 76 -37.19 -24.18 26.40
CA GLY D 76 -37.96 -23.57 25.32
C GLY D 76 -39.08 -22.71 25.86
N SER D 77 -39.68 -23.12 26.98
CA SER D 77 -40.74 -22.34 27.60
C SER D 77 -40.21 -21.08 28.28
N SER D 78 -39.11 -21.20 29.02
CA SER D 78 -38.75 -20.19 30.00
C SER D 78 -37.26 -19.87 29.92
N PRO D 79 -36.86 -18.67 30.33
CA PRO D 79 -35.44 -18.27 30.25
C PRO D 79 -34.62 -18.97 31.33
N PRO D 80 -33.28 -18.98 31.22
CA PRO D 80 -32.48 -19.71 32.20
C PRO D 80 -32.55 -19.05 33.56
N ILE D 81 -32.55 -19.86 34.62
CA ILE D 81 -32.72 -19.34 35.97
C ILE D 81 -31.78 -20.08 36.92
N SER D 82 -31.42 -19.39 38.00
CA SER D 82 -30.55 -19.91 39.04
C SER D 82 -31.34 -20.09 40.33
N SER D 83 -30.87 -21.02 41.15
CA SER D 83 -31.54 -21.37 42.40
C SER D 83 -30.54 -21.40 43.54
N LEU D 84 -30.93 -20.81 44.67
CA LEU D 84 -30.09 -20.72 45.86
C LEU D 84 -30.75 -21.49 46.99
N GLU D 85 -30.10 -22.56 47.45
CA GLU D 85 -30.63 -23.44 48.49
C GLU D 85 -29.73 -23.36 49.72
N ILE D 86 -30.37 -23.21 50.90
CA ILE D 86 -29.66 -23.00 52.15
C ILE D 86 -30.18 -24.00 53.18
N LYS D 87 -29.26 -24.59 53.94
CA LYS D 87 -29.61 -25.61 54.93
C LYS D 87 -29.18 -25.19 56.33
N ASN D 88 -29.75 -25.87 57.33
CA ASN D 88 -29.43 -25.66 58.74
C ASN D 88 -29.55 -24.19 59.13
N LEU D 89 -30.70 -23.62 58.80
CA LEU D 89 -30.94 -22.19 59.01
C LEU D 89 -30.81 -21.82 60.49
N THR D 90 -30.32 -20.61 60.72
CA THR D 90 -30.29 -20.01 62.03
C THR D 90 -30.94 -18.64 61.95
N SER D 91 -31.31 -18.07 63.10
CA SER D 91 -31.85 -16.72 63.11
C SER D 91 -30.87 -15.71 62.52
N ASP D 92 -29.58 -16.05 62.48
CA ASP D 92 -28.54 -15.21 61.92
C ASP D 92 -28.52 -15.22 60.40
N ASP D 93 -29.33 -16.06 59.75
CA ASP D 93 -29.45 -16.06 58.31
C ASP D 93 -30.61 -15.20 57.80
N THR D 94 -31.47 -14.71 58.70
CA THR D 94 -32.56 -13.81 58.34
C THR D 94 -32.04 -12.60 57.59
N ALA D 95 -32.35 -12.50 56.30
CA ALA D 95 -31.84 -11.41 55.48
C ALA D 95 -32.56 -11.45 54.13
N VAL D 96 -32.27 -10.45 53.29
CA VAL D 96 -32.77 -10.41 51.92
C VAL D 96 -31.70 -10.98 51.02
N TYR D 97 -32.12 -11.79 50.04
CA TYR D 97 -31.20 -12.54 49.20
C TYR D 97 -31.34 -12.08 47.76
N PHE D 98 -30.21 -11.72 47.14
CA PHE D 98 -30.17 -11.05 45.86
C PHE D 98 -29.57 -11.93 44.78
N CYS D 99 -30.16 -11.85 43.58
CA CYS D 99 -29.65 -12.49 42.39
C CYS D 99 -28.85 -11.47 41.59
N THR D 100 -27.77 -11.93 40.97
CA THR D 100 -26.89 -11.07 40.22
C THR D 100 -26.69 -11.63 38.83
N THR D 101 -26.73 -10.76 37.83
CA THR D 101 -26.45 -11.13 36.45
C THR D 101 -25.39 -10.20 35.90
N THR D 102 -24.26 -10.76 35.46
CA THR D 102 -23.14 -9.99 34.96
C THR D 102 -22.63 -10.62 33.67
N SER D 103 -22.46 -9.79 32.64
CA SER D 103 -21.96 -10.28 31.36
C SER D 103 -20.53 -10.77 31.49
N THR D 104 -20.27 -11.99 31.02
CA THR D 104 -18.94 -12.58 31.08
C THR D 104 -18.26 -12.67 29.72
N TYR D 105 -18.85 -12.09 28.67
CA TYR D 105 -18.39 -12.34 27.31
C TYR D 105 -16.99 -11.76 27.06
N ASP D 106 -16.73 -10.54 27.52
CA ASP D 106 -15.47 -9.88 27.23
C ASP D 106 -14.49 -10.09 28.38
N ARG D 107 -13.29 -10.56 28.06
CA ARG D 107 -12.27 -10.77 29.09
C ARG D 107 -11.77 -9.46 29.66
N TRP D 108 -11.83 -8.38 28.89
CA TRP D 108 -11.32 -7.09 29.32
C TRP D 108 -12.37 -6.22 29.99
N SER D 109 -13.59 -6.74 30.17
CA SER D 109 -14.73 -5.90 30.56
C SER D 109 -14.46 -5.08 31.82
N GLY D 110 -13.61 -5.57 32.71
CA GLY D 110 -13.42 -4.94 34.01
C GLY D 110 -14.54 -5.19 34.99
N LEU D 111 -15.67 -5.75 34.54
CA LEU D 111 -16.72 -6.17 35.46
C LEU D 111 -16.30 -7.41 36.25
N HIS D 112 -15.47 -8.26 35.65
CA HIS D 112 -15.08 -9.53 36.25
C HIS D 112 -13.56 -9.65 36.28
N HIS D 113 -13.06 -10.43 37.25
CA HIS D 113 -11.62 -10.60 37.47
C HIS D 113 -11.38 -12.04 37.93
N ASP D 114 -11.30 -12.96 36.96
CA ASP D 114 -10.99 -14.36 37.20
C ASP D 114 -11.95 -14.96 38.22
N GLY D 115 -13.25 -14.83 37.93
CA GLY D 115 -14.30 -15.36 38.76
C GLY D 115 -14.83 -14.38 39.80
N VAL D 116 -13.97 -13.52 40.33
CA VAL D 116 -14.39 -12.50 41.29
C VAL D 116 -14.83 -11.27 40.50
N MET D 117 -16.11 -10.91 40.63
CA MET D 117 -16.68 -9.93 39.72
C MET D 117 -17.65 -9.00 40.44
N ALA D 118 -17.90 -7.86 39.81
CA ALA D 118 -18.97 -6.97 40.21
C ALA D 118 -20.30 -7.49 39.67
N PHE D 119 -21.38 -6.76 39.95
CA PHE D 119 -22.74 -7.24 39.75
C PHE D 119 -23.52 -6.22 38.94
N SER D 120 -23.85 -6.55 37.69
CA SER D 120 -24.40 -5.58 36.76
C SER D 120 -25.92 -5.52 36.77
N SER D 121 -26.60 -6.65 36.95
CA SER D 121 -28.06 -6.68 36.96
C SER D 121 -28.55 -7.42 38.20
N TRP D 122 -29.60 -6.89 38.81
CA TRP D 122 -30.09 -7.38 40.09
C TRP D 122 -31.59 -7.68 40.00
N GLY D 123 -32.05 -8.50 40.95
CA GLY D 123 -33.44 -8.85 41.06
C GLY D 123 -34.11 -8.19 42.25
N GLN D 124 -35.42 -8.39 42.36
CA GLN D 124 -36.19 -7.75 43.42
C GLN D 124 -35.71 -8.19 44.80
N GLY D 125 -35.46 -9.48 44.96
CA GLY D 125 -35.01 -9.98 46.24
C GLY D 125 -36.05 -10.87 46.90
N THR D 126 -35.57 -11.80 47.73
CA THR D 126 -36.43 -12.71 48.47
C THR D 126 -36.14 -12.56 49.95
N LEU D 127 -37.17 -12.19 50.73
CA LEU D 127 -37.02 -12.06 52.17
C LEU D 127 -37.15 -13.42 52.83
N ILE D 128 -36.08 -13.88 53.48
CA ILE D 128 -36.07 -15.14 54.21
C ILE D 128 -36.01 -14.79 55.70
N SER D 129 -37.05 -15.18 56.44
CA SER D 129 -37.16 -14.89 57.86
C SER D 129 -37.06 -16.19 58.64
N VAL D 130 -36.05 -16.30 59.51
CA VAL D 130 -35.81 -17.50 60.30
C VAL D 130 -36.12 -17.18 61.75
N SER D 131 -37.12 -17.86 62.29
CA SER D 131 -37.49 -17.71 63.70
C SER D 131 -38.26 -18.95 64.13
N ALA D 132 -38.14 -19.29 65.42
CA ALA D 132 -38.83 -20.44 65.96
C ALA D 132 -40.30 -20.14 66.27
N ALA D 133 -40.66 -18.87 66.38
CA ALA D 133 -42.02 -18.51 66.77
C ALA D 133 -43.01 -18.79 65.63
N SER D 134 -44.27 -18.97 66.01
CA SER D 134 -45.37 -19.17 65.08
C SER D 134 -46.23 -17.91 65.03
N THR D 135 -47.20 -17.94 64.11
CA THR D 135 -48.10 -16.81 63.93
C THR D 135 -48.79 -16.46 65.24
N LYS D 136 -48.89 -15.16 65.53
CA LYS D 136 -49.48 -14.69 66.76
C LYS D 136 -50.00 -13.27 66.57
N GLY D 137 -51.20 -13.02 67.10
CA GLY D 137 -51.78 -11.71 67.06
C GLY D 137 -51.16 -10.76 68.06
N PRO D 138 -51.21 -9.46 67.79
CA PRO D 138 -50.50 -8.50 68.65
C PRO D 138 -51.34 -8.06 69.84
N SER D 139 -50.66 -7.91 70.98
CA SER D 139 -51.23 -7.25 72.15
C SER D 139 -50.97 -5.76 72.03
N VAL D 140 -52.04 -4.97 72.03
CA VAL D 140 -51.96 -3.54 71.80
C VAL D 140 -52.31 -2.81 73.09
N PHE D 141 -51.40 -1.94 73.53
CA PHE D 141 -51.51 -1.17 74.75
C PHE D 141 -51.44 0.32 74.42
N PRO D 142 -51.99 1.19 75.28
CA PRO D 142 -52.01 2.62 74.98
C PRO D 142 -50.85 3.37 75.61
N LEU D 143 -50.28 4.28 74.82
CA LEU D 143 -49.27 5.23 75.28
C LEU D 143 -50.00 6.54 75.56
N ALA D 144 -50.50 6.68 76.78
CA ALA D 144 -51.37 7.78 77.15
C ALA D 144 -50.56 9.05 77.40
N PRO D 145 -51.09 10.23 77.04
CA PRO D 145 -50.44 11.52 77.26
C PRO D 145 -50.60 12.01 78.70
N THR D 154 -48.61 21.57 73.30
CA THR D 154 -48.69 20.45 72.36
C THR D 154 -48.14 19.18 73.01
N ALA D 155 -48.96 18.13 73.03
CA ALA D 155 -48.63 16.87 73.69
C ALA D 155 -48.74 15.73 72.69
N ALA D 156 -48.17 14.57 73.06
CA ALA D 156 -48.08 13.43 72.17
C ALA D 156 -48.56 12.17 72.87
N LEU D 157 -49.20 11.29 72.10
CA LEU D 157 -49.71 10.01 72.57
C LEU D 157 -49.43 8.97 71.50
N GLY D 158 -49.64 7.71 71.84
CA GLY D 158 -49.39 6.68 70.85
C GLY D 158 -49.96 5.33 71.25
N CYS D 159 -49.73 4.36 70.37
CA CYS D 159 -50.09 2.97 70.60
C CYS D 159 -48.83 2.11 70.56
N LEU D 160 -48.76 1.14 71.45
CA LEU D 160 -47.64 0.22 71.55
C LEU D 160 -48.11 -1.16 71.12
N VAL D 161 -47.64 -1.62 69.97
CA VAL D 161 -48.02 -2.91 69.40
C VAL D 161 -46.89 -3.89 69.68
N LYS D 162 -47.10 -4.81 70.62
CA LYS D 162 -46.02 -5.65 71.13
C LYS D 162 -46.35 -7.13 70.98
N ASP D 163 -45.29 -7.95 70.93
CA ASP D 163 -45.38 -9.42 70.87
C ASP D 163 -46.12 -10.08 69.69
N TYR D 164 -45.82 -9.65 68.47
CA TYR D 164 -46.52 -10.12 67.29
C TYR D 164 -45.56 -10.81 66.33
N PHE D 165 -46.10 -11.71 65.52
CA PHE D 165 -45.32 -12.48 64.55
C PHE D 165 -46.23 -13.22 63.57
N PRO D 166 -45.84 -13.27 62.28
CA PRO D 166 -44.72 -12.52 61.71
C PRO D 166 -45.14 -11.13 61.23
N GLU D 167 -44.22 -10.40 60.61
CA GLU D 167 -44.51 -9.09 60.06
C GLU D 167 -45.46 -9.22 58.87
N PRO D 168 -46.17 -8.13 58.50
CA PRO D 168 -46.21 -6.79 59.07
C PRO D 168 -47.51 -6.44 59.79
N VAL D 169 -47.52 -5.30 60.49
CA VAL D 169 -48.74 -4.74 61.05
C VAL D 169 -48.94 -3.34 60.48
N THR D 170 -50.19 -3.01 60.21
CA THR D 170 -50.58 -1.68 59.73
C THR D 170 -51.31 -0.95 60.85
N VAL D 171 -50.91 0.28 61.11
CA VAL D 171 -51.50 1.09 62.18
C VAL D 171 -52.13 2.32 61.56
N SER D 172 -53.42 2.51 61.81
CA SER D 172 -54.15 3.69 61.38
C SER D 172 -54.89 4.27 62.58
N TRP D 173 -55.09 5.58 62.57
CA TRP D 173 -55.68 6.30 63.69
C TRP D 173 -57.06 6.80 63.34
N ASN D 174 -58.01 6.59 64.26
CA ASN D 174 -59.41 7.00 64.09
C ASN D 174 -59.96 6.55 62.73
N SER D 175 -59.64 5.31 62.35
CA SER D 175 -60.08 4.72 61.10
C SER D 175 -59.59 5.54 59.89
N GLY D 176 -58.36 6.05 60.00
CA GLY D 176 -57.76 6.87 58.97
C GLY D 176 -58.02 8.36 59.08
N ALA D 177 -58.71 8.80 60.14
CA ALA D 177 -59.07 10.22 60.24
C ALA D 177 -57.85 11.08 60.59
N LEU D 178 -56.94 10.56 61.39
CA LEU D 178 -55.77 11.29 61.86
C LEU D 178 -54.54 10.78 61.12
N THR D 179 -54.01 11.61 60.22
CA THR D 179 -52.82 11.25 59.42
C THR D 179 -51.61 12.19 59.59
N SER D 180 -51.86 13.45 59.92
CA SER D 180 -50.78 14.42 60.09
C SER D 180 -50.15 14.27 61.47
N GLY D 181 -48.81 14.22 61.50
CA GLY D 181 -48.09 14.03 62.73
C GLY D 181 -48.02 12.61 63.23
N VAL D 182 -48.32 11.63 62.37
CA VAL D 182 -48.36 10.22 62.75
C VAL D 182 -47.02 9.59 62.39
N HIS D 183 -46.32 9.07 63.40
CA HIS D 183 -45.07 8.34 63.20
C HIS D 183 -45.29 6.91 63.68
N THR D 184 -45.36 5.97 62.73
CA THR D 184 -45.41 4.55 63.04
C THR D 184 -44.00 4.01 62.90
N PHE D 185 -43.35 3.78 64.04
CA PHE D 185 -41.97 3.33 64.04
C PHE D 185 -41.85 1.93 63.43
N PRO D 186 -40.71 1.62 62.82
CA PRO D 186 -40.52 0.27 62.26
C PRO D 186 -40.35 -0.77 63.35
N ALA D 187 -40.52 -2.03 62.95
CA ALA D 187 -40.51 -3.13 63.88
C ALA D 187 -39.10 -3.44 64.36
N VAL D 188 -38.96 -3.70 65.66
CA VAL D 188 -37.75 -4.27 66.23
C VAL D 188 -38.05 -5.71 66.62
N LEU D 189 -37.03 -6.55 66.51
CA LEU D 189 -37.15 -7.98 66.78
C LEU D 189 -36.68 -8.25 68.20
N GLN D 190 -37.60 -8.71 69.06
CA GLN D 190 -37.31 -8.84 70.48
C GLN D 190 -36.44 -10.06 70.75
N SER D 191 -35.85 -10.06 71.95
CA SER D 191 -35.11 -11.21 72.42
C SER D 191 -35.96 -12.48 72.37
N SER D 192 -37.26 -12.34 72.65
CA SER D 192 -38.19 -13.46 72.53
C SER D 192 -38.40 -13.91 71.09
N GLY D 193 -37.68 -13.38 70.10
CA GLY D 193 -37.94 -13.73 68.72
C GLY D 193 -39.29 -13.25 68.23
N LEU D 194 -39.83 -12.20 68.84
CA LEU D 194 -41.12 -11.63 68.49
C LEU D 194 -40.94 -10.17 68.09
N TYR D 195 -41.89 -9.67 67.31
CA TYR D 195 -41.82 -8.31 66.80
C TYR D 195 -42.63 -7.37 67.69
N SER D 196 -42.28 -6.09 67.63
CA SER D 196 -42.92 -5.08 68.46
C SER D 196 -42.58 -3.68 67.94
N LEU D 197 -43.58 -2.82 67.87
CA LEU D 197 -43.39 -1.45 67.40
C LEU D 197 -44.40 -0.55 68.08
N SER D 198 -44.15 0.76 67.98
CA SER D 198 -45.06 1.77 68.52
C SER D 198 -45.33 2.83 67.46
N SER D 199 -46.54 3.40 67.51
CA SER D 199 -46.96 4.46 66.62
C SER D 199 -47.45 5.63 67.46
N VAL D 200 -46.88 6.81 67.24
CA VAL D 200 -47.15 7.98 68.07
C VAL D 200 -47.73 9.10 67.21
N VAL D 201 -48.45 10.01 67.87
CA VAL D 201 -49.08 11.15 67.20
C VAL D 201 -48.89 12.39 68.06
N THR D 202 -48.61 13.52 67.41
CA THR D 202 -48.55 14.82 68.07
C THR D 202 -49.83 15.59 67.76
N VAL D 203 -50.53 16.02 68.79
CA VAL D 203 -51.76 16.79 68.66
C VAL D 203 -51.81 17.87 69.72
N PRO D 204 -52.58 18.92 69.50
CA PRO D 204 -52.68 19.99 70.51
C PRO D 204 -53.39 19.50 71.76
N SER D 205 -52.81 19.83 72.92
CA SER D 205 -53.32 19.37 74.21
C SER D 205 -54.68 20.00 74.56
N SER D 206 -55.05 21.09 73.90
CA SER D 206 -56.37 21.67 74.13
C SER D 206 -57.49 20.77 73.64
N SER D 207 -57.20 19.86 72.70
CA SER D 207 -58.19 18.96 72.14
C SER D 207 -58.10 17.55 72.70
N LEU D 208 -57.39 17.36 73.81
CA LEU D 208 -57.26 16.02 74.39
C LEU D 208 -58.56 15.57 75.03
N GLY D 209 -59.30 16.49 75.65
CA GLY D 209 -60.58 16.14 76.23
C GLY D 209 -61.72 16.32 75.24
N THR D 210 -61.48 17.08 74.18
CA THR D 210 -62.53 17.38 73.21
C THR D 210 -62.77 16.21 72.27
N GLN D 211 -61.71 15.73 71.61
CA GLN D 211 -61.84 14.64 70.65
C GLN D 211 -61.23 13.37 71.22
N THR D 212 -61.71 12.23 70.74
CA THR D 212 -61.25 10.92 71.13
C THR D 212 -60.29 10.36 70.08
N TYR D 213 -59.26 9.65 70.54
CA TYR D 213 -58.23 9.10 69.68
C TYR D 213 -58.20 7.59 69.80
N ILE D 214 -58.29 6.90 68.65
CA ILE D 214 -58.29 5.45 68.59
C ILE D 214 -57.36 5.02 67.47
N CYS D 215 -56.45 4.09 67.77
CA CYS D 215 -55.56 3.51 66.77
C CYS D 215 -56.10 2.15 66.33
N ASN D 216 -55.93 1.85 65.05
CA ASN D 216 -56.47 0.63 64.45
C ASN D 216 -55.31 -0.23 63.96
N VAL D 217 -55.05 -1.33 64.67
CA VAL D 217 -53.98 -2.25 64.34
C VAL D 217 -54.57 -3.49 63.70
N ASN D 218 -54.02 -3.89 62.55
CA ASN D 218 -54.48 -5.06 61.82
C ASN D 218 -53.30 -5.95 61.48
N HIS D 219 -53.47 -7.25 61.69
CA HIS D 219 -52.46 -8.25 61.37
C HIS D 219 -53.11 -9.35 60.54
N LYS D 220 -52.80 -9.38 59.25
CA LYS D 220 -53.32 -10.37 58.32
C LYS D 220 -52.78 -11.79 58.58
N PRO D 221 -51.51 -11.98 58.95
CA PRO D 221 -51.04 -13.35 59.21
C PRO D 221 -51.85 -14.10 60.26
N SER D 222 -52.17 -13.46 61.38
CA SER D 222 -53.01 -14.07 62.40
C SER D 222 -54.50 -13.76 62.18
N ASN D 223 -54.82 -12.94 61.19
CA ASN D 223 -56.20 -12.56 60.90
C ASN D 223 -56.85 -11.85 62.09
N THR D 224 -56.05 -11.09 62.84
CA THR D 224 -56.49 -10.42 64.06
C THR D 224 -56.59 -8.91 63.82
N LYS D 225 -57.61 -8.30 64.41
CA LYS D 225 -57.85 -6.86 64.26
C LYS D 225 -58.37 -6.31 65.58
N VAL D 226 -57.68 -5.32 66.13
CA VAL D 226 -58.06 -4.68 67.38
C VAL D 226 -58.01 -3.16 67.21
N ASP D 227 -58.91 -2.47 67.89
CA ASP D 227 -58.97 -1.01 67.92
C ASP D 227 -58.82 -0.58 69.38
N LYS D 228 -57.70 0.08 69.70
CA LYS D 228 -57.39 0.45 71.06
C LYS D 228 -57.57 1.94 71.27
N ARG D 229 -58.34 2.31 72.29
CA ARG D 229 -58.58 3.71 72.61
C ARG D 229 -57.45 4.25 73.47
N VAL D 230 -56.86 5.37 73.07
CA VAL D 230 -55.83 5.98 73.87
C VAL D 230 -56.38 7.08 74.75
N GLU D 231 -57.04 6.69 75.84
CA GLU D 231 -57.56 7.64 76.80
C GLU D 231 -56.41 8.32 77.54
N PRO D 232 -56.62 9.68 77.86
CA PRO D 232 -55.50 10.28 78.61
C PRO D 232 -55.44 9.74 80.03
N ASP E 1 -9.70 -12.34 53.07
CA ASP E 1 -10.75 -11.40 52.68
C ASP E 1 -10.28 -9.95 52.82
N ILE E 2 -10.66 -9.11 51.86
CA ILE E 2 -10.41 -7.67 51.95
C ILE E 2 -11.50 -7.03 52.79
N GLN E 3 -11.13 -6.05 53.60
CA GLN E 3 -12.06 -5.30 54.42
C GLN E 3 -12.15 -3.86 53.91
N MET E 4 -13.35 -3.43 53.54
CA MET E 4 -13.58 -2.10 53.01
C MET E 4 -14.20 -1.23 54.09
N THR E 5 -13.47 -0.19 54.51
CA THR E 5 -13.94 0.75 55.51
C THR E 5 -14.38 2.03 54.82
N GLN E 6 -15.70 2.25 54.77
CA GLN E 6 -16.28 3.38 54.07
C GLN E 6 -16.33 4.59 54.99
N SER E 7 -16.29 5.78 54.38
CA SER E 7 -16.32 7.03 55.14
C SER E 7 -16.77 8.22 54.28
N PRO E 8 -17.70 9.04 54.79
CA PRO E 8 -18.30 8.96 56.13
C PRO E 8 -19.51 8.02 56.18
N SER E 9 -19.91 7.61 57.39
CA SER E 9 -21.10 6.77 57.51
C SER E 9 -22.35 7.52 57.06
N THR E 10 -22.43 8.80 57.38
CA THR E 10 -23.56 9.64 57.02
C THR E 10 -23.05 11.00 56.61
N LEU E 11 -23.64 11.56 55.54
CA LEU E 11 -23.35 12.92 55.14
C LEU E 11 -24.66 13.59 54.75
N SER E 12 -24.67 14.92 54.84
CA SER E 12 -25.82 15.71 54.46
C SER E 12 -25.42 16.64 53.32
N ALA E 13 -26.33 16.81 52.37
CA ALA E 13 -26.07 17.65 51.20
C ALA E 13 -27.40 18.15 50.65
N SER E 14 -27.30 19.05 49.68
CA SER E 14 -28.45 19.70 49.05
C SER E 14 -28.28 19.75 47.53
N THR E 15 -29.40 19.90 46.81
CA THR E 15 -29.38 19.80 45.37
C THR E 15 -28.28 20.69 44.80
N GLY E 16 -27.64 20.20 43.73
CA GLY E 16 -26.58 20.95 43.08
C GLY E 16 -25.22 20.86 43.74
N ASP E 17 -25.14 20.33 44.95
CA ASP E 17 -23.87 20.30 45.66
C ASP E 17 -22.90 19.29 45.04
N THR E 18 -21.62 19.46 45.37
CA THR E 18 -20.58 18.50 45.03
C THR E 18 -20.23 17.74 46.31
N VAL E 19 -20.41 16.43 46.27
CA VAL E 19 -20.28 15.60 47.47
C VAL E 19 -19.27 14.48 47.21
N ARG E 20 -18.58 14.08 48.26
CA ARG E 20 -17.48 13.12 48.17
C ARG E 20 -17.63 12.03 49.20
N ILE E 21 -17.58 10.78 48.76
CA ILE E 21 -17.62 9.61 49.63
C ILE E 21 -16.32 8.84 49.45
N SER E 22 -15.58 8.67 50.54
CA SER E 22 -14.29 7.97 50.50
C SER E 22 -14.45 6.54 51.00
N CYS E 23 -13.60 5.65 50.49
CA CYS E 23 -13.63 4.24 50.83
C CYS E 23 -12.20 3.72 50.80
N ARG E 24 -11.69 3.32 51.96
CA ARG E 24 -10.31 2.85 52.11
C ARG E 24 -10.29 1.34 52.31
N ALA E 25 -9.28 0.69 51.73
CA ALA E 25 -9.15 -0.76 51.78
C ALA E 25 -8.01 -1.18 52.69
N SER E 26 -8.09 -2.42 53.16
CA SER E 26 -7.07 -2.95 54.07
C SER E 26 -5.75 -3.18 53.36
N GLN E 27 -5.79 -3.83 52.19
CA GLN E 27 -4.66 -3.92 51.30
C GLN E 27 -4.79 -2.87 50.20
N SER E 28 -3.73 -2.73 49.41
CA SER E 28 -3.76 -1.86 48.25
C SER E 28 -4.26 -2.65 47.05
N ILE E 29 -5.20 -2.08 46.30
CA ILE E 29 -5.78 -2.72 45.13
C ILE E 29 -5.26 -1.98 43.91
N THR E 30 -4.26 -2.56 43.25
CA THR E 30 -3.63 -1.89 42.11
C THR E 30 -4.49 -1.97 40.86
N GLY E 31 -5.09 -3.14 40.61
CA GLY E 31 -5.93 -3.31 39.43
C GLY E 31 -7.22 -2.51 39.44
N ASN E 32 -7.46 -1.72 40.50
CA ASN E 32 -8.64 -0.86 40.61
C ASN E 32 -9.94 -1.64 40.54
N TRP E 33 -9.95 -2.87 41.06
CA TRP E 33 -11.14 -3.72 41.03
C TRP E 33 -12.07 -3.35 42.19
N VAL E 34 -12.67 -2.17 42.05
CA VAL E 34 -13.60 -1.65 43.06
C VAL E 34 -14.81 -1.07 42.34
N ALA E 35 -15.99 -1.31 42.89
CA ALA E 35 -17.25 -0.86 42.31
C ALA E 35 -18.02 0.03 43.28
N TRP E 36 -19.00 0.76 42.75
CA TRP E 36 -19.85 1.66 43.52
C TRP E 36 -21.32 1.38 43.21
N TYR E 37 -22.14 1.35 44.26
CA TYR E 37 -23.56 1.03 44.16
C TYR E 37 -24.40 2.04 44.94
N GLN E 38 -25.61 2.30 44.44
CA GLN E 38 -26.60 3.11 45.13
C GLN E 38 -27.81 2.25 45.47
N GLN E 39 -28.27 2.35 46.72
CA GLN E 39 -29.42 1.59 47.19
C GLN E 39 -30.41 2.55 47.84
N ARG E 40 -31.50 2.84 47.15
CA ARG E 40 -32.65 3.46 47.81
C ARG E 40 -33.36 2.41 48.66
N PRO E 41 -33.94 2.82 49.79
CA PRO E 41 -34.52 1.84 50.72
C PRO E 41 -35.59 0.97 50.06
N GLY E 42 -35.52 -0.33 50.31
CA GLY E 42 -36.45 -1.31 49.78
C GLY E 42 -36.14 -1.85 48.39
N LYS E 43 -35.73 -0.98 47.48
CA LYS E 43 -35.47 -1.37 46.10
C LYS E 43 -34.03 -1.84 45.94
N ALA E 44 -33.82 -2.69 44.94
CA ALA E 44 -32.54 -3.34 44.74
C ALA E 44 -31.47 -2.32 44.35
N PRO E 45 -30.20 -2.60 44.67
CA PRO E 45 -29.12 -1.67 44.29
C PRO E 45 -28.95 -1.59 42.77
N ARG E 46 -28.34 -0.49 42.34
CA ARG E 46 -28.01 -0.26 40.94
C ARG E 46 -26.50 -0.08 40.82
N LEU E 47 -25.89 -0.84 39.90
CA LEU E 47 -24.47 -0.70 39.66
C LEU E 47 -24.17 0.64 39.01
N LEU E 48 -23.32 1.44 39.65
CA LEU E 48 -22.98 2.78 39.16
C LEU E 48 -21.60 2.94 38.49
N ILE E 49 -20.55 2.42 39.12
CA ILE E 49 -19.19 2.55 38.61
C ILE E 49 -18.45 1.25 38.90
N TYR E 50 -17.74 0.74 37.89
CA TYR E 50 -16.90 -0.43 38.05
C TYR E 50 -15.45 -0.09 37.71
N ARG E 51 -14.55 -0.96 38.15
CA ARG E 51 -13.11 -0.84 37.86
C ARG E 51 -12.57 0.56 38.18
N GLY E 52 -13.13 1.20 39.20
CA GLY E 52 -12.62 2.48 39.64
C GLY E 52 -13.32 3.70 39.08
N ALA E 53 -13.27 3.88 37.75
CA ALA E 53 -13.91 5.03 37.11
C ALA E 53 -14.67 4.65 35.86
N ALA E 54 -14.96 3.37 35.65
CA ALA E 54 -15.75 2.97 34.50
C ALA E 54 -17.22 3.25 34.77
N LEU E 55 -17.87 3.91 33.81
CA LEU E 55 -19.27 4.27 33.91
C LEU E 55 -20.12 3.19 33.25
N LEU E 56 -21.09 2.66 33.98
CA LEU E 56 -21.99 1.67 33.41
C LEU E 56 -22.92 2.33 32.40
N GLY E 57 -23.24 1.60 31.34
CA GLY E 57 -24.09 2.10 30.29
C GLY E 57 -25.40 2.67 30.81
N GLY E 58 -25.55 4.00 30.75
CA GLY E 58 -26.75 4.66 31.19
C GLY E 58 -26.62 5.41 32.50
N VAL E 59 -25.50 5.28 33.20
CA VAL E 59 -25.30 6.00 34.46
C VAL E 59 -24.92 7.44 34.13
N PRO E 60 -25.52 8.42 34.80
CA PRO E 60 -25.25 9.83 34.45
C PRO E 60 -23.78 10.19 34.54
N SER E 61 -23.39 11.20 33.76
CA SER E 61 -22.02 11.69 33.79
C SER E 61 -21.68 12.37 35.12
N ARG E 62 -22.69 12.75 35.90
CA ARG E 62 -22.44 13.38 37.20
C ARG E 62 -21.71 12.47 38.17
N PHE E 63 -21.79 11.15 37.97
CA PHE E 63 -21.09 10.19 38.81
C PHE E 63 -19.71 9.92 38.22
N ARG E 64 -18.68 10.02 39.05
CA ARG E 64 -17.31 9.79 38.63
C ARG E 64 -16.49 9.28 39.80
N GLY E 65 -15.61 8.33 39.53
CA GLY E 65 -14.82 7.71 40.57
C GLY E 65 -13.34 7.94 40.34
N SER E 66 -12.59 7.98 41.43
CA SER E 66 -11.13 8.12 41.40
C SER E 66 -10.52 7.09 42.34
N ALA E 67 -9.50 6.40 41.85
CA ALA E 67 -8.83 5.33 42.59
C ALA E 67 -7.35 5.63 42.68
N ALA E 68 -6.82 5.69 43.89
CA ALA E 68 -5.41 6.01 44.12
C ALA E 68 -4.90 5.15 45.27
N GLY E 69 -4.12 4.13 44.95
CA GLY E 69 -3.55 3.28 45.98
C GLY E 69 -4.64 2.56 46.75
N THR E 70 -4.68 2.78 48.07
CA THR E 70 -5.70 2.15 48.89
C THR E 70 -7.00 2.93 48.88
N ASP E 71 -6.92 4.27 48.86
CA ASP E 71 -8.11 5.10 48.96
C ASP E 71 -8.87 5.13 47.63
N PHE E 72 -10.19 5.18 47.74
CA PHE E 72 -11.10 5.36 46.62
C PHE E 72 -12.09 6.46 46.96
N THR E 73 -12.53 7.19 45.94
CA THR E 73 -13.49 8.28 46.15
C THR E 73 -14.53 8.26 45.04
N LEU E 74 -15.81 8.23 45.42
CA LEU E 74 -16.92 8.44 44.50
C LEU E 74 -17.37 9.89 44.62
N THR E 75 -17.49 10.58 43.49
CA THR E 75 -17.79 12.00 43.47
C THR E 75 -19.11 12.23 42.76
N ILE E 76 -20.00 13.01 43.39
CA ILE E 76 -21.27 13.41 42.82
C ILE E 76 -21.31 14.93 42.83
N GLY E 77 -20.93 15.54 41.71
CA GLY E 77 -21.22 16.94 41.49
C GLY E 77 -22.66 17.12 41.02
N ASN E 78 -23.23 18.28 41.35
CA ASN E 78 -24.63 18.62 41.04
C ASN E 78 -25.71 17.69 41.62
N LEU E 79 -25.62 17.38 42.91
CA LEU E 79 -26.45 16.35 43.54
C LEU E 79 -27.92 16.61 43.24
N GLN E 80 -28.65 15.56 42.86
CA GLN E 80 -30.06 15.66 42.54
C GLN E 80 -30.90 14.99 43.63
N ALA E 81 -32.21 15.19 43.53
CA ALA E 81 -33.13 14.53 44.45
C ALA E 81 -33.12 13.02 44.25
N GLU E 82 -33.19 12.58 42.99
CA GLU E 82 -33.17 11.15 42.68
C GLU E 82 -31.90 10.47 43.18
N ASP E 83 -30.85 11.23 43.49
CA ASP E 83 -29.58 10.64 43.90
C ASP E 83 -29.54 10.26 45.37
N PHE E 84 -30.40 10.84 46.20
CA PHE E 84 -30.30 10.60 47.64
C PHE E 84 -30.57 9.14 47.98
N GLY E 85 -29.86 8.65 48.98
CA GLY E 85 -29.95 7.25 49.38
C GLY E 85 -28.70 6.83 50.11
N THR E 86 -28.45 5.52 50.10
CA THR E 86 -27.28 4.94 50.74
C THR E 86 -26.35 4.40 49.65
N PHE E 87 -25.04 4.54 49.87
CA PHE E 87 -24.04 4.11 48.91
C PHE E 87 -23.07 3.13 49.56
N TYR E 88 -22.60 2.17 48.76
CA TYR E 88 -21.69 1.11 49.19
C TYR E 88 -20.55 0.98 48.18
N CYS E 89 -19.34 0.70 48.67
CA CYS E 89 -18.20 0.38 47.82
C CYS E 89 -17.87 -1.10 47.92
N GLN E 90 -17.50 -1.69 46.78
CA GLN E 90 -17.22 -3.12 46.69
C GLN E 90 -15.87 -3.35 46.03
N GLN E 91 -15.07 -4.24 46.59
CA GLN E 91 -13.85 -4.70 45.95
C GLN E 91 -14.07 -6.11 45.40
N TYR E 92 -13.34 -6.42 44.33
CA TYR E 92 -13.30 -7.79 43.81
C TYR E 92 -11.91 -8.13 43.32
N ASP E 93 -10.88 -7.55 43.96
CA ASP E 93 -9.50 -7.93 43.66
C ASP E 93 -9.21 -9.34 44.14
N THR E 94 -9.70 -9.70 45.32
CA THR E 94 -9.50 -11.04 45.85
C THR E 94 -10.84 -11.65 46.23
N TYR E 95 -10.91 -12.97 46.15
CA TYR E 95 -12.08 -13.74 46.55
C TYR E 95 -12.12 -13.85 48.07
N PRO E 96 -13.30 -13.63 48.67
CA PRO E 96 -14.55 -13.28 47.99
C PRO E 96 -14.76 -11.77 47.87
N GLY E 97 -15.62 -11.35 46.95
CA GLY E 97 -15.98 -9.94 46.82
C GLY E 97 -16.60 -9.42 48.10
N THR E 98 -16.14 -8.27 48.58
CA THR E 98 -16.58 -7.73 49.86
C THR E 98 -17.07 -6.31 49.70
N PHE E 99 -18.03 -5.93 50.53
CA PHE E 99 -18.67 -4.62 50.50
C PHE E 99 -18.23 -3.78 51.69
N GLY E 100 -18.63 -2.51 51.67
CA GLY E 100 -18.34 -1.58 52.74
C GLY E 100 -19.49 -1.44 53.73
N GLN E 101 -19.21 -0.70 54.81
CA GLN E 101 -20.21 -0.51 55.84
C GLN E 101 -21.39 0.32 55.33
N GLY E 102 -21.14 1.25 54.41
CA GLY E 102 -22.22 2.00 53.82
C GLY E 102 -22.17 3.46 54.22
N THR E 103 -22.70 4.31 53.34
CA THR E 103 -22.77 5.75 53.57
C THR E 103 -24.18 6.22 53.29
N LYS E 104 -24.87 6.69 54.33
CA LYS E 104 -26.15 7.32 54.13
C LYS E 104 -25.96 8.74 53.60
N VAL E 105 -26.79 9.11 52.62
CA VAL E 105 -26.75 10.44 52.03
C VAL E 105 -28.12 11.07 52.25
N GLU E 106 -28.20 11.94 53.26
CA GLU E 106 -29.44 12.57 53.66
C GLU E 106 -29.49 14.02 53.20
N VAL E 107 -30.70 14.59 53.23
CA VAL E 107 -30.88 15.99 52.86
C VAL E 107 -30.51 16.89 54.04
N LYS E 108 -30.25 18.16 53.73
CA LYS E 108 -29.83 19.13 54.72
C LYS E 108 -31.03 19.82 55.35
N ARG E 109 -30.88 20.20 56.61
CA ARG E 109 -31.90 20.93 57.35
C ARG E 109 -31.25 21.55 58.58
N THR E 110 -31.83 22.65 59.05
CA THR E 110 -31.30 23.28 60.25
C THR E 110 -31.41 22.34 61.44
N VAL E 111 -30.41 22.42 62.33
CA VAL E 111 -30.42 21.58 63.53
C VAL E 111 -31.69 21.83 64.31
N ALA E 112 -32.33 20.76 64.75
CA ALA E 112 -33.60 20.83 65.47
C ALA E 112 -33.48 20.09 66.79
N ALA E 113 -33.78 20.77 67.89
CA ALA E 113 -33.82 20.11 69.18
C ALA E 113 -34.95 19.09 69.20
N PRO E 114 -34.75 17.93 69.82
CA PRO E 114 -35.79 16.89 69.81
C PRO E 114 -36.85 17.13 70.87
N SER E 115 -38.10 16.92 70.49
CA SER E 115 -39.21 16.93 71.45
C SER E 115 -39.21 15.60 72.20
N VAL E 116 -39.04 15.66 73.51
CA VAL E 116 -38.84 14.49 74.34
C VAL E 116 -40.10 14.22 75.16
N PHE E 117 -40.58 12.99 75.11
CA PHE E 117 -41.69 12.54 75.94
C PHE E 117 -41.33 11.19 76.54
N ILE E 118 -41.90 10.92 77.71
CA ILE E 118 -41.72 9.65 78.39
C ILE E 118 -43.09 9.04 78.65
N PHE E 119 -43.23 7.74 78.37
CA PHE E 119 -44.50 7.03 78.48
C PHE E 119 -44.36 5.88 79.48
N PRO E 120 -45.09 5.90 80.59
CA PRO E 120 -44.99 4.79 81.55
C PRO E 120 -45.74 3.58 81.05
N PRO E 121 -45.55 2.41 81.69
CA PRO E 121 -46.25 1.22 81.23
C PRO E 121 -47.75 1.30 81.50
N SER E 122 -48.53 0.81 80.54
CA SER E 122 -49.98 0.77 80.70
C SER E 122 -50.37 -0.19 81.82
N ASP E 123 -51.43 0.17 82.56
CA ASP E 123 -51.90 -0.70 83.62
C ASP E 123 -52.33 -2.07 83.10
N GLU E 124 -52.74 -2.14 81.83
CA GLU E 124 -53.03 -3.44 81.23
C GLU E 124 -51.78 -4.30 81.13
N GLN E 125 -50.62 -3.68 80.92
CA GLN E 125 -49.38 -4.45 80.80
C GLN E 125 -48.99 -5.08 82.14
N LEU E 126 -49.24 -4.36 83.25
CA LEU E 126 -48.76 -4.85 84.55
C LEU E 126 -49.40 -6.17 84.92
N LYS E 127 -50.69 -6.35 84.63
CA LYS E 127 -51.32 -7.62 84.92
C LYS E 127 -51.07 -8.66 83.83
N SER E 128 -50.36 -8.30 82.76
CA SER E 128 -49.94 -9.28 81.76
C SER E 128 -48.63 -9.97 82.12
N GLY E 129 -47.83 -9.39 83.02
CA GLY E 129 -46.59 -9.98 83.47
C GLY E 129 -45.33 -9.31 82.96
N THR E 130 -45.44 -8.32 82.09
CA THR E 130 -44.30 -7.59 81.57
C THR E 130 -44.58 -6.10 81.61
N ALA E 131 -43.52 -5.30 81.64
CA ALA E 131 -43.63 -3.85 81.77
C ALA E 131 -42.70 -3.18 80.77
N SER E 132 -43.25 -2.27 79.97
CA SER E 132 -42.51 -1.58 78.92
C SER E 132 -42.62 -0.07 79.12
N VAL E 133 -41.47 0.61 79.18
CA VAL E 133 -41.40 2.07 79.27
C VAL E 133 -40.81 2.57 77.96
N VAL E 134 -41.46 3.58 77.37
CA VAL E 134 -41.10 4.11 76.06
C VAL E 134 -40.64 5.55 76.21
N CYS E 135 -39.54 5.88 75.53
CA CYS E 135 -39.06 7.26 75.43
C CYS E 135 -39.11 7.69 73.98
N LEU E 136 -39.77 8.81 73.71
CA LEU E 136 -40.01 9.29 72.36
C LEU E 136 -39.14 10.52 72.09
N LEU E 137 -38.35 10.46 71.03
CA LEU E 137 -37.56 11.58 70.54
C LEU E 137 -38.05 11.89 69.13
N ASN E 138 -38.63 13.06 68.93
CA ASN E 138 -39.37 13.38 67.72
C ASN E 138 -38.76 14.60 67.04
N ASN E 139 -38.67 14.54 65.71
CA ASN E 139 -38.26 15.67 64.87
C ASN E 139 -36.87 16.18 65.25
N PHE E 140 -35.91 15.27 65.27
CA PHE E 140 -34.54 15.58 65.67
C PHE E 140 -33.64 15.61 64.45
N TYR E 141 -32.80 16.65 64.36
CA TYR E 141 -31.76 16.72 63.34
C TYR E 141 -30.47 17.27 63.95
N PRO E 142 -29.34 16.61 63.69
CA PRO E 142 -29.25 15.38 62.90
C PRO E 142 -29.69 14.11 63.65
N ARG E 143 -29.59 12.96 63.00
CA ARG E 143 -30.08 11.71 63.56
C ARG E 143 -29.17 11.14 64.65
N GLU E 144 -28.01 11.74 64.89
CA GLU E 144 -27.12 11.27 65.97
C GLU E 144 -27.68 11.71 67.32
N ALA E 145 -28.21 10.75 68.08
CA ALA E 145 -28.76 11.03 69.40
C ALA E 145 -28.63 9.79 70.26
N LYS E 146 -28.16 9.97 71.49
CA LYS E 146 -27.99 8.89 72.45
C LYS E 146 -28.97 9.05 73.59
N VAL E 147 -29.54 7.93 74.04
CA VAL E 147 -30.49 7.92 75.14
C VAL E 147 -30.12 6.81 76.11
N GLN E 148 -30.27 7.08 77.41
CA GLN E 148 -29.99 6.13 78.46
C GLN E 148 -31.10 6.19 79.49
N TRP E 149 -31.26 5.09 80.24
CA TRP E 149 -32.30 4.95 81.24
C TRP E 149 -31.67 4.95 82.63
N LYS E 150 -32.15 5.84 83.49
CA LYS E 150 -31.56 6.07 84.80
C LYS E 150 -32.60 5.76 85.87
N VAL E 151 -32.36 4.71 86.65
CA VAL E 151 -33.22 4.33 87.77
C VAL E 151 -32.36 4.31 89.03
N ASP E 152 -32.81 5.04 90.05
CA ASP E 152 -32.05 5.24 91.29
C ASP E 152 -30.74 5.99 91.05
N ASN E 153 -30.73 6.92 90.10
CA ASN E 153 -29.52 7.60 89.65
C ASN E 153 -28.46 6.61 89.18
N ALA E 154 -28.90 5.46 88.66
CA ALA E 154 -28.03 4.37 88.26
C ALA E 154 -28.32 3.96 86.82
N LEU E 155 -27.26 3.61 86.10
CA LEU E 155 -27.39 3.26 84.69
C LEU E 155 -28.10 1.92 84.52
N GLN E 156 -28.79 1.78 83.39
CA GLN E 156 -29.45 0.53 83.02
C GLN E 156 -29.19 0.29 81.54
N SER E 157 -28.57 -0.85 81.21
CA SER E 157 -28.17 -1.14 79.85
C SER E 157 -28.47 -2.60 79.52
N GLY E 158 -28.43 -2.91 78.23
CA GLY E 158 -28.70 -4.24 77.75
C GLY E 158 -30.17 -4.59 77.61
N ASN E 159 -31.07 -3.79 78.17
CA ASN E 159 -32.50 -4.06 78.14
C ASN E 159 -33.28 -2.95 77.46
N SER E 160 -32.61 -2.06 76.73
CA SER E 160 -33.25 -0.98 76.00
C SER E 160 -33.03 -1.19 74.51
N GLN E 161 -34.09 -1.02 73.73
CA GLN E 161 -34.04 -1.17 72.28
C GLN E 161 -34.52 0.11 71.62
N GLU E 162 -33.97 0.39 70.44
CA GLU E 162 -34.27 1.62 69.72
C GLU E 162 -34.88 1.32 68.35
N SER E 163 -35.58 2.31 67.83
CA SER E 163 -36.14 2.28 66.49
C SER E 163 -36.24 3.71 65.99
N VAL E 164 -35.88 3.92 64.72
CA VAL E 164 -35.76 5.26 64.15
C VAL E 164 -36.60 5.32 62.88
N THR E 165 -37.30 6.43 62.69
CA THR E 165 -38.05 6.63 61.46
C THR E 165 -37.11 6.90 60.30
N GLU E 166 -37.73 7.11 59.14
CA GLU E 166 -37.07 7.36 57.86
C GLU E 166 -37.46 8.73 57.32
N GLN E 167 -36.61 9.28 56.45
CA GLN E 167 -36.60 10.70 56.12
C GLN E 167 -37.98 11.17 55.68
N ASP E 168 -38.43 12.28 56.28
CA ASP E 168 -39.70 12.90 55.91
C ASP E 168 -39.45 13.92 54.81
N SER E 169 -40.30 13.89 53.77
CA SER E 169 -40.13 14.82 52.66
C SER E 169 -40.51 16.24 53.04
N LYS E 170 -41.41 16.40 54.03
CA LYS E 170 -41.93 17.71 54.35
C LYS E 170 -41.01 18.47 55.30
N ASP E 171 -40.57 17.83 56.39
CA ASP E 171 -39.74 18.50 57.39
C ASP E 171 -38.27 18.13 57.31
N SER E 172 -37.95 16.98 56.69
CA SER E 172 -36.58 16.48 56.58
C SER E 172 -35.98 16.18 57.95
N THR E 173 -36.80 15.73 58.89
CA THR E 173 -36.35 15.38 60.23
C THR E 173 -36.68 13.93 60.55
N TYR E 174 -36.16 13.47 61.68
CA TYR E 174 -36.30 12.10 62.12
C TYR E 174 -36.91 12.05 63.51
N SER E 175 -37.54 10.92 63.82
CA SER E 175 -37.97 10.62 65.18
C SER E 175 -37.46 9.24 65.57
N LEU E 176 -37.31 9.04 66.88
CA LEU E 176 -36.72 7.82 67.41
C LEU E 176 -37.57 7.33 68.58
N SER E 177 -37.62 6.00 68.73
CA SER E 177 -38.34 5.37 69.82
C SER E 177 -37.37 4.47 70.58
N SER E 178 -37.28 4.69 71.89
CA SER E 178 -36.43 3.88 72.76
C SER E 178 -37.36 3.13 73.71
N THR E 179 -37.43 1.81 73.54
CA THR E 179 -38.31 0.95 74.34
C THR E 179 -37.46 0.20 75.37
N LEU E 180 -37.66 0.53 76.64
CA LEU E 180 -37.03 -0.19 77.75
C LEU E 180 -38.04 -1.19 78.32
N THR E 181 -37.60 -2.44 78.44
CA THR E 181 -38.48 -3.54 78.84
C THR E 181 -37.85 -4.32 79.99
N LEU E 182 -38.68 -4.74 80.94
CA LEU E 182 -38.20 -5.50 82.08
C LEU E 182 -39.37 -6.22 82.75
N SER E 183 -39.05 -7.11 83.68
CA SER E 183 -40.04 -7.97 84.30
C SER E 183 -40.98 -7.17 85.19
N LYS E 184 -42.19 -7.72 85.37
CA LYS E 184 -43.18 -7.11 86.24
C LYS E 184 -42.62 -6.92 87.66
N ALA E 185 -41.94 -7.95 88.19
CA ALA E 185 -41.46 -7.88 89.55
C ALA E 185 -40.39 -6.81 89.73
N ASP E 186 -39.49 -6.68 88.75
CA ASP E 186 -38.44 -5.68 88.86
C ASP E 186 -38.99 -4.26 88.79
N TYR E 187 -40.17 -4.09 88.18
CA TYR E 187 -40.69 -2.75 87.90
C TYR E 187 -40.94 -1.96 89.18
N GLU E 188 -41.46 -2.62 90.23
CA GLU E 188 -41.74 -1.94 91.49
C GLU E 188 -40.62 -2.10 92.50
N LYS E 189 -39.39 -2.33 92.04
CA LYS E 189 -38.22 -2.33 92.90
C LYS E 189 -37.59 -0.95 93.03
N HIS E 190 -38.22 0.06 92.45
CA HIS E 190 -37.75 1.44 92.64
C HIS E 190 -38.88 2.40 92.29
N LYS E 191 -38.70 3.66 92.70
CA LYS E 191 -39.71 4.69 92.53
C LYS E 191 -39.52 5.50 91.25
N VAL E 192 -38.28 5.89 90.92
CA VAL E 192 -38.02 6.84 89.85
C VAL E 192 -37.57 6.11 88.59
N TYR E 193 -38.05 6.59 87.44
CA TYR E 193 -37.67 6.09 86.12
C TYR E 193 -37.46 7.29 85.22
N ALA E 194 -36.31 7.35 84.56
CA ALA E 194 -35.88 8.56 83.87
C ALA E 194 -35.32 8.25 82.50
N CYS E 195 -35.65 9.10 81.53
CA CYS E 195 -35.06 9.08 80.20
C CYS E 195 -34.28 10.37 79.99
N GLU E 196 -33.00 10.23 79.64
CA GLU E 196 -32.11 11.36 79.42
C GLU E 196 -31.64 11.36 77.98
N VAL E 197 -31.75 12.51 77.32
CA VAL E 197 -31.43 12.65 75.90
C VAL E 197 -30.23 13.59 75.77
N THR E 198 -29.16 13.09 75.15
CA THR E 198 -28.02 13.90 74.79
C THR E 198 -28.10 14.18 73.29
N HIS E 199 -28.23 15.45 72.93
CA HIS E 199 -28.33 15.84 71.53
C HIS E 199 -27.69 17.19 71.32
N GLN E 200 -27.18 17.40 70.11
CA GLN E 200 -26.49 18.65 69.78
C GLN E 200 -27.42 19.85 69.91
N GLY E 201 -28.67 19.73 69.44
CA GLY E 201 -29.61 20.83 69.49
C GLY E 201 -29.99 21.27 70.89
N LEU E 202 -29.58 20.54 71.92
CA LEU E 202 -29.88 20.88 73.31
C LEU E 202 -28.62 21.43 73.97
N SER E 203 -28.78 22.55 74.68
CA SER E 203 -27.63 23.19 75.32
C SER E 203 -26.98 22.29 76.36
N SER E 204 -27.79 21.61 77.16
CA SER E 204 -27.33 20.63 78.12
C SER E 204 -28.33 19.48 78.13
N PRO E 205 -27.90 18.27 78.53
CA PRO E 205 -28.78 17.09 78.45
C PRO E 205 -30.14 17.28 79.12
N VAL E 206 -31.21 17.07 78.36
CA VAL E 206 -32.58 17.22 78.85
C VAL E 206 -33.06 15.88 79.38
N THR E 207 -33.55 15.88 80.61
CA THR E 207 -34.02 14.68 81.30
C THR E 207 -35.51 14.79 81.58
N LYS E 208 -36.28 13.80 81.14
CA LYS E 208 -37.71 13.73 81.40
C LYS E 208 -38.04 12.39 82.01
N SER E 209 -38.67 12.41 83.19
CA SER E 209 -38.79 11.24 84.04
C SER E 209 -40.19 11.19 84.65
N PHE E 210 -40.44 10.14 85.43
CA PHE E 210 -41.73 9.98 86.10
C PHE E 210 -41.56 9.09 87.33
N ASN E 211 -42.24 9.46 88.41
CA ASN E 211 -42.41 8.58 89.56
C ASN E 211 -43.68 7.76 89.39
N ARG E 212 -43.72 6.60 90.03
CA ARG E 212 -44.85 5.69 89.87
C ARG E 212 -46.13 6.32 90.38
N GLY E 213 -47.16 6.33 89.54
CA GLY E 213 -48.44 6.90 89.86
C GLY E 213 -48.64 8.33 89.38
N GLU E 214 -47.57 9.11 89.31
CA GLU E 214 -47.66 10.51 88.91
C GLU E 214 -48.02 10.63 87.43
N ASN F 1 37.22 21.35 17.72
CA ASN F 1 37.04 20.02 17.12
C ASN F 1 35.57 19.62 17.15
N LEU F 2 34.91 19.72 16.00
CA LEU F 2 33.48 19.48 15.89
C LEU F 2 33.18 18.47 14.80
N TRP F 3 32.11 17.71 15.00
CA TRP F 3 31.77 16.56 14.17
C TRP F 3 30.29 16.59 13.84
N VAL F 4 29.95 16.03 12.67
CA VAL F 4 28.54 15.92 12.27
C VAL F 4 27.80 15.02 13.26
N THR F 5 26.50 15.29 13.43
CA THR F 5 25.62 14.45 14.23
C THR F 5 24.25 14.44 13.58
N VAL F 6 23.58 13.29 13.62
CA VAL F 6 22.30 13.10 12.95
C VAL F 6 21.15 13.29 13.94
N TYR F 7 20.22 14.17 13.60
CA TYR F 7 19.02 14.42 14.38
C TYR F 7 17.79 13.99 13.59
N TYR F 8 16.87 13.30 14.27
CA TYR F 8 15.62 12.85 13.67
C TYR F 8 14.44 13.47 14.38
N GLY F 9 13.48 13.96 13.60
CA GLY F 9 12.34 14.68 14.15
C GLY F 9 12.54 16.18 14.26
N VAL F 10 13.50 16.75 13.56
CA VAL F 10 13.73 18.19 13.66
C VAL F 10 12.58 18.93 12.99
N PRO F 11 12.08 20.01 13.57
CA PRO F 11 10.90 20.68 12.99
C PRO F 11 11.24 21.44 11.72
N VAL F 12 11.21 20.75 10.59
CA VAL F 12 11.49 21.34 9.28
C VAL F 12 10.42 20.88 8.30
N TRP F 13 9.74 21.84 7.67
CA TRP F 13 8.70 21.52 6.71
C TRP F 13 8.85 22.40 5.47
N LYS F 14 8.38 21.90 4.34
CA LYS F 14 8.40 22.65 3.09
C LYS F 14 7.02 22.61 2.44
N ASP F 15 6.69 23.68 1.72
CA ASP F 15 5.46 23.70 0.93
C ASP F 15 5.38 22.51 0.01
N ALA F 16 4.20 21.90 -0.09
CA ALA F 16 4.03 20.73 -0.93
C ALA F 16 2.55 20.51 -1.21
N GLU F 17 2.29 19.78 -2.29
CA GLU F 17 0.94 19.37 -2.67
C GLU F 17 0.91 17.86 -2.78
N THR F 18 -0.18 17.26 -2.30
CA THR F 18 -0.32 15.81 -2.30
C THR F 18 -1.80 15.47 -2.25
N THR F 19 -2.10 14.18 -2.31
CA THR F 19 -3.46 13.70 -2.15
C THR F 19 -3.86 13.76 -0.68
N LEU F 20 -5.07 14.27 -0.43
CA LEU F 20 -5.61 14.35 0.91
C LEU F 20 -6.80 13.40 1.04
N PHE F 21 -6.95 12.79 2.20
CA PHE F 21 -8.10 11.95 2.46
C PHE F 21 -9.14 12.75 3.25
N CYS F 22 -10.27 12.10 3.51
CA CYS F 22 -11.49 12.75 3.98
C CYS F 22 -11.82 12.30 5.39
N ALA F 23 -12.59 13.12 6.10
CA ALA F 23 -13.02 12.83 7.47
C ALA F 23 -14.44 13.37 7.68
N SER F 24 -15.33 12.51 8.18
CA SER F 24 -16.75 12.81 8.35
C SER F 24 -17.40 12.42 9.68
N ASP F 25 -17.08 13.13 10.75
CA ASP F 25 -17.76 12.99 12.04
C ASP F 25 -17.93 11.55 12.52
N TRP F 37 -25.06 10.89 1.62
CA TRP F 37 -24.55 9.53 1.52
C TRP F 37 -23.15 9.53 0.90
N ALA F 38 -22.79 10.65 0.26
CA ALA F 38 -21.44 10.80 -0.27
C ALA F 38 -20.40 10.76 0.85
N THR F 39 -20.75 11.29 2.02
CA THR F 39 -19.77 11.38 3.11
C THR F 39 -19.46 10.01 3.69
N HIS F 40 -20.42 9.10 3.70
CA HIS F 40 -20.13 7.74 4.17
C HIS F 40 -19.00 7.16 3.33
N ALA F 41 -18.18 6.31 3.97
CA ALA F 41 -16.98 5.68 3.45
C ALA F 41 -15.78 6.61 3.62
N CYS F 42 -15.96 7.69 4.37
CA CYS F 42 -14.93 8.69 4.60
C CYS F 42 -14.55 8.65 6.09
N VAL F 43 -13.27 8.38 6.36
CA VAL F 43 -12.76 7.98 7.68
C VAL F 43 -13.17 8.98 8.77
N PRO F 44 -13.91 8.54 9.78
CA PRO F 44 -14.52 9.50 10.73
C PRO F 44 -13.49 10.27 11.55
N THR F 45 -13.95 11.38 12.11
CA THR F 45 -13.07 12.33 12.77
C THR F 45 -12.79 11.92 14.21
N ASP F 46 -11.65 12.39 14.72
CA ASP F 46 -11.28 12.10 16.09
C ASP F 46 -12.16 12.90 17.05
N PRO F 47 -12.59 12.29 18.16
CA PRO F 47 -13.53 12.98 19.06
C PRO F 47 -13.03 14.31 19.59
N ASN F 48 -11.73 14.52 19.66
CA ASN F 48 -11.17 15.82 20.03
C ASN F 48 -9.85 16.01 19.28
N PRO F 49 -9.85 16.80 18.22
CA PRO F 49 -8.61 17.05 17.47
C PRO F 49 -7.62 17.84 18.31
N GLN F 50 -6.37 17.86 17.83
CA GLN F 50 -5.28 18.55 18.49
C GLN F 50 -4.76 19.66 17.59
N GLU F 51 -4.65 20.87 18.14
CA GLU F 51 -4.15 22.02 17.42
C GLU F 51 -2.93 22.55 18.17
N ILE F 52 -1.80 22.65 17.47
CA ILE F 52 -0.52 22.99 18.08
C ILE F 52 -0.06 24.34 17.53
N HIS F 53 0.11 25.31 18.42
CA HIS F 53 0.56 26.63 18.03
C HIS F 53 2.06 26.64 17.79
N LEU F 54 2.49 27.43 16.80
CA LEU F 54 3.88 27.52 16.41
C LEU F 54 4.42 28.88 16.84
N GLU F 55 5.01 28.92 18.02
CA GLU F 55 5.50 30.17 18.59
C GLU F 55 6.61 30.77 17.72
N ASN F 56 6.65 32.10 17.67
CA ASN F 56 7.69 32.84 16.98
C ASN F 56 7.80 32.47 15.50
N VAL F 57 6.78 31.82 14.96
CA VAL F 57 6.78 31.33 13.59
C VAL F 57 5.98 32.29 12.72
N THR F 58 6.50 32.60 11.54
CA THR F 58 5.82 33.44 10.57
C THR F 58 5.87 32.73 9.23
N GLU F 59 4.71 32.26 8.76
CA GLU F 59 4.59 31.57 7.49
C GLU F 59 3.76 32.40 6.52
N GLU F 60 4.21 32.49 5.28
CA GLU F 60 3.51 33.25 4.25
C GLU F 60 2.58 32.35 3.47
N PHE F 61 1.33 32.80 3.31
CA PHE F 61 0.31 32.05 2.59
C PHE F 61 0.00 32.73 1.27
N ASN F 62 -0.51 31.93 0.34
CA ASN F 62 -0.99 32.39 -0.98
C ASN F 62 -2.29 31.72 -1.41
N MET F 63 -3.41 32.12 -0.82
CA MET F 63 -4.68 31.43 -1.05
C MET F 63 -5.01 31.27 -2.53
N TRP F 64 -4.44 32.12 -3.39
CA TRP F 64 -4.75 32.05 -4.80
C TRP F 64 -4.05 30.89 -5.47
N LYS F 65 -2.83 30.57 -5.03
CA LYS F 65 -2.12 29.39 -5.49
C LYS F 65 -2.16 28.32 -4.41
N ASN F 66 -3.37 27.81 -4.15
CA ASN F 66 -3.56 26.70 -3.23
C ASN F 66 -3.95 25.49 -4.07
N ASN F 67 -3.31 24.36 -3.81
CA ASN F 67 -3.68 23.13 -4.48
C ASN F 67 -4.85 22.43 -3.79
N MET F 68 -5.13 22.79 -2.54
CA MET F 68 -6.24 22.14 -1.83
C MET F 68 -7.56 22.40 -2.52
N VAL F 69 -7.82 23.68 -2.86
CA VAL F 69 -9.06 24.05 -3.52
C VAL F 69 -9.29 23.20 -4.75
N GLU F 70 -8.29 23.16 -5.64
CA GLU F 70 -8.43 22.43 -6.89
C GLU F 70 -8.43 20.92 -6.70
N GLN F 71 -7.96 20.43 -5.55
CA GLN F 71 -8.17 19.04 -5.21
C GLN F 71 -9.55 18.81 -4.61
N MET F 72 -10.06 19.77 -3.85
CA MET F 72 -11.45 19.70 -3.40
C MET F 72 -12.41 19.82 -4.56
N HIS F 73 -12.14 20.75 -5.49
CA HIS F 73 -13.02 20.95 -6.63
C HIS F 73 -13.06 19.71 -7.53
N THR F 74 -11.90 19.13 -7.83
CA THR F 74 -11.87 17.92 -8.63
C THR F 74 -12.46 16.72 -7.89
N ASP F 75 -12.47 16.76 -6.55
CA ASP F 75 -13.10 15.68 -5.79
C ASP F 75 -14.62 15.75 -5.90
N ILE F 76 -15.19 16.95 -5.79
CA ILE F 76 -16.65 17.09 -5.82
C ILE F 76 -17.20 16.65 -7.17
N ILE F 77 -16.59 17.13 -8.26
CA ILE F 77 -17.07 16.80 -9.59
C ILE F 77 -17.09 15.29 -9.81
N SER F 78 -16.00 14.62 -9.44
CA SER F 78 -15.87 13.20 -9.73
C SER F 78 -16.59 12.32 -8.71
N LEU F 79 -16.88 12.83 -7.51
CA LEU F 79 -17.70 12.06 -6.58
C LEU F 79 -19.19 12.22 -6.87
N TRP F 80 -19.59 13.30 -7.55
CA TRP F 80 -20.99 13.54 -7.82
C TRP F 80 -21.52 12.65 -8.93
N ASP F 81 -20.70 12.40 -9.96
CA ASP F 81 -21.14 11.54 -11.06
C ASP F 81 -21.36 10.11 -10.59
N GLN F 82 -20.64 9.69 -9.55
CA GLN F 82 -20.88 8.37 -8.97
C GLN F 82 -22.26 8.30 -8.32
N SER F 83 -22.84 9.44 -7.98
CA SER F 83 -24.17 9.49 -7.41
C SER F 83 -25.28 9.31 -8.44
N LEU F 84 -24.93 9.16 -9.71
CA LEU F 84 -25.92 8.89 -10.75
C LEU F 84 -25.63 7.60 -11.50
N LYS F 85 -24.70 6.77 -11.01
CA LYS F 85 -24.31 5.54 -11.68
C LYS F 85 -25.28 4.40 -11.41
N PRO F 86 -25.58 4.05 -10.16
CA PRO F 86 -26.59 3.01 -9.91
C PRO F 86 -28.02 3.49 -10.04
N CYS F 87 -28.23 4.73 -10.47
CA CYS F 87 -29.56 5.32 -10.56
C CYS F 87 -30.18 5.04 -11.92
N VAL F 88 -31.49 5.29 -12.01
CA VAL F 88 -32.26 4.95 -13.20
C VAL F 88 -31.90 5.88 -14.34
N LYS F 89 -31.59 5.31 -15.51
CA LYS F 89 -31.31 6.10 -16.70
C LYS F 89 -32.61 6.57 -17.33
N LEU F 90 -32.61 7.80 -17.84
CA LEU F 90 -33.79 8.46 -18.38
C LEU F 90 -33.65 8.69 -19.89
N THR F 91 -33.09 7.70 -20.60
CA THR F 91 -32.93 7.86 -22.05
C THR F 91 -34.26 7.84 -22.81
N PRO F 92 -35.34 7.14 -22.37
CA PRO F 92 -36.56 7.17 -23.20
C PRO F 92 -37.32 8.47 -23.09
N LEU F 93 -36.71 9.47 -22.48
CA LEU F 93 -37.34 10.78 -22.35
C LEU F 93 -36.57 11.84 -23.12
N GLN F 98 -46.15 17.21 -26.02
CA GLN F 98 -47.45 17.89 -26.05
C GLN F 98 -47.73 18.59 -24.73
N CYS F 99 -47.60 19.92 -24.71
CA CYS F 99 -47.64 20.70 -23.49
C CYS F 99 -48.66 21.82 -23.58
N THR F 100 -49.12 22.25 -22.42
CA THR F 100 -49.96 23.43 -22.27
C THR F 100 -49.59 24.09 -20.94
N ASN F 101 -50.06 25.33 -20.76
CA ASN F 101 -49.74 26.09 -19.56
C ASN F 101 -50.45 25.53 -18.32
N ARG F 111 -48.12 34.18 -16.13
CA ARG F 111 -47.97 32.96 -16.92
C ARG F 111 -47.85 31.74 -16.01
N GLY F 112 -47.72 30.57 -16.62
CA GLY F 112 -47.58 29.33 -15.89
C GLY F 112 -46.13 28.92 -15.81
N GLU F 113 -45.61 28.88 -14.58
CA GLU F 113 -44.24 28.44 -14.37
C GLU F 113 -44.05 27.01 -14.83
N LEU F 114 -45.03 26.15 -14.60
CA LEU F 114 -45.00 24.77 -15.04
C LEU F 114 -45.93 24.57 -16.23
N LYS F 115 -45.74 23.45 -16.92
CA LYS F 115 -46.54 23.09 -18.09
C LYS F 115 -46.89 21.61 -18.00
N ASN F 116 -48.17 21.29 -18.22
CA ASN F 116 -48.64 19.90 -18.10
C ASN F 116 -48.39 19.21 -19.44
N CYS F 117 -47.24 18.54 -19.53
CA CYS F 117 -46.83 17.90 -20.76
C CYS F 117 -47.24 16.44 -20.78
N SER F 118 -47.81 16.00 -21.90
CA SER F 118 -48.16 14.61 -22.13
C SER F 118 -47.21 14.01 -23.17
N PHE F 119 -47.02 12.70 -23.08
CA PHE F 119 -46.11 12.01 -23.98
C PHE F 119 -46.32 10.51 -23.87
N ASN F 120 -45.98 9.79 -24.94
CA ASN F 120 -46.06 8.34 -24.92
C ASN F 120 -44.79 7.76 -24.32
N MET F 121 -44.94 6.82 -23.40
CA MET F 121 -43.83 6.23 -22.67
C MET F 121 -43.91 4.71 -22.75
N THR F 122 -42.76 4.08 -22.96
CA THR F 122 -42.69 2.63 -23.01
C THR F 122 -42.96 2.02 -21.64
N THR F 123 -43.65 0.89 -21.62
CA THR F 123 -43.91 0.18 -20.38
C THR F 123 -42.80 -0.85 -20.12
N GLU F 124 -43.08 -1.78 -19.21
CA GLU F 124 -42.23 -2.95 -19.03
C GLU F 124 -41.90 -3.60 -20.35
N LEU F 125 -42.91 -3.75 -21.20
CA LEU F 125 -42.78 -4.44 -22.47
C LEU F 125 -42.43 -3.45 -23.58
N ARG F 126 -41.69 -3.93 -24.57
CA ARG F 126 -41.26 -3.05 -25.66
C ARG F 126 -42.44 -2.57 -26.49
N ASP F 127 -43.42 -3.46 -26.73
CA ASP F 127 -44.49 -3.13 -27.65
C ASP F 127 -45.48 -2.13 -27.04
N LYS F 128 -45.94 -2.39 -25.82
CA LYS F 128 -46.99 -1.56 -25.24
C LYS F 128 -46.44 -0.19 -24.84
N LYS F 129 -47.35 0.79 -24.79
CA LYS F 129 -47.02 2.17 -24.47
C LYS F 129 -47.98 2.69 -23.40
N GLN F 130 -47.72 3.90 -22.92
CA GLN F 130 -48.52 4.46 -21.85
C GLN F 130 -48.58 5.99 -21.98
N LYS F 131 -49.79 6.52 -21.88
CA LYS F 131 -49.98 7.97 -21.83
C LYS F 131 -49.84 8.46 -20.40
N VAL F 132 -49.34 9.69 -20.24
CA VAL F 132 -48.97 10.20 -18.93
C VAL F 132 -49.33 11.69 -18.81
N TYR F 133 -49.65 12.09 -17.58
CA TYR F 133 -49.85 13.47 -17.20
C TYR F 133 -48.72 13.84 -16.24
N SER F 134 -47.84 14.76 -16.67
CA SER F 134 -46.73 15.19 -15.84
C SER F 134 -46.66 16.71 -15.81
N LEU F 135 -45.81 17.23 -14.93
CA LEU F 135 -45.68 18.67 -14.72
C LEU F 135 -44.19 19.02 -14.69
N PHE F 136 -43.70 19.67 -15.73
CA PHE F 136 -42.34 20.17 -15.79
C PHE F 136 -42.37 21.69 -15.80
N TYR F 137 -41.22 22.29 -15.49
CA TYR F 137 -41.11 23.74 -15.47
C TYR F 137 -40.75 24.26 -16.85
N ARG F 138 -40.93 25.58 -17.03
CA ARG F 138 -40.67 26.19 -18.32
C ARG F 138 -39.20 26.09 -18.70
N LEU F 139 -38.32 26.03 -17.71
CA LEU F 139 -36.88 26.05 -17.97
C LEU F 139 -36.35 24.69 -18.43
N ASP F 140 -37.01 23.60 -18.02
CA ASP F 140 -36.56 22.26 -18.38
C ASP F 140 -36.99 21.84 -19.77
N VAL F 141 -37.82 22.62 -20.45
CA VAL F 141 -38.36 22.23 -21.75
C VAL F 141 -38.10 23.32 -22.78
N ARG F 160 -40.01 18.57 -26.48
CA ARG F 160 -38.65 18.12 -26.21
C ARG F 160 -38.05 18.88 -25.03
N LEU F 161 -37.35 18.15 -24.17
CA LEU F 161 -36.65 18.75 -23.03
C LEU F 161 -35.31 19.30 -23.48
N ILE F 162 -34.83 20.32 -22.77
CA ILE F 162 -33.59 20.99 -23.15
C ILE F 162 -32.39 20.04 -23.07
N ASN F 163 -32.51 18.94 -22.32
CA ASN F 163 -31.36 18.07 -22.09
C ASN F 163 -30.90 17.41 -23.39
N CYS F 164 -31.85 17.00 -24.25
CA CYS F 164 -31.50 16.21 -25.43
C CYS F 164 -30.60 16.99 -26.38
N ASN F 165 -30.83 18.30 -26.51
CA ASN F 165 -30.00 19.11 -27.41
C ASN F 165 -28.53 19.08 -27.00
N THR F 166 -28.26 18.93 -25.71
CA THR F 166 -26.90 18.99 -25.18
C THR F 166 -26.33 17.63 -24.80
N SER F 167 -27.08 16.85 -24.01
CA SER F 167 -26.49 15.69 -23.36
C SER F 167 -27.54 14.62 -23.08
N ALA F 168 -27.08 13.44 -22.71
CA ALA F 168 -27.95 12.43 -22.13
C ALA F 168 -28.28 12.80 -20.70
N ILE F 169 -29.21 12.07 -20.10
CA ILE F 169 -29.76 12.43 -18.79
C ILE F 169 -29.96 11.19 -17.94
N THR F 170 -29.74 11.34 -16.63
CA THR F 170 -29.97 10.29 -15.65
C THR F 170 -30.67 10.89 -14.44
N GLN F 171 -31.75 10.27 -13.98
CA GLN F 171 -32.38 10.73 -12.76
C GLN F 171 -31.53 10.35 -11.56
N ALA F 172 -31.58 11.18 -10.53
CA ALA F 172 -30.89 10.87 -9.29
C ALA F 172 -31.58 9.72 -8.58
N CYS F 173 -30.80 8.97 -7.81
CA CYS F 173 -31.39 7.97 -6.92
C CYS F 173 -32.19 8.69 -5.84
N PRO F 174 -33.49 8.42 -5.69
CA PRO F 174 -34.27 9.12 -4.66
C PRO F 174 -33.90 8.73 -3.24
N LYS F 175 -33.08 7.69 -3.05
CA LYS F 175 -32.69 7.27 -1.71
C LYS F 175 -31.57 8.15 -1.15
N VAL F 176 -30.61 8.52 -2.00
CA VAL F 176 -29.50 9.36 -1.53
C VAL F 176 -29.98 10.79 -1.35
N SER F 177 -29.33 11.52 -0.45
CA SER F 177 -29.70 12.89 -0.12
C SER F 177 -28.54 13.82 -0.37
N PHE F 178 -28.88 15.07 -0.72
CA PHE F 178 -27.89 16.12 -0.96
C PHE F 178 -27.76 17.08 0.21
N GLU F 179 -28.02 16.60 1.42
CA GLU F 179 -27.94 17.47 2.59
C GLU F 179 -26.49 17.81 2.90
N PRO F 180 -26.14 19.09 3.00
CA PRO F 180 -24.75 19.46 3.31
C PRO F 180 -24.36 19.04 4.72
N ILE F 181 -23.22 18.35 4.83
CA ILE F 181 -22.69 17.93 6.12
C ILE F 181 -21.20 18.28 6.16
N PRO F 182 -20.68 18.69 7.32
CA PRO F 182 -19.30 19.20 7.36
C PRO F 182 -18.28 18.15 6.99
N ILE F 183 -17.29 18.56 6.17
CA ILE F 183 -16.23 17.70 5.69
C ILE F 183 -14.89 18.26 6.15
N HIS F 184 -14.05 17.40 6.69
CA HIS F 184 -12.70 17.75 7.10
C HIS F 184 -11.71 17.14 6.11
N TYR F 185 -10.81 17.97 5.58
CA TYR F 185 -9.73 17.53 4.72
C TYR F 185 -8.47 17.34 5.55
N CYS F 186 -7.85 16.17 5.43
CA CYS F 186 -6.71 15.78 6.26
C CYS F 186 -5.51 15.44 5.40
N ALA F 187 -4.27 15.62 6.01
CA ALA F 187 -2.98 15.32 5.41
C ALA F 187 -2.42 14.02 5.98
N PRO F 188 -1.88 13.15 5.13
CA PRO F 188 -1.35 11.88 5.61
C PRO F 188 -0.03 12.06 6.34
N ALA F 189 0.45 10.94 6.89
CA ALA F 189 1.68 10.94 7.66
C ALA F 189 2.85 11.45 6.82
N GLY F 190 3.78 12.12 7.48
CA GLY F 190 4.85 12.80 6.81
C GLY F 190 4.50 14.18 6.32
N PHE F 191 3.24 14.58 6.44
CA PHE F 191 2.78 15.91 6.06
C PHE F 191 2.08 16.57 7.24
N ALA F 192 1.71 17.82 7.03
CA ALA F 192 0.96 18.59 8.02
C ALA F 192 0.27 19.74 7.31
N ILE F 193 -0.76 20.29 7.96
CA ILE F 193 -1.51 21.42 7.45
C ILE F 193 -1.31 22.60 8.38
N LEU F 194 -0.93 23.74 7.81
CA LEU F 194 -0.72 24.96 8.58
C LEU F 194 -1.98 25.82 8.53
N LYS F 195 -2.37 26.33 9.69
CA LYS F 195 -3.55 27.17 9.84
C LYS F 195 -3.11 28.54 10.32
N CYS F 196 -3.61 29.59 9.67
CA CYS F 196 -3.30 30.96 10.08
C CYS F 196 -4.32 31.38 11.14
N LYS F 197 -3.84 31.44 12.38
CA LYS F 197 -4.68 31.88 13.49
C LYS F 197 -4.64 33.40 13.54
N ASP F 198 -5.18 34.02 12.50
CA ASP F 198 -5.37 35.46 12.46
C ASP F 198 -6.86 35.74 12.31
N LYS F 199 -7.36 36.71 13.08
CA LYS F 199 -8.77 37.06 13.00
C LYS F 199 -9.09 37.73 11.66
N LYS F 200 -8.18 38.57 11.17
CA LYS F 200 -8.39 39.30 9.92
C LYS F 200 -7.24 38.98 8.96
N PHE F 201 -7.56 38.27 7.88
CA PHE F 201 -6.57 37.75 6.96
C PHE F 201 -7.15 37.75 5.56
N ASN F 202 -6.45 38.34 4.59
CA ASN F 202 -6.93 38.35 3.22
C ASN F 202 -6.42 37.17 2.38
N GLY F 203 -5.64 36.26 2.97
CA GLY F 203 -5.22 35.07 2.28
C GLY F 203 -3.82 35.11 1.71
N THR F 204 -3.11 36.23 1.85
CA THR F 204 -1.76 36.38 1.30
C THR F 204 -0.90 37.15 2.30
N GLY F 205 0.42 36.99 2.17
CA GLY F 205 1.35 37.67 3.02
C GLY F 205 1.75 36.84 4.23
N PRO F 206 2.42 37.46 5.19
CA PRO F 206 2.92 36.72 6.35
C PRO F 206 1.88 36.55 7.45
N CYS F 207 1.92 35.37 8.08
CA CYS F 207 1.01 35.06 9.19
C CYS F 207 1.83 34.96 10.48
N PRO F 208 1.73 35.94 11.39
CA PRO F 208 2.60 35.91 12.58
C PRO F 208 2.22 34.84 13.58
N SER F 209 0.96 34.40 13.62
CA SER F 209 0.52 33.34 14.52
C SER F 209 0.06 32.17 13.68
N VAL F 210 0.90 31.15 13.56
CA VAL F 210 0.60 29.96 12.77
C VAL F 210 0.43 28.78 13.72
N SER F 211 -0.49 27.90 13.37
CA SER F 211 -0.64 26.62 14.04
C SER F 211 -0.73 25.53 12.99
N THR F 212 -0.69 24.28 13.42
CA THR F 212 -0.76 23.15 12.52
C THR F 212 -1.77 22.13 13.02
N VAL F 213 -2.47 21.50 12.09
CA VAL F 213 -3.44 20.45 12.39
C VAL F 213 -3.30 19.34 11.35
N GLN F 214 -3.72 18.14 11.73
CA GLN F 214 -3.81 17.07 10.75
C GLN F 214 -5.00 17.24 9.82
N CYS F 215 -6.05 17.96 10.26
CA CYS F 215 -7.31 18.02 9.53
C CYS F 215 -7.90 19.42 9.60
N THR F 216 -8.36 19.91 8.45
CA THR F 216 -9.10 21.16 8.38
C THR F 216 -10.39 21.05 9.21
N HIS F 217 -11.02 22.19 9.43
CA HIS F 217 -12.29 22.20 10.14
C HIS F 217 -13.40 21.63 9.25
N GLY F 218 -14.58 21.48 9.84
CA GLY F 218 -15.73 20.98 9.11
C GLY F 218 -16.23 21.94 8.04
N ILE F 219 -15.76 21.75 6.81
CA ILE F 219 -16.00 22.71 5.74
C ILE F 219 -17.25 22.32 4.98
N LYS F 220 -18.16 23.27 4.82
CA LYS F 220 -19.44 23.01 4.17
C LYS F 220 -19.27 23.01 2.66
N PRO F 221 -19.60 21.92 1.96
CA PRO F 221 -19.49 21.91 0.50
C PRO F 221 -20.70 22.51 -0.19
N VAL F 222 -21.40 23.40 0.51
CA VAL F 222 -22.67 23.95 0.06
C VAL F 222 -22.58 24.54 -1.33
N VAL F 223 -23.32 23.94 -2.28
CA VAL F 223 -23.39 24.46 -3.64
C VAL F 223 -24.34 25.65 -3.65
N SER F 224 -23.79 26.85 -3.49
CA SER F 224 -24.56 28.07 -3.63
C SER F 224 -23.83 28.98 -4.61
N THR F 225 -24.56 29.93 -5.18
CA THR F 225 -24.00 30.89 -6.10
C THR F 225 -24.32 32.30 -5.62
N GLN F 226 -23.46 33.24 -5.94
CA GLN F 226 -23.72 34.64 -5.61
C GLN F 226 -23.62 34.85 -4.10
N LEU F 227 -24.46 34.11 -3.38
CA LEU F 227 -24.52 34.14 -1.93
C LEU F 227 -23.87 32.88 -1.38
N LEU F 228 -22.92 33.06 -0.46
CA LEU F 228 -22.35 31.93 0.25
C LEU F 228 -23.25 31.58 1.42
N LEU F 229 -23.55 30.29 1.57
CA LEU F 229 -24.51 29.82 2.54
C LEU F 229 -23.84 28.84 3.50
N ASN F 230 -23.98 29.10 4.80
CA ASN F 230 -23.44 28.25 5.86
C ASN F 230 -21.92 28.12 5.78
N GLY F 231 -21.24 29.18 5.35
CA GLY F 231 -19.80 29.19 5.30
C GLY F 231 -19.18 29.61 6.62
N SER F 232 -17.86 29.81 6.59
CA SER F 232 -17.15 30.27 7.77
C SER F 232 -17.45 31.75 7.99
N LEU F 233 -17.71 32.11 9.24
CA LEU F 233 -17.99 33.49 9.62
C LEU F 233 -16.72 34.15 10.11
N ALA F 234 -16.38 35.28 9.50
CA ALA F 234 -15.20 36.02 9.93
C ALA F 234 -15.44 36.61 11.31
N GLU F 235 -14.41 36.55 12.15
CA GLU F 235 -14.47 37.24 13.42
C GLU F 235 -14.34 38.74 13.21
N GLU F 236 -14.99 39.51 14.08
CA GLU F 236 -14.96 40.99 14.16
C GLU F 236 -15.12 41.57 12.75
N GLU F 237 -14.22 42.44 12.28
CA GLU F 237 -14.45 43.17 11.04
C GLU F 237 -14.51 42.23 9.83
N VAL F 238 -15.44 42.52 8.91
CA VAL F 238 -15.53 41.78 7.66
C VAL F 238 -14.35 42.15 6.77
N MET F 239 -13.96 41.22 5.89
CA MET F 239 -12.81 41.41 5.03
C MET F 239 -13.16 41.02 3.59
N ILE F 240 -12.30 41.46 2.67
CA ILE F 240 -12.52 41.35 1.22
C ILE F 240 -11.28 40.73 0.59
N ARG F 241 -11.48 39.87 -0.41
CA ARG F 241 -10.40 39.10 -1.01
C ARG F 241 -10.59 38.97 -2.53
N SER F 242 -9.54 39.28 -3.30
CA SER F 242 -9.56 39.11 -4.75
C SER F 242 -8.15 38.77 -5.22
N GLU F 243 -8.06 37.85 -6.20
CA GLU F 243 -6.77 37.47 -6.74
C GLU F 243 -5.96 38.68 -7.18
N ASN F 244 -6.63 39.66 -7.77
CA ASN F 244 -5.99 40.91 -8.18
C ASN F 244 -7.00 42.02 -7.92
N ILE F 245 -6.66 42.94 -7.02
CA ILE F 245 -7.58 44.04 -6.72
C ILE F 245 -7.65 45.01 -7.90
N THR F 246 -6.50 45.35 -8.49
CA THR F 246 -6.46 46.26 -9.63
C THR F 246 -7.32 45.75 -10.80
N ASN F 247 -7.29 44.46 -11.06
CA ASN F 247 -8.03 43.90 -12.18
C ASN F 247 -9.48 43.70 -11.78
N ASN F 248 -10.39 44.29 -12.56
CA ASN F 248 -11.82 44.13 -12.28
C ASN F 248 -12.30 42.71 -12.59
N ALA F 249 -11.72 42.07 -13.60
CA ALA F 249 -12.24 40.77 -14.05
C ALA F 249 -12.11 39.71 -12.98
N LYS F 250 -11.14 39.83 -12.08
CA LYS F 250 -10.99 38.88 -11.00
C LYS F 250 -12.10 39.06 -9.98
N ASN F 251 -12.76 37.96 -9.61
CA ASN F 251 -13.89 38.02 -8.70
C ASN F 251 -13.45 38.54 -7.33
N ILE F 252 -14.42 38.99 -6.56
CA ILE F 252 -14.19 39.70 -5.29
C ILE F 252 -15.03 39.00 -4.22
N LEU F 253 -14.37 38.25 -3.34
CA LEU F 253 -15.04 37.42 -2.35
C LEU F 253 -15.21 38.18 -1.04
N VAL F 254 -16.45 38.23 -0.56
CA VAL F 254 -16.81 38.95 0.66
C VAL F 254 -17.16 37.94 1.74
N GLN F 255 -16.70 38.19 2.97
CA GLN F 255 -16.98 37.31 4.09
C GLN F 255 -17.71 38.10 5.17
N PHE F 256 -18.91 37.66 5.52
CA PHE F 256 -19.68 38.30 6.57
C PHE F 256 -19.12 37.94 7.94
N ASN F 257 -19.31 38.85 8.89
CA ASN F 257 -19.15 38.55 10.30
C ASN F 257 -20.49 38.42 11.02
N THR F 258 -21.48 39.17 10.56
CA THR F 258 -22.85 39.03 11.02
C THR F 258 -23.61 38.18 10.02
N PRO F 259 -24.14 37.02 10.40
CA PRO F 259 -24.86 36.17 9.44
C PRO F 259 -26.23 36.72 9.09
N VAL F 260 -26.68 36.38 7.89
CA VAL F 260 -27.94 36.89 7.34
C VAL F 260 -28.91 35.71 7.21
N GLN F 261 -29.97 35.75 7.99
CA GLN F 261 -31.00 34.72 7.92
C GLN F 261 -31.77 34.84 6.61
N ILE F 262 -32.07 33.70 6.01
CA ILE F 262 -32.73 33.67 4.71
C ILE F 262 -33.57 32.41 4.61
N ASN F 263 -34.85 32.59 4.28
CA ASN F 263 -35.81 31.51 4.12
C ASN F 263 -36.31 31.48 2.69
N CYS F 264 -36.32 30.29 2.10
CA CYS F 264 -36.99 30.05 0.83
C CYS F 264 -37.88 28.82 0.98
N THR F 265 -39.01 28.83 0.27
CA THR F 265 -40.02 27.80 0.46
C THR F 265 -40.71 27.51 -0.87
N ARG F 266 -40.85 26.22 -1.18
CA ARG F 266 -41.67 25.76 -2.30
C ARG F 266 -43.05 25.44 -1.77
N PRO F 267 -43.99 26.39 -1.80
CA PRO F 267 -45.21 26.31 -0.97
C PRO F 267 -46.36 25.53 -1.58
N ASN F 268 -46.16 24.73 -2.62
CA ASN F 268 -47.24 23.94 -3.21
C ASN F 268 -47.04 22.47 -2.88
N ASN F 269 -48.10 21.82 -2.41
CA ASN F 269 -48.06 20.41 -2.02
C ASN F 269 -48.14 19.57 -3.29
N ASN F 270 -46.99 19.07 -3.75
CA ASN F 270 -46.89 18.30 -4.98
C ASN F 270 -47.14 16.81 -4.72
N THR F 271 -47.34 16.07 -5.80
CA THR F 271 -47.62 14.64 -5.72
C THR F 271 -46.74 13.88 -6.69
N ARG F 272 -46.45 12.62 -6.34
CA ARG F 272 -45.58 11.76 -7.11
C ARG F 272 -46.31 10.48 -7.48
N LYS F 273 -46.45 10.23 -8.78
CA LYS F 273 -46.91 8.96 -9.30
C LYS F 273 -45.74 8.31 -10.02
N SER F 274 -45.35 7.12 -9.57
CA SER F 274 -44.19 6.42 -10.12
C SER F 274 -44.62 5.67 -11.37
N ILE F 275 -44.51 6.34 -12.52
CA ILE F 275 -44.90 5.70 -13.78
C ILE F 275 -43.87 4.64 -14.14
N ARG F 276 -44.36 3.53 -14.70
CA ARG F 276 -43.55 2.32 -14.86
C ARG F 276 -42.89 2.34 -16.23
N ILE F 277 -41.64 2.80 -16.27
CA ILE F 277 -40.89 2.88 -17.51
C ILE F 277 -39.91 1.72 -17.63
N GLY F 278 -40.47 0.41 -17.16
CA GLY F 278 -39.69 -0.81 -16.94
C GLY F 278 -38.77 -1.24 -18.06
N PRO F 279 -38.07 -2.37 -17.86
CA PRO F 279 -38.22 -3.27 -16.71
C PRO F 279 -37.42 -2.87 -15.48
N GLY F 280 -38.06 -2.93 -14.32
CA GLY F 280 -37.44 -2.52 -13.06
C GLY F 280 -37.27 -1.03 -12.85
N GLN F 281 -36.71 -0.33 -13.84
CA GLN F 281 -36.52 1.11 -13.73
C GLN F 281 -37.87 1.82 -13.71
N ALA F 282 -37.91 2.93 -12.99
CA ALA F 282 -39.16 3.66 -12.78
C ALA F 282 -38.87 5.15 -12.69
N PHE F 283 -39.58 5.94 -13.49
CA PHE F 283 -39.45 7.39 -13.48
C PHE F 283 -40.48 8.00 -12.55
N TYR F 284 -40.05 8.94 -11.72
CA TYR F 284 -40.92 9.56 -10.72
C TYR F 284 -41.49 10.85 -11.33
N ALA F 285 -42.70 10.73 -11.90
CA ALA F 285 -43.35 11.86 -12.56
C ALA F 285 -44.13 12.70 -11.56
N THR F 286 -44.53 13.89 -12.00
CA THR F 286 -45.25 14.82 -11.15
C THR F 286 -46.75 14.81 -11.47
N VAL F 300 -35.33 36.79 3.38
CA VAL F 300 -34.34 37.78 3.80
C VAL F 300 -35.01 38.97 4.46
N SER F 301 -34.30 39.62 5.37
CA SER F 301 -34.81 40.79 6.06
C SER F 301 -34.10 42.03 5.55
N LYS F 302 -34.90 43.03 5.13
CA LYS F 302 -34.31 44.31 4.76
C LYS F 302 -33.74 45.02 5.99
N ALA F 303 -34.30 44.75 7.17
CA ALA F 303 -33.79 45.34 8.40
C ALA F 303 -32.38 44.85 8.72
N THR F 304 -32.05 43.61 8.35
CA THR F 304 -30.73 43.04 8.62
C THR F 304 -29.76 43.18 7.45
N TRP F 305 -30.25 43.35 6.23
CA TRP F 305 -29.37 43.39 5.07
C TRP F 305 -28.60 44.71 4.97
N ASN F 306 -29.26 45.84 5.29
CA ASN F 306 -28.57 47.13 5.19
C ASN F 306 -27.52 47.28 6.29
N GLU F 307 -27.78 46.72 7.46
CA GLU F 307 -26.75 46.65 8.50
C GLU F 307 -25.51 45.95 7.96
N THR F 308 -25.71 44.84 7.25
CA THR F 308 -24.59 44.12 6.66
C THR F 308 -23.90 44.96 5.58
N LEU F 309 -24.67 45.46 4.62
CA LEU F 309 -24.10 46.28 3.56
C LEU F 309 -23.39 47.51 4.14
N GLY F 310 -24.01 48.17 5.11
CA GLY F 310 -23.39 49.33 5.73
C GLY F 310 -22.04 49.02 6.35
N LYS F 311 -21.82 47.76 6.74
CA LYS F 311 -20.50 47.34 7.17
C LYS F 311 -19.57 47.07 5.99
N VAL F 312 -20.14 46.74 4.83
CA VAL F 312 -19.32 46.39 3.68
C VAL F 312 -18.65 47.62 3.09
N VAL F 313 -19.36 48.75 3.04
CA VAL F 313 -18.74 49.97 2.54
C VAL F 313 -17.57 50.36 3.43
N LYS F 314 -17.73 50.25 4.75
CA LYS F 314 -16.60 50.41 5.66
C LYS F 314 -15.57 49.30 5.43
N GLN F 315 -16.03 48.10 5.06
CA GLN F 315 -15.10 47.03 4.73
C GLN F 315 -14.33 47.35 3.45
N LEU F 316 -15.00 47.95 2.47
CA LEU F 316 -14.30 48.31 1.23
C LEU F 316 -13.15 49.26 1.50
N ARG F 317 -13.34 50.18 2.46
CA ARG F 317 -12.27 51.06 2.95
C ARG F 317 -11.51 51.74 1.83
N LYS F 318 -10.18 51.79 1.96
CA LYS F 318 -9.33 52.54 1.05
C LYS F 318 -9.08 51.84 -0.28
N HIS F 319 -9.67 50.65 -0.50
CA HIS F 319 -9.36 49.89 -1.71
C HIS F 319 -9.77 50.64 -2.96
N PHE F 320 -10.93 51.27 -2.94
CA PHE F 320 -11.37 52.12 -4.05
C PHE F 320 -11.30 53.60 -3.72
N GLY F 321 -10.98 53.94 -2.49
CA GLY F 321 -10.95 55.31 -2.01
C GLY F 321 -12.14 55.61 -1.11
N ASN F 322 -11.90 56.46 -0.11
CA ASN F 322 -12.99 56.83 0.80
C ASN F 322 -14.04 57.69 0.08
N ASN F 323 -13.59 58.55 -0.83
CA ASN F 323 -14.48 59.56 -1.40
C ASN F 323 -15.47 58.95 -2.38
N THR F 324 -15.06 57.92 -3.12
CA THR F 324 -15.88 57.42 -4.22
C THR F 324 -17.18 56.80 -3.72
N ILE F 325 -18.21 56.90 -4.57
CA ILE F 325 -19.52 56.33 -4.27
C ILE F 325 -19.51 54.85 -4.64
N ILE F 326 -20.31 54.06 -3.94
CA ILE F 326 -20.37 52.62 -4.13
C ILE F 326 -21.78 52.27 -4.58
N ARG F 327 -21.91 51.79 -5.82
CA ARG F 327 -23.20 51.41 -6.38
C ARG F 327 -23.30 49.89 -6.42
N PHE F 328 -24.49 49.37 -6.10
CA PHE F 328 -24.78 47.95 -6.16
C PHE F 328 -25.83 47.72 -7.24
N ALA F 329 -25.51 46.87 -8.21
CA ALA F 329 -26.38 46.61 -9.34
C ALA F 329 -26.46 45.11 -9.58
N ASN F 330 -27.56 44.69 -10.19
CA ASN F 330 -27.74 43.27 -10.49
C ASN F 330 -26.69 42.81 -11.50
N SER F 331 -26.56 41.49 -11.60
CA SER F 331 -25.67 40.91 -12.61
C SER F 331 -26.11 41.34 -14.00
N SER F 332 -25.13 41.52 -14.89
CA SER F 332 -25.43 41.94 -16.24
C SER F 332 -25.90 40.80 -17.13
N GLY F 333 -25.58 39.56 -16.78
CA GLY F 333 -26.03 38.43 -17.58
C GLY F 333 -25.00 37.33 -17.69
N GLY F 334 -25.34 36.29 -18.45
CA GLY F 334 -24.47 35.15 -18.62
C GLY F 334 -25.23 33.84 -18.51
N ASP F 335 -24.58 32.80 -17.97
CA ASP F 335 -25.27 31.55 -17.72
C ASP F 335 -26.24 31.71 -16.54
N LEU F 336 -27.29 30.88 -16.54
CA LEU F 336 -28.32 31.00 -15.51
C LEU F 336 -27.76 30.69 -14.12
N GLU F 337 -26.70 29.89 -14.04
CA GLU F 337 -26.10 29.60 -12.75
C GLU F 337 -25.34 30.79 -12.18
N VAL F 338 -25.00 31.77 -13.03
CA VAL F 338 -24.37 33.00 -12.58
C VAL F 338 -25.40 34.07 -12.22
N THR F 339 -26.44 34.21 -13.06
CA THR F 339 -27.41 35.29 -12.89
C THR F 339 -28.22 35.15 -11.61
N THR F 340 -28.18 34.00 -10.95
CA THR F 340 -29.16 33.65 -9.93
C THR F 340 -28.48 33.02 -8.74
N HIS F 341 -29.03 33.26 -7.54
CA HIS F 341 -28.57 32.62 -6.31
C HIS F 341 -29.05 31.17 -6.32
N SER F 342 -28.36 30.35 -7.12
CA SER F 342 -28.74 28.96 -7.31
C SER F 342 -28.22 28.11 -6.17
N PHE F 343 -29.10 27.30 -5.57
CA PHE F 343 -28.68 26.34 -4.56
C PHE F 343 -29.76 25.27 -4.43
N ASN F 344 -29.36 24.14 -3.87
CA ASN F 344 -30.31 23.09 -3.52
C ASN F 344 -30.89 23.37 -2.14
N CYS F 345 -32.19 23.10 -1.98
CA CYS F 345 -32.88 23.20 -0.71
C CYS F 345 -33.93 22.10 -0.65
N GLY F 346 -33.80 21.20 0.30
CA GLY F 346 -34.74 20.11 0.44
C GLY F 346 -34.79 19.16 -0.74
N GLY F 347 -33.74 19.11 -1.56
CA GLY F 347 -33.71 18.25 -2.72
C GLY F 347 -34.18 18.88 -4.01
N GLU F 348 -34.95 19.97 -3.93
CA GLU F 348 -35.38 20.71 -5.10
C GLU F 348 -34.47 21.93 -5.28
N PHE F 349 -34.02 22.16 -6.50
CA PHE F 349 -33.00 23.16 -6.75
C PHE F 349 -33.64 24.53 -6.89
N PHE F 350 -33.18 25.48 -6.07
CA PHE F 350 -33.75 26.82 -6.03
C PHE F 350 -32.93 27.76 -6.90
N TYR F 351 -33.64 28.57 -7.67
CA TYR F 351 -33.06 29.68 -8.42
C TYR F 351 -33.86 30.92 -8.08
N CYS F 352 -33.23 31.87 -7.40
CA CYS F 352 -33.90 33.06 -6.88
C CYS F 352 -33.20 34.32 -7.35
N ASN F 353 -33.97 35.29 -7.83
CA ASN F 353 -33.45 36.55 -8.35
C ASN F 353 -33.08 37.47 -7.20
N THR F 354 -31.82 37.93 -7.19
CA THR F 354 -31.30 38.76 -6.11
C THR F 354 -31.25 40.25 -6.49
N SER F 355 -31.97 40.65 -7.54
CA SER F 355 -32.01 42.07 -7.91
C SER F 355 -32.59 42.93 -6.80
N GLY F 356 -33.39 42.34 -5.90
CA GLY F 356 -33.95 43.07 -4.76
C GLY F 356 -33.00 43.36 -3.64
N LEU F 357 -31.83 42.71 -3.61
CA LEU F 357 -30.79 42.99 -2.64
C LEU F 357 -29.72 43.93 -3.17
N PHE F 358 -29.43 43.88 -4.48
CA PHE F 358 -28.34 44.62 -5.07
C PHE F 358 -28.82 45.80 -5.91
N ASN F 359 -29.56 46.73 -5.29
CA ASN F 359 -29.99 47.97 -5.95
C ASN F 359 -29.72 49.10 -4.96
N SER F 360 -28.60 49.80 -5.14
CA SER F 360 -28.22 50.82 -4.17
C SER F 360 -27.13 51.71 -4.76
N THR F 361 -26.98 52.89 -4.16
CA THR F 361 -25.92 53.85 -4.49
C THR F 361 -25.51 54.50 -3.16
N TRP F 362 -24.33 54.12 -2.64
CA TRP F 362 -23.93 54.46 -1.28
C TRP F 362 -22.97 55.66 -1.28
N ILE F 363 -23.45 56.79 -0.77
CA ILE F 363 -22.59 57.97 -0.65
C ILE F 363 -21.61 57.78 0.51
N SER F 364 -20.51 58.53 0.46
CA SER F 364 -19.50 58.50 1.51
C SER F 364 -20.13 58.66 2.89
N ASN F 365 -21.09 59.57 3.02
CA ASN F 365 -21.69 59.86 4.31
C ASN F 365 -23.22 59.93 4.21
N ILE F 380 -38.02 42.38 2.55
CA ILE F 380 -37.00 42.04 1.57
C ILE F 380 -37.16 40.61 1.07
N THR F 381 -38.09 40.41 0.13
CA THR F 381 -38.33 39.10 -0.45
C THR F 381 -37.82 39.08 -1.89
N LEU F 382 -37.33 37.91 -2.30
CA LEU F 382 -36.82 37.72 -3.64
C LEU F 382 -37.61 36.64 -4.39
N PRO F 383 -37.82 36.80 -5.69
CA PRO F 383 -38.52 35.76 -6.46
C PRO F 383 -37.71 34.48 -6.51
N CYS F 384 -38.36 33.39 -6.91
CA CYS F 384 -37.70 32.09 -6.98
C CYS F 384 -38.38 31.22 -8.04
N ARG F 385 -37.57 30.48 -8.81
CA ARG F 385 -38.06 29.54 -9.80
C ARG F 385 -37.26 28.25 -9.72
N ILE F 386 -37.79 27.18 -10.32
CA ILE F 386 -37.24 25.85 -10.17
C ILE F 386 -36.87 25.29 -11.55
N LYS F 387 -35.78 24.53 -11.58
CA LYS F 387 -35.41 23.71 -12.73
C LYS F 387 -35.37 22.25 -12.29
N GLN F 388 -36.08 21.39 -13.03
CA GLN F 388 -36.15 19.97 -12.66
C GLN F 388 -34.84 19.25 -12.91
N ILE F 389 -34.03 19.71 -13.88
CA ILE F 389 -32.80 19.05 -14.26
C ILE F 389 -31.66 20.07 -14.26
N ILE F 390 -30.44 19.56 -14.10
CA ILE F 390 -29.26 20.42 -13.96
C ILE F 390 -28.06 19.76 -14.63
N ASN F 391 -27.15 20.61 -15.15
CA ASN F 391 -25.84 20.18 -15.63
C ASN F 391 -24.75 20.94 -14.88
N MET F 392 -24.69 20.77 -13.56
CA MET F 392 -23.78 21.55 -12.73
C MET F 392 -22.32 21.34 -13.16
N TRP F 393 -21.51 22.37 -12.97
CA TRP F 393 -20.08 22.41 -13.27
C TRP F 393 -19.79 22.44 -14.77
N GLN F 394 -20.72 22.98 -15.57
CA GLN F 394 -20.60 23.03 -17.03
C GLN F 394 -20.35 21.66 -17.64
N ARG F 395 -20.69 20.60 -16.91
CA ARG F 395 -20.46 19.24 -17.38
C ARG F 395 -21.49 18.87 -18.44
N ILE F 396 -21.04 18.60 -19.65
CA ILE F 396 -21.90 18.21 -20.75
C ILE F 396 -21.64 16.74 -21.06
N GLY F 397 -22.67 16.08 -21.59
CA GLY F 397 -22.73 14.63 -21.62
C GLY F 397 -23.41 14.01 -20.42
N GLN F 398 -23.48 14.75 -19.31
CA GLN F 398 -24.10 14.27 -18.08
C GLN F 398 -25.18 15.25 -17.66
N ALA F 399 -26.35 14.74 -17.31
CA ALA F 399 -27.47 15.55 -16.89
C ALA F 399 -28.29 14.77 -15.86
N MET F 400 -28.69 15.44 -14.79
CA MET F 400 -29.42 14.81 -13.71
C MET F 400 -30.83 15.39 -13.63
N TYR F 401 -31.83 14.51 -13.62
CA TYR F 401 -33.20 14.91 -13.32
C TYR F 401 -33.45 14.75 -11.83
N ALA F 402 -33.93 15.81 -11.21
CA ALA F 402 -34.27 15.75 -9.79
C ALA F 402 -35.69 15.25 -9.62
N PRO F 403 -35.88 14.03 -9.10
CA PRO F 403 -37.22 13.56 -8.79
C PRO F 403 -37.83 14.38 -7.67
N PRO F 404 -38.97 15.02 -7.92
CA PRO F 404 -39.56 15.92 -6.91
C PRO F 404 -39.92 15.19 -5.62
N ILE F 405 -40.18 15.99 -4.59
CA ILE F 405 -40.41 15.49 -3.24
C ILE F 405 -41.86 15.76 -2.86
N GLN F 406 -42.49 14.78 -2.19
CA GLN F 406 -43.84 14.96 -1.70
C GLN F 406 -43.86 15.99 -0.56
N GLY F 407 -44.77 16.96 -0.65
CA GLY F 407 -44.95 17.93 0.42
C GLY F 407 -44.32 19.28 0.11
N VAL F 408 -44.54 20.20 1.04
CA VAL F 408 -44.02 21.56 0.94
C VAL F 408 -42.61 21.60 1.50
N ILE F 409 -41.75 22.43 0.88
CA ILE F 409 -40.33 22.51 1.20
C ILE F 409 -40.05 23.85 1.87
N ARG F 410 -39.37 23.81 3.02
CA ARG F 410 -38.95 25.02 3.71
C ARG F 410 -37.51 24.89 4.17
N CYS F 411 -36.73 25.95 3.97
CA CYS F 411 -35.32 25.99 4.38
C CYS F 411 -35.05 27.27 5.15
N VAL F 412 -34.09 27.22 6.07
CA VAL F 412 -33.59 28.38 6.80
C VAL F 412 -32.08 28.24 6.88
N SER F 413 -31.34 29.05 6.13
CA SER F 413 -29.89 29.02 6.12
C SER F 413 -29.34 30.39 6.48
N ASN F 414 -28.04 30.43 6.76
CA ASN F 414 -27.32 31.67 7.01
C ASN F 414 -26.59 32.07 5.74
N ILE F 415 -26.82 33.30 5.27
CA ILE F 415 -25.95 33.89 4.25
C ILE F 415 -24.66 34.31 4.95
N THR F 416 -23.55 33.73 4.49
CA THR F 416 -22.27 33.95 5.15
C THR F 416 -21.28 34.75 4.33
N GLY F 417 -21.58 35.04 3.06
CA GLY F 417 -20.66 35.79 2.25
C GLY F 417 -21.19 35.98 0.85
N LEU F 418 -20.50 36.84 0.12
CA LEU F 418 -20.86 37.17 -1.26
C LEU F 418 -19.70 36.83 -2.19
N ILE F 419 -20.04 36.67 -3.46
CA ILE F 419 -19.06 36.67 -4.54
C ILE F 419 -19.45 37.83 -5.45
N LEU F 420 -18.49 38.69 -5.77
CA LEU F 420 -18.79 39.93 -6.46
C LEU F 420 -17.80 40.18 -7.59
N THR F 421 -18.30 40.84 -8.64
CA THR F 421 -17.50 41.24 -9.78
C THR F 421 -17.53 42.77 -9.89
N ARG F 422 -16.77 43.30 -10.86
CA ARG F 422 -16.53 44.72 -10.94
C ARG F 422 -16.53 45.16 -12.40
N ASP F 423 -16.73 46.46 -12.61
CA ASP F 423 -16.89 47.05 -13.95
C ASP F 423 -15.57 47.60 -14.46
N GLY F 424 -15.52 47.79 -15.78
CA GLY F 424 -14.35 48.34 -16.44
C GLY F 424 -14.38 49.85 -16.49
N SER F 429 -13.66 58.15 -12.74
CA SER F 429 -14.39 59.10 -11.93
C SER F 429 -14.51 58.61 -10.49
N THR F 430 -15.73 58.29 -10.07
CA THR F 430 -15.96 57.75 -8.73
C THR F 430 -17.10 56.73 -8.73
N THR F 431 -17.29 56.02 -9.84
CA THR F 431 -18.39 55.06 -9.98
C THR F 431 -17.83 53.65 -9.81
N GLU F 432 -18.34 52.94 -8.80
CA GLU F 432 -17.98 51.55 -8.54
C GLU F 432 -19.24 50.71 -8.58
N THR F 433 -19.30 49.77 -9.53
CA THR F 433 -20.43 48.88 -9.68
C THR F 433 -20.06 47.48 -9.22
N PHE F 434 -20.96 46.84 -8.48
CA PHE F 434 -20.73 45.52 -7.93
C PHE F 434 -21.90 44.61 -8.26
N ARG F 435 -21.60 43.45 -8.80
CA ARG F 435 -22.58 42.46 -9.24
C ARG F 435 -22.44 41.20 -8.39
N PRO F 436 -23.48 40.38 -8.32
CA PRO F 436 -23.34 39.08 -7.65
C PRO F 436 -22.44 38.15 -8.45
N GLY F 437 -21.81 37.20 -7.74
CA GLY F 437 -20.74 36.43 -8.33
C GLY F 437 -21.17 35.11 -8.94
N GLY F 438 -20.30 34.58 -9.77
CA GLY F 438 -20.53 33.32 -10.44
C GLY F 438 -19.25 32.81 -11.03
N GLY F 439 -19.38 32.07 -12.12
CA GLY F 439 -18.22 31.47 -12.76
C GLY F 439 -17.79 30.17 -12.10
N ASP F 440 -16.48 30.01 -11.91
CA ASP F 440 -15.98 28.81 -11.25
C ASP F 440 -16.56 28.70 -9.85
N MET F 441 -16.96 27.49 -9.48
CA MET F 441 -17.38 27.26 -8.11
C MET F 441 -16.20 27.11 -7.17
N ARG F 442 -14.97 27.11 -7.69
CA ARG F 442 -13.80 26.97 -6.83
C ARG F 442 -13.66 28.14 -5.87
N ASP F 443 -14.15 29.32 -6.26
CA ASP F 443 -14.05 30.48 -5.39
C ASP F 443 -14.72 30.23 -4.05
N ASN F 444 -15.85 29.53 -4.04
CA ASN F 444 -16.57 29.35 -2.79
C ASN F 444 -15.80 28.43 -1.84
N TRP F 445 -15.12 27.42 -2.38
CA TRP F 445 -14.21 26.63 -1.54
C TRP F 445 -13.13 27.53 -0.94
N ARG F 446 -12.63 28.49 -1.74
CA ARG F 446 -11.63 29.43 -1.24
C ARG F 446 -12.16 30.27 -0.09
N SER F 447 -13.49 30.39 0.05
CA SER F 447 -14.04 31.05 1.22
C SER F 447 -13.89 30.23 2.49
N GLU F 448 -13.39 28.99 2.37
CA GLU F 448 -13.11 28.13 3.52
C GLU F 448 -11.64 27.75 3.63
N LEU F 449 -10.93 27.63 2.51
CA LEU F 449 -9.56 27.12 2.48
C LEU F 449 -8.51 28.23 2.45
N TYR F 450 -8.88 29.45 2.84
CA TYR F 450 -7.92 30.55 2.85
C TYR F 450 -6.94 30.44 4.02
N LYS F 451 -7.35 29.80 5.11
CA LYS F 451 -6.51 29.69 6.29
C LYS F 451 -5.50 28.55 6.23
N TYR F 452 -5.47 27.80 5.12
CA TYR F 452 -4.78 26.51 5.10
C TYR F 452 -3.79 26.43 3.96
N LYS F 453 -2.77 25.60 4.15
CA LYS F 453 -1.82 25.23 3.13
C LYS F 453 -1.07 24.00 3.61
N VAL F 454 -0.70 23.14 2.65
CA VAL F 454 -0.11 21.83 2.93
C VAL F 454 1.40 21.95 2.94
N VAL F 455 2.04 21.33 3.93
CA VAL F 455 3.49 21.33 4.03
C VAL F 455 3.99 19.90 4.24
N LYS F 456 5.17 19.64 3.69
CA LYS F 456 5.84 18.36 3.77
C LYS F 456 6.85 18.39 4.90
N ILE F 457 6.87 17.34 5.72
CA ILE F 457 7.73 17.30 6.90
C ILE F 457 9.07 16.69 6.53
N GLU F 458 10.16 17.41 6.80
CA GLU F 458 11.52 16.95 6.53
C GLU F 458 12.26 16.75 7.85
N PRO F 459 12.18 15.56 8.46
CA PRO F 459 12.62 15.40 9.85
C PRO F 459 14.11 15.13 10.02
N LEU F 460 14.84 14.84 8.93
CA LEU F 460 16.25 14.53 9.03
C LEU F 460 17.07 15.82 9.05
N GLY F 461 18.00 15.89 9.98
CA GLY F 461 18.90 17.02 10.06
C GLY F 461 20.29 16.56 10.43
N VAL F 462 21.28 17.28 9.90
CA VAL F 462 22.69 17.08 10.25
C VAL F 462 23.24 18.41 10.74
N ALA F 463 24.04 18.36 11.81
CA ALA F 463 24.60 19.53 12.44
C ALA F 463 25.82 19.10 13.24
N PRO F 464 26.71 20.02 13.58
CA PRO F 464 27.84 19.68 14.46
C PRO F 464 27.54 19.87 15.93
N THR F 465 28.02 18.92 16.77
CA THR F 465 27.83 19.01 18.21
C THR F 465 29.05 18.62 19.04
N ARG F 466 30.18 18.32 18.42
CA ARG F 466 31.42 18.00 19.11
C ARG F 466 31.35 16.68 19.90
N CYS F 467 30.43 15.79 19.55
CA CYS F 467 30.47 14.43 20.07
C CYS F 467 30.98 13.49 18.98
N LYS F 468 31.73 12.48 19.39
CA LYS F 468 32.24 11.47 18.48
C LYS F 468 31.69 10.10 18.88
N ARG F 469 31.48 9.26 17.89
CA ARG F 469 30.97 7.91 18.14
C ARG F 469 32.01 7.10 18.92
N ARG F 470 31.52 6.31 19.87
CA ARG F 470 32.41 5.48 20.68
C ARG F 470 32.98 4.34 19.85
N VAL F 471 34.30 4.12 19.98
CA VAL F 471 34.97 3.05 19.24
C VAL F 471 35.89 2.28 20.18
N GLN G 1 3.24 40.71 -16.21
CA GLN G 1 4.67 40.83 -15.95
C GLN G 1 4.95 41.96 -14.97
N ILE G 2 6.06 41.86 -14.25
CA ILE G 2 6.43 42.87 -13.26
C ILE G 2 7.12 44.02 -13.97
N HIS G 3 6.57 45.23 -13.80
CA HIS G 3 7.22 46.44 -14.24
C HIS G 3 7.28 47.41 -13.07
N LEU G 4 8.46 47.91 -12.79
CA LEU G 4 8.67 48.87 -11.71
C LEU G 4 8.99 50.22 -12.33
N VAL G 5 8.14 51.21 -12.08
CA VAL G 5 8.31 52.56 -12.61
C VAL G 5 8.49 53.51 -11.43
N GLN G 6 9.48 54.37 -11.52
CA GLN G 6 9.82 55.30 -10.47
C GLN G 6 9.43 56.72 -10.87
N SER G 7 9.57 57.65 -9.93
CA SER G 7 9.18 59.03 -10.17
C SER G 7 10.13 59.70 -11.17
N GLY G 8 9.80 60.92 -11.55
CA GLY G 8 10.63 61.67 -12.46
C GLY G 8 11.90 62.20 -11.81
N THR G 9 12.86 62.56 -12.65
CA THR G 9 14.10 63.15 -12.17
C THR G 9 13.82 64.45 -11.45
N GLU G 10 14.52 64.66 -10.33
CA GLU G 10 14.32 65.85 -9.51
C GLU G 10 15.65 66.50 -9.19
N VAL G 11 15.63 67.83 -9.19
CA VAL G 11 16.77 68.65 -8.81
C VAL G 11 16.47 69.27 -7.45
N LYS G 12 17.43 69.19 -6.54
CA LYS G 12 17.23 69.68 -5.19
C LYS G 12 18.49 70.36 -4.70
N LYS G 13 18.30 71.30 -3.78
CA LYS G 13 19.38 72.06 -3.19
C LYS G 13 19.78 71.48 -1.84
N PRO G 14 21.04 71.68 -1.43
CA PRO G 14 21.53 71.04 -0.20
C PRO G 14 20.66 71.37 1.02
N GLY G 15 20.53 70.39 1.91
CA GLY G 15 19.69 70.52 3.08
C GLY G 15 18.22 70.25 2.86
N SER G 16 17.79 70.09 1.61
CA SER G 16 16.38 69.81 1.34
C SER G 16 16.08 68.33 1.55
N SER G 17 14.79 68.01 1.50
CA SER G 17 14.31 66.64 1.51
C SER G 17 13.68 66.31 0.16
N VAL G 18 13.37 65.02 -0.02
CA VAL G 18 12.87 64.54 -1.30
C VAL G 18 12.26 63.16 -1.11
N THR G 19 11.17 62.89 -1.84
CA THR G 19 10.50 61.60 -1.79
C THR G 19 10.36 61.07 -3.22
N VAL G 20 10.91 59.89 -3.47
CA VAL G 20 10.79 59.25 -4.78
C VAL G 20 9.78 58.12 -4.67
N SER G 21 8.90 58.03 -5.67
CA SER G 21 7.83 57.06 -5.72
C SER G 21 8.23 55.89 -6.63
N CYS G 22 7.57 54.76 -6.44
CA CYS G 22 7.86 53.56 -7.24
C CYS G 22 6.59 52.72 -7.34
N LYS G 23 5.93 52.77 -8.49
CA LYS G 23 4.78 51.93 -8.74
C LYS G 23 5.24 50.55 -9.18
N ALA G 24 4.77 49.55 -8.44
CA ALA G 24 5.08 48.18 -8.75
C ALA G 24 3.88 47.63 -9.47
N TYR G 25 4.00 47.59 -10.78
CA TYR G 25 3.06 46.85 -11.62
C TYR G 25 3.50 45.39 -11.74
N GLY G 26 2.50 44.51 -11.88
CA GLY G 26 2.71 43.08 -11.88
C GLY G 26 2.91 42.46 -10.51
N VAL G 27 3.39 43.24 -9.55
CA VAL G 27 3.54 42.74 -8.18
C VAL G 27 2.17 42.46 -7.59
N ASN G 28 2.00 41.27 -7.01
CA ASN G 28 0.70 40.89 -6.45
C ASN G 28 0.47 41.53 -5.08
N THR G 29 1.48 41.51 -4.22
CA THR G 29 1.42 42.18 -2.92
C THR G 29 2.83 42.29 -2.37
N PHE G 30 3.02 43.24 -1.46
CA PHE G 30 4.27 43.33 -0.73
C PHE G 30 4.33 42.36 0.44
N GLY G 31 3.28 41.55 0.65
CA GLY G 31 3.39 40.43 1.55
C GLY G 31 4.12 39.24 0.97
N LEU G 32 4.19 39.16 -0.36
CA LEU G 32 4.91 38.09 -1.05
C LEU G 32 6.09 38.61 -1.87
N TYR G 33 6.40 39.90 -1.78
CA TYR G 33 7.56 40.51 -2.41
C TYR G 33 8.12 41.57 -1.46
N ALA G 34 9.44 41.74 -1.49
CA ALA G 34 10.12 42.73 -0.67
C ALA G 34 10.71 43.82 -1.54
N VAL G 35 10.79 45.02 -0.99
CA VAL G 35 11.25 46.20 -1.72
C VAL G 35 12.58 46.66 -1.12
N ASN G 36 13.60 46.77 -1.96
CA ASN G 36 14.91 47.24 -1.55
C ASN G 36 15.28 48.47 -2.37
N TRP G 37 15.78 49.51 -1.70
CA TRP G 37 16.18 50.75 -2.36
C TRP G 37 17.69 50.84 -2.38
N VAL G 38 18.26 50.96 -3.58
CA VAL G 38 19.71 51.02 -3.78
C VAL G 38 20.02 52.22 -4.65
N ARG G 39 21.06 52.96 -4.28
CA ARG G 39 21.53 54.08 -5.08
C ARG G 39 22.87 53.74 -5.72
N GLN G 40 23.11 54.31 -6.90
CA GLN G 40 24.37 54.17 -7.61
C GLN G 40 24.93 55.56 -7.88
N ALA G 41 26.01 55.89 -7.18
CA ALA G 41 26.70 57.16 -7.42
C ALA G 41 27.19 57.21 -8.87
N PRO G 42 27.41 58.41 -9.41
CA PRO G 42 27.85 58.54 -10.81
C PRO G 42 29.11 57.74 -11.11
N GLY G 43 29.05 56.86 -12.11
CA GLY G 43 30.21 56.05 -12.46
C GLY G 43 30.79 55.29 -11.29
N GLN G 44 29.94 54.84 -10.37
CA GLN G 44 30.38 54.19 -9.15
C GLN G 44 29.70 52.84 -8.99
N SER G 45 30.04 52.18 -7.88
CA SER G 45 29.41 50.96 -7.40
C SER G 45 28.08 51.25 -6.68
N LEU G 46 27.28 50.21 -6.50
CA LEU G 46 25.95 50.36 -5.92
C LEU G 46 26.03 50.27 -4.41
N GLU G 47 25.04 50.86 -3.74
CA GLU G 47 25.05 50.95 -2.29
C GLU G 47 23.63 50.74 -1.76
N TYR G 48 23.50 49.86 -0.77
CA TYR G 48 22.20 49.55 -0.19
C TYR G 48 21.79 50.65 0.78
N ILE G 49 20.58 51.17 0.60
CA ILE G 49 20.04 52.23 1.45
C ILE G 49 19.12 51.61 2.49
N GLY G 50 18.09 50.92 2.03
CA GLY G 50 17.19 50.26 2.94
C GLY G 50 16.27 49.32 2.20
N GLN G 51 15.28 48.82 2.94
CA GLN G 51 14.31 47.88 2.38
C GLN G 51 13.02 48.00 3.16
N ILE G 52 12.01 47.25 2.71
CA ILE G 52 10.79 47.07 3.50
C ILE G 52 10.23 45.69 3.24
N TRP G 53 10.31 44.82 4.23
CA TRP G 53 9.90 43.43 4.11
C TRP G 53 9.03 43.06 5.31
N ARG G 54 7.98 42.28 5.05
CA ARG G 54 6.96 41.97 6.06
C ARG G 54 6.40 43.23 6.69
N TRP G 55 6.33 44.31 5.89
CA TRP G 55 5.89 45.62 6.36
C TRP G 55 6.77 46.14 7.49
N LYS G 56 8.08 45.90 7.37
CA LYS G 56 9.06 46.37 8.35
C LYS G 56 10.08 47.26 7.64
N SER G 57 10.10 48.53 8.02
CA SER G 57 11.04 49.48 7.44
C SER G 57 12.41 49.36 8.09
N SER G 58 13.46 49.60 7.30
CA SER G 58 14.83 49.43 7.77
C SER G 58 15.77 50.21 6.86
N ALA G 59 16.94 50.57 7.41
CA ALA G 59 17.93 51.31 6.65
C ALA G 59 19.33 50.91 7.10
N SER G 60 20.28 51.02 6.18
CA SER G 60 21.67 50.72 6.45
C SER G 60 22.25 51.71 7.45
N HIS G 61 23.26 51.24 8.21
CA HIS G 61 23.84 52.07 9.28
C HIS G 61 24.36 53.39 8.75
N HIS G 62 24.96 53.38 7.54
CA HIS G 62 25.48 54.62 6.97
C HIS G 62 24.35 55.62 6.71
N PHE G 63 23.20 55.12 6.25
CA PHE G 63 22.02 55.93 6.01
C PHE G 63 20.99 55.82 7.13
N ARG G 64 21.34 55.18 8.24
CA ARG G 64 20.38 54.90 9.30
C ARG G 64 19.85 56.18 9.92
N GLY G 65 18.53 56.27 10.05
CA GLY G 65 17.87 57.42 10.64
C GLY G 65 17.79 58.64 9.74
N ARG G 66 18.49 58.66 8.62
CA ARG G 66 18.50 59.78 7.68
C ARG G 66 17.47 59.63 6.57
N VAL G 67 16.85 58.45 6.45
CA VAL G 67 16.00 58.10 5.32
C VAL G 67 14.76 57.40 5.86
N LEU G 68 13.63 57.56 5.16
CA LEU G 68 12.38 56.92 5.52
C LEU G 68 11.80 56.22 4.29
N ILE G 69 11.57 54.91 4.42
CA ILE G 69 11.12 54.08 3.30
C ILE G 69 9.75 53.54 3.65
N SER G 70 8.72 54.05 2.99
CA SER G 70 7.36 53.59 3.17
C SER G 70 6.85 52.93 1.89
N ALA G 71 5.85 52.07 2.06
CA ALA G 71 5.19 51.42 0.94
C ALA G 71 3.73 51.17 1.31
N VAL G 72 2.87 51.13 0.29
CA VAL G 72 1.45 50.87 0.48
C VAL G 72 1.03 49.75 -0.45
N ASP G 73 0.15 48.89 0.04
CA ASP G 73 -0.31 47.73 -0.71
C ASP G 73 -1.17 48.15 -1.91
N LEU G 74 -1.55 47.13 -2.68
CA LEU G 74 -2.40 47.27 -3.84
C LEU G 74 -3.73 47.93 -3.51
N THR G 75 -4.24 48.72 -4.44
CA THR G 75 -5.60 49.25 -4.39
C THR G 75 -6.28 48.95 -5.73
N GLY G 76 -7.62 49.00 -5.72
CA GLY G 76 -8.35 48.85 -6.96
C GLY G 76 -8.00 49.92 -7.98
N SER G 77 -7.63 51.11 -7.50
CA SER G 77 -7.22 52.19 -8.38
C SER G 77 -5.81 52.00 -8.91
N SER G 78 -4.88 51.58 -8.06
CA SER G 78 -3.46 51.64 -8.41
C SER G 78 -2.70 50.44 -7.86
N PRO G 79 -1.63 50.04 -8.54
CA PRO G 79 -0.79 48.93 -8.05
C PRO G 79 -0.05 49.32 -6.78
N PRO G 80 0.52 48.35 -6.06
CA PRO G 80 1.23 48.70 -4.83
C PRO G 80 2.44 49.56 -5.12
N ILE G 81 2.78 50.44 -4.18
CA ILE G 81 3.79 51.46 -4.39
C ILE G 81 4.65 51.59 -3.14
N SER G 82 5.95 51.79 -3.35
CA SER G 82 6.89 52.09 -2.28
C SER G 82 7.44 53.51 -2.48
N SER G 83 7.89 54.11 -1.39
CA SER G 83 8.40 55.48 -1.39
C SER G 83 9.70 55.56 -0.62
N LEU G 84 10.70 56.19 -1.22
CA LEU G 84 12.00 56.41 -0.59
C LEU G 84 12.16 57.90 -0.35
N GLU G 85 12.17 58.31 0.92
CA GLU G 85 12.33 59.71 1.29
C GLU G 85 13.70 59.92 1.92
N ILE G 86 14.43 60.90 1.42
CA ILE G 86 15.77 61.21 1.92
C ILE G 86 15.83 62.65 2.40
N LYS G 87 16.17 62.82 3.68
CA LYS G 87 16.23 64.14 4.29
C LYS G 87 17.66 64.66 4.29
N ASN G 88 17.78 65.99 4.22
CA ASN G 88 19.05 66.70 4.35
C ASN G 88 20.08 66.18 3.33
N LEU G 89 19.80 66.52 2.08
CA LEU G 89 20.65 66.09 0.99
C LEU G 89 22.00 66.80 1.03
N THR G 90 23.04 66.08 0.60
CA THR G 90 24.36 66.64 0.39
C THR G 90 24.81 66.29 -1.03
N SER G 91 25.88 66.95 -1.48
CA SER G 91 26.38 66.70 -2.82
C SER G 91 26.85 65.26 -2.98
N ASP G 92 27.26 64.61 -1.88
CA ASP G 92 27.64 63.21 -1.91
C ASP G 92 26.45 62.27 -2.09
N ASP G 93 25.22 62.80 -2.08
CA ASP G 93 24.03 62.01 -2.34
C ASP G 93 23.59 62.03 -3.80
N THR G 94 24.23 62.86 -4.64
CA THR G 94 23.92 62.85 -6.05
C THR G 94 24.20 61.47 -6.61
N ALA G 95 23.13 60.77 -7.01
CA ALA G 95 23.23 59.39 -7.47
C ALA G 95 21.90 59.02 -8.12
N VAL G 96 21.88 57.86 -8.74
CA VAL G 96 20.68 57.27 -9.31
C VAL G 96 20.11 56.29 -8.29
N TYR G 97 18.79 56.28 -8.15
CA TYR G 97 18.12 55.50 -7.12
C TYR G 97 17.20 54.47 -7.77
N PHE G 98 17.31 53.22 -7.33
CA PHE G 98 16.68 52.09 -7.98
C PHE G 98 15.68 51.41 -7.06
N CYS G 99 14.59 50.93 -7.65
CA CYS G 99 13.58 50.15 -6.97
C CYS G 99 13.89 48.67 -7.18
N THR G 100 13.66 47.84 -6.16
CA THR G 100 13.95 46.42 -6.24
C THR G 100 12.77 45.62 -5.72
N THR G 101 12.39 44.59 -6.48
CA THR G 101 11.33 43.68 -6.08
C THR G 101 11.84 42.25 -6.19
N THR G 102 11.74 41.52 -5.09
CA THR G 102 12.18 40.12 -5.02
C THR G 102 11.10 39.31 -4.32
N SER G 103 10.70 38.19 -4.94
CA SER G 103 9.64 37.38 -4.35
C SER G 103 10.07 36.80 -3.01
N THR G 104 9.14 36.77 -2.07
CA THR G 104 9.43 36.33 -0.70
C THR G 104 8.53 35.18 -0.27
N TYR G 105 7.72 34.63 -1.17
CA TYR G 105 6.77 33.60 -0.77
C TYR G 105 7.49 32.32 -0.30
N ASP G 106 8.56 31.94 -0.97
CA ASP G 106 9.26 30.69 -0.67
C ASP G 106 10.43 30.94 0.25
N ARG G 107 10.57 30.11 1.28
CA ARG G 107 11.66 30.26 2.24
C ARG G 107 13.00 29.82 1.65
N TRP G 108 13.00 28.82 0.77
CA TRP G 108 14.22 28.24 0.23
C TRP G 108 14.75 28.95 -1.00
N SER G 109 14.14 30.06 -1.40
CA SER G 109 14.43 30.65 -2.71
C SER G 109 15.93 30.82 -2.95
N GLY G 110 16.68 31.15 -1.90
CA GLY G 110 18.06 31.51 -2.08
C GLY G 110 18.26 32.90 -2.66
N LEU G 111 17.17 33.57 -3.04
CA LEU G 111 17.25 35.00 -3.34
C LEU G 111 17.37 35.82 -2.07
N HIS G 112 16.76 35.36 -0.98
CA HIS G 112 16.76 36.09 0.28
C HIS G 112 17.33 35.23 1.39
N HIS G 113 18.01 35.89 2.32
CA HIS G 113 18.73 35.27 3.43
C HIS G 113 18.38 36.06 4.69
N ASP G 114 17.21 35.75 5.26
CA ASP G 114 16.74 36.38 6.49
C ASP G 114 16.68 37.90 6.37
N GLY G 115 16.05 38.38 5.30
CA GLY G 115 15.90 39.79 5.06
C GLY G 115 17.01 40.40 4.21
N VAL G 116 18.20 39.84 4.26
CA VAL G 116 19.30 40.26 3.38
C VAL G 116 19.16 39.45 2.10
N MET G 117 19.04 40.14 0.96
CA MET G 117 18.60 39.46 -0.25
C MET G 117 19.26 40.06 -1.49
N ALA G 118 19.19 39.28 -2.57
CA ALA G 118 19.49 39.77 -3.90
C ALA G 118 18.24 40.42 -4.50
N PHE G 119 18.37 40.95 -5.71
CA PHE G 119 17.40 41.90 -6.25
C PHE G 119 16.89 41.38 -7.60
N SER G 120 15.67 40.84 -7.62
CA SER G 120 15.16 40.17 -8.82
C SER G 120 14.50 41.11 -9.82
N SER G 121 13.88 42.20 -9.35
CA SER G 121 13.25 43.17 -10.24
C SER G 121 13.84 44.56 -10.01
N TRP G 122 13.96 45.33 -11.08
CA TRP G 122 14.60 46.64 -11.02
C TRP G 122 13.77 47.66 -11.79
N GLY G 123 14.04 48.94 -11.53
CA GLY G 123 13.32 50.03 -12.15
C GLY G 123 14.20 50.87 -13.07
N GLN G 124 13.54 51.82 -13.73
CA GLN G 124 14.23 52.67 -14.70
C GLN G 124 15.33 53.51 -14.05
N GLY G 125 15.09 54.04 -12.85
CA GLY G 125 16.06 54.88 -12.18
C GLY G 125 15.60 56.32 -12.00
N THR G 126 15.95 56.91 -10.85
CA THR G 126 15.66 58.31 -10.59
C THR G 126 16.95 59.06 -10.30
N LEU G 127 17.24 60.06 -11.12
CA LEU G 127 18.43 60.88 -10.94
C LEU G 127 18.12 61.96 -9.89
N ILE G 128 18.80 61.88 -8.75
CA ILE G 128 18.68 62.89 -7.71
C ILE G 128 19.97 63.70 -7.74
N SER G 129 19.87 64.95 -8.19
CA SER G 129 21.01 65.86 -8.26
C SER G 129 20.91 66.87 -7.12
N VAL G 130 21.97 66.97 -6.33
CA VAL G 130 22.03 67.89 -5.20
C VAL G 130 23.14 68.89 -5.47
N SER G 131 22.77 70.15 -5.67
CA SER G 131 23.73 71.20 -5.93
C SER G 131 23.13 72.53 -5.52
N ALA G 132 23.99 73.45 -5.09
CA ALA G 132 23.53 74.78 -4.71
C ALA G 132 23.14 75.64 -5.92
N ALA G 133 23.55 75.23 -7.12
CA ALA G 133 23.26 76.02 -8.30
C ALA G 133 21.79 75.88 -8.70
N SER G 134 21.29 76.88 -9.42
CA SER G 134 19.95 76.87 -9.98
C SER G 134 20.01 76.60 -11.48
N THR G 135 18.85 76.39 -12.07
CA THR G 135 18.76 76.13 -13.51
C THR G 135 19.44 77.24 -14.30
N LYS G 136 20.09 76.86 -15.40
CA LYS G 136 20.80 77.81 -16.24
C LYS G 136 20.93 77.23 -17.64
N GLY G 137 20.56 78.03 -18.64
CA GLY G 137 20.73 77.64 -20.01
C GLY G 137 22.20 77.60 -20.39
N PRO G 138 22.54 76.76 -21.36
CA PRO G 138 23.94 76.61 -21.74
C PRO G 138 24.40 77.70 -22.70
N SER G 139 25.61 78.20 -22.45
CA SER G 139 26.31 79.04 -23.41
C SER G 139 27.08 78.13 -24.34
N VAL G 140 26.81 78.23 -25.64
CA VAL G 140 27.38 77.36 -26.65
C VAL G 140 28.41 78.14 -27.45
N PHE G 141 29.63 77.59 -27.53
CA PHE G 141 30.71 78.20 -28.28
C PHE G 141 31.22 77.24 -29.34
N PRO G 142 31.67 77.74 -30.48
CA PRO G 142 32.11 76.86 -31.58
C PRO G 142 33.58 76.45 -31.44
N LEU G 143 33.83 75.18 -31.78
CA LEU G 143 35.18 74.65 -31.88
C LEU G 143 35.51 74.59 -33.37
N ALA G 144 36.29 75.58 -33.84
CA ALA G 144 36.46 75.78 -35.28
C ALA G 144 37.69 75.02 -35.80
N PRO G 145 37.58 74.49 -37.01
CA PRO G 145 38.74 73.84 -37.64
C PRO G 145 39.70 74.85 -38.26
N SER G 146 40.92 74.37 -38.50
CA SER G 146 41.96 75.24 -39.05
C SER G 146 43.06 74.38 -39.66
N SER G 147 44.02 75.06 -40.28
CA SER G 147 45.18 74.42 -40.91
C SER G 147 44.76 73.42 -41.99
N THR G 154 41.84 64.90 -43.59
CA THR G 154 40.62 64.84 -42.79
C THR G 154 40.79 65.64 -41.50
N ALA G 155 39.80 66.48 -41.20
CA ALA G 155 39.87 67.40 -40.07
C ALA G 155 38.62 67.27 -39.22
N ALA G 156 38.64 67.89 -38.04
CA ALA G 156 37.58 67.74 -37.06
C ALA G 156 37.20 69.08 -36.47
N LEU G 157 35.92 69.21 -36.13
CA LEU G 157 35.35 70.42 -35.53
C LEU G 157 34.33 70.01 -34.49
N GLY G 158 33.82 70.99 -33.74
CA GLY G 158 32.86 70.66 -32.71
C GLY G 158 32.21 71.87 -32.09
N CYS G 159 31.37 71.58 -31.10
CA CYS G 159 30.69 72.60 -30.29
C CYS G 159 31.12 72.45 -28.84
N LEU G 160 31.18 73.58 -28.13
CA LEU G 160 31.47 73.59 -26.69
C LEU G 160 30.23 74.07 -25.95
N VAL G 161 29.58 73.17 -25.23
CA VAL G 161 28.42 73.49 -24.41
C VAL G 161 28.90 73.61 -22.97
N LYS G 162 28.71 74.79 -22.37
CA LYS G 162 29.37 75.10 -21.11
C LYS G 162 28.40 75.78 -20.16
N ASP G 163 28.55 75.47 -18.87
CA ASP G 163 27.87 76.17 -17.78
C ASP G 163 26.35 76.00 -17.85
N TYR G 164 25.92 74.76 -18.02
CA TYR G 164 24.51 74.42 -18.00
C TYR G 164 24.19 73.56 -16.78
N PHE G 165 23.05 73.83 -16.16
CA PHE G 165 22.57 73.04 -15.05
C PHE G 165 21.05 73.04 -15.05
N PRO G 166 20.45 71.90 -14.69
CA PRO G 166 21.15 70.63 -14.49
C PRO G 166 21.28 69.84 -15.79
N GLU G 167 21.71 68.60 -15.67
CA GLU G 167 21.70 67.69 -16.81
C GLU G 167 20.25 67.34 -17.15
N PRO G 168 19.99 66.92 -18.40
CA PRO G 168 20.95 66.77 -19.49
C PRO G 168 20.75 67.76 -20.65
N VAL G 169 21.72 67.79 -21.56
CA VAL G 169 21.61 68.52 -22.82
C VAL G 169 21.72 67.51 -23.96
N THR G 170 20.94 67.72 -25.01
CA THR G 170 21.00 66.89 -26.21
C THR G 170 21.63 67.70 -27.33
N VAL G 171 22.53 67.06 -28.08
CA VAL G 171 23.27 67.71 -29.15
C VAL G 171 23.02 66.96 -30.45
N SER G 172 22.65 67.69 -31.49
CA SER G 172 22.45 67.15 -32.83
C SER G 172 23.10 68.09 -33.82
N TRP G 173 23.41 67.56 -35.00
CA TRP G 173 24.14 68.32 -36.02
C TRP G 173 23.33 68.42 -37.30
N ASN G 174 23.27 69.63 -37.86
CA ASN G 174 22.53 69.93 -39.08
C ASN G 174 21.09 69.44 -38.99
N SER G 175 20.49 69.62 -37.82
CA SER G 175 19.12 69.18 -37.54
C SER G 175 18.99 67.67 -37.76
N GLY G 176 20.01 66.91 -37.34
CA GLY G 176 20.02 65.47 -37.49
C GLY G 176 20.59 64.96 -38.80
N ALA G 177 20.88 65.84 -39.76
CA ALA G 177 21.38 65.38 -41.05
C ALA G 177 22.74 64.70 -40.90
N LEU G 178 23.59 65.20 -40.01
CA LEU G 178 24.93 64.69 -39.83
C LEU G 178 24.99 63.85 -38.55
N THR G 179 25.13 62.53 -38.74
CA THR G 179 25.21 61.59 -37.61
C THR G 179 26.49 60.73 -37.58
N SER G 180 27.13 60.53 -38.73
CA SER G 180 28.31 59.68 -38.80
C SER G 180 29.54 60.43 -38.33
N GLY G 181 30.32 59.79 -37.45
CA GLY G 181 31.51 60.41 -36.89
C GLY G 181 31.29 61.35 -35.74
N VAL G 182 30.07 61.37 -35.18
CA VAL G 182 29.71 62.33 -34.14
C VAL G 182 29.98 61.71 -32.77
N HIS G 183 30.84 62.37 -31.99
CA HIS G 183 31.16 61.96 -30.62
C HIS G 183 30.74 63.07 -29.67
N THR G 184 29.65 62.84 -28.93
CA THR G 184 29.20 63.76 -27.90
C THR G 184 29.70 63.26 -26.56
N PHE G 185 30.65 63.97 -25.97
CA PHE G 185 31.27 63.53 -24.74
C PHE G 185 30.31 63.68 -23.58
N PRO G 186 30.41 62.80 -22.58
CA PRO G 186 29.55 62.93 -21.39
C PRO G 186 29.88 64.20 -20.62
N ALA G 187 28.92 64.62 -19.81
CA ALA G 187 29.07 65.85 -19.06
C ALA G 187 30.12 65.70 -17.96
N VAL G 188 30.89 66.76 -17.76
CA VAL G 188 31.73 66.90 -16.58
C VAL G 188 31.13 68.02 -15.73
N LEU G 189 31.25 67.86 -14.42
CA LEU G 189 30.73 68.84 -13.47
C LEU G 189 31.88 69.76 -13.04
N GLN G 190 31.70 71.05 -13.26
CA GLN G 190 32.77 72.01 -13.05
C GLN G 190 32.91 72.38 -11.58
N SER G 191 34.02 73.07 -11.28
CA SER G 191 34.24 73.64 -9.96
C SER G 191 33.10 74.56 -9.55
N SER G 192 32.53 75.29 -10.52
CA SER G 192 31.37 76.14 -10.27
C SER G 192 30.08 75.34 -10.05
N GLY G 193 30.16 74.03 -9.81
CA GLY G 193 28.94 73.24 -9.68
C GLY G 193 28.07 73.24 -10.91
N LEU G 194 28.64 73.51 -12.07
CA LEU G 194 27.91 73.56 -13.33
C LEU G 194 28.42 72.47 -14.26
N TYR G 195 27.58 72.07 -15.20
CA TYR G 195 27.95 71.05 -16.16
C TYR G 195 28.45 71.67 -17.45
N SER G 196 29.28 70.92 -18.17
CA SER G 196 29.89 71.39 -19.41
C SER G 196 30.39 70.18 -20.19
N LEU G 197 30.21 70.21 -21.51
CA LEU G 197 30.69 69.14 -22.36
C LEU G 197 31.00 69.72 -23.74
N SER G 198 31.58 68.88 -24.59
CA SER G 198 31.82 69.25 -25.98
C SER G 198 31.38 68.11 -26.87
N SER G 199 31.00 68.46 -28.10
CA SER G 199 30.55 67.50 -29.11
C SER G 199 31.28 67.79 -30.40
N VAL G 200 32.03 66.81 -30.89
CA VAL G 200 32.93 67.00 -32.03
C VAL G 200 32.51 66.11 -33.19
N VAL G 201 33.03 66.44 -34.38
CA VAL G 201 32.72 65.71 -35.61
C VAL G 201 33.99 65.61 -36.45
N THR G 202 34.19 64.46 -37.08
CA THR G 202 35.27 64.26 -38.05
C THR G 202 34.66 64.23 -39.45
N VAL G 203 35.09 65.14 -40.31
CA VAL G 203 34.63 65.20 -41.70
C VAL G 203 35.82 65.46 -42.61
N PRO G 204 35.70 65.09 -43.89
CA PRO G 204 36.80 65.37 -44.81
C PRO G 204 37.03 66.86 -44.95
N SER G 205 38.29 67.27 -44.75
CA SER G 205 38.63 68.69 -44.85
C SER G 205 38.21 69.28 -46.19
N SER G 206 38.25 68.46 -47.24
CA SER G 206 37.85 68.92 -48.56
C SER G 206 36.41 69.44 -48.59
N SER G 207 35.57 69.03 -47.64
CA SER G 207 34.19 69.47 -47.56
C SER G 207 33.98 70.60 -46.56
N LEU G 208 35.07 71.23 -46.10
CA LEU G 208 34.93 72.29 -45.10
C LEU G 208 34.29 73.54 -45.68
N GLY G 209 34.76 73.97 -46.85
CA GLY G 209 34.13 75.11 -47.50
C GLY G 209 32.86 74.79 -48.24
N THR G 210 32.69 73.54 -48.66
CA THR G 210 31.50 73.14 -49.40
C THR G 210 30.26 73.20 -48.52
N GLN G 211 30.24 72.38 -47.47
CA GLN G 211 29.06 72.23 -46.63
C GLN G 211 29.20 73.06 -45.35
N THR G 212 28.05 73.51 -44.83
CA THR G 212 27.99 74.26 -43.60
C THR G 212 27.60 73.34 -42.44
N TYR G 213 28.19 73.58 -41.27
CA TYR G 213 28.04 72.70 -40.12
C TYR G 213 27.43 73.48 -38.95
N ILE G 214 26.30 72.98 -38.45
CA ILE G 214 25.58 73.59 -37.33
C ILE G 214 25.26 72.48 -36.32
N CYS G 215 25.44 72.78 -35.04
CA CYS G 215 25.02 71.87 -33.97
C CYS G 215 23.79 72.45 -33.28
N ASN G 216 22.91 71.55 -32.84
CA ASN G 216 21.62 71.91 -32.24
C ASN G 216 21.60 71.41 -30.80
N VAL G 217 21.72 72.34 -29.86
CA VAL G 217 21.70 72.02 -28.43
C VAL G 217 20.32 72.37 -27.88
N ASN G 218 19.76 71.48 -27.08
CA ASN G 218 18.48 71.70 -26.42
C ASN G 218 18.62 71.33 -24.95
N HIS G 219 18.11 72.20 -24.08
CA HIS G 219 18.11 71.99 -22.63
C HIS G 219 16.68 72.20 -22.16
N LYS G 220 15.93 71.12 -21.96
CA LYS G 220 14.56 71.16 -21.49
C LYS G 220 14.41 71.71 -20.07
N PRO G 221 15.34 71.45 -19.13
CA PRO G 221 15.19 72.05 -17.80
C PRO G 221 15.05 73.56 -17.81
N SER G 222 15.95 74.27 -18.50
CA SER G 222 15.77 75.69 -18.71
C SER G 222 14.83 76.00 -19.88
N ASN G 223 14.38 74.97 -20.60
CA ASN G 223 13.59 75.12 -21.82
C ASN G 223 14.32 76.00 -22.84
N THR G 224 15.63 75.79 -22.94
CA THR G 224 16.50 76.56 -23.82
C THR G 224 16.92 75.70 -25.01
N LYS G 225 16.97 76.30 -26.19
CA LYS G 225 17.39 75.61 -27.41
C LYS G 225 18.17 76.59 -28.26
N VAL G 226 19.45 76.28 -28.51
CA VAL G 226 20.36 77.15 -29.26
C VAL G 226 20.84 76.39 -30.48
N ASP G 227 21.12 77.14 -31.56
CA ASP G 227 21.67 76.59 -32.80
C ASP G 227 22.89 77.43 -33.16
N LYS G 228 24.08 76.81 -33.07
CA LYS G 228 25.34 77.53 -33.20
C LYS G 228 26.06 77.11 -34.47
N ARG G 229 26.45 78.08 -35.29
CA ARG G 229 27.13 77.74 -36.52
C ARG G 229 28.61 77.60 -36.26
N VAL G 230 29.16 76.46 -36.62
CA VAL G 230 30.59 76.26 -36.52
C VAL G 230 31.36 76.58 -37.80
N GLU G 231 31.51 77.85 -38.10
CA GLU G 231 32.29 78.30 -39.24
C GLU G 231 33.77 78.12 -38.99
N PRO G 232 34.51 77.62 -40.06
CA PRO G 232 35.93 77.39 -39.75
C PRO G 232 36.71 78.67 -39.63
N LYS G 233 37.84 78.62 -38.93
CA LYS G 233 38.74 79.76 -38.83
C LYS G 233 40.08 79.42 -39.48
N LEU H 9 30.99 1.75 -8.64
CA LEU H 9 30.78 1.01 -9.89
C LEU H 9 29.31 0.72 -10.11
N GLY H 10 28.47 1.20 -9.19
CA GLY H 10 27.03 1.21 -9.40
C GLY H 10 26.30 -0.01 -8.87
N PHE H 11 25.01 -0.05 -9.22
CA PHE H 11 24.12 -1.07 -8.71
C PHE H 11 24.42 -2.41 -9.36
N LEU H 12 24.50 -3.46 -8.52
CA LEU H 12 24.87 -4.81 -8.97
C LEU H 12 26.25 -4.82 -9.63
N GLY H 13 27.12 -3.88 -9.25
CA GLY H 13 28.38 -3.72 -9.95
C GLY H 13 29.35 -4.87 -9.76
N ALA H 14 29.35 -5.49 -8.58
CA ALA H 14 30.33 -6.51 -8.24
C ALA H 14 29.77 -7.93 -8.32
N ALA H 15 28.75 -8.13 -9.16
CA ALA H 15 28.14 -9.45 -9.27
C ALA H 15 29.13 -10.48 -9.78
N GLY H 16 30.04 -10.08 -10.67
CA GLY H 16 31.02 -10.98 -11.22
C GLY H 16 32.33 -11.04 -10.47
N SER H 17 32.47 -10.27 -9.39
CA SER H 17 33.71 -10.24 -8.63
C SER H 17 33.67 -11.28 -7.51
N THR H 18 34.83 -11.48 -6.87
CA THR H 18 34.92 -12.40 -5.75
C THR H 18 34.11 -11.88 -4.58
N MET H 19 33.65 -12.81 -3.73
CA MET H 19 32.89 -12.44 -2.55
C MET H 19 33.64 -11.43 -1.69
N GLY H 20 34.95 -11.63 -1.53
CA GLY H 20 35.73 -10.71 -0.72
C GLY H 20 35.67 -9.28 -1.25
N ALA H 21 35.78 -9.13 -2.56
CA ALA H 21 35.75 -7.79 -3.15
C ALA H 21 34.34 -7.24 -3.28
N ALA H 22 33.35 -8.11 -3.46
CA ALA H 22 31.98 -7.65 -3.65
C ALA H 22 31.38 -7.04 -2.38
N SER H 23 31.91 -7.41 -1.21
CA SER H 23 31.38 -6.90 0.04
C SER H 23 31.78 -5.46 0.33
N MET H 24 32.74 -4.92 -0.44
CA MET H 24 33.09 -3.52 -0.27
C MET H 24 31.98 -2.61 -0.77
N THR H 25 31.28 -3.03 -1.83
CA THR H 25 30.26 -2.20 -2.46
C THR H 25 28.85 -2.57 -2.03
N LEU H 26 28.67 -3.03 -0.79
CA LEU H 26 27.35 -3.48 -0.35
C LEU H 26 26.36 -2.34 -0.32
N THR H 27 26.81 -1.13 0.04
CA THR H 27 25.91 -0.02 0.22
C THR H 27 25.30 0.50 -1.08
N VAL H 28 25.76 0.01 -2.24
CA VAL H 28 25.21 0.48 -3.50
C VAL H 28 23.99 -0.34 -3.92
N GLN H 29 24.03 -1.66 -3.68
CA GLN H 29 22.82 -2.46 -3.88
C GLN H 29 21.83 -2.32 -2.74
N ALA H 30 22.30 -1.95 -1.54
CA ALA H 30 21.41 -1.78 -0.40
C ALA H 30 20.66 -0.45 -0.45
N ARG H 31 21.33 0.61 -0.88
CA ARG H 31 20.66 1.91 -1.04
C ARG H 31 19.64 1.87 -2.17
N ASN H 32 19.93 1.12 -3.24
CA ASN H 32 19.03 0.95 -4.36
C ASN H 32 18.15 -0.30 -4.21
N LEU H 33 17.86 -0.68 -2.97
CA LEU H 33 17.00 -1.81 -2.67
C LEU H 33 15.56 -1.40 -2.38
N LEU H 34 15.35 -0.14 -2.03
CA LEU H 34 14.02 0.47 -2.02
C LEU H 34 13.88 1.58 -3.06
N SER H 35 14.99 2.10 -3.58
CA SER H 35 15.02 3.03 -4.71
C SER H 35 14.17 4.27 -4.44
N GLY H 36 14.50 4.93 -3.33
CA GLY H 36 13.82 6.16 -2.94
C GLY H 36 12.34 5.96 -2.63
N THR H 58 -8.93 5.35 -10.69
CA THR H 58 -8.22 5.34 -11.96
C THR H 58 -7.45 4.04 -12.14
N VAL H 59 -7.75 3.31 -13.21
CA VAL H 59 -7.10 2.04 -13.51
C VAL H 59 -5.81 2.34 -14.27
N TRP H 60 -5.11 1.28 -14.70
CA TRP H 60 -3.81 1.37 -15.37
C TRP H 60 -2.72 1.84 -14.40
N GLY H 61 -2.94 2.99 -13.77
CA GLY H 61 -2.07 3.42 -12.68
C GLY H 61 -2.12 2.50 -11.47
N ILE H 62 -3.15 1.67 -11.37
CA ILE H 62 -3.21 0.68 -10.29
C ILE H 62 -2.11 -0.37 -10.46
N LYS H 63 -1.66 -0.59 -11.70
CA LYS H 63 -0.58 -1.54 -11.94
C LYS H 63 0.73 -1.06 -11.32
N GLN H 64 0.97 0.26 -11.32
CA GLN H 64 2.15 0.78 -10.67
C GLN H 64 2.00 0.85 -9.15
N LEU H 65 0.77 0.80 -8.63
CA LEU H 65 0.57 0.87 -7.18
C LEU H 65 0.94 -0.44 -6.50
N GLN H 66 0.39 -1.56 -6.98
CA GLN H 66 0.75 -2.86 -6.40
C GLN H 66 2.25 -3.08 -6.39
N ALA H 67 2.95 -2.57 -7.41
CA ALA H 67 4.40 -2.74 -7.48
C ALA H 67 5.08 -2.13 -6.27
N ARG H 68 4.78 -0.87 -5.96
CA ARG H 68 5.42 -0.23 -4.81
C ARG H 68 4.83 -0.70 -3.49
N VAL H 69 3.64 -1.29 -3.49
CA VAL H 69 3.18 -2.00 -2.31
C VAL H 69 3.99 -3.27 -2.13
N LEU H 70 4.20 -4.02 -3.22
CA LEU H 70 5.06 -5.20 -3.17
C LEU H 70 6.48 -4.82 -2.77
N ALA H 71 6.92 -3.62 -3.15
CA ALA H 71 8.30 -3.22 -2.89
C ALA H 71 8.61 -3.21 -1.41
N VAL H 72 7.68 -2.73 -0.59
CA VAL H 72 7.96 -2.58 0.82
C VAL H 72 7.83 -3.92 1.56
N GLU H 73 6.90 -4.77 1.14
CA GLU H 73 6.72 -6.03 1.86
C GLU H 73 7.82 -7.03 1.54
N ARG H 74 8.45 -6.90 0.37
CA ARG H 74 9.64 -7.70 0.11
C ARG H 74 10.85 -7.16 0.85
N TYR H 75 10.92 -5.83 1.01
CA TYR H 75 12.00 -5.22 1.79
C TYR H 75 11.82 -5.49 3.27
N LEU H 76 10.60 -5.40 3.79
CA LEU H 76 10.35 -5.68 5.20
C LEU H 76 10.49 -7.16 5.51
N ARG H 77 10.14 -8.04 4.57
CA ARG H 77 10.34 -9.47 4.80
C ARG H 77 11.81 -9.79 4.98
N ASP H 78 12.68 -9.15 4.20
CA ASP H 78 14.12 -9.33 4.38
C ASP H 78 14.59 -8.72 5.70
N GLN H 79 14.06 -7.55 6.06
CA GLN H 79 14.55 -6.88 7.26
C GLN H 79 13.90 -7.40 8.53
N GLN H 80 12.74 -8.06 8.44
CA GLN H 80 12.23 -8.79 9.60
C GLN H 80 13.23 -9.86 10.06
N LEU H 81 13.85 -10.55 9.09
CA LEU H 81 14.89 -11.52 9.42
C LEU H 81 16.08 -10.84 10.10
N LEU H 82 16.58 -9.76 9.51
CA LEU H 82 17.64 -8.99 10.16
C LEU H 82 17.23 -8.54 11.55
N GLY H 83 15.94 -8.41 11.80
CA GLY H 83 15.44 -7.99 13.10
C GLY H 83 15.47 -9.13 14.10
N ILE H 84 14.93 -10.29 13.71
CA ILE H 84 15.01 -11.46 14.58
C ILE H 84 16.41 -12.05 14.61
N TRP H 85 17.27 -11.67 13.67
CA TRP H 85 18.70 -11.89 13.79
C TRP H 85 19.33 -10.70 14.50
N GLY H 86 20.53 -10.91 15.01
CA GLY H 86 21.18 -9.83 15.75
C GLY H 86 21.92 -8.89 14.84
N CYS H 87 21.22 -8.33 13.87
CA CYS H 87 21.83 -7.50 12.86
C CYS H 87 21.29 -6.08 12.94
N SER H 88 20.21 -5.79 12.24
CA SER H 88 19.60 -4.50 12.36
C SER H 88 20.54 -3.50 11.75
N GLY H 89 21.75 -3.48 12.28
CA GLY H 89 22.79 -2.66 11.69
C GLY H 89 22.98 -3.22 10.31
N LYS H 90 23.10 -2.33 9.34
CA LYS H 90 23.07 -2.72 7.95
C LYS H 90 24.32 -3.40 7.40
N LEU H 91 24.10 -4.12 6.31
CA LEU H 91 25.15 -4.56 5.42
C LEU H 91 25.99 -5.71 5.95
N ILE H 92 26.68 -5.50 7.06
CA ILE H 92 27.47 -6.58 7.61
C ILE H 92 27.22 -6.72 9.10
N CYS H 93 27.17 -7.97 9.56
CA CYS H 93 26.85 -8.25 10.95
C CYS H 93 27.54 -9.54 11.38
N CYS H 94 28.22 -9.50 12.52
CA CYS H 94 28.84 -10.68 13.08
C CYS H 94 27.87 -11.43 13.98
N THR H 95 28.05 -12.75 14.06
CA THR H 95 27.16 -13.60 14.82
C THR H 95 27.98 -14.57 15.67
N ASN H 96 27.28 -15.41 16.42
CA ASN H 96 27.90 -16.43 17.26
C ASN H 96 27.51 -17.83 16.85
N VAL H 97 26.88 -18.00 15.69
CA VAL H 97 26.53 -19.31 15.17
C VAL H 97 27.77 -19.90 14.51
N PRO H 98 28.26 -21.05 14.97
CA PRO H 98 29.46 -21.62 14.36
C PRO H 98 29.16 -22.17 12.97
N TRP H 99 30.10 -21.96 12.05
CA TRP H 99 29.93 -22.47 10.69
C TRP H 99 30.19 -23.97 10.72
N ASN H 100 29.14 -24.74 10.45
CA ASN H 100 29.20 -26.19 10.52
C ASN H 100 29.90 -26.76 9.31
N SER H 101 30.78 -27.74 9.55
CA SER H 101 31.59 -28.31 8.48
C SER H 101 30.73 -28.91 7.38
N SER H 102 29.67 -29.63 7.76
CA SER H 102 28.82 -30.30 6.77
C SER H 102 28.31 -29.34 5.70
N TRP H 103 28.19 -28.05 6.03
CA TRP H 103 27.72 -27.05 5.08
C TRP H 103 28.93 -26.36 4.48
N SER H 104 29.23 -26.68 3.23
CA SER H 104 30.23 -25.96 2.44
C SER H 104 31.55 -25.81 3.20
N ASN H 105 32.14 -26.95 3.55
CA ASN H 105 33.44 -26.96 4.19
C ASN H 105 34.48 -26.51 3.18
N ARG H 106 35.06 -25.34 3.39
CA ARG H 106 35.97 -24.82 2.38
C ARG H 106 37.00 -23.89 3.00
N ASN H 107 38.12 -23.79 2.29
CA ASN H 107 39.17 -22.81 2.56
C ASN H 107 38.60 -21.40 2.51
N LEU H 108 38.87 -20.61 3.56
CA LEU H 108 38.45 -19.21 3.55
C LEU H 108 38.93 -18.50 2.30
N SER H 109 40.22 -18.66 1.97
CA SER H 109 40.75 -18.13 0.72
C SER H 109 39.97 -18.66 -0.49
N GLU H 110 39.57 -19.93 -0.46
CA GLU H 110 38.76 -20.46 -1.54
C GLU H 110 37.41 -19.76 -1.63
N ILE H 111 36.79 -19.49 -0.48
CA ILE H 111 35.42 -18.97 -0.48
C ILE H 111 35.40 -17.52 -0.94
N TRP H 112 36.30 -16.70 -0.42
CA TRP H 112 36.25 -15.27 -0.68
C TRP H 112 37.18 -14.80 -1.80
N ASP H 113 38.27 -15.53 -2.05
CA ASP H 113 39.22 -15.12 -3.09
C ASP H 113 39.09 -15.94 -4.37
N ASN H 114 38.12 -16.85 -4.45
CA ASN H 114 37.99 -17.71 -5.63
C ASN H 114 36.55 -18.16 -5.79
N MET H 115 35.59 -17.24 -5.63
CA MET H 115 34.19 -17.59 -5.69
C MET H 115 33.35 -16.32 -5.71
N THR H 116 32.27 -16.34 -6.48
CA THR H 116 31.31 -15.26 -6.54
C THR H 116 30.08 -15.58 -5.69
N TRP H 117 29.33 -14.54 -5.32
CA TRP H 117 28.18 -14.74 -4.46
C TRP H 117 27.12 -15.61 -5.13
N LEU H 118 26.90 -15.42 -6.43
CA LEU H 118 25.97 -16.29 -7.16
C LEU H 118 26.38 -17.74 -7.07
N GLN H 119 27.68 -18.02 -7.22
CA GLN H 119 28.18 -19.39 -7.06
C GLN H 119 27.99 -19.88 -5.64
N TRP H 120 28.27 -19.02 -4.66
CA TRP H 120 28.20 -19.43 -3.26
C TRP H 120 26.75 -19.68 -2.83
N ASP H 121 25.82 -18.80 -3.24
CA ASP H 121 24.42 -18.99 -2.89
C ASP H 121 23.88 -20.31 -3.41
N LYS H 122 24.48 -20.86 -4.47
CA LYS H 122 24.02 -22.13 -5.00
C LYS H 122 24.62 -23.31 -4.24
N GLU H 123 25.85 -23.17 -3.72
CA GLU H 123 26.49 -24.28 -3.04
C GLU H 123 25.95 -24.47 -1.63
N ILE H 124 25.79 -23.38 -0.86
CA ILE H 124 25.15 -23.46 0.45
C ILE H 124 23.64 -23.63 0.36
N SER H 125 23.06 -23.67 -0.84
CA SER H 125 21.61 -23.62 -1.00
C SER H 125 20.87 -24.64 -0.14
N ASN H 126 21.47 -25.80 0.10
CA ASN H 126 20.82 -26.82 0.90
C ASN H 126 20.79 -26.45 2.37
N TYR H 127 21.75 -25.68 2.82
CA TYR H 127 21.91 -25.42 4.23
C TYR H 127 21.51 -24.00 4.62
N THR H 128 20.97 -23.21 3.70
CA THR H 128 20.66 -21.82 3.97
C THR H 128 19.57 -21.68 5.03
N GLN H 129 18.41 -22.27 4.77
CA GLN H 129 17.31 -22.15 5.73
C GLN H 129 17.61 -22.87 7.04
N ILE H 130 18.54 -23.81 7.03
CA ILE H 130 19.08 -24.33 8.30
C ILE H 130 19.77 -23.21 9.06
N ILE H 131 20.58 -22.41 8.35
CA ILE H 131 21.30 -21.31 8.99
C ILE H 131 20.32 -20.22 9.41
N TYR H 132 19.36 -19.88 8.56
CA TYR H 132 18.35 -18.88 8.92
C TYR H 132 17.67 -19.23 10.22
N GLY H 133 17.20 -20.48 10.35
CA GLY H 133 16.58 -20.90 11.59
C GLY H 133 17.56 -20.97 12.74
N LEU H 134 18.79 -21.43 12.46
CA LEU H 134 19.82 -21.45 13.50
C LEU H 134 20.11 -20.04 13.99
N LEU H 135 20.11 -19.06 13.10
CA LEU H 135 20.42 -17.69 13.50
C LEU H 135 19.42 -17.17 14.51
N GLU H 136 18.11 -17.29 14.21
CA GLU H 136 17.11 -16.64 15.04
C GLU H 136 17.09 -17.22 16.46
N GLU H 137 17.37 -18.51 16.60
CA GLU H 137 17.29 -19.16 17.91
C GLU H 137 18.65 -19.35 18.57
N SER H 138 19.63 -19.90 17.85
CA SER H 138 20.92 -20.19 18.47
C SER H 138 21.62 -18.92 18.94
N GLN H 139 21.32 -17.79 18.29
CA GLN H 139 22.03 -16.52 18.57
C GLN H 139 21.31 -15.37 19.32
N ASN H 140 20.14 -14.93 18.86
CA ASN H 140 19.43 -13.83 19.52
C ASN H 140 18.48 -14.31 20.60
N GLN H 141 17.82 -15.45 20.38
CA GLN H 141 16.87 -15.90 21.39
C GLN H 141 17.59 -16.31 22.65
N GLN H 142 18.72 -17.01 22.53
CA GLN H 142 19.50 -17.37 23.69
C GLN H 142 20.38 -16.23 24.17
N GLU H 143 20.59 -15.20 23.35
CA GLU H 143 21.52 -14.12 23.69
C GLU H 143 20.86 -13.01 24.50
N LYS H 144 19.64 -12.62 24.17
CA LYS H 144 19.02 -11.54 24.92
C LYS H 144 18.41 -12.03 26.23
N ASN H 145 17.89 -13.25 26.26
CA ASN H 145 17.50 -13.83 27.55
C ASN H 145 18.71 -14.06 28.43
N GLU H 146 19.84 -14.40 27.82
CA GLU H 146 21.12 -14.42 28.54
C GLU H 146 21.39 -13.07 29.18
N GLN H 147 21.41 -12.00 28.38
CA GLN H 147 21.60 -10.66 28.90
C GLN H 147 20.54 -10.32 29.95
N ASP H 148 19.31 -10.79 29.75
CA ASP H 148 18.26 -10.57 30.74
C ASP H 148 18.64 -11.20 32.08
N LEU H 149 19.09 -12.45 32.04
CA LEU H 149 19.62 -13.07 33.25
C LEU H 149 20.90 -12.36 33.70
N LEU H 150 21.73 -11.94 32.75
CA LEU H 150 23.06 -11.45 33.11
C LEU H 150 23.00 -10.03 33.68
N ALA H 151 22.13 -9.18 33.16
CA ALA H 151 22.03 -7.83 33.65
C ALA H 151 21.28 -7.73 34.98
N LEU H 152 21.18 -8.83 35.73
CA LEU H 152 20.42 -8.80 36.98
C LEU H 152 21.15 -7.99 38.06
N ASP H 153 22.47 -8.05 38.08
CA ASP H 153 23.25 -7.30 39.06
C ASP H 153 24.23 -6.36 38.37
N ASN I 1 38.24 -22.00 13.55
CA ASN I 1 37.17 -21.35 14.29
C ASN I 1 36.37 -20.40 13.42
N LEU I 2 35.46 -20.94 12.61
CA LEU I 2 34.68 -20.12 11.70
C LEU I 2 33.26 -19.93 12.23
N TRP I 3 32.68 -18.78 11.87
CA TRP I 3 31.33 -18.42 12.28
C TRP I 3 30.60 -17.84 11.08
N VAL I 4 29.27 -17.91 11.12
CA VAL I 4 28.49 -17.30 10.03
C VAL I 4 28.47 -15.79 10.20
N THR I 5 28.22 -15.09 9.09
CA THR I 5 27.95 -13.66 9.12
C THR I 5 26.92 -13.28 8.06
N VAL I 6 25.97 -12.45 8.48
CA VAL I 6 24.93 -11.97 7.60
C VAL I 6 25.48 -10.79 6.80
N TYR I 7 25.30 -10.84 5.49
CA TYR I 7 25.68 -9.75 4.59
C TYR I 7 24.43 -9.30 3.85
N TYR I 8 24.24 -7.98 3.77
CA TYR I 8 23.04 -7.40 3.19
C TYR I 8 23.43 -6.49 2.03
N GLY I 9 22.75 -6.67 0.90
CA GLY I 9 23.13 -6.01 -0.34
C GLY I 9 24.06 -6.81 -1.22
N VAL I 10 24.18 -8.11 -0.99
CA VAL I 10 25.06 -8.94 -1.81
C VAL I 10 24.51 -9.02 -3.23
N PRO I 11 25.35 -9.06 -4.26
CA PRO I 11 24.84 -9.03 -5.62
C PRO I 11 24.36 -10.40 -6.10
N VAL I 12 23.11 -10.75 -5.81
CA VAL I 12 22.55 -12.06 -6.17
C VAL I 12 21.14 -11.85 -6.72
N TRP I 13 20.88 -12.44 -7.89
CA TRP I 13 19.58 -12.32 -8.53
C TRP I 13 19.18 -13.67 -9.13
N LYS I 14 17.89 -13.82 -9.36
CA LYS I 14 17.33 -14.99 -10.02
C LYS I 14 16.28 -14.55 -11.03
N ASP I 15 16.15 -15.31 -12.12
CA ASP I 15 15.11 -15.05 -13.11
C ASP I 15 13.75 -15.02 -12.44
N ALA I 16 12.93 -14.04 -12.80
CA ALA I 16 11.62 -13.96 -12.18
C ALA I 16 10.72 -13.00 -12.96
N GLU I 17 9.42 -13.15 -12.76
CA GLU I 17 8.40 -12.35 -13.40
C GLU I 17 7.57 -11.64 -12.34
N THR I 18 7.24 -10.38 -12.61
CA THR I 18 6.47 -9.57 -11.68
C THR I 18 5.76 -8.46 -12.46
N THR I 19 5.05 -7.62 -11.73
CA THR I 19 4.37 -6.47 -12.32
C THR I 19 5.37 -5.36 -12.59
N LEU I 20 5.32 -4.81 -13.81
CA LEU I 20 6.18 -3.71 -14.23
C LEU I 20 5.33 -2.46 -14.47
N PHE I 21 5.90 -1.30 -14.19
CA PHE I 21 5.24 -0.03 -14.42
C PHE I 21 5.85 0.66 -15.63
N CYS I 22 5.28 1.82 -15.97
CA CYS I 22 5.60 2.51 -17.21
C CYS I 22 6.18 3.90 -16.94
N ALA I 23 7.02 4.34 -17.85
CA ALA I 23 7.56 5.70 -17.81
C ALA I 23 7.43 6.26 -19.20
N SER I 24 7.12 7.55 -19.29
CA SER I 24 6.81 8.18 -20.57
C SER I 24 7.57 9.47 -20.84
N ASP I 25 8.86 9.35 -21.15
CA ASP I 25 9.62 10.52 -21.60
C ASP I 25 9.51 11.62 -20.56
N ALA I 26 9.15 12.83 -21.03
CA ALA I 26 8.97 13.96 -20.13
C ALA I 26 7.59 14.57 -20.31
N ALA I 38 -2.99 6.63 -23.51
CA ALA I 38 -3.23 6.32 -22.10
C ALA I 38 -2.10 6.86 -21.24
N THR I 39 -1.23 7.65 -21.86
CA THR I 39 0.03 8.04 -21.24
C THR I 39 -0.15 9.33 -20.44
N HIS I 40 -0.85 9.19 -19.33
CA HIS I 40 -0.92 10.21 -18.30
C HIS I 40 -0.50 9.70 -16.93
N ALA I 41 -0.66 8.40 -16.66
CA ALA I 41 -0.29 7.79 -15.39
C ALA I 41 1.15 7.31 -15.37
N CYS I 42 1.89 7.42 -16.47
CA CYS I 42 3.28 6.99 -16.50
C CYS I 42 4.17 8.07 -15.91
N VAL I 43 4.98 7.68 -14.91
CA VAL I 43 5.86 8.63 -14.23
C VAL I 43 6.89 9.16 -15.21
N PRO I 44 7.22 10.44 -15.22
CA PRO I 44 8.21 10.95 -16.15
C PRO I 44 9.54 10.22 -16.00
N THR I 45 10.16 9.91 -17.14
CA THR I 45 11.47 9.28 -17.13
C THR I 45 12.51 10.24 -16.58
N ASP I 46 13.48 9.69 -15.88
CA ASP I 46 14.60 10.50 -15.42
C ASP I 46 15.30 11.12 -16.63
N PRO I 47 15.57 12.42 -16.62
CA PRO I 47 16.13 13.07 -17.82
C PRO I 47 17.38 12.38 -18.36
N ASN I 48 18.13 11.71 -17.49
CA ASN I 48 19.19 10.81 -17.91
C ASN I 48 19.09 9.55 -17.07
N PRO I 49 18.81 8.40 -17.66
CA PRO I 49 18.85 7.13 -16.92
C PRO I 49 20.29 6.68 -16.69
N GLN I 50 20.43 5.68 -15.82
CA GLN I 50 21.72 5.13 -15.45
C GLN I 50 21.77 3.65 -15.86
N GLU I 51 22.86 3.26 -16.52
CA GLU I 51 23.08 1.89 -16.97
C GLU I 51 24.39 1.40 -16.39
N ILE I 52 24.36 0.25 -15.73
CA ILE I 52 25.52 -0.28 -15.02
C ILE I 52 25.98 -1.56 -15.69
N HIS I 53 27.17 -1.52 -16.28
CA HIS I 53 27.75 -2.70 -16.90
C HIS I 53 28.16 -3.71 -15.83
N LEU I 54 27.97 -4.99 -16.13
CA LEU I 54 28.28 -6.09 -15.20
C LEU I 54 29.52 -6.81 -15.74
N GLU I 55 30.69 -6.37 -15.30
CA GLU I 55 31.93 -6.98 -15.74
C GLU I 55 32.03 -8.43 -15.27
N ASN I 56 32.65 -9.26 -16.10
CA ASN I 56 32.89 -10.67 -15.82
C ASN I 56 31.60 -11.45 -15.55
N VAL I 57 30.47 -10.93 -16.02
CA VAL I 57 29.17 -11.57 -15.80
C VAL I 57 28.68 -12.12 -17.14
N THR I 58 28.23 -13.37 -17.13
CA THR I 58 27.60 -13.98 -18.29
C THR I 58 26.22 -14.44 -17.88
N GLU I 59 25.19 -13.85 -18.49
CA GLU I 59 23.80 -14.23 -18.27
C GLU I 59 23.24 -14.82 -19.56
N GLU I 60 22.42 -15.86 -19.43
CA GLU I 60 21.89 -16.58 -20.58
C GLU I 60 20.43 -16.23 -20.78
N PHE I 61 20.10 -15.79 -22.00
CA PHE I 61 18.77 -15.29 -22.33
C PHE I 61 17.97 -16.32 -23.11
N ASN I 62 16.65 -16.20 -23.01
CA ASN I 62 15.69 -16.97 -23.80
C ASN I 62 14.49 -16.14 -24.27
N MET I 63 14.69 -15.27 -25.27
CA MET I 63 13.64 -14.35 -25.68
C MET I 63 12.32 -15.05 -25.97
N TRP I 64 12.36 -16.35 -26.27
CA TRP I 64 11.14 -17.06 -26.63
C TRP I 64 10.25 -17.29 -25.42
N LYS I 65 10.90 -17.66 -24.31
CA LYS I 65 10.33 -17.63 -22.98
C LYS I 65 10.62 -16.33 -22.19
N ASN I 66 10.13 -15.22 -22.71
CA ASN I 66 10.07 -13.94 -22.00
C ASN I 66 8.71 -13.68 -21.36
N ASN I 67 8.70 -13.30 -20.09
CA ASN I 67 7.41 -12.87 -19.57
C ASN I 67 7.09 -11.42 -19.94
N MET I 68 8.11 -10.56 -20.12
CA MET I 68 7.86 -9.13 -20.39
C MET I 68 6.97 -8.94 -21.61
N VAL I 69 7.18 -9.76 -22.64
CA VAL I 69 6.37 -9.67 -23.86
C VAL I 69 4.90 -9.90 -23.54
N GLU I 70 4.59 -11.00 -22.86
CA GLU I 70 3.21 -11.37 -22.60
C GLU I 70 2.53 -10.47 -21.57
N GLN I 71 3.29 -9.65 -20.84
CA GLN I 71 2.69 -8.62 -20.00
C GLN I 71 2.39 -7.36 -20.79
N MET I 72 3.31 -6.95 -21.68
CA MET I 72 3.06 -5.81 -22.54
C MET I 72 1.86 -6.04 -23.44
N HIS I 73 1.77 -7.24 -24.05
CA HIS I 73 0.66 -7.55 -24.94
C HIS I 73 -0.68 -7.50 -24.21
N THR I 74 -0.76 -8.19 -23.06
CA THR I 74 -1.97 -8.13 -22.25
C THR I 74 -2.24 -6.71 -21.76
N ASP I 75 -1.19 -5.90 -21.61
CA ASP I 75 -1.38 -4.49 -21.25
C ASP I 75 -2.05 -3.74 -22.38
N ILE I 76 -1.48 -3.81 -23.59
CA ILE I 76 -2.02 -3.07 -24.72
C ILE I 76 -3.49 -3.43 -24.94
N ILE I 77 -3.82 -4.73 -24.85
CA ILE I 77 -5.19 -5.17 -25.04
C ILE I 77 -6.11 -4.54 -24.02
N SER I 78 -5.75 -4.62 -22.74
CA SER I 78 -6.57 -4.06 -21.68
C SER I 78 -6.46 -2.54 -21.59
N LEU I 79 -5.36 -1.95 -22.05
CA LEU I 79 -5.27 -0.49 -22.14
C LEU I 79 -6.23 0.05 -23.19
N TRP I 80 -6.28 -0.61 -24.36
CA TRP I 80 -7.06 -0.11 -25.48
C TRP I 80 -8.55 -0.17 -25.20
N ASP I 81 -9.01 -1.24 -24.53
CA ASP I 81 -10.42 -1.32 -24.14
C ASP I 81 -10.84 -0.12 -23.29
N GLN I 82 -9.92 0.41 -22.49
CA GLN I 82 -10.20 1.61 -21.73
C GLN I 82 -10.39 2.82 -22.64
N SER I 83 -9.78 2.81 -23.81
CA SER I 83 -9.92 3.90 -24.78
C SER I 83 -11.27 3.88 -25.50
N LEU I 84 -12.15 2.93 -25.19
CA LEU I 84 -13.46 2.85 -25.82
C LEU I 84 -14.60 3.01 -24.81
N LYS I 85 -14.29 3.19 -23.52
CA LYS I 85 -15.34 3.26 -22.52
C LYS I 85 -16.12 4.57 -22.60
N PRO I 86 -15.51 5.75 -22.52
CA PRO I 86 -16.29 6.98 -22.56
C PRO I 86 -16.69 7.43 -23.96
N CYS I 87 -16.54 6.56 -24.96
CA CYS I 87 -16.85 6.90 -26.35
C CYS I 87 -18.24 6.42 -26.72
N VAL I 88 -18.74 6.97 -27.83
CA VAL I 88 -20.14 6.73 -28.21
C VAL I 88 -20.29 5.32 -28.74
N LYS I 89 -21.29 4.60 -28.20
CA LYS I 89 -21.62 3.28 -28.71
C LYS I 89 -22.50 3.40 -29.94
N LEU I 90 -22.26 2.57 -30.95
CA LEU I 90 -22.95 2.70 -32.23
C LEU I 90 -24.22 1.86 -32.41
N THR I 91 -24.79 1.33 -31.35
CA THR I 91 -25.69 0.20 -31.50
C THR I 91 -26.76 0.50 -32.56
N PRO I 92 -27.23 1.74 -32.68
CA PRO I 92 -28.26 2.02 -33.68
C PRO I 92 -27.76 2.08 -35.11
N LEU I 93 -26.54 1.61 -35.37
CA LEU I 93 -25.97 1.61 -36.72
C LEU I 93 -25.93 0.21 -37.33
N CYS I 94 -26.70 -0.73 -36.80
CA CYS I 94 -26.98 -2.00 -37.46
C CYS I 94 -28.37 -1.87 -38.10
N VAL I 95 -28.39 -1.37 -39.33
CA VAL I 95 -29.62 -1.23 -40.10
C VAL I 95 -29.33 -1.69 -41.51
N THR I 96 -30.37 -2.16 -42.21
CA THR I 96 -30.19 -2.53 -43.61
C THR I 96 -29.72 -1.32 -44.40
N LEU I 97 -28.73 -1.53 -45.26
CA LEU I 97 -28.09 -0.44 -45.98
C LEU I 97 -28.48 -0.51 -47.46
N GLN I 98 -28.99 0.62 -47.97
CA GLN I 98 -29.29 0.77 -49.40
C GLN I 98 -28.10 1.49 -50.03
N CYS I 99 -27.34 0.76 -50.84
CA CYS I 99 -26.01 1.19 -51.25
C CYS I 99 -25.85 1.19 -52.76
N THR I 100 -24.91 2.02 -53.22
CA THR I 100 -24.46 2.07 -54.60
C THR I 100 -22.99 2.45 -54.61
N ASN I 101 -22.35 2.23 -55.75
CA ASN I 101 -20.92 2.51 -55.88
C ASN I 101 -20.66 4.01 -56.06
N LEU I 114 -15.34 2.77 -52.65
CA LEU I 114 -16.23 3.63 -51.89
C LEU I 114 -17.68 3.42 -52.31
N LYS I 115 -18.60 3.54 -51.36
CA LYS I 115 -20.01 3.28 -51.60
C LYS I 115 -20.87 4.33 -50.90
N ASN I 116 -21.91 4.78 -51.60
CA ASN I 116 -22.82 5.82 -51.11
C ASN I 116 -24.06 5.13 -50.56
N CYS I 117 -24.05 4.84 -49.26
CA CYS I 117 -25.12 4.09 -48.62
C CYS I 117 -26.06 5.02 -47.87
N SER I 118 -27.36 4.75 -47.98
CA SER I 118 -28.40 5.50 -47.30
C SER I 118 -29.09 4.61 -46.27
N PHE I 119 -29.59 5.22 -45.20
CA PHE I 119 -30.18 4.43 -44.12
C PHE I 119 -30.98 5.34 -43.19
N ASN I 120 -31.99 4.74 -42.54
CA ASN I 120 -32.78 5.40 -41.51
C ASN I 120 -32.03 5.40 -40.19
N MET I 121 -32.28 6.43 -39.37
CA MET I 121 -31.49 6.64 -38.17
C MET I 121 -32.36 7.14 -37.03
N THR I 122 -32.01 6.70 -35.81
CA THR I 122 -32.64 7.22 -34.60
C THR I 122 -32.19 8.64 -34.34
N THR I 123 -33.11 9.48 -33.85
CA THR I 123 -32.83 10.89 -33.65
C THR I 123 -32.56 11.18 -32.17
N GLU I 124 -32.51 12.47 -31.83
CA GLU I 124 -32.26 12.87 -30.45
C GLU I 124 -33.40 12.45 -29.53
N LEU I 125 -34.63 12.64 -29.97
CA LEU I 125 -35.80 12.20 -29.22
C LEU I 125 -36.17 10.78 -29.63
N ARG I 126 -37.05 10.14 -28.86
CA ARG I 126 -37.37 8.74 -29.13
C ARG I 126 -38.19 8.57 -30.40
N ASP I 127 -39.04 9.55 -30.74
CA ASP I 127 -40.05 9.34 -31.78
C ASP I 127 -39.45 9.42 -33.19
N LYS I 128 -38.85 10.55 -33.53
CA LYS I 128 -38.54 10.83 -34.92
C LYS I 128 -37.45 9.89 -35.45
N LYS I 129 -37.37 9.85 -36.78
CA LYS I 129 -36.32 9.13 -37.49
C LYS I 129 -35.68 10.10 -38.47
N GLN I 130 -34.55 9.67 -39.05
CA GLN I 130 -33.81 10.54 -39.95
C GLN I 130 -33.12 9.71 -41.02
N LYS I 131 -33.27 10.13 -42.27
CA LYS I 131 -32.56 9.52 -43.38
C LYS I 131 -31.23 10.23 -43.58
N VAL I 132 -30.16 9.45 -43.73
CA VAL I 132 -28.81 10.00 -43.85
C VAL I 132 -28.01 9.11 -44.80
N TYR I 133 -27.06 9.72 -45.51
CA TYR I 133 -26.14 8.99 -46.38
C TYR I 133 -24.72 9.22 -45.89
N SER I 134 -23.89 8.19 -46.05
CA SER I 134 -22.50 8.22 -45.60
C SER I 134 -21.64 7.55 -46.67
N LEU I 135 -20.35 7.37 -46.35
CA LEU I 135 -19.38 6.83 -47.30
C LEU I 135 -18.48 5.83 -46.59
N PHE I 136 -18.63 4.55 -46.91
CA PHE I 136 -17.84 3.49 -46.32
C PHE I 136 -17.06 2.75 -47.41
N TYR I 137 -16.12 1.92 -46.97
CA TYR I 137 -15.27 1.19 -47.90
C TYR I 137 -15.85 -0.19 -48.18
N ARG I 138 -15.41 -0.77 -49.30
CA ARG I 138 -15.91 -2.08 -49.71
C ARG I 138 -15.66 -3.13 -48.64
N LEU I 139 -14.63 -2.95 -47.81
CA LEU I 139 -14.31 -3.91 -46.78
C LEU I 139 -15.20 -3.78 -45.56
N ASP I 140 -15.75 -2.58 -45.32
CA ASP I 140 -16.62 -2.35 -44.17
C ASP I 140 -18.02 -2.90 -44.36
N VAL I 141 -18.39 -3.33 -45.57
CA VAL I 141 -19.76 -3.67 -45.89
C VAL I 141 -19.80 -5.01 -46.62
N VAL I 142 -20.96 -5.66 -46.53
CA VAL I 142 -21.22 -6.93 -47.20
C VAL I 142 -22.66 -6.93 -47.70
N GLN I 143 -22.87 -7.58 -48.84
CA GLN I 143 -24.21 -7.63 -49.43
C GLN I 143 -25.11 -8.54 -48.60
N ILE I 144 -26.36 -8.10 -48.42
CA ILE I 144 -27.31 -8.85 -47.62
C ILE I 144 -28.42 -9.43 -48.52
N LEU I 161 -23.28 -3.73 -42.41
CA LEU I 161 -21.83 -3.77 -42.19
C LEU I 161 -21.42 -5.14 -41.66
N ILE I 162 -20.14 -5.48 -41.85
CA ILE I 162 -19.68 -6.84 -41.58
C ILE I 162 -19.71 -7.14 -40.08
N ASN I 163 -19.61 -6.11 -39.23
CA ASN I 163 -19.42 -6.33 -37.80
C ASN I 163 -20.65 -6.97 -37.16
N CYS I 164 -21.85 -6.53 -37.56
CA CYS I 164 -23.07 -7.00 -36.92
C CYS I 164 -23.15 -8.51 -36.93
N ASN I 165 -22.77 -9.13 -38.07
CA ASN I 165 -22.64 -10.58 -38.15
C ASN I 165 -21.75 -11.13 -37.03
N THR I 166 -20.71 -10.38 -36.65
CA THR I 166 -19.71 -10.87 -35.72
C THR I 166 -19.92 -10.33 -34.30
N SER I 167 -19.98 -9.01 -34.13
CA SER I 167 -19.94 -8.41 -32.81
C SER I 167 -20.64 -7.06 -32.80
N ALA I 168 -20.84 -6.53 -31.59
CA ALA I 168 -21.29 -5.16 -31.42
C ALA I 168 -20.15 -4.20 -31.74
N ILE I 169 -20.46 -2.89 -31.76
CA ILE I 169 -19.50 -1.89 -32.21
C ILE I 169 -19.59 -0.65 -31.33
N THR I 170 -18.43 -0.01 -31.12
CA THR I 170 -18.31 1.28 -30.45
C THR I 170 -17.35 2.14 -31.26
N GLN I 171 -17.76 3.37 -31.54
CA GLN I 171 -16.86 4.27 -32.25
C GLN I 171 -15.84 4.85 -31.28
N ALA I 172 -14.72 5.30 -31.83
CA ALA I 172 -13.65 5.86 -31.03
C ALA I 172 -13.97 7.30 -30.64
N CYS I 173 -13.46 7.71 -29.48
CA CYS I 173 -13.54 9.11 -29.09
C CYS I 173 -12.66 9.94 -30.00
N PRO I 174 -13.19 10.98 -30.65
CA PRO I 174 -12.35 11.81 -31.53
C PRO I 174 -11.34 12.64 -30.77
N LYS I 175 -11.51 12.84 -29.46
CA LYS I 175 -10.60 13.65 -28.68
C LYS I 175 -9.26 12.95 -28.50
N VAL I 176 -9.27 11.63 -28.32
CA VAL I 176 -8.04 10.90 -28.09
C VAL I 176 -7.37 10.57 -29.42
N SER I 177 -6.09 10.25 -29.37
CA SER I 177 -5.30 10.00 -30.55
C SER I 177 -4.46 8.75 -30.37
N PHE I 178 -4.09 8.13 -31.49
CA PHE I 178 -3.34 6.88 -31.50
C PHE I 178 -1.88 7.07 -31.92
N GLU I 179 -1.34 8.27 -31.75
CA GLU I 179 0.05 8.50 -32.12
C GLU I 179 0.96 7.77 -31.13
N PRO I 180 2.04 7.17 -31.61
CA PRO I 180 2.90 6.38 -30.72
C PRO I 180 3.93 7.21 -29.98
N ILE I 181 4.01 6.99 -28.67
CA ILE I 181 4.99 7.67 -27.82
C ILE I 181 5.95 6.61 -27.30
N PRO I 182 7.24 6.89 -27.20
CA PRO I 182 8.16 5.93 -26.59
C PRO I 182 7.72 5.59 -25.18
N ILE I 183 7.64 4.28 -24.90
CA ILE I 183 7.22 3.77 -23.60
C ILE I 183 8.39 3.02 -22.99
N HIS I 184 8.72 3.36 -21.75
CA HIS I 184 9.79 2.70 -21.01
C HIS I 184 9.16 1.79 -19.96
N TYR I 185 9.41 0.48 -20.09
CA TYR I 185 9.01 -0.49 -19.09
C TYR I 185 10.08 -0.57 -18.02
N CYS I 186 9.68 -0.40 -16.76
CA CYS I 186 10.62 -0.36 -15.65
C CYS I 186 10.30 -1.44 -14.63
N ALA I 187 11.37 -1.91 -13.90
CA ALA I 187 11.23 -2.91 -12.85
C ALA I 187 11.19 -2.26 -11.47
N PRO I 188 10.30 -2.69 -10.59
CA PRO I 188 10.19 -2.06 -9.27
C PRO I 188 11.34 -2.47 -8.35
N ALA I 189 11.37 -1.88 -7.15
CA ALA I 189 12.44 -2.16 -6.21
C ALA I 189 12.42 -3.62 -5.79
N GLY I 190 13.60 -4.16 -5.49
CA GLY I 190 13.76 -5.58 -5.27
C GLY I 190 13.91 -6.37 -6.54
N PHE I 191 13.73 -5.75 -7.70
CA PHE I 191 13.91 -6.40 -8.99
C PHE I 191 14.86 -5.56 -9.83
N ALA I 192 15.18 -6.07 -11.01
CA ALA I 192 16.05 -5.36 -11.96
C ALA I 192 15.84 -5.99 -13.33
N ILE I 193 16.32 -5.28 -14.35
CA ILE I 193 16.24 -5.74 -15.74
C ILE I 193 17.65 -5.80 -16.30
N LEU I 194 17.99 -6.93 -16.89
CA LEU I 194 19.30 -7.13 -17.50
C LEU I 194 19.20 -6.91 -19.00
N LYS I 195 20.26 -6.36 -19.57
CA LYS I 195 20.32 -6.05 -21.00
C LYS I 195 21.55 -6.70 -21.61
N CYS I 196 21.35 -7.36 -22.75
CA CYS I 196 22.46 -7.93 -23.50
C CYS I 196 23.06 -6.82 -24.36
N LYS I 197 24.26 -6.37 -24.00
CA LYS I 197 24.86 -5.22 -24.67
C LYS I 197 25.31 -5.56 -26.09
N ASP I 198 25.62 -6.82 -26.38
CA ASP I 198 26.39 -7.14 -27.57
C ASP I 198 25.67 -6.71 -28.85
N LYS I 199 26.44 -6.21 -29.81
CA LYS I 199 25.86 -5.57 -30.98
C LYS I 199 24.96 -6.53 -31.76
N LYS I 200 25.35 -7.79 -31.84
CA LYS I 200 24.60 -8.83 -32.54
C LYS I 200 24.30 -9.97 -31.58
N PHE I 201 23.01 -10.27 -31.42
CA PHE I 201 22.51 -11.23 -30.45
C PHE I 201 21.37 -12.00 -31.10
N ASN I 202 21.32 -13.33 -30.94
CA ASN I 202 20.18 -14.05 -31.52
C ASN I 202 18.91 -13.86 -30.71
N GLY I 203 19.03 -13.53 -29.43
CA GLY I 203 17.91 -13.61 -28.53
C GLY I 203 17.99 -14.78 -27.56
N THR I 204 18.93 -15.70 -27.77
CA THR I 204 19.11 -16.86 -26.91
C THR I 204 20.59 -17.09 -26.64
N GLY I 205 20.88 -17.86 -25.60
CA GLY I 205 22.23 -18.24 -25.29
C GLY I 205 22.91 -17.29 -24.33
N PRO I 206 24.24 -17.39 -24.24
CA PRO I 206 24.99 -16.59 -23.26
C PRO I 206 25.32 -15.19 -23.76
N CYS I 207 25.18 -14.22 -22.87
CA CYS I 207 25.51 -12.83 -23.17
C CYS I 207 26.75 -12.43 -22.38
N PRO I 208 27.88 -12.18 -23.04
CA PRO I 208 29.12 -11.88 -22.28
C PRO I 208 29.13 -10.48 -21.70
N SER I 209 28.62 -9.50 -22.45
CA SER I 209 28.53 -8.12 -21.98
C SER I 209 27.09 -7.88 -21.54
N VAL I 210 26.86 -7.90 -20.23
CA VAL I 210 25.54 -7.68 -19.64
C VAL I 210 25.58 -6.41 -18.80
N SER I 211 24.44 -5.75 -18.71
CA SER I 211 24.27 -4.59 -17.86
C SER I 211 22.88 -4.65 -17.24
N THR I 212 22.58 -3.69 -16.37
CA THR I 212 21.26 -3.61 -15.76
C THR I 212 20.81 -2.16 -15.67
N VAL I 213 19.51 -1.94 -15.87
CA VAL I 213 18.90 -0.63 -15.77
C VAL I 213 17.56 -0.76 -15.06
N GLN I 214 17.04 0.37 -14.60
CA GLN I 214 15.71 0.37 -14.02
C GLN I 214 14.63 0.35 -15.09
N CYS I 215 14.89 0.97 -16.24
CA CYS I 215 13.87 1.18 -17.27
C CYS I 215 14.41 0.79 -18.64
N THR I 216 13.60 0.04 -19.38
CA THR I 216 13.88 -0.30 -20.78
C THR I 216 13.73 0.92 -21.68
N HIS I 217 14.43 0.92 -22.81
CA HIS I 217 14.51 2.10 -23.65
C HIS I 217 13.12 2.49 -24.17
N GLY I 218 13.06 3.62 -24.86
CA GLY I 218 11.82 4.08 -25.46
C GLY I 218 11.31 3.15 -26.54
N ILE I 219 10.42 2.24 -26.17
CA ILE I 219 9.95 1.20 -27.08
C ILE I 219 8.66 1.65 -27.74
N LYS I 220 8.58 1.49 -29.05
CA LYS I 220 7.43 1.96 -29.82
C LYS I 220 6.29 0.95 -29.73
N PRO I 221 5.12 1.33 -29.23
CA PRO I 221 4.00 0.38 -29.13
C PRO I 221 3.22 0.24 -30.43
N VAL I 222 3.90 0.39 -31.56
CA VAL I 222 3.23 0.48 -32.86
C VAL I 222 2.82 -0.91 -33.33
N VAL I 223 1.55 -1.07 -33.68
CA VAL I 223 1.06 -2.28 -34.31
C VAL I 223 1.26 -2.13 -35.81
N SER I 224 2.29 -2.78 -36.33
CA SER I 224 2.52 -2.88 -37.76
C SER I 224 2.44 -4.35 -38.15
N THR I 225 1.98 -4.60 -39.37
CA THR I 225 1.80 -5.96 -39.86
C THR I 225 2.75 -6.21 -41.03
N GLN I 226 3.41 -7.36 -41.00
CA GLN I 226 4.35 -7.76 -42.05
C GLN I 226 5.70 -7.05 -41.94
N LEU I 227 5.67 -5.71 -41.95
CA LEU I 227 6.89 -4.93 -41.86
C LEU I 227 6.90 -4.16 -40.55
N LEU I 228 8.05 -4.18 -39.87
CA LEU I 228 8.22 -3.43 -38.63
C LEU I 228 8.32 -1.94 -38.94
N LEU I 229 7.70 -1.12 -38.09
CA LEU I 229 7.63 0.32 -38.30
C LEU I 229 8.18 1.05 -37.07
N ASN I 230 9.16 1.92 -37.30
CA ASN I 230 9.71 2.80 -36.28
C ASN I 230 10.33 2.02 -35.11
N GLY I 231 10.93 0.88 -35.40
CA GLY I 231 11.45 0.00 -34.36
C GLY I 231 12.93 0.22 -34.10
N SER I 232 13.50 -0.71 -33.33
CA SER I 232 14.91 -0.65 -32.99
C SER I 232 15.76 -1.14 -34.16
N LEU I 233 16.72 -0.31 -34.57
CA LEU I 233 17.60 -0.63 -35.68
C LEU I 233 18.88 -1.25 -35.13
N ALA I 234 19.21 -2.43 -35.62
CA ALA I 234 20.33 -3.21 -35.12
C ALA I 234 21.65 -2.48 -35.33
N GLU I 235 22.50 -2.57 -34.31
CA GLU I 235 23.77 -1.86 -34.30
C GLU I 235 24.77 -2.28 -35.37
N GLU I 236 24.94 -3.57 -35.60
CA GLU I 236 26.01 -4.02 -36.48
C GLU I 236 25.55 -4.62 -37.81
N GLU I 237 24.85 -5.74 -37.74
CA GLU I 237 24.38 -6.42 -38.93
C GLU I 237 22.99 -6.94 -38.64
N VAL I 238 22.14 -7.06 -39.65
CA VAL I 238 20.76 -7.45 -39.40
C VAL I 238 20.70 -8.83 -38.81
N MET I 239 19.87 -8.98 -37.78
CA MET I 239 19.70 -10.26 -37.09
C MET I 239 18.46 -11.02 -37.55
N ILE I 240 18.61 -12.34 -37.65
CA ILE I 240 17.51 -13.24 -37.99
C ILE I 240 17.17 -14.07 -36.77
N ARG I 241 15.91 -14.08 -36.39
CA ARG I 241 15.51 -14.76 -35.16
C ARG I 241 14.20 -15.50 -35.38
N SER I 242 14.14 -16.76 -34.92
CA SER I 242 12.93 -17.58 -34.99
C SER I 242 12.93 -18.54 -33.83
N GLU I 243 11.72 -18.83 -33.31
CA GLU I 243 11.62 -19.76 -32.18
C GLU I 243 12.24 -21.11 -32.54
N ASN I 244 12.08 -21.53 -33.79
CA ASN I 244 12.76 -22.70 -34.32
C ASN I 244 13.16 -22.39 -35.76
N ILE I 245 14.46 -22.36 -36.02
CA ILE I 245 14.94 -22.14 -37.38
C ILE I 245 14.53 -23.29 -38.28
N THR I 246 14.76 -24.52 -37.83
CA THR I 246 14.47 -25.69 -38.65
C THR I 246 12.98 -25.82 -38.94
N ASN I 247 12.14 -25.39 -37.99
CA ASN I 247 10.69 -25.49 -38.17
C ASN I 247 10.17 -24.31 -38.98
N ASN I 248 9.41 -24.61 -40.03
CA ASN I 248 8.85 -23.56 -40.88
C ASN I 248 7.73 -22.81 -40.18
N ALA I 249 6.93 -23.52 -39.38
CA ALA I 249 5.72 -22.95 -38.81
C ALA I 249 6.00 -21.82 -37.83
N LYS I 250 7.19 -21.77 -37.24
CA LYS I 250 7.54 -20.67 -36.35
C LYS I 250 7.92 -19.45 -37.18
N ASN I 251 7.22 -18.34 -36.93
CA ASN I 251 7.48 -17.12 -37.69
C ASN I 251 8.92 -16.68 -37.51
N ILE I 252 9.46 -16.04 -38.55
CA ILE I 252 10.87 -15.66 -38.63
C ILE I 252 10.95 -14.14 -38.62
N LEU I 253 11.62 -13.59 -37.62
CA LEU I 253 11.73 -12.14 -37.48
C LEU I 253 13.07 -11.65 -38.01
N VAL I 254 13.03 -10.51 -38.71
CA VAL I 254 14.19 -9.88 -39.31
C VAL I 254 14.33 -8.49 -38.71
N GLN I 255 15.56 -8.08 -38.42
CA GLN I 255 15.83 -6.75 -37.90
C GLN I 255 16.80 -6.03 -38.83
N PHE I 256 16.37 -4.89 -39.37
CA PHE I 256 17.21 -4.12 -40.26
C PHE I 256 18.33 -3.42 -39.50
N ASN I 257 19.36 -3.02 -40.24
CA ASN I 257 20.37 -2.08 -39.79
C ASN I 257 20.40 -0.80 -40.60
N THR I 258 19.94 -0.86 -41.86
CA THR I 258 19.71 0.33 -42.65
C THR I 258 18.21 0.56 -42.71
N PRO I 259 17.70 1.71 -42.26
CA PRO I 259 16.25 1.93 -42.30
C PRO I 259 15.77 2.15 -43.72
N VAL I 260 14.53 1.75 -43.98
CA VAL I 260 13.90 1.89 -45.28
C VAL I 260 12.77 2.90 -45.14
N GLN I 261 12.88 4.03 -45.85
CA GLN I 261 11.84 5.03 -45.84
C GLN I 261 10.60 4.51 -46.56
N ILE I 262 9.43 5.01 -46.16
CA ILE I 262 8.17 4.62 -46.78
C ILE I 262 7.16 5.74 -46.58
N ASN I 263 6.53 6.15 -47.68
CA ASN I 263 5.53 7.21 -47.70
C ASN I 263 4.15 6.62 -47.93
N CYS I 264 3.21 6.92 -47.03
CA CYS I 264 1.80 6.57 -47.22
C CYS I 264 0.95 7.83 -47.23
N THR I 265 -0.20 7.76 -47.90
CA THR I 265 -1.01 8.96 -48.07
C THR I 265 -2.46 8.59 -48.42
N ARG I 266 -3.41 9.30 -47.82
CA ARG I 266 -4.82 9.26 -48.18
C ARG I 266 -5.14 10.55 -48.94
N PRO I 267 -4.93 10.57 -50.26
CA PRO I 267 -4.80 11.87 -50.96
C PRO I 267 -6.10 12.59 -51.29
N ASN I 268 -7.16 12.35 -50.53
CA ASN I 268 -8.47 12.93 -50.83
C ASN I 268 -8.92 13.79 -49.66
N ASN I 269 -9.30 15.04 -49.96
CA ASN I 269 -9.74 15.98 -48.93
C ASN I 269 -11.17 15.63 -48.53
N ASN I 270 -11.32 14.93 -47.42
CA ASN I 270 -12.61 14.47 -46.95
C ASN I 270 -13.27 15.50 -46.04
N THR I 271 -14.59 15.39 -45.92
CA THR I 271 -15.38 16.17 -44.98
C THR I 271 -16.31 15.21 -44.25
N ARG I 272 -16.38 15.36 -42.93
CA ARG I 272 -17.21 14.52 -42.09
C ARG I 272 -18.34 15.35 -41.49
N LYS I 273 -19.55 14.82 -41.54
CA LYS I 273 -20.73 15.49 -41.01
C LYS I 273 -21.24 14.73 -39.79
N SER I 274 -21.38 15.44 -38.68
CA SER I 274 -21.76 14.82 -37.40
C SER I 274 -23.28 14.73 -37.31
N ILE I 275 -23.81 13.58 -37.72
CA ILE I 275 -25.24 13.34 -37.56
C ILE I 275 -25.55 13.05 -36.09
N ARG I 276 -26.69 13.53 -35.62
CA ARG I 276 -27.02 13.55 -34.20
C ARG I 276 -27.80 12.30 -33.83
N ILE I 277 -27.10 11.28 -33.35
CA ILE I 277 -27.74 10.12 -32.73
C ILE I 277 -27.81 10.39 -31.24
N GLY I 278 -28.48 11.48 -30.87
CA GLY I 278 -28.56 11.91 -29.48
C GLY I 278 -29.25 10.94 -28.55
N PRO I 279 -29.42 11.33 -27.28
CA PRO I 279 -29.07 12.65 -26.76
C PRO I 279 -27.58 12.77 -26.40
N GLY I 280 -26.98 13.91 -26.73
CA GLY I 280 -25.59 14.15 -26.44
C GLY I 280 -24.64 13.44 -27.37
N GLN I 281 -24.79 12.12 -27.49
CA GLN I 281 -23.94 11.34 -28.38
C GLN I 281 -24.17 11.74 -29.83
N ALA I 282 -23.11 11.64 -30.63
CA ALA I 282 -23.17 12.06 -32.03
C ALA I 282 -22.21 11.23 -32.86
N PHE I 283 -22.71 10.64 -33.93
CA PHE I 283 -21.89 9.84 -34.83
C PHE I 283 -21.33 10.70 -35.96
N TYR I 284 -20.07 10.48 -36.31
CA TYR I 284 -19.37 11.28 -37.30
C TYR I 284 -19.35 10.51 -38.62
N ALA I 285 -20.36 10.77 -39.45
CA ALA I 285 -20.43 10.16 -40.77
C ALA I 285 -19.46 10.83 -41.72
N THR I 286 -19.22 10.17 -42.86
CA THR I 286 -18.28 10.68 -43.84
C THR I 286 -18.99 11.44 -44.94
N ALA I 296 -5.63 4.79 -52.39
CA ALA I 296 -4.81 5.40 -51.35
C ALA I 296 -3.46 4.69 -51.26
N HIS I 297 -2.75 4.64 -52.38
CA HIS I 297 -1.50 3.90 -52.45
C HIS I 297 -0.48 4.40 -51.44
N CYS I 298 0.41 3.51 -51.01
CA CYS I 298 1.49 3.85 -50.09
C CYS I 298 2.82 3.41 -50.68
N ASN I 299 3.87 4.24 -50.48
CA ASN I 299 5.07 4.25 -51.30
C ASN I 299 6.33 4.01 -50.49
N VAL I 300 7.27 3.28 -51.08
CA VAL I 300 8.60 3.04 -50.52
C VAL I 300 9.61 3.03 -51.66
N SER I 301 10.84 3.44 -51.37
CA SER I 301 11.86 3.47 -52.42
C SER I 301 12.33 2.07 -52.78
N LYS I 302 12.70 1.89 -54.05
CA LYS I 302 13.21 0.61 -54.54
C LYS I 302 14.73 0.53 -54.56
N ALA I 303 15.41 1.66 -54.76
CA ALA I 303 16.87 1.65 -54.77
C ALA I 303 17.43 1.15 -53.45
N THR I 304 16.77 1.49 -52.35
CA THR I 304 17.20 0.97 -51.05
C THR I 304 16.71 -0.45 -50.80
N TRP I 305 15.56 -0.83 -51.36
CA TRP I 305 14.99 -2.14 -51.08
C TRP I 305 15.81 -3.26 -51.70
N ASN I 306 16.24 -3.09 -52.95
CA ASN I 306 17.17 -4.04 -53.56
C ASN I 306 18.45 -4.14 -52.74
N GLU I 307 18.98 -2.99 -52.32
CA GLU I 307 20.15 -2.98 -51.45
C GLU I 307 19.86 -3.67 -50.12
N THR I 308 18.67 -3.43 -49.57
CA THR I 308 18.32 -4.03 -48.29
C THR I 308 18.15 -5.54 -48.41
N LEU I 309 17.42 -6.00 -49.43
CA LEU I 309 17.14 -7.43 -49.59
C LEU I 309 18.43 -8.23 -49.74
N GLY I 310 19.41 -7.70 -50.48
CA GLY I 310 20.65 -8.42 -50.68
C GLY I 310 21.40 -8.66 -49.38
N LYS I 311 21.29 -7.72 -48.43
CA LYS I 311 21.84 -7.96 -47.11
C LYS I 311 21.03 -9.01 -46.37
N VAL I 312 19.72 -9.06 -46.61
CA VAL I 312 18.87 -10.05 -45.96
C VAL I 312 19.23 -11.45 -46.44
N VAL I 313 19.38 -11.64 -47.76
CA VAL I 313 19.65 -12.97 -48.28
C VAL I 313 21.03 -13.45 -47.83
N LYS I 314 22.00 -12.55 -47.75
CA LYS I 314 23.30 -12.91 -47.20
C LYS I 314 23.20 -13.17 -45.70
N GLN I 315 22.27 -12.49 -45.02
CA GLN I 315 22.09 -12.69 -43.58
C GLN I 315 21.61 -14.11 -43.29
N LEU I 316 20.76 -14.67 -44.16
CA LEU I 316 20.35 -16.06 -44.00
C LEU I 316 21.55 -16.99 -43.95
N ARG I 317 22.51 -16.78 -44.84
CA ARG I 317 23.81 -17.44 -44.79
C ARG I 317 23.71 -18.96 -44.65
N LYS I 318 24.23 -19.49 -43.55
CA LYS I 318 24.30 -20.94 -43.38
C LYS I 318 22.92 -21.54 -43.11
N HIS I 319 22.00 -20.77 -42.56
CA HIS I 319 20.81 -21.35 -41.99
C HIS I 319 20.15 -22.21 -43.06
N PHE I 320 20.20 -21.75 -44.30
CA PHE I 320 19.66 -22.53 -45.40
C PHE I 320 20.73 -22.93 -46.41
N GLY I 321 21.97 -22.53 -46.20
CA GLY I 321 23.10 -22.91 -47.03
C GLY I 321 23.62 -21.73 -47.83
N ASN I 322 24.93 -21.70 -48.03
CA ASN I 322 25.50 -20.73 -48.96
C ASN I 322 25.10 -21.07 -50.39
N ASN I 323 25.11 -22.35 -50.74
CA ASN I 323 24.78 -22.82 -52.08
C ASN I 323 23.30 -23.20 -52.11
N THR I 324 22.45 -22.17 -52.22
CA THR I 324 21.02 -22.41 -52.38
C THR I 324 20.34 -21.15 -52.92
N ILE I 325 19.24 -21.38 -53.62
CA ILE I 325 18.40 -20.30 -54.13
C ILE I 325 17.44 -19.85 -53.04
N ILE I 326 17.14 -18.56 -53.01
CA ILE I 326 16.27 -17.97 -51.99
C ILE I 326 15.08 -17.33 -52.70
N ARG I 327 13.88 -17.72 -52.30
CA ARG I 327 12.65 -17.28 -52.96
C ARG I 327 11.87 -16.33 -52.07
N PHE I 328 11.31 -15.30 -52.70
CA PHE I 328 10.38 -14.38 -52.06
C PHE I 328 9.04 -14.49 -52.78
N ALA I 329 7.95 -14.58 -52.01
CA ALA I 329 6.62 -14.75 -52.59
C ALA I 329 5.60 -14.00 -51.74
N ASN I 330 4.45 -13.69 -52.34
CA ASN I 330 3.41 -12.96 -51.64
C ASN I 330 2.69 -13.88 -50.64
N SER I 331 1.83 -13.26 -49.82
CA SER I 331 1.17 -13.98 -48.74
C SER I 331 0.32 -15.13 -49.28
N SER I 332 0.35 -16.25 -48.58
CA SER I 332 -0.41 -17.42 -49.02
C SER I 332 -1.90 -17.26 -48.79
N GLY I 333 -2.32 -16.34 -47.94
CA GLY I 333 -3.71 -16.15 -47.60
C GLY I 333 -3.92 -16.17 -46.10
N GLY I 334 -5.17 -15.99 -45.71
CA GLY I 334 -5.50 -15.95 -44.30
C GLY I 334 -6.30 -14.72 -43.92
N ASP I 335 -6.15 -14.24 -42.69
CA ASP I 335 -6.88 -13.07 -42.25
C ASP I 335 -6.38 -11.82 -42.95
N LEU I 336 -7.28 -10.86 -43.13
CA LEU I 336 -6.89 -9.60 -43.75
C LEU I 336 -5.86 -8.85 -42.93
N GLU I 337 -5.71 -9.19 -41.65
CA GLU I 337 -4.66 -8.61 -40.84
C GLU I 337 -3.32 -9.28 -41.04
N VAL I 338 -3.26 -10.40 -41.76
CA VAL I 338 -1.99 -11.04 -42.10
C VAL I 338 -1.61 -10.78 -43.54
N THR I 339 -2.59 -10.81 -44.44
CA THR I 339 -2.31 -10.78 -45.87
C THR I 339 -1.67 -9.46 -46.31
N THR I 340 -1.95 -8.37 -45.60
CA THR I 340 -1.46 -7.05 -45.96
C THR I 340 -0.58 -6.47 -44.86
N HIS I 341 0.19 -5.45 -45.24
CA HIS I 341 0.96 -4.66 -44.28
C HIS I 341 0.01 -3.67 -43.60
N SER I 342 -0.77 -4.20 -42.66
CA SER I 342 -1.73 -3.39 -41.93
C SER I 342 -1.04 -2.55 -40.87
N PHE I 343 -1.35 -1.26 -40.84
CA PHE I 343 -0.84 -0.34 -39.83
C PHE I 343 -1.75 0.87 -39.82
N ASN I 344 -1.77 1.57 -38.70
CA ASN I 344 -2.53 2.80 -38.58
C ASN I 344 -1.61 3.98 -38.88
N CYS I 345 -2.09 4.89 -39.71
CA CYS I 345 -1.34 6.07 -40.14
C CYS I 345 -2.27 7.27 -40.06
N GLY I 346 -1.95 8.22 -39.19
CA GLY I 346 -2.75 9.41 -39.05
C GLY I 346 -4.19 9.15 -38.67
N GLY I 347 -4.46 8.10 -37.90
CA GLY I 347 -5.80 7.82 -37.42
C GLY I 347 -6.67 7.00 -38.34
N GLU I 348 -6.20 6.70 -39.54
CA GLU I 348 -6.92 5.83 -40.47
C GLU I 348 -6.11 4.56 -40.69
N PHE I 349 -6.78 3.51 -41.14
CA PHE I 349 -6.19 2.19 -41.24
C PHE I 349 -5.90 1.87 -42.69
N PHE I 350 -4.63 1.59 -43.01
CA PHE I 350 -4.12 1.44 -44.36
C PHE I 350 -3.68 -0.01 -44.56
N TYR I 351 -4.31 -0.70 -45.50
CA TYR I 351 -4.14 -2.14 -45.66
C TYR I 351 -3.60 -2.41 -47.06
N CYS I 352 -2.27 -2.53 -47.16
CA CYS I 352 -1.50 -2.51 -48.40
C CYS I 352 -0.99 -3.88 -48.84
N ASN I 353 -1.03 -4.13 -50.15
CA ASN I 353 -0.38 -5.30 -50.67
C ASN I 353 1.14 -5.14 -50.57
N THR I 354 1.82 -6.21 -50.17
CA THR I 354 3.26 -6.32 -50.29
C THR I 354 3.67 -7.19 -51.46
N SER I 355 2.70 -7.60 -52.30
CA SER I 355 2.98 -8.50 -53.40
C SER I 355 4.05 -7.96 -54.33
N GLY I 356 4.15 -6.63 -54.46
CA GLY I 356 5.18 -6.04 -55.30
C GLY I 356 6.57 -6.15 -54.71
N LEU I 357 6.68 -6.15 -53.38
CA LEU I 357 7.98 -6.27 -52.73
C LEU I 357 8.52 -7.70 -52.74
N PHE I 358 7.61 -8.66 -52.56
CA PHE I 358 7.97 -10.02 -52.18
C PHE I 358 8.19 -11.05 -53.29
N ASN I 359 8.03 -10.66 -54.56
CA ASN I 359 8.31 -11.61 -55.62
C ASN I 359 9.69 -11.40 -56.20
N SER I 360 10.58 -12.33 -55.91
CA SER I 360 11.93 -12.29 -56.41
C SER I 360 12.49 -13.69 -56.31
N THR I 361 13.55 -13.96 -57.05
CA THR I 361 14.31 -15.18 -56.87
C THR I 361 15.77 -14.78 -56.75
N TRP I 362 16.47 -15.31 -55.75
CA TRP I 362 17.87 -14.91 -55.57
C TRP I 362 18.78 -16.11 -55.74
N ILE I 363 19.60 -16.09 -56.79
CA ILE I 363 20.61 -17.12 -56.99
C ILE I 363 21.81 -16.83 -56.11
N SER I 364 22.59 -17.88 -55.81
CA SER I 364 23.77 -17.74 -54.96
C SER I 364 24.67 -16.60 -55.40
N ASN I 365 24.79 -16.41 -56.72
CA ASN I 365 25.64 -15.35 -57.24
C ASN I 365 24.92 -14.58 -58.36
N SER I 379 11.31 3.87 -58.07
CA SER I 379 10.59 4.23 -56.86
C SER I 379 9.26 3.48 -56.78
N ILE I 380 9.35 2.17 -56.51
CA ILE I 380 8.21 1.28 -56.64
C ILE I 380 7.18 1.56 -55.53
N THR I 381 5.91 1.32 -55.85
CA THR I 381 4.81 1.71 -54.99
C THR I 381 3.79 0.59 -54.91
N LEU I 382 3.42 0.20 -53.68
CA LEU I 382 2.44 -0.85 -53.44
C LEU I 382 1.22 -0.25 -52.76
N PRO I 383 0.05 -0.30 -53.39
CA PRO I 383 -1.12 0.43 -52.86
C PRO I 383 -1.91 -0.27 -51.76
N CYS I 384 -3.04 0.36 -51.42
CA CYS I 384 -3.72 0.32 -50.13
C CYS I 384 -5.21 0.61 -50.31
N ARG I 385 -6.03 -0.03 -49.51
CA ARG I 385 -7.41 0.38 -49.31
C ARG I 385 -7.67 0.46 -47.82
N ILE I 386 -8.35 1.51 -47.39
CA ILE I 386 -8.67 1.71 -45.97
C ILE I 386 -9.48 0.51 -45.48
N LYS I 387 -9.30 0.13 -44.21
CA LYS I 387 -9.95 -1.04 -43.65
C LYS I 387 -11.22 -0.71 -42.87
N GLN I 388 -11.46 0.56 -42.56
CA GLN I 388 -12.67 1.02 -41.86
C GLN I 388 -12.72 0.35 -40.49
N ILE I 389 -13.77 -0.40 -40.15
CA ILE I 389 -13.86 -0.98 -38.81
C ILE I 389 -12.87 -2.12 -38.65
N ILE I 390 -12.39 -2.32 -37.42
CA ILE I 390 -11.38 -3.33 -37.10
C ILE I 390 -11.67 -3.91 -35.72
N ASN I 391 -11.35 -5.19 -35.56
CA ASN I 391 -11.35 -5.88 -34.26
C ASN I 391 -9.94 -6.39 -33.99
N MET I 392 -9.01 -5.47 -33.74
CA MET I 392 -7.62 -5.85 -33.54
C MET I 392 -7.48 -6.77 -32.33
N TRP I 393 -6.39 -7.54 -32.33
CA TRP I 393 -6.11 -8.60 -31.36
C TRP I 393 -7.13 -9.71 -31.43
N GLN I 394 -7.79 -9.84 -32.57
CA GLN I 394 -8.79 -10.89 -32.82
C GLN I 394 -9.89 -10.90 -31.76
N ARG I 395 -10.06 -9.79 -31.04
CA ARG I 395 -11.04 -9.75 -29.97
C ARG I 395 -12.44 -9.53 -30.54
N ILE I 396 -13.33 -10.49 -30.30
CA ILE I 396 -14.69 -10.45 -30.79
C ILE I 396 -15.59 -10.06 -29.63
N GLY I 397 -16.79 -9.57 -29.95
CA GLY I 397 -17.61 -8.86 -28.99
C GLY I 397 -17.27 -7.40 -28.84
N GLN I 398 -16.08 -7.00 -29.28
CA GLN I 398 -15.65 -5.61 -29.30
C GLN I 398 -15.39 -5.21 -30.75
N ALA I 399 -15.67 -3.95 -31.07
CA ALA I 399 -15.44 -3.45 -32.42
C ALA I 399 -15.33 -1.93 -32.39
N MET I 400 -14.30 -1.40 -33.03
CA MET I 400 -14.11 0.04 -33.14
C MET I 400 -14.30 0.49 -34.56
N TYR I 401 -15.14 1.50 -34.76
CA TYR I 401 -15.22 2.23 -36.02
C TYR I 401 -14.41 3.51 -35.89
N ALA I 402 -13.50 3.72 -36.83
CA ALA I 402 -12.64 4.91 -36.80
C ALA I 402 -13.35 6.09 -37.46
N PRO I 403 -13.65 7.14 -36.70
CA PRO I 403 -14.30 8.32 -37.29
C PRO I 403 -13.36 9.03 -38.24
N PRO I 404 -13.79 9.30 -39.47
CA PRO I 404 -12.91 9.92 -40.46
C PRO I 404 -12.49 11.33 -40.06
N ILE I 405 -11.44 11.81 -40.72
CA ILE I 405 -10.76 13.04 -40.37
C ILE I 405 -10.84 14.02 -41.53
N GLN I 406 -10.94 15.31 -41.20
CA GLN I 406 -10.91 16.35 -42.21
C GLN I 406 -9.49 16.56 -42.73
N GLY I 407 -9.34 16.64 -44.04
CA GLY I 407 -8.07 16.89 -44.68
C GLY I 407 -7.40 15.61 -45.17
N VAL I 408 -6.33 15.82 -45.95
CA VAL I 408 -5.55 14.76 -46.55
C VAL I 408 -4.50 14.29 -45.56
N ILE I 409 -4.20 12.98 -45.58
CA ILE I 409 -3.26 12.36 -44.65
C ILE I 409 -2.00 11.97 -45.42
N ARG I 410 -0.84 12.32 -44.86
CA ARG I 410 0.45 11.86 -45.35
C ARG I 410 1.36 11.61 -44.16
N CYS I 411 1.84 10.36 -44.03
CA CYS I 411 2.75 9.98 -42.96
C CYS I 411 3.87 9.14 -43.56
N VAL I 412 5.07 9.29 -43.00
CA VAL I 412 6.24 8.57 -43.47
C VAL I 412 6.97 8.00 -42.26
N SER I 413 7.16 6.68 -42.24
CA SER I 413 7.82 5.97 -41.15
C SER I 413 9.02 5.21 -41.68
N ASN I 414 9.93 4.88 -40.77
CA ASN I 414 11.06 4.03 -41.14
C ASN I 414 10.65 2.57 -41.05
N ILE I 415 11.03 1.79 -42.07
CA ILE I 415 10.93 0.34 -41.98
C ILE I 415 12.18 -0.18 -41.28
N THR I 416 12.00 -1.02 -40.27
CA THR I 416 13.09 -1.49 -39.46
C THR I 416 13.21 -3.00 -39.36
N GLY I 417 12.36 -3.76 -40.05
CA GLY I 417 12.45 -5.20 -40.00
C GLY I 417 11.22 -5.86 -40.58
N LEU I 418 11.26 -7.19 -40.59
CA LEU I 418 10.27 -8.01 -41.28
C LEU I 418 9.78 -9.13 -40.38
N ILE I 419 8.57 -9.60 -40.66
CA ILE I 419 8.01 -10.83 -40.10
C ILE I 419 7.70 -11.74 -41.28
N LEU I 420 8.29 -12.94 -41.27
CA LEU I 420 8.22 -13.83 -42.42
C LEU I 420 7.86 -15.24 -41.99
N THR I 421 7.11 -15.92 -42.85
CA THR I 421 6.80 -17.33 -42.73
C THR I 421 7.36 -18.07 -43.94
N ARG I 422 7.67 -19.36 -43.77
CA ARG I 422 8.21 -20.15 -44.85
C ARG I 422 7.48 -21.49 -44.94
N ASP I 423 7.60 -22.10 -46.12
CA ASP I 423 7.01 -23.41 -46.40
C ASP I 423 8.10 -24.47 -46.38
N GLY I 424 7.72 -25.68 -45.99
CA GLY I 424 8.65 -26.79 -45.90
C GLY I 424 8.82 -27.50 -47.23
N GLY I 425 10.04 -27.97 -47.47
CA GLY I 425 10.37 -28.69 -48.68
C GLY I 425 9.90 -30.13 -48.67
N THR I 431 14.88 -25.45 -53.12
CA THR I 431 15.05 -24.09 -52.61
C THR I 431 13.84 -23.66 -51.79
N GLU I 432 14.08 -22.81 -50.79
CA GLU I 432 13.07 -22.42 -49.84
C GLU I 432 12.45 -21.07 -50.20
N THR I 433 11.18 -20.90 -49.84
CA THR I 433 10.40 -19.72 -50.18
C THR I 433 9.93 -19.02 -48.92
N PHE I 434 9.79 -17.70 -49.01
CA PHE I 434 9.43 -16.87 -47.86
C PHE I 434 8.26 -15.97 -48.22
N ARG I 435 7.28 -15.92 -47.33
CA ARG I 435 6.05 -15.14 -47.46
C ARG I 435 5.93 -14.17 -46.28
N PRO I 436 5.13 -13.12 -46.43
CA PRO I 436 5.02 -12.15 -45.33
C PRO I 436 4.35 -12.76 -44.11
N GLY I 437 4.92 -12.46 -42.94
CA GLY I 437 4.35 -12.97 -41.71
C GLY I 437 3.22 -12.08 -41.19
N GLY I 438 2.56 -12.58 -40.15
CA GLY I 438 1.47 -11.85 -39.53
C GLY I 438 0.98 -12.60 -38.30
N GLY I 439 -0.28 -12.37 -37.95
CA GLY I 439 -0.86 -13.08 -36.82
C GLY I 439 -0.63 -12.33 -35.54
N ASP I 440 -0.18 -13.04 -34.51
CA ASP I 440 -0.11 -12.48 -33.17
C ASP I 440 0.81 -11.27 -33.12
N MET I 441 0.42 -10.28 -32.31
CA MET I 441 1.21 -9.07 -32.14
C MET I 441 2.30 -9.22 -31.09
N ARG I 442 2.34 -10.36 -30.39
CA ARG I 442 3.41 -10.59 -29.41
C ARG I 442 4.77 -10.56 -30.09
N ASP I 443 4.86 -11.08 -31.32
CA ASP I 443 6.12 -11.07 -32.04
C ASP I 443 6.63 -9.65 -32.25
N ASN I 444 5.71 -8.70 -32.45
CA ASN I 444 6.12 -7.31 -32.65
C ASN I 444 6.85 -6.77 -31.43
N TRP I 445 6.38 -7.13 -30.23
CA TRP I 445 7.04 -6.67 -29.02
C TRP I 445 8.39 -7.35 -28.83
N ARG I 446 8.48 -8.62 -29.19
CA ARG I 446 9.73 -9.36 -29.02
C ARG I 446 10.86 -8.83 -29.89
N SER I 447 10.55 -8.01 -30.90
CA SER I 447 11.59 -7.37 -31.70
C SER I 447 12.26 -6.22 -30.95
N GLU I 448 11.71 -5.83 -29.80
CA GLU I 448 12.30 -4.83 -28.93
C GLU I 448 12.75 -5.40 -27.60
N LEU I 449 12.07 -6.42 -27.09
CA LEU I 449 12.36 -7.02 -25.80
C LEU I 449 13.29 -8.22 -25.90
N TYR I 450 14.03 -8.34 -27.01
CA TYR I 450 14.98 -9.44 -27.13
C TYR I 450 16.19 -9.23 -26.23
N LYS I 451 16.50 -7.98 -25.90
CA LYS I 451 17.64 -7.65 -25.06
C LYS I 451 17.32 -7.70 -23.57
N TYR I 452 16.07 -7.99 -23.20
CA TYR I 452 15.61 -7.77 -21.84
C TYR I 452 15.13 -9.05 -21.17
N LYS I 453 15.32 -9.10 -19.85
CA LYS I 453 14.71 -10.10 -19.00
C LYS I 453 14.75 -9.58 -17.56
N VAL I 454 13.77 -10.01 -16.76
CA VAL I 454 13.55 -9.47 -15.43
C VAL I 454 14.08 -10.44 -14.38
N VAL I 455 14.69 -9.90 -13.33
CA VAL I 455 15.25 -10.69 -12.24
C VAL I 455 14.84 -10.08 -10.91
N LYS I 456 14.64 -10.95 -9.91
CA LYS I 456 14.51 -10.52 -8.54
C LYS I 456 15.91 -10.30 -7.95
N ILE I 457 15.97 -9.49 -6.91
CA ILE I 457 17.21 -9.26 -6.18
C ILE I 457 17.10 -9.95 -4.83
N GLU I 458 18.10 -10.77 -4.49
CA GLU I 458 18.11 -11.53 -3.24
C GLU I 458 19.29 -11.07 -2.41
N PRO I 459 19.12 -9.99 -1.63
CA PRO I 459 20.27 -9.30 -1.04
C PRO I 459 20.79 -9.92 0.24
N LEU I 460 20.13 -10.94 0.78
CA LEU I 460 20.60 -11.56 2.00
C LEU I 460 21.66 -12.60 1.69
N GLY I 461 22.79 -12.51 2.38
CA GLY I 461 23.84 -13.50 2.20
C GLY I 461 24.44 -13.94 3.52
N VAL I 462 24.59 -15.24 3.71
CA VAL I 462 25.26 -15.80 4.86
C VAL I 462 26.52 -16.51 4.37
N ALA I 463 27.60 -16.37 5.12
CA ALA I 463 28.89 -16.90 4.69
C ALA I 463 29.76 -17.09 5.92
N PRO I 464 30.73 -18.01 5.87
CA PRO I 464 31.62 -18.17 7.01
C PRO I 464 32.65 -17.06 7.07
N THR I 465 32.93 -16.63 8.29
CA THR I 465 33.92 -15.61 8.59
C THR I 465 34.64 -16.05 9.86
N ARG I 466 35.44 -15.16 10.44
CA ARG I 466 36.12 -15.47 11.68
C ARG I 466 35.81 -14.46 12.79
N CYS I 467 34.72 -13.71 12.66
CA CYS I 467 34.35 -12.74 13.70
C CYS I 467 33.22 -13.27 14.56
N LYS I 468 33.23 -12.85 15.82
CA LYS I 468 32.21 -13.20 16.80
C LYS I 468 31.68 -11.94 17.47
N ARG I 469 30.39 -11.93 17.77
CA ARG I 469 29.81 -10.80 18.47
C ARG I 469 30.01 -10.95 19.98
N ARG I 470 29.72 -9.88 20.71
CA ARG I 470 29.83 -9.91 22.16
C ARG I 470 28.80 -10.86 22.77
N VAL I 471 28.96 -11.10 24.07
CA VAL I 471 27.97 -11.86 24.83
C VAL I 471 27.54 -11.06 26.05
N ASP J 1 30.15 44.68 8.22
CA ASP J 1 29.90 44.63 6.78
C ASP J 1 30.91 43.74 6.07
N ILE J 2 30.44 43.08 5.01
CA ILE J 2 31.31 42.27 4.15
C ILE J 2 31.90 43.17 3.08
N GLN J 3 33.18 42.98 2.78
CA GLN J 3 33.86 43.77 1.76
C GLN J 3 34.12 42.88 0.55
N MET J 4 33.49 43.22 -0.57
CA MET J 4 33.61 42.45 -1.81
C MET J 4 34.65 43.12 -2.69
N THR J 5 35.78 42.45 -2.90
CA THR J 5 36.86 42.96 -3.76
C THR J 5 36.79 42.21 -5.09
N GLN J 6 36.39 42.91 -6.14
CA GLN J 6 36.18 42.30 -7.44
C GLN J 6 37.45 42.38 -8.30
N SER J 7 37.59 41.43 -9.21
CA SER J 7 38.78 41.35 -10.05
C SER J 7 38.55 40.49 -11.30
N PRO J 8 39.06 40.94 -12.46
CA PRO J 8 39.83 42.17 -12.68
C PRO J 8 38.93 43.38 -12.86
N SER J 9 39.51 44.58 -12.83
CA SER J 9 38.69 45.79 -12.99
C SER J 9 38.22 45.94 -14.44
N THR J 10 39.11 45.69 -15.40
CA THR J 10 38.77 45.72 -16.81
C THR J 10 39.36 44.49 -17.49
N LEU J 11 38.61 43.93 -18.43
CA LEU J 11 39.10 42.84 -19.26
C LEU J 11 38.61 43.04 -20.67
N SER J 12 39.40 42.58 -21.63
CA SER J 12 39.05 42.62 -23.04
C SER J 12 38.89 41.21 -23.58
N ALA J 13 37.88 41.00 -24.42
CA ALA J 13 37.62 39.69 -25.00
C ALA J 13 36.89 39.90 -26.32
N SER J 14 36.65 38.79 -27.02
CA SER J 14 35.98 38.81 -28.31
C SER J 14 34.81 37.83 -28.27
N THR J 15 33.99 37.88 -29.32
CA THR J 15 32.84 37.00 -29.38
C THR J 15 33.29 35.55 -29.41
N GLY J 16 32.52 34.68 -28.74
CA GLY J 16 32.86 33.29 -28.62
C GLY J 16 33.88 32.96 -27.56
N ASP J 17 34.62 33.96 -27.05
CA ASP J 17 35.59 33.74 -26.00
C ASP J 17 34.93 33.18 -24.75
N THR J 18 35.76 32.64 -23.86
CA THR J 18 35.34 32.23 -22.53
C THR J 18 36.07 33.12 -21.53
N VAL J 19 35.30 33.79 -20.66
CA VAL J 19 35.84 34.82 -19.80
C VAL J 19 35.43 34.56 -18.36
N ARG J 20 36.32 34.90 -17.43
CA ARG J 20 36.15 34.61 -16.01
C ARG J 20 36.43 35.87 -15.20
N ILE J 21 35.48 36.23 -14.34
CA ILE J 21 35.58 37.38 -13.47
C ILE J 21 35.55 36.89 -12.03
N SER J 22 36.52 37.32 -11.23
CA SER J 22 36.65 36.86 -9.86
C SER J 22 36.20 37.93 -8.88
N CYS J 23 35.74 37.49 -7.72
CA CYS J 23 35.26 38.40 -6.68
C CYS J 23 35.53 37.76 -5.33
N ARG J 24 36.36 38.41 -4.53
CA ARG J 24 36.74 37.93 -3.21
C ARG J 24 36.02 38.74 -2.14
N ALA J 25 35.69 38.07 -1.04
CA ALA J 25 35.06 38.71 0.09
C ALA J 25 36.06 38.83 1.24
N SER J 26 35.82 39.82 2.10
CA SER J 26 36.66 39.99 3.29
C SER J 26 36.54 38.80 4.23
N GLN J 27 35.33 38.31 4.42
CA GLN J 27 35.05 37.10 5.17
C GLN J 27 34.70 35.97 4.21
N SER J 28 34.62 34.75 4.74
CA SER J 28 34.20 33.60 3.96
C SER J 28 32.69 33.46 4.02
N ILE J 29 32.06 33.25 2.87
CA ILE J 29 30.60 33.17 2.79
C ILE J 29 30.20 31.72 2.50
N THR J 30 29.94 30.97 3.56
CA THR J 30 29.61 29.55 3.40
C THR J 30 28.29 29.37 2.66
N GLY J 31 27.23 30.00 3.17
CA GLY J 31 25.91 29.85 2.57
C GLY J 31 25.84 30.17 1.10
N ASN J 32 26.93 30.70 0.51
CA ASN J 32 26.97 31.06 -0.91
C ASN J 32 25.93 32.12 -1.24
N TRP J 33 25.76 33.08 -0.32
CA TRP J 33 24.80 34.17 -0.51
C TRP J 33 25.45 35.29 -1.32
N VAL J 34 25.66 35.01 -2.60
CA VAL J 34 26.31 35.95 -3.51
C VAL J 34 25.57 35.95 -4.84
N ALA J 35 25.34 37.15 -5.38
CA ALA J 35 24.66 37.33 -6.64
C ALA J 35 25.57 38.06 -7.64
N TRP J 36 25.24 37.91 -8.92
CA TRP J 36 25.96 38.56 -10.01
C TRP J 36 24.99 39.38 -10.85
N TYR J 37 25.46 40.55 -11.30
CA TYR J 37 24.62 41.48 -12.04
C TYR J 37 25.34 41.97 -13.29
N GLN J 38 24.57 42.16 -14.36
CA GLN J 38 25.03 42.78 -15.59
C GLN J 38 24.35 44.13 -15.75
N GLN J 39 25.15 45.15 -16.07
CA GLN J 39 24.61 46.50 -16.25
C GLN J 39 25.27 47.11 -17.49
N ARG J 40 24.49 47.30 -18.54
CA ARG J 40 24.94 48.07 -19.67
C ARG J 40 24.75 49.55 -19.37
N PRO J 41 25.61 50.43 -19.90
CA PRO J 41 25.57 51.84 -19.51
C PRO J 41 24.20 52.46 -19.76
N GLY J 42 23.65 53.10 -18.71
CA GLY J 42 22.42 53.83 -18.78
C GLY J 42 21.19 53.05 -18.33
N LYS J 43 21.16 51.75 -18.56
CA LYS J 43 20.01 50.93 -18.22
C LYS J 43 20.23 50.21 -16.90
N ALA J 44 19.14 49.68 -16.35
CA ALA J 44 19.17 49.10 -15.01
C ALA J 44 19.88 47.75 -15.02
N PRO J 45 20.53 47.40 -13.90
CA PRO J 45 21.19 46.10 -13.83
C PRO J 45 20.20 44.95 -13.96
N ARG J 46 20.71 43.81 -14.42
CA ARG J 46 19.96 42.58 -14.53
C ARG J 46 20.53 41.56 -13.56
N LEU J 47 19.66 40.88 -12.82
CA LEU J 47 20.11 39.79 -11.95
C LEU J 47 20.37 38.56 -12.81
N LEU J 48 21.63 38.13 -12.85
CA LEU J 48 22.05 36.98 -13.66
C LEU J 48 22.13 35.71 -12.84
N ILE J 49 22.80 35.75 -11.70
CA ILE J 49 23.09 34.57 -10.90
C ILE J 49 22.91 34.93 -9.43
N TYR J 50 22.19 34.08 -8.70
CA TYR J 50 22.05 34.20 -7.25
C TYR J 50 22.53 32.90 -6.63
N ARG J 51 23.13 33.01 -5.43
CA ARG J 51 23.56 31.84 -4.67
C ARG J 51 24.62 31.02 -5.40
N GLY J 52 25.38 31.65 -6.29
CA GLY J 52 26.52 31.00 -6.92
C GLY J 52 26.23 30.21 -8.17
N ALA J 53 25.56 29.08 -8.04
CA ALA J 53 25.31 28.21 -9.18
C ALA J 53 23.91 28.37 -9.76
N ALA J 54 23.09 29.26 -9.21
CA ALA J 54 21.69 29.34 -9.60
C ALA J 54 21.51 30.40 -10.68
N LEU J 55 20.96 30.00 -11.81
CA LEU J 55 20.63 30.92 -12.90
C LEU J 55 19.19 31.39 -12.74
N LEU J 56 18.99 32.70 -12.89
CA LEU J 56 17.65 33.26 -12.83
C LEU J 56 16.90 32.97 -14.12
N GLY J 57 15.59 32.74 -14.00
CA GLY J 57 14.75 32.40 -15.13
C GLY J 57 14.91 33.35 -16.30
N GLY J 58 15.40 32.81 -17.43
CA GLY J 58 15.61 33.59 -18.63
C GLY J 58 17.06 33.94 -18.93
N VAL J 59 17.96 33.76 -17.97
CA VAL J 59 19.37 34.05 -18.19
C VAL J 59 19.99 32.90 -18.99
N PRO J 60 20.78 33.19 -20.02
CA PRO J 60 21.31 32.11 -20.87
C PRO J 60 22.14 31.09 -20.10
N SER J 61 22.23 29.89 -20.68
CA SER J 61 22.96 28.80 -20.05
C SER J 61 24.46 29.09 -19.98
N ARG J 62 24.98 29.92 -20.89
CA ARG J 62 26.41 30.18 -20.92
C ARG J 62 26.91 30.98 -19.72
N PHE J 63 26.01 31.53 -18.91
CA PHE J 63 26.37 32.14 -17.65
C PHE J 63 26.31 31.08 -16.55
N ARG J 64 27.42 30.88 -15.86
CA ARG J 64 27.49 29.91 -14.77
C ARG J 64 28.49 30.42 -13.74
N GLY J 65 28.14 30.28 -12.46
CA GLY J 65 28.98 30.77 -11.39
C GLY J 65 29.45 29.67 -10.46
N SER J 66 30.57 29.91 -9.78
CA SER J 66 31.18 28.93 -8.89
C SER J 66 31.63 29.61 -7.60
N ALA J 67 31.39 28.95 -6.47
CA ALA J 67 31.63 29.55 -5.16
C ALA J 67 32.34 28.56 -4.27
N ALA J 68 33.53 28.93 -3.79
CA ALA J 68 34.30 28.10 -2.89
C ALA J 68 34.99 29.01 -1.86
N GLY J 69 34.53 28.92 -0.61
CA GLY J 69 35.17 29.68 0.46
C GLY J 69 34.96 31.17 0.26
N THR J 70 36.07 31.91 0.21
CA THR J 70 36.02 33.36 0.02
C THR J 70 35.97 33.77 -1.44
N ASP J 71 36.60 33.00 -2.33
CA ASP J 71 36.64 33.38 -3.74
C ASP J 71 35.36 32.99 -4.46
N PHE J 72 34.99 33.81 -5.45
CA PHE J 72 33.81 33.58 -6.30
C PHE J 72 34.19 33.92 -7.73
N THR J 73 33.63 33.17 -8.69
CA THR J 73 33.97 33.38 -10.09
C THR J 73 32.72 33.29 -10.96
N LEU J 74 32.52 34.33 -11.78
CA LEU J 74 31.50 34.33 -12.82
C LEU J 74 32.15 33.97 -14.14
N THR J 75 31.59 32.98 -14.84
CA THR J 75 32.18 32.45 -16.07
C THR J 75 31.22 32.65 -17.22
N ILE J 76 31.69 33.30 -18.28
CA ILE J 76 30.91 33.53 -19.50
C ILE J 76 31.65 32.85 -20.64
N GLY J 77 31.22 31.65 -21.02
CA GLY J 77 31.72 31.04 -22.22
C GLY J 77 30.95 31.51 -23.44
N ASN J 78 31.58 31.37 -24.61
CA ASN J 78 30.99 31.79 -25.88
C ASN J 78 30.46 33.22 -25.78
N LEU J 79 31.39 34.13 -25.48
CA LEU J 79 31.03 35.52 -25.25
C LEU J 79 30.25 36.06 -26.45
N GLN J 80 29.17 36.76 -26.16
CA GLN J 80 28.29 37.31 -27.17
C GLN J 80 28.34 38.83 -27.09
N ALA J 81 27.90 39.49 -28.16
CA ALA J 81 27.89 40.96 -28.17
C ALA J 81 27.01 41.51 -27.06
N GLU J 82 25.85 40.88 -26.82
CA GLU J 82 24.94 41.34 -25.77
C GLU J 82 25.56 41.24 -24.38
N ASP J 83 26.62 40.44 -24.22
CA ASP J 83 27.17 40.21 -22.89
C ASP J 83 28.14 41.31 -22.46
N PHE J 84 28.69 42.06 -23.39
CA PHE J 84 29.64 43.12 -23.04
C PHE J 84 28.98 44.16 -22.13
N GLY J 85 29.75 44.68 -21.20
CA GLY J 85 29.28 45.67 -20.26
C GLY J 85 30.07 45.62 -18.97
N THR J 86 29.42 46.04 -17.89
CA THR J 86 29.99 46.00 -16.55
C THR J 86 29.27 44.97 -15.70
N PHE J 87 30.02 44.25 -14.87
CA PHE J 87 29.48 43.19 -14.02
C PHE J 87 29.84 43.46 -12.57
N TYR J 88 28.90 43.16 -11.67
CA TYR J 88 29.05 43.39 -10.24
C TYR J 88 28.70 42.12 -9.48
N CYS J 89 29.54 41.76 -8.52
CA CYS J 89 29.20 40.73 -7.54
C CYS J 89 28.59 41.38 -6.31
N GLN J 90 27.58 40.72 -5.74
CA GLN J 90 26.90 41.21 -4.56
C GLN J 90 26.77 40.09 -3.54
N GLN J 91 27.21 40.34 -2.32
CA GLN J 91 26.98 39.41 -1.23
C GLN J 91 25.75 39.84 -0.44
N TYR J 92 25.08 38.85 0.15
CA TYR J 92 23.96 39.11 1.05
C TYR J 92 23.93 38.08 2.17
N ASP J 93 25.11 37.76 2.70
CA ASP J 93 25.25 36.87 3.85
C ASP J 93 25.10 37.60 5.16
N THR J 94 25.72 38.78 5.29
CA THR J 94 25.56 39.63 6.46
C THR J 94 24.95 40.96 6.04
N TYR J 95 24.11 41.52 6.90
CA TYR J 95 23.55 42.85 6.71
C TYR J 95 24.65 43.88 6.94
N PRO J 96 24.77 44.85 6.02
CA PRO J 96 23.98 45.02 4.80
C PRO J 96 24.60 44.36 3.59
N GLY J 97 23.77 44.08 2.57
CA GLY J 97 24.29 43.55 1.33
C GLY J 97 25.30 44.50 0.71
N THR J 98 26.44 43.97 0.26
CA THR J 98 27.49 44.79 -0.31
C THR J 98 27.85 44.30 -1.70
N PHE J 99 28.11 45.26 -2.59
CA PHE J 99 28.49 44.99 -3.97
C PHE J 99 30.00 45.13 -4.13
N GLY J 100 30.50 44.67 -5.27
CA GLY J 100 31.90 44.82 -5.59
C GLY J 100 32.20 46.11 -6.32
N GLN J 101 33.50 46.38 -6.51
CA GLN J 101 33.90 47.54 -7.29
C GLN J 101 33.37 47.45 -8.72
N GLY J 102 33.24 46.25 -9.25
CA GLY J 102 32.78 46.03 -10.60
C GLY J 102 33.90 45.59 -11.52
N THR J 103 33.51 45.03 -12.66
CA THR J 103 34.44 44.55 -13.67
C THR J 103 33.94 44.94 -15.05
N LYS J 104 34.75 45.70 -15.78
CA LYS J 104 34.40 46.15 -17.13
C LYS J 104 34.89 45.14 -18.16
N VAL J 105 34.03 44.87 -19.14
CA VAL J 105 34.29 43.88 -20.17
C VAL J 105 34.22 44.61 -21.51
N GLU J 106 35.38 44.94 -22.07
CA GLU J 106 35.48 45.68 -23.32
C GLU J 106 35.78 44.73 -24.47
N VAL J 107 35.59 45.24 -25.68
CA VAL J 107 35.85 44.48 -26.89
C VAL J 107 37.34 44.56 -27.23
N LYS J 108 37.86 43.47 -27.78
CA LYS J 108 39.21 43.49 -28.33
C LYS J 108 39.22 44.23 -29.65
N ARG J 109 40.32 44.91 -29.91
CA ARG J 109 40.56 45.57 -31.18
C ARG J 109 42.06 45.71 -31.35
N THR J 110 42.50 45.82 -32.59
CA THR J 110 43.90 46.13 -32.83
C THR J 110 44.21 47.50 -32.25
N VAL J 111 45.41 47.65 -31.68
CA VAL J 111 45.77 48.92 -31.07
C VAL J 111 45.70 50.02 -32.11
N ALA J 112 45.20 51.18 -31.70
CA ALA J 112 44.87 52.27 -32.61
C ALA J 112 45.45 53.58 -32.10
N ALA J 113 46.21 54.25 -32.96
CA ALA J 113 46.75 55.56 -32.61
C ALA J 113 45.63 56.60 -32.63
N PRO J 114 45.70 57.58 -31.73
CA PRO J 114 44.63 58.60 -31.66
C PRO J 114 44.85 59.75 -32.63
N SER J 115 43.76 60.15 -33.28
CA SER J 115 43.76 61.40 -34.03
C SER J 115 43.71 62.57 -33.03
N VAL J 116 44.75 63.40 -33.04
CA VAL J 116 44.88 64.50 -32.09
C VAL J 116 44.50 65.81 -32.79
N PHE J 117 43.64 66.59 -32.15
CA PHE J 117 43.29 67.93 -32.59
C PHE J 117 43.35 68.87 -31.40
N ILE J 118 43.74 70.11 -31.64
CA ILE J 118 43.73 71.14 -30.62
C ILE J 118 42.82 72.27 -31.08
N PHE J 119 42.04 72.80 -30.15
CA PHE J 119 41.08 73.86 -30.44
C PHE J 119 41.34 75.05 -29.54
N PRO J 120 41.67 76.22 -30.10
CA PRO J 120 41.80 77.42 -29.28
C PRO J 120 40.43 77.92 -28.84
N PRO J 121 40.37 78.85 -27.89
CA PRO J 121 39.06 79.33 -27.43
C PRO J 121 38.38 80.18 -28.49
N SER J 122 37.05 80.12 -28.48
CA SER J 122 36.27 80.94 -29.39
C SER J 122 36.44 82.42 -29.08
N ASP J 123 36.49 83.24 -30.13
CA ASP J 123 36.55 84.69 -29.95
C ASP J 123 35.32 85.18 -29.19
N GLU J 124 34.15 84.59 -29.47
CA GLU J 124 32.94 84.98 -28.75
C GLU J 124 33.04 84.62 -27.27
N GLN J 125 33.62 83.45 -26.97
CA GLN J 125 33.83 83.08 -25.57
C GLN J 125 34.68 84.11 -24.84
N LEU J 126 35.57 84.79 -25.55
CA LEU J 126 36.40 85.83 -24.93
C LEU J 126 35.58 87.04 -24.50
N LYS J 127 34.54 87.40 -25.26
CA LYS J 127 33.66 88.50 -24.87
C LYS J 127 32.82 88.14 -23.63
N SER J 128 32.71 86.86 -23.30
CA SER J 128 32.08 86.47 -22.04
C SER J 128 33.03 86.62 -20.85
N GLY J 129 34.32 86.76 -21.10
CA GLY J 129 35.29 86.91 -20.03
C GLY J 129 35.99 85.65 -19.58
N THR J 130 35.77 84.52 -20.26
CA THR J 130 36.39 83.25 -19.91
C THR J 130 36.95 82.62 -21.17
N ALA J 131 37.96 81.77 -21.02
CA ALA J 131 38.61 81.11 -22.14
C ALA J 131 38.78 79.63 -21.83
N SER J 132 38.36 78.79 -22.78
CA SER J 132 38.46 77.34 -22.65
C SER J 132 39.28 76.78 -23.80
N VAL J 133 40.24 75.91 -23.49
CA VAL J 133 41.07 75.25 -24.49
C VAL J 133 40.75 73.76 -24.46
N VAL J 134 40.58 73.17 -25.65
CA VAL J 134 40.18 71.78 -25.79
C VAL J 134 41.20 71.04 -26.64
N CYS J 135 41.58 69.85 -26.19
CA CYS J 135 42.40 68.93 -26.97
C CYS J 135 41.59 67.67 -27.20
N LEU J 136 41.47 67.26 -28.46
CA LEU J 136 40.64 66.13 -28.85
C LEU J 136 41.49 64.93 -29.20
N LEU J 137 41.15 63.79 -28.60
CA LEU J 137 41.72 62.49 -28.94
C LEU J 137 40.60 61.61 -29.45
N ASN J 138 40.76 61.06 -30.65
CA ASN J 138 39.64 60.41 -31.32
C ASN J 138 40.03 59.06 -31.91
N ASN J 139 39.10 58.11 -31.82
CA ASN J 139 39.23 56.78 -32.46
C ASN J 139 40.45 55.94 -32.11
N PHE J 140 40.75 55.81 -30.82
CA PHE J 140 41.99 55.20 -30.38
C PHE J 140 41.70 53.99 -29.49
N TYR J 141 42.71 53.14 -29.37
CA TYR J 141 42.66 51.94 -28.54
C TYR J 141 44.08 51.51 -28.16
N PRO J 142 44.29 51.11 -26.91
CA PRO J 142 43.31 51.02 -25.84
C PRO J 142 43.06 52.33 -25.11
N ARG J 143 42.20 52.29 -24.09
CA ARG J 143 41.70 53.49 -23.45
C ARG J 143 42.72 54.17 -22.54
N GLU J 144 43.83 53.51 -22.22
CA GLU J 144 44.82 54.13 -21.34
C GLU J 144 45.63 55.15 -22.11
N ALA J 145 45.51 56.42 -21.72
CA ALA J 145 46.22 57.51 -22.36
C ALA J 145 46.25 58.70 -21.41
N LYS J 146 47.34 59.47 -21.47
CA LYS J 146 47.56 60.60 -20.57
C LYS J 146 47.81 61.86 -21.38
N VAL J 147 47.16 62.96 -20.99
CA VAL J 147 47.35 64.24 -21.62
C VAL J 147 47.87 65.23 -20.59
N GLN J 148 48.82 66.06 -21.01
CA GLN J 148 49.29 67.19 -20.22
C GLN J 148 49.27 68.43 -21.11
N TRP J 149 49.05 69.58 -20.48
CA TRP J 149 48.98 70.86 -21.18
C TRP J 149 50.25 71.65 -20.93
N LYS J 150 50.84 72.19 -22.00
CA LYS J 150 52.07 72.98 -21.94
C LYS J 150 51.77 74.38 -22.45
N VAL J 151 51.85 75.37 -21.55
CA VAL J 151 51.58 76.76 -21.86
C VAL J 151 52.87 77.55 -21.66
N ASP J 152 53.29 78.28 -22.70
CA ASP J 152 54.61 78.92 -22.70
C ASP J 152 55.69 77.92 -22.34
N ASN J 153 55.54 76.68 -22.84
CA ASN J 153 56.47 75.58 -22.61
C ASN J 153 56.59 75.21 -21.13
N ALA J 154 55.55 75.48 -20.35
CA ALA J 154 55.52 75.17 -18.93
C ALA J 154 54.33 74.27 -18.62
N LEU J 155 54.54 73.33 -17.71
CA LEU J 155 53.49 72.39 -17.33
C LEU J 155 52.33 73.11 -16.64
N GLN J 156 51.15 72.53 -16.77
CA GLN J 156 49.93 73.10 -16.21
C GLN J 156 49.06 71.96 -15.66
N SER J 157 48.64 72.09 -14.41
CA SER J 157 47.83 71.06 -13.79
C SER J 157 46.85 71.70 -12.81
N GLY J 158 45.86 70.91 -12.40
CA GLY J 158 44.83 71.37 -11.51
C GLY J 158 43.67 72.10 -12.17
N ASN J 159 43.80 72.44 -13.44
CA ASN J 159 42.77 73.19 -14.15
C ASN J 159 42.29 72.48 -15.42
N SER J 160 42.67 71.22 -15.61
CA SER J 160 42.27 70.46 -16.78
C SER J 160 41.27 69.37 -16.37
N GLN J 161 40.25 69.18 -17.20
CA GLN J 161 39.24 68.17 -16.98
C GLN J 161 39.13 67.27 -18.20
N GLU J 162 38.65 66.04 -17.99
CA GLU J 162 38.60 65.04 -19.04
C GLU J 162 37.21 64.41 -19.10
N SER J 163 36.83 63.99 -20.31
CA SER J 163 35.55 63.35 -20.58
C SER J 163 35.78 62.34 -21.69
N VAL J 164 35.16 61.16 -21.56
CA VAL J 164 35.45 60.03 -22.44
C VAL J 164 34.15 59.38 -22.90
N THR J 165 34.07 59.08 -24.20
CA THR J 165 32.95 58.31 -24.73
C THR J 165 33.05 56.86 -24.29
N GLU J 166 31.93 56.15 -24.42
CA GLU J 166 31.97 54.70 -24.29
C GLU J 166 32.38 54.09 -25.63
N GLN J 167 32.87 52.85 -25.56
CA GLN J 167 33.46 52.21 -26.74
C GLN J 167 32.49 52.18 -27.91
N ASP J 168 33.00 52.52 -29.09
CA ASP J 168 32.19 52.54 -30.29
C ASP J 168 31.84 51.11 -30.69
N SER J 169 30.55 50.88 -30.96
CA SER J 169 30.08 49.52 -31.26
C SER J 169 30.69 48.99 -32.55
N LYS J 170 30.95 49.87 -33.52
CA LYS J 170 31.35 49.44 -34.85
C LYS J 170 32.85 49.20 -34.98
N ASP J 171 33.68 50.11 -34.47
CA ASP J 171 35.11 50.02 -34.61
C ASP J 171 35.84 49.58 -33.34
N SER J 172 35.15 49.57 -32.20
CA SER J 172 35.74 49.20 -30.91
C SER J 172 36.84 50.17 -30.50
N THR J 173 36.67 51.45 -30.83
CA THR J 173 37.59 52.50 -30.44
C THR J 173 36.91 53.49 -29.51
N TYR J 174 37.73 54.30 -28.85
CA TYR J 174 37.29 55.28 -27.86
C TYR J 174 37.62 56.69 -28.36
N SER J 175 37.13 57.68 -27.61
CA SER J 175 37.37 59.09 -27.93
C SER J 175 37.37 59.90 -26.63
N LEU J 176 38.26 60.88 -26.53
CA LEU J 176 38.45 61.60 -25.28
C LEU J 176 38.54 63.11 -25.51
N SER J 177 38.03 63.86 -24.54
CA SER J 177 38.01 65.32 -24.55
C SER J 177 38.75 65.83 -23.31
N SER J 178 39.78 66.65 -23.54
CA SER J 178 40.51 67.31 -22.45
C SER J 178 40.25 68.80 -22.55
N THR J 179 39.52 69.34 -21.57
CA THR J 179 39.13 70.75 -21.55
C THR J 179 39.97 71.49 -20.51
N LEU J 180 40.77 72.45 -20.97
CA LEU J 180 41.58 73.30 -20.11
C LEU J 180 40.92 74.68 -20.02
N THR J 181 40.60 75.10 -18.80
CA THR J 181 39.88 76.34 -18.57
C THR J 181 40.70 77.27 -17.68
N LEU J 182 40.67 78.56 -18.01
CA LEU J 182 41.41 79.56 -17.24
C LEU J 182 40.84 80.94 -17.55
N SER J 183 41.30 81.92 -16.79
CA SER J 183 40.75 83.27 -16.85
C SER J 183 41.14 83.97 -18.15
N LYS J 184 40.33 84.96 -18.52
CA LYS J 184 40.56 85.69 -19.76
C LYS J 184 41.86 86.49 -19.69
N ALA J 185 42.13 87.13 -18.55
CA ALA J 185 43.34 87.94 -18.42
C ALA J 185 44.59 87.09 -18.54
N ASP J 186 44.57 85.88 -17.96
CA ASP J 186 45.74 85.01 -18.01
C ASP J 186 46.03 84.56 -19.44
N TYR J 187 44.98 84.30 -20.23
CA TYR J 187 45.18 83.77 -21.58
C TYR J 187 46.03 84.72 -22.42
N GLU J 188 45.64 86.00 -22.49
CA GLU J 188 46.39 86.96 -23.28
C GLU J 188 47.85 87.06 -22.81
N LYS J 189 48.09 86.85 -21.52
CA LYS J 189 49.46 86.92 -21.01
C LYS J 189 50.30 85.75 -21.50
N HIS J 190 49.75 84.54 -21.44
CA HIS J 190 50.47 83.36 -21.90
C HIS J 190 50.82 83.49 -23.37
N LYS J 191 52.03 83.03 -23.73
CA LYS J 191 52.53 83.24 -25.08
C LYS J 191 51.98 82.20 -26.06
N VAL J 192 51.92 80.94 -25.66
CA VAL J 192 51.60 79.85 -26.57
C VAL J 192 50.94 78.72 -25.81
N TYR J 193 50.15 77.92 -26.53
CA TYR J 193 49.37 76.82 -25.95
C TYR J 193 49.62 75.55 -26.73
N ALA J 194 49.90 74.46 -26.01
CA ALA J 194 50.31 73.21 -26.62
C ALA J 194 49.64 72.03 -25.93
N CYS J 195 49.39 70.97 -26.69
CA CYS J 195 48.85 69.72 -26.18
C CYS J 195 49.78 68.58 -26.58
N GLU J 196 50.35 67.92 -25.57
CA GLU J 196 51.22 66.77 -25.77
C GLU J 196 50.52 65.51 -25.28
N VAL J 197 50.45 64.50 -26.13
CA VAL J 197 49.69 63.29 -25.85
C VAL J 197 50.64 62.10 -25.80
N THR J 198 50.52 61.29 -24.75
CA THR J 198 51.29 60.06 -24.59
C THR J 198 50.34 58.88 -24.69
N HIS J 199 50.52 58.05 -25.71
CA HIS J 199 49.68 56.88 -25.91
C HIS J 199 50.52 55.75 -26.50
N GLN J 200 50.03 54.53 -26.32
CA GLN J 200 50.77 53.34 -26.74
C GLN J 200 50.91 53.29 -28.27
N GLY J 201 49.86 53.67 -28.99
CA GLY J 201 49.88 53.58 -30.45
C GLY J 201 50.83 54.52 -31.14
N LEU J 202 51.41 55.49 -30.42
CA LEU J 202 52.32 56.48 -31.00
C LEU J 202 53.74 56.17 -30.57
N SER J 203 54.67 56.22 -31.54
CA SER J 203 56.05 55.84 -31.27
C SER J 203 56.68 56.74 -30.22
N SER J 204 56.40 58.03 -30.28
CA SER J 204 56.90 58.99 -29.31
C SER J 204 55.80 60.03 -29.05
N PRO J 205 55.80 60.66 -27.87
CA PRO J 205 54.72 61.60 -27.52
C PRO J 205 54.40 62.62 -28.59
N VAL J 206 53.19 62.55 -29.14
CA VAL J 206 52.76 63.48 -30.18
C VAL J 206 52.25 64.75 -29.52
N THR J 207 52.77 65.90 -29.96
CA THR J 207 52.39 67.20 -29.44
C THR J 207 51.82 68.04 -30.59
N LYS J 208 50.60 68.52 -30.40
CA LYS J 208 49.94 69.40 -31.35
C LYS J 208 49.56 70.70 -30.64
N SER J 209 49.86 71.84 -31.27
CA SER J 209 49.92 73.10 -30.55
C SER J 209 49.47 74.25 -31.42
N PHE J 210 49.31 75.40 -30.78
CA PHE J 210 48.99 76.66 -31.45
C PHE J 210 49.50 77.82 -30.62
N ASN J 211 50.04 78.83 -31.29
CA ASN J 211 50.33 80.10 -30.63
C ASN J 211 49.15 81.04 -30.83
N ARG J 212 48.96 81.94 -29.86
CA ARG J 212 47.85 82.89 -29.91
C ARG J 212 47.90 83.69 -31.21
N GLY J 213 46.93 83.46 -32.07
CA GLY J 213 46.87 84.09 -33.38
C GLY J 213 47.19 83.08 -34.47
N GLU J 214 46.48 83.18 -35.58
CA GLU J 214 46.67 82.25 -36.69
C GLU J 214 46.26 82.87 -38.03
N GLY K 10 4.45 -23.65 18.48
CA GLY K 10 3.72 -22.95 17.43
C GLY K 10 3.21 -21.58 17.83
N PHE K 11 2.43 -20.97 16.93
CA PHE K 11 1.92 -19.62 17.13
C PHE K 11 0.94 -19.58 18.31
N LEU K 12 1.15 -18.61 19.22
CA LEU K 12 0.30 -18.41 20.40
C LEU K 12 0.32 -19.59 21.36
N GLY K 13 1.43 -20.34 21.39
CA GLY K 13 1.45 -21.59 22.13
C GLY K 13 1.27 -21.40 23.63
N ALA K 14 1.92 -20.39 24.21
CA ALA K 14 1.93 -20.20 25.64
C ALA K 14 0.88 -19.21 26.12
N ALA K 15 -0.19 -19.03 25.34
CA ALA K 15 -1.26 -18.11 25.74
C ALA K 15 -1.89 -18.53 27.06
N GLY K 16 -1.98 -19.82 27.32
CA GLY K 16 -2.47 -20.30 28.60
C GLY K 16 -1.42 -20.60 29.62
N SER K 17 -0.14 -20.46 29.25
CA SER K 17 0.97 -20.75 30.13
C SER K 17 1.32 -19.53 30.98
N THR K 18 2.23 -19.72 31.92
CA THR K 18 2.68 -18.65 32.78
C THR K 18 3.56 -17.67 32.02
N MET K 19 3.55 -16.41 32.46
CA MET K 19 4.41 -15.40 31.83
C MET K 19 5.86 -15.84 31.78
N GLY K 20 6.33 -16.52 32.84
CA GLY K 20 7.71 -16.98 32.85
C GLY K 20 7.99 -18.00 31.77
N ALA K 21 7.12 -19.00 31.64
CA ALA K 21 7.27 -19.99 30.58
C ALA K 21 6.94 -19.42 29.21
N ALA K 22 6.16 -18.33 29.15
CA ALA K 22 5.74 -17.78 27.86
C ALA K 22 6.82 -16.97 27.18
N SER K 23 7.68 -16.30 27.94
CA SER K 23 8.75 -15.51 27.34
C SER K 23 9.85 -16.36 26.71
N MET K 24 9.78 -17.68 26.86
CA MET K 24 10.74 -18.55 26.18
C MET K 24 10.44 -18.63 24.68
N THR K 25 9.16 -18.65 24.31
CA THR K 25 8.71 -18.84 22.93
C THR K 25 8.27 -17.54 22.29
N LEU K 26 8.99 -16.44 22.53
CA LEU K 26 8.57 -15.15 21.99
C LEU K 26 8.77 -15.06 20.49
N THR K 27 9.83 -15.69 19.96
CA THR K 27 10.17 -15.56 18.55
C THR K 27 9.16 -16.22 17.60
N VAL K 28 8.16 -16.93 18.14
CA VAL K 28 7.17 -17.58 17.27
C VAL K 28 6.02 -16.64 16.92
N GLN K 29 5.61 -15.76 17.86
CA GLN K 29 4.58 -14.77 17.59
C GLN K 29 5.12 -13.53 16.86
N ALA K 30 6.44 -13.33 16.85
CA ALA K 30 7.04 -12.19 16.15
C ALA K 30 7.42 -12.52 14.72
N ARG K 31 7.80 -13.76 14.45
CA ARG K 31 8.11 -14.17 13.09
C ARG K 31 6.85 -14.23 12.23
N ASN K 32 5.74 -14.67 12.82
CA ASN K 32 4.44 -14.70 12.13
C ASN K 32 3.66 -13.42 12.30
N LEU K 33 4.26 -12.37 12.86
CA LEU K 33 3.59 -11.09 13.03
C LEU K 33 3.53 -10.29 11.74
N LEU K 34 4.29 -10.70 10.73
CA LEU K 34 4.19 -10.12 9.39
C LEU K 34 3.99 -11.24 8.37
N THR K 58 -9.37 -3.58 -10.94
CA THR K 58 -9.86 -4.90 -10.56
C THR K 58 -10.34 -4.89 -9.11
N VAL K 59 -11.64 -5.14 -8.92
CA VAL K 59 -12.24 -5.13 -7.59
C VAL K 59 -12.19 -6.54 -7.03
N TRP K 60 -12.80 -6.75 -5.85
CA TRP K 60 -12.82 -8.01 -5.11
C TRP K 60 -11.47 -8.29 -4.48
N GLY K 61 -10.40 -8.30 -5.28
CA GLY K 61 -9.06 -8.38 -4.73
C GLY K 61 -8.64 -7.12 -3.99
N ILE K 62 -9.34 -6.01 -4.19
CA ILE K 62 -9.02 -4.79 -3.47
C ILE K 62 -9.17 -4.99 -1.96
N LYS K 63 -9.97 -5.96 -1.54
CA LYS K 63 -10.12 -6.25 -0.12
C LYS K 63 -8.88 -6.93 0.44
N GLN K 64 -8.15 -7.70 -0.38
CA GLN K 64 -6.92 -8.32 0.09
C GLN K 64 -5.75 -7.35 0.13
N LEU K 65 -5.80 -6.26 -0.64
CA LEU K 65 -4.71 -5.30 -0.65
C LEU K 65 -4.70 -4.45 0.63
N GLN K 66 -5.86 -3.87 0.96
CA GLN K 66 -5.97 -3.13 2.22
C GLN K 66 -5.56 -3.98 3.41
N ALA K 67 -5.76 -5.29 3.32
CA ALA K 67 -5.32 -6.19 4.39
C ALA K 67 -3.80 -6.16 4.54
N ARG K 68 -3.07 -6.32 3.42
CA ARG K 68 -1.62 -6.32 3.49
C ARG K 68 -1.03 -4.93 3.56
N VAL K 69 -1.79 -3.89 3.21
CA VAL K 69 -1.34 -2.52 3.46
C VAL K 69 -1.49 -2.16 4.92
N LEU K 70 -2.64 -2.49 5.51
CA LEU K 70 -2.78 -2.35 6.96
C LEU K 70 -1.72 -3.14 7.70
N ALA K 71 -1.31 -4.29 7.15
CA ALA K 71 -0.37 -5.18 7.84
C ALA K 71 0.93 -4.46 8.17
N VAL K 72 1.44 -3.64 7.26
CA VAL K 72 2.73 -3.01 7.50
C VAL K 72 2.61 -1.79 8.41
N GLU K 73 1.57 -0.97 8.23
CA GLU K 73 1.35 0.12 9.17
C GLU K 73 0.89 -0.40 10.53
N ARG K 74 0.39 -1.64 10.58
CA ARG K 74 0.15 -2.33 11.83
C ARG K 74 1.45 -2.82 12.47
N TYR K 75 2.43 -3.20 11.65
CA TYR K 75 3.71 -3.69 12.14
C TYR K 75 4.64 -2.54 12.49
N LEU K 76 4.77 -1.55 11.60
CA LEU K 76 5.65 -0.42 11.87
C LEU K 76 5.17 0.42 13.06
N ARG K 77 3.85 0.45 13.29
CA ARG K 77 3.34 1.15 14.47
C ARG K 77 3.88 0.54 15.75
N ASP K 78 4.03 -0.78 15.79
CA ASP K 78 4.66 -1.41 16.93
C ASP K 78 6.16 -1.18 16.94
N GLN K 79 6.80 -1.23 15.77
CA GLN K 79 8.24 -1.03 15.70
C GLN K 79 8.66 0.41 15.90
N GLN K 80 7.75 1.38 15.71
CA GLN K 80 8.06 2.76 16.05
C GLN K 80 8.19 2.92 17.56
N LEU K 81 7.27 2.33 18.31
CA LEU K 81 7.38 2.35 19.77
C LEU K 81 8.67 1.70 20.23
N LEU K 82 9.01 0.54 19.66
CA LEU K 82 10.27 -0.10 19.99
C LEU K 82 11.47 0.75 19.59
N GLY K 83 11.28 1.70 18.67
CA GLY K 83 12.35 2.56 18.24
C GLY K 83 12.58 3.78 19.12
N ILE K 84 11.50 4.48 19.47
CA ILE K 84 11.63 5.59 20.41
C ILE K 84 11.93 5.08 21.81
N TRP K 85 11.45 3.90 22.14
CA TRP K 85 11.97 3.20 23.27
C TRP K 85 13.31 2.73 22.74
N GLY K 86 14.29 2.59 23.61
CA GLY K 86 15.59 2.17 23.13
C GLY K 86 15.67 0.67 23.02
N CYS K 87 14.93 0.08 22.09
CA CYS K 87 15.03 -1.35 21.86
C CYS K 87 15.19 -1.70 20.38
N SER K 88 14.10 -1.59 19.63
CA SER K 88 14.19 -1.69 18.19
C SER K 88 14.49 -3.09 17.68
N GLY K 89 15.64 -3.62 18.07
CA GLY K 89 16.05 -4.91 17.56
C GLY K 89 15.76 -6.06 18.49
N LYS K 90 15.23 -5.73 19.66
CA LYS K 90 15.16 -6.69 20.75
C LYS K 90 13.73 -7.18 20.96
N LEU K 91 13.59 -8.51 21.12
CA LEU K 91 12.30 -9.09 21.50
C LEU K 91 12.02 -8.91 22.98
N ILE K 92 13.02 -9.20 23.82
CA ILE K 92 13.04 -8.76 25.20
C ILE K 92 14.08 -7.65 25.30
N CYS K 93 13.74 -6.59 26.03
CA CYS K 93 14.66 -5.48 26.22
C CYS K 93 14.54 -4.97 27.65
N CYS K 94 15.67 -4.54 28.19
CA CYS K 94 15.75 -4.06 29.56
C CYS K 94 15.90 -2.55 29.57
N THR K 95 15.43 -1.93 30.65
CA THR K 95 15.39 -0.48 30.77
C THR K 95 15.80 -0.11 32.18
N ASN K 96 15.86 1.18 32.46
CA ASN K 96 16.10 1.66 33.81
C ASN K 96 14.97 2.54 34.31
N VAL K 97 13.74 2.26 33.87
CA VAL K 97 12.54 2.85 34.46
C VAL K 97 12.15 1.99 35.66
N PRO K 98 12.23 2.53 36.89
CA PRO K 98 11.84 1.73 38.05
C PRO K 98 10.36 1.41 38.02
N TRP K 99 10.04 0.15 38.30
CA TRP K 99 8.64 -0.26 38.35
C TRP K 99 7.98 0.36 39.56
N ASN K 100 7.21 1.42 39.32
CA ASN K 100 6.47 2.09 40.39
C ASN K 100 5.49 1.11 41.03
N SER K 101 5.56 1.00 42.37
CA SER K 101 4.76 0.01 43.09
C SER K 101 3.27 0.18 42.83
N SER K 102 2.82 1.40 42.53
CA SER K 102 1.41 1.64 42.25
C SER K 102 0.88 0.71 41.16
N TRP K 103 1.76 0.26 40.28
CA TRP K 103 1.39 -0.62 39.19
C TRP K 103 1.63 -2.07 39.60
N SER K 104 0.54 -2.77 39.92
CA SER K 104 0.57 -4.22 40.16
C SER K 104 1.64 -4.60 41.19
N ASN K 105 1.53 -4.01 42.38
CA ASN K 105 2.41 -4.39 43.48
C ASN K 105 2.12 -5.83 43.89
N ARG K 106 2.80 -6.78 43.24
CA ARG K 106 2.68 -8.19 43.54
C ARG K 106 4.08 -8.80 43.52
N ASN K 107 4.24 -9.89 44.27
CA ASN K 107 5.55 -10.52 44.32
C ASN K 107 5.96 -10.99 42.93
N LEU K 108 7.27 -10.92 42.66
CA LEU K 108 7.77 -11.27 41.34
C LEU K 108 7.36 -12.68 40.94
N SER K 109 7.37 -13.60 41.90
CA SER K 109 6.97 -14.98 41.62
C SER K 109 5.52 -15.05 41.17
N GLU K 110 4.65 -14.22 41.75
CA GLU K 110 3.24 -14.23 41.35
C GLU K 110 3.09 -13.84 39.88
N ILE K 111 3.85 -12.84 39.43
CA ILE K 111 3.69 -12.32 38.07
C ILE K 111 4.20 -13.32 37.04
N TRP K 112 5.38 -13.90 37.29
CA TRP K 112 5.97 -14.81 36.31
C TRP K 112 5.51 -16.25 36.49
N ASP K 113 5.33 -16.71 37.73
CA ASP K 113 5.04 -18.13 38.00
C ASP K 113 3.58 -18.39 38.34
N ASN K 114 2.73 -17.37 38.38
CA ASN K 114 1.34 -17.61 38.79
C ASN K 114 0.38 -16.69 38.04
N MET K 115 0.73 -16.28 36.81
CA MET K 115 -0.12 -15.43 36.00
C MET K 115 0.14 -15.72 34.53
N THR K 116 -0.88 -15.51 33.71
CA THR K 116 -0.72 -15.53 32.26
C THR K 116 -0.76 -14.10 31.74
N TRP K 117 -0.16 -13.89 30.56
CA TRP K 117 -0.06 -12.55 30.01
C TRP K 117 -1.43 -11.94 29.79
N LEU K 118 -2.43 -12.77 29.44
CA LEU K 118 -3.79 -12.25 29.26
C LEU K 118 -4.33 -11.67 30.57
N GLN K 119 -3.97 -12.28 31.71
CA GLN K 119 -4.37 -11.72 32.99
C GLN K 119 -3.57 -10.47 33.32
N TRP K 120 -2.28 -10.45 32.98
CA TRP K 120 -1.41 -9.34 33.32
C TRP K 120 -1.82 -8.07 32.56
N ASP K 121 -1.99 -8.18 31.24
CA ASP K 121 -2.36 -7.03 30.42
C ASP K 121 -3.65 -6.39 30.92
N LYS K 122 -4.50 -7.15 31.61
CA LYS K 122 -5.73 -6.60 32.15
C LYS K 122 -5.46 -5.78 33.41
N GLU K 123 -4.52 -6.21 34.25
CA GLU K 123 -4.23 -5.48 35.49
C GLU K 123 -3.43 -4.20 35.19
N ILE K 124 -2.42 -4.31 34.32
CA ILE K 124 -1.63 -3.14 33.94
C ILE K 124 -2.42 -2.15 33.10
N SER K 125 -3.51 -2.61 32.47
CA SER K 125 -4.18 -1.84 31.42
C SER K 125 -4.36 -0.38 31.76
N ASN K 126 -4.49 -0.04 33.06
CA ASN K 126 -4.62 1.35 33.46
C ASN K 126 -3.32 2.11 33.30
N TYR K 127 -2.22 1.46 33.62
CA TYR K 127 -0.93 2.12 33.72
C TYR K 127 -0.08 1.94 32.47
N THR K 128 -0.59 1.21 31.46
CA THR K 128 0.25 0.84 30.33
C THR K 128 0.70 2.07 29.53
N GLN K 129 -0.22 2.98 29.24
CA GLN K 129 0.17 4.18 28.50
C GLN K 129 1.01 5.12 29.35
N ILE K 130 0.91 5.01 30.68
CA ILE K 130 1.85 5.70 31.55
C ILE K 130 3.24 5.09 31.37
N ILE K 131 3.34 3.77 31.44
CA ILE K 131 4.61 3.08 31.17
C ILE K 131 5.12 3.48 29.80
N TYR K 132 4.27 3.36 28.77
CA TYR K 132 4.66 3.70 27.41
C TYR K 132 5.20 5.13 27.35
N GLY K 133 4.52 6.07 27.98
CA GLY K 133 5.00 7.43 28.01
C GLY K 133 6.27 7.59 28.82
N LEU K 134 6.38 6.85 29.92
CA LEU K 134 7.57 6.95 30.75
C LEU K 134 8.78 6.31 30.06
N LEU K 135 8.54 5.30 29.22
CA LEU K 135 9.65 4.62 28.55
C LEU K 135 10.36 5.55 27.59
N GLU K 136 9.60 6.31 26.81
CA GLU K 136 10.19 7.11 25.74
C GLU K 136 11.03 8.25 26.30
N GLU K 137 10.51 8.97 27.30
CA GLU K 137 11.14 10.21 27.74
C GLU K 137 11.97 10.05 29.01
N SER K 138 11.42 9.37 30.03
CA SER K 138 12.05 9.38 31.35
C SER K 138 13.48 8.91 31.31
N GLN K 139 13.81 8.00 30.39
CA GLN K 139 15.20 7.63 30.22
C GLN K 139 15.70 8.12 28.88
N ASN K 140 15.20 7.55 27.80
CA ASN K 140 15.88 7.62 26.52
C ASN K 140 16.14 9.08 26.17
N GLN K 141 15.21 9.96 26.52
CA GLN K 141 15.44 11.37 26.26
C GLN K 141 16.59 11.91 27.11
N GLN K 142 16.54 11.66 28.41
CA GLN K 142 17.66 12.06 29.27
C GLN K 142 18.83 11.08 29.18
N GLU K 143 18.63 9.91 28.58
CA GLU K 143 19.67 8.89 28.44
C GLU K 143 20.46 9.06 27.13
N LYS K 144 19.78 9.46 26.06
CA LYS K 144 20.49 9.76 24.82
C LYS K 144 21.24 11.10 24.93
N ASN K 145 20.57 12.11 25.47
CA ASN K 145 21.25 13.38 25.69
C ASN K 145 22.41 13.23 26.66
N GLU K 146 22.31 12.27 27.59
CA GLU K 146 23.43 12.02 28.49
C GLU K 146 24.65 11.50 27.72
N GLN K 147 24.45 10.49 26.88
CA GLN K 147 25.55 9.97 26.07
C GLN K 147 26.06 11.02 25.09
N ASP K 148 25.16 11.84 24.55
CA ASP K 148 25.59 12.96 23.73
C ASP K 148 26.54 13.86 24.52
N LEU K 149 26.19 14.18 25.77
CA LEU K 149 27.11 14.90 26.64
C LEU K 149 28.35 14.06 26.95
N LEU K 150 28.15 12.77 27.22
CA LEU K 150 29.29 11.92 27.58
C LEU K 150 30.22 11.69 26.39
N ALA K 151 29.68 11.70 25.17
CA ALA K 151 30.51 11.47 23.99
C ALA K 151 31.25 12.71 23.52
N LEU K 152 31.05 13.87 24.15
CA LEU K 152 31.82 15.05 23.77
C LEU K 152 33.18 15.09 24.45
N ASP K 153 33.29 14.50 25.65
CA ASP K 153 34.49 14.51 26.48
C ASP K 153 35.81 14.41 25.71
N ASN L 1 14.85 -4.38 43.97
CA ASN L 1 14.17 -3.31 43.25
C ASN L 1 13.98 -3.69 41.78
N LEU L 2 12.85 -3.27 41.22
CA LEU L 2 12.36 -3.81 39.96
C LEU L 2 12.30 -2.74 38.88
N TRP L 3 12.42 -3.18 37.63
CA TRP L 3 12.44 -2.30 36.47
C TRP L 3 11.55 -2.89 35.38
N VAL L 4 10.89 -2.00 34.62
CA VAL L 4 10.08 -2.45 33.50
C VAL L 4 10.99 -3.09 32.45
N THR L 5 10.44 -4.06 31.72
CA THR L 5 11.13 -4.63 30.57
C THR L 5 10.13 -4.92 29.47
N VAL L 6 10.45 -4.44 28.27
CA VAL L 6 9.57 -4.61 27.13
C VAL L 6 9.76 -6.00 26.54
N TYR L 7 8.66 -6.73 26.39
CA TYR L 7 8.64 -8.00 25.69
C TYR L 7 7.83 -7.85 24.41
N TYR L 8 8.34 -8.41 23.33
CA TYR L 8 7.66 -8.34 22.03
C TYR L 8 7.28 -9.74 21.57
N GLY L 9 6.01 -9.90 21.18
CA GLY L 9 5.49 -11.19 20.79
C GLY L 9 4.75 -11.94 21.86
N VAL L 10 4.21 -11.26 22.87
CA VAL L 10 3.52 -11.96 23.96
C VAL L 10 2.17 -12.46 23.46
N PRO L 11 1.72 -13.64 23.91
CA PRO L 11 0.42 -14.15 23.43
C PRO L 11 -0.76 -13.45 24.10
N VAL L 12 -1.19 -12.34 23.52
CA VAL L 12 -2.29 -11.54 24.05
C VAL L 12 -3.15 -11.08 22.87
N TRP L 13 -4.43 -11.48 22.88
CA TRP L 13 -5.35 -11.12 21.81
C TRP L 13 -6.63 -10.54 22.38
N LYS L 14 -7.31 -9.77 21.54
CA LYS L 14 -8.65 -9.26 21.82
C LYS L 14 -9.54 -9.54 20.61
N ASP L 15 -10.83 -9.72 20.88
CA ASP L 15 -11.79 -9.87 19.78
C ASP L 15 -11.72 -8.65 18.87
N ALA L 16 -11.83 -8.88 17.57
CA ALA L 16 -11.76 -7.79 16.61
C ALA L 16 -12.38 -8.22 15.30
N GLU L 17 -12.89 -7.24 14.55
CA GLU L 17 -13.46 -7.45 13.24
C GLU L 17 -12.64 -6.70 12.20
N THR L 18 -12.34 -7.36 11.09
CA THR L 18 -11.51 -6.77 10.05
C THR L 18 -11.81 -7.46 8.73
N THR L 19 -11.20 -6.93 7.66
CA THR L 19 -11.32 -7.53 6.34
C THR L 19 -10.54 -8.84 6.27
N LEU L 20 -11.14 -9.85 5.65
CA LEU L 20 -10.52 -11.16 5.50
C LEU L 20 -10.37 -11.47 4.01
N PHE L 21 -9.44 -12.37 3.70
CA PHE L 21 -9.09 -12.69 2.32
C PHE L 21 -9.55 -14.11 1.96
N CYS L 22 -9.34 -14.47 0.69
CA CYS L 22 -9.95 -15.66 0.09
C CYS L 22 -8.90 -16.69 -0.29
N ALA L 23 -9.30 -17.96 -0.27
CA ALA L 23 -8.48 -19.08 -0.68
C ALA L 23 -9.32 -20.02 -1.54
N SER L 24 -8.65 -20.75 -2.44
CA SER L 24 -9.32 -21.49 -3.51
C SER L 24 -8.76 -22.91 -3.62
N ASP L 25 -8.94 -23.69 -2.56
CA ASP L 25 -8.58 -25.12 -2.55
C ASP L 25 -7.13 -25.38 -2.94
N ALA L 26 -6.92 -26.35 -3.83
CA ALA L 26 -5.63 -26.56 -4.45
C ALA L 26 -5.48 -25.80 -5.77
N LYS L 27 -6.48 -24.99 -6.14
CA LYS L 27 -6.50 -24.25 -7.40
C LYS L 27 -6.41 -25.19 -8.59
N ALA L 38 -15.94 -16.19 -8.56
CA ALA L 38 -15.03 -15.06 -8.40
C ALA L 38 -13.62 -15.55 -8.08
N THR L 39 -13.37 -16.82 -8.37
CA THR L 39 -12.12 -17.49 -8.03
C THR L 39 -11.07 -17.19 -9.11
N HIS L 40 -10.59 -15.96 -9.10
CA HIS L 40 -9.59 -15.51 -10.07
C HIS L 40 -8.29 -15.06 -9.42
N ALA L 41 -8.36 -14.41 -8.26
CA ALA L 41 -7.18 -13.92 -7.56
C ALA L 41 -6.99 -14.55 -6.18
N CYS L 42 -7.72 -15.62 -5.88
CA CYS L 42 -7.65 -16.24 -4.56
C CYS L 42 -6.38 -17.08 -4.44
N VAL L 43 -5.65 -16.88 -3.35
CA VAL L 43 -4.34 -17.52 -3.15
C VAL L 43 -4.53 -19.02 -2.96
N PRO L 44 -3.70 -19.86 -3.55
CA PRO L 44 -3.79 -21.31 -3.29
C PRO L 44 -3.53 -21.62 -1.83
N THR L 45 -4.26 -22.61 -1.31
CA THR L 45 -4.09 -22.99 0.09
C THR L 45 -2.76 -23.68 0.30
N ASP L 46 -2.23 -23.54 1.51
CA ASP L 46 -1.08 -24.32 1.92
C ASP L 46 -1.35 -25.80 1.69
N PRO L 47 -0.48 -26.52 0.97
CA PRO L 47 -0.70 -27.96 0.79
C PRO L 47 -0.96 -28.70 2.09
N ASN L 48 -0.49 -28.16 3.21
CA ASN L 48 -0.94 -28.58 4.53
C ASN L 48 -1.08 -27.36 5.43
N PRO L 49 -2.29 -26.98 5.79
CA PRO L 49 -2.47 -25.91 6.79
C PRO L 49 -1.93 -26.35 8.14
N GLN L 50 -1.76 -25.36 9.02
CA GLN L 50 -1.16 -25.59 10.34
C GLN L 50 -2.14 -25.12 11.41
N GLU L 51 -2.36 -25.96 12.42
CA GLU L 51 -3.34 -25.72 13.46
C GLU L 51 -2.66 -25.92 14.82
N ILE L 52 -2.76 -24.92 15.68
CA ILE L 52 -2.04 -24.89 16.95
C ILE L 52 -3.05 -24.87 18.08
N HIS L 53 -2.97 -25.88 18.96
CA HIS L 53 -3.86 -25.99 20.11
C HIS L 53 -3.39 -25.07 21.22
N LEU L 54 -4.34 -24.49 21.95
CA LEU L 54 -4.07 -23.52 23.01
C LEU L 54 -4.35 -24.18 24.34
N GLU L 55 -3.30 -24.75 24.94
CA GLU L 55 -3.44 -25.42 26.23
C GLU L 55 -3.80 -24.42 27.32
N ASN L 56 -4.61 -24.87 28.28
CA ASN L 56 -5.00 -24.09 29.45
C ASN L 56 -5.69 -22.77 29.06
N VAL L 57 -6.34 -22.75 27.90
CA VAL L 57 -6.98 -21.54 27.38
C VAL L 57 -8.48 -21.78 27.29
N THR L 58 -9.26 -20.81 27.75
CA THR L 58 -10.72 -20.84 27.62
C THR L 58 -11.17 -19.54 26.96
N GLU L 59 -11.68 -19.64 25.74
CA GLU L 59 -12.20 -18.50 24.99
C GLU L 59 -13.70 -18.66 24.80
N GLU L 60 -14.43 -17.55 24.90
CA GLU L 60 -15.88 -17.57 24.84
C GLU L 60 -16.37 -17.13 23.46
N PHE L 61 -17.37 -17.85 22.95
CA PHE L 61 -17.87 -17.68 21.60
C PHE L 61 -19.31 -17.21 21.61
N ASN L 62 -19.69 -16.53 20.53
CA ASN L 62 -21.06 -16.10 20.26
C ASN L 62 -21.41 -16.20 18.77
N MET L 63 -21.60 -17.42 18.27
CA MET L 63 -21.73 -17.63 16.83
C MET L 63 -22.79 -16.74 16.19
N TRP L 64 -23.72 -16.22 17.00
CA TRP L 64 -24.79 -15.38 16.47
C TRP L 64 -24.42 -13.91 16.41
N LYS L 65 -23.42 -13.48 17.19
CA LYS L 65 -22.86 -12.14 17.05
C LYS L 65 -21.45 -12.23 16.50
N ASN L 66 -21.32 -12.80 15.30
CA ASN L 66 -20.03 -13.02 14.65
C ASN L 66 -19.98 -12.17 13.38
N ASN L 67 -18.89 -11.43 13.20
CA ASN L 67 -18.78 -10.59 12.02
C ASN L 67 -18.45 -11.39 10.78
N MET L 68 -17.81 -12.56 10.95
CA MET L 68 -17.35 -13.33 9.81
C MET L 68 -18.49 -13.68 8.85
N VAL L 69 -19.66 -14.04 9.39
CA VAL L 69 -20.79 -14.38 8.53
C VAL L 69 -21.24 -13.16 7.73
N GLU L 70 -21.34 -12.01 8.38
CA GLU L 70 -21.83 -10.80 7.73
C GLU L 70 -20.82 -10.22 6.74
N GLN L 71 -19.55 -10.62 6.82
CA GLN L 71 -18.61 -10.32 5.75
C GLN L 71 -18.66 -11.35 4.64
N MET L 72 -18.87 -12.63 4.98
CA MET L 72 -19.04 -13.65 3.96
C MET L 72 -20.30 -13.42 3.14
N HIS L 73 -21.40 -13.06 3.82
CA HIS L 73 -22.66 -12.86 3.11
C HIS L 73 -22.61 -11.60 2.25
N THR L 74 -22.02 -10.52 2.77
CA THR L 74 -21.84 -9.33 1.95
C THR L 74 -20.87 -9.56 0.81
N ASP L 75 -20.06 -10.63 0.88
CA ASP L 75 -19.13 -10.95 -0.19
C ASP L 75 -19.81 -11.73 -1.32
N ILE L 76 -20.61 -12.73 -0.96
CA ILE L 76 -21.24 -13.57 -1.98
C ILE L 76 -22.16 -12.74 -2.86
N ILE L 77 -22.96 -11.86 -2.25
CA ILE L 77 -23.93 -11.09 -3.02
C ILE L 77 -23.21 -10.17 -4.01
N SER L 78 -22.07 -9.62 -3.61
CA SER L 78 -21.37 -8.65 -4.45
C SER L 78 -20.46 -9.34 -5.46
N LEU L 79 -19.86 -10.47 -5.09
CA LEU L 79 -19.09 -11.24 -6.07
C LEU L 79 -20.03 -11.82 -7.13
N TRP L 80 -21.24 -12.20 -6.73
CA TRP L 80 -22.19 -12.77 -7.68
C TRP L 80 -22.57 -11.77 -8.75
N ASP L 81 -22.79 -10.51 -8.36
CA ASP L 81 -23.15 -9.50 -9.34
C ASP L 81 -22.08 -9.37 -10.42
N GLN L 82 -20.81 -9.53 -10.05
CA GLN L 82 -19.74 -9.51 -11.05
C GLN L 82 -19.89 -10.64 -12.06
N SER L 83 -20.49 -11.77 -11.66
CA SER L 83 -20.73 -12.86 -12.59
C SER L 83 -21.83 -12.54 -13.59
N LEU L 84 -22.39 -11.33 -13.57
CA LEU L 84 -23.43 -10.93 -14.50
C LEU L 84 -23.07 -9.70 -15.31
N LYS L 85 -21.86 -9.17 -15.16
CA LYS L 85 -21.49 -7.91 -15.80
C LYS L 85 -20.97 -8.10 -17.22
N PRO L 86 -20.13 -9.10 -17.51
CA PRO L 86 -19.76 -9.36 -18.92
C PRO L 86 -20.74 -10.27 -19.67
N CYS L 87 -21.90 -10.57 -19.11
CA CYS L 87 -22.87 -11.46 -19.72
C CYS L 87 -23.97 -10.67 -20.41
N VAL L 88 -24.73 -11.37 -21.24
CA VAL L 88 -25.68 -10.71 -22.14
C VAL L 88 -26.87 -10.18 -21.35
N LYS L 89 -27.18 -8.90 -21.53
CA LYS L 89 -28.38 -8.31 -20.96
C LYS L 89 -29.59 -8.72 -21.78
N LEU L 90 -30.71 -8.97 -21.10
CA LEU L 90 -31.91 -9.46 -21.77
C LEU L 90 -33.05 -8.46 -22.06
N THR L 91 -32.75 -7.16 -22.07
CA THR L 91 -33.80 -6.19 -21.96
C THR L 91 -34.89 -6.43 -23.02
N PRO L 92 -34.51 -6.87 -24.22
CA PRO L 92 -35.52 -7.10 -25.27
C PRO L 92 -36.42 -8.32 -25.05
N LEU L 93 -36.36 -8.95 -23.89
CA LEU L 93 -37.18 -10.11 -23.61
C LEU L 93 -38.30 -9.83 -22.62
N CYS L 94 -38.71 -8.57 -22.49
CA CYS L 94 -39.99 -8.21 -21.86
C CYS L 94 -40.94 -7.87 -23.01
N VAL L 95 -41.62 -8.89 -23.53
CA VAL L 95 -42.58 -8.73 -24.63
C VAL L 95 -43.79 -9.59 -24.35
N THR L 96 -44.92 -9.23 -24.98
CA THR L 96 -46.13 -10.02 -24.84
C THR L 96 -45.90 -11.43 -25.36
N LEU L 97 -46.24 -12.41 -24.54
CA LEU L 97 -46.03 -13.82 -24.86
C LEU L 97 -47.34 -14.47 -25.24
N GLN L 98 -47.37 -15.09 -26.41
CA GLN L 98 -48.49 -15.92 -26.85
C GLN L 98 -48.13 -17.37 -26.57
N CYS L 99 -48.73 -17.93 -25.52
CA CYS L 99 -48.29 -19.20 -24.96
C CYS L 99 -49.41 -20.23 -24.98
N THR L 100 -49.00 -21.49 -24.88
CA THR L 100 -49.92 -22.62 -24.76
C THR L 100 -49.25 -23.71 -23.92
N ASN L 101 -50.07 -24.62 -23.40
CA ASN L 101 -49.57 -25.70 -22.55
C ASN L 101 -48.72 -26.68 -23.34
N GLU L 113 -46.81 -28.43 -16.95
CA GLU L 113 -46.01 -27.46 -16.24
C GLU L 113 -45.25 -26.55 -17.22
N LEU L 114 -44.84 -27.12 -18.35
CA LEU L 114 -44.06 -26.40 -19.34
C LEU L 114 -44.98 -25.56 -20.23
N LYS L 115 -44.37 -24.65 -20.99
CA LYS L 115 -45.14 -23.72 -21.81
C LYS L 115 -44.38 -23.42 -23.10
N ASN L 116 -45.10 -23.49 -24.23
CA ASN L 116 -44.54 -23.22 -25.56
C ASN L 116 -44.97 -21.81 -25.96
N CYS L 117 -44.16 -20.82 -25.58
CA CYS L 117 -44.49 -19.42 -25.83
C CYS L 117 -43.85 -18.96 -27.14
N SER L 118 -44.63 -18.23 -27.92
CA SER L 118 -44.17 -17.60 -29.14
C SER L 118 -44.11 -16.08 -28.93
N PHE L 119 -43.19 -15.43 -29.64
CA PHE L 119 -43.00 -13.99 -29.45
C PHE L 119 -42.11 -13.44 -30.56
N ASN L 120 -42.28 -12.14 -30.82
CA ASN L 120 -41.46 -11.41 -31.78
C ASN L 120 -40.21 -10.90 -31.08
N MET L 121 -39.09 -10.90 -31.81
CA MET L 121 -37.78 -10.68 -31.19
C MET L 121 -36.94 -9.75 -32.04
N THR L 122 -36.13 -8.92 -31.36
CA THR L 122 -35.19 -8.05 -32.03
C THR L 122 -34.09 -8.85 -32.70
N THR L 123 -33.67 -8.41 -33.88
CA THR L 123 -32.60 -9.06 -34.60
C THR L 123 -31.31 -8.27 -34.41
N GLU L 124 -30.31 -8.57 -35.25
CA GLU L 124 -29.10 -7.75 -35.26
C GLU L 124 -29.40 -6.35 -35.74
N LEU L 125 -30.29 -6.21 -36.72
CA LEU L 125 -30.68 -4.93 -37.26
C LEU L 125 -31.77 -4.30 -36.38
N ARG L 126 -31.90 -2.98 -36.47
CA ARG L 126 -32.92 -2.31 -35.65
C ARG L 126 -34.31 -2.55 -36.22
N ASP L 127 -34.44 -2.49 -37.55
CA ASP L 127 -35.76 -2.55 -38.17
C ASP L 127 -36.33 -3.97 -38.15
N LYS L 128 -35.56 -4.94 -38.64
CA LYS L 128 -36.09 -6.28 -38.81
C LYS L 128 -36.48 -6.89 -37.45
N LYS L 129 -37.37 -7.87 -37.51
CA LYS L 129 -37.90 -8.55 -36.34
C LYS L 129 -37.73 -10.06 -36.53
N GLN L 130 -38.14 -10.83 -35.53
CA GLN L 130 -37.99 -12.28 -35.61
C GLN L 130 -39.00 -12.96 -34.70
N LYS L 131 -39.74 -13.92 -35.25
CA LYS L 131 -40.62 -14.77 -34.46
C LYS L 131 -39.83 -15.97 -33.96
N VAL L 132 -39.96 -16.26 -32.66
CA VAL L 132 -39.23 -17.35 -32.02
C VAL L 132 -40.16 -18.00 -30.99
N TYR L 133 -40.04 -19.31 -30.85
CA TYR L 133 -40.70 -20.04 -29.77
C TYR L 133 -39.66 -20.61 -28.82
N SER L 134 -40.05 -20.77 -27.56
CA SER L 134 -39.16 -21.27 -26.52
C SER L 134 -39.97 -22.12 -25.55
N LEU L 135 -39.32 -22.56 -24.47
CA LEU L 135 -39.94 -23.43 -23.47
C LEU L 135 -39.62 -22.89 -22.09
N PHE L 136 -40.63 -22.33 -21.43
CA PHE L 136 -40.50 -21.78 -20.09
C PHE L 136 -41.38 -22.55 -19.12
N TYR L 137 -41.10 -22.37 -17.82
CA TYR L 137 -41.84 -23.06 -16.77
C TYR L 137 -42.96 -22.16 -16.24
N ARG L 138 -43.86 -22.76 -15.46
CA ARG L 138 -45.03 -22.02 -15.00
C ARG L 138 -44.65 -20.94 -14.00
N LEU L 139 -43.57 -21.13 -13.25
CA LEU L 139 -43.20 -20.16 -12.23
C LEU L 139 -42.58 -18.91 -12.84
N ASP L 140 -41.89 -19.04 -13.97
CA ASP L 140 -41.24 -17.90 -14.58
C ASP L 140 -42.18 -17.03 -15.41
N VAL L 141 -43.46 -17.43 -15.54
CA VAL L 141 -44.43 -16.68 -16.32
C VAL L 141 -45.68 -16.45 -15.47
N VAL L 142 -46.49 -15.49 -15.92
CA VAL L 142 -47.71 -15.09 -15.22
C VAL L 142 -48.69 -14.55 -16.24
N GLN L 143 -49.98 -14.57 -15.89
CA GLN L 143 -51.01 -14.08 -16.79
C GLN L 143 -50.91 -12.56 -16.91
N ILE L 144 -51.26 -12.06 -18.10
CA ILE L 144 -51.13 -10.65 -18.43
C ILE L 144 -52.52 -10.02 -18.38
N ASN L 145 -52.73 -9.15 -17.40
CA ASN L 145 -54.01 -8.43 -17.30
C ASN L 145 -53.91 -7.05 -17.93
N ILE L 162 -42.51 -12.96 -15.26
CA ILE L 162 -42.86 -12.39 -13.97
C ILE L 162 -41.87 -11.29 -13.60
N ASN L 163 -40.67 -11.37 -14.16
CA ASN L 163 -39.56 -10.52 -13.72
C ASN L 163 -39.82 -9.05 -14.02
N CYS L 164 -40.35 -8.75 -15.21
CA CYS L 164 -40.52 -7.35 -15.60
C CYS L 164 -41.28 -6.58 -14.53
N ASN L 165 -42.32 -7.20 -13.96
CA ASN L 165 -43.06 -6.59 -12.85
C ASN L 165 -42.13 -6.08 -11.75
N THR L 166 -41.01 -6.79 -11.52
CA THR L 166 -40.12 -6.46 -10.42
C THR L 166 -38.84 -5.76 -10.85
N SER L 167 -38.17 -6.27 -11.88
CA SER L 167 -36.81 -5.81 -12.15
C SER L 167 -36.44 -6.04 -13.60
N ALA L 168 -35.32 -5.44 -14.00
CA ALA L 168 -34.64 -5.78 -15.24
C ALA L 168 -33.89 -7.10 -15.06
N ILE L 169 -33.35 -7.62 -16.17
CA ILE L 169 -32.83 -8.98 -16.18
C ILE L 169 -31.56 -9.06 -17.02
N THR L 170 -30.66 -9.94 -16.62
CA THR L 170 -29.44 -10.26 -17.36
C THR L 170 -29.25 -11.77 -17.35
N GLN L 171 -28.95 -12.34 -18.51
CA GLN L 171 -28.64 -13.76 -18.59
C GLN L 171 -27.25 -14.02 -18.07
N ALA L 172 -27.03 -15.21 -17.53
CA ALA L 172 -25.71 -15.59 -17.06
C ALA L 172 -24.80 -15.93 -18.23
N CYS L 173 -23.51 -15.75 -18.04
CA CYS L 173 -22.54 -16.23 -19.02
C CYS L 173 -22.56 -17.75 -19.03
N PRO L 174 -22.71 -18.39 -20.19
CA PRO L 174 -22.65 -19.85 -20.23
C PRO L 174 -21.27 -20.41 -20.00
N LYS L 175 -20.23 -19.56 -20.02
CA LYS L 175 -18.85 -20.04 -19.89
C LYS L 175 -18.47 -20.31 -18.44
N VAL L 176 -19.03 -19.57 -17.49
CA VAL L 176 -18.70 -19.77 -16.09
C VAL L 176 -19.37 -21.04 -15.58
N SER L 177 -18.77 -21.66 -14.56
CA SER L 177 -19.31 -22.84 -13.92
C SER L 177 -19.89 -22.48 -12.56
N PHE L 178 -20.96 -23.18 -12.18
CA PHE L 178 -21.65 -22.95 -10.93
C PHE L 178 -21.44 -24.08 -9.93
N GLU L 179 -20.50 -24.97 -10.19
CA GLU L 179 -20.17 -26.01 -9.23
C GLU L 179 -19.66 -25.35 -7.95
N PRO L 180 -20.22 -25.67 -6.78
CA PRO L 180 -19.70 -25.09 -5.53
C PRO L 180 -18.33 -25.65 -5.20
N ILE L 181 -17.40 -24.76 -4.89
CA ILE L 181 -16.02 -25.15 -4.58
C ILE L 181 -15.69 -24.75 -3.15
N PRO L 182 -14.89 -25.55 -2.44
CA PRO L 182 -14.54 -25.21 -1.05
C PRO L 182 -13.75 -23.91 -0.99
N ILE L 183 -14.16 -23.03 -0.07
CA ILE L 183 -13.54 -21.73 0.12
C ILE L 183 -13.02 -21.64 1.55
N HIS L 184 -11.78 -21.19 1.69
CA HIS L 184 -11.15 -20.99 3.00
C HIS L 184 -11.10 -19.50 3.31
N TYR L 185 -11.67 -19.13 4.45
CA TYR L 185 -11.60 -17.75 4.95
C TYR L 185 -10.48 -17.65 5.96
N CYS L 186 -9.56 -16.70 5.76
CA CYS L 186 -8.40 -16.58 6.60
C CYS L 186 -8.24 -15.15 7.08
N ALA L 187 -7.38 -14.96 8.11
CA ALA L 187 -7.11 -13.66 8.68
C ALA L 187 -5.69 -13.20 8.34
N PRO L 188 -5.50 -11.93 8.05
CA PRO L 188 -4.18 -11.43 7.63
C PRO L 188 -3.24 -11.30 8.82
N ALA L 189 -2.01 -10.86 8.52
CA ALA L 189 -0.98 -10.72 9.54
C ALA L 189 -1.41 -9.69 10.58
N GLY L 190 -1.07 -9.97 11.84
CA GLY L 190 -1.54 -9.16 12.95
C GLY L 190 -2.85 -9.61 13.54
N PHE L 191 -3.56 -10.53 12.88
CA PHE L 191 -4.80 -11.10 13.38
C PHE L 191 -4.67 -12.61 13.41
N ALA L 192 -5.70 -13.25 13.95
CA ALA L 192 -5.77 -14.71 14.02
C ALA L 192 -7.20 -15.11 14.26
N ILE L 193 -7.50 -16.38 13.95
CA ILE L 193 -8.83 -16.95 14.10
C ILE L 193 -8.73 -18.11 15.08
N LEU L 194 -9.60 -18.08 16.09
CA LEU L 194 -9.67 -19.17 17.06
C LEU L 194 -10.82 -20.10 16.67
N LYS L 195 -10.59 -21.41 16.80
CA LYS L 195 -11.57 -22.43 16.49
C LYS L 195 -11.83 -23.27 17.74
N CYS L 196 -13.11 -23.55 18.01
CA CYS L 196 -13.49 -24.35 19.17
C CYS L 196 -13.33 -25.83 18.84
N LYS L 197 -12.28 -26.45 19.39
CA LYS L 197 -11.95 -27.84 19.14
C LYS L 197 -12.83 -28.79 19.96
N ASP L 198 -14.14 -28.64 19.82
CA ASP L 198 -15.11 -29.35 20.66
C ASP L 198 -16.07 -30.11 19.77
N LYS L 199 -16.30 -31.38 20.11
CA LYS L 199 -17.17 -32.23 19.28
C LYS L 199 -18.61 -31.76 19.33
N LYS L 200 -19.07 -31.32 20.50
CA LYS L 200 -20.45 -30.86 20.69
C LYS L 200 -20.42 -29.43 21.20
N PHE L 201 -20.87 -28.49 20.37
CA PHE L 201 -20.80 -27.07 20.67
C PHE L 201 -22.02 -26.39 20.06
N ASN L 202 -22.76 -25.61 20.85
CA ASN L 202 -23.91 -24.89 20.32
C ASN L 202 -23.58 -23.49 19.84
N GLY L 203 -22.31 -23.06 19.90
CA GLY L 203 -21.90 -21.79 19.36
C GLY L 203 -21.76 -20.67 20.37
N THR L 204 -22.06 -20.92 21.65
CA THR L 204 -21.99 -19.91 22.68
C THR L 204 -21.41 -20.52 23.96
N GLY L 205 -20.91 -19.64 24.83
CA GLY L 205 -20.36 -20.05 26.09
C GLY L 205 -18.85 -20.28 26.01
N PRO L 206 -18.30 -20.92 27.04
CA PRO L 206 -16.86 -21.12 27.07
C PRO L 206 -16.43 -22.34 26.27
N CYS L 207 -15.30 -22.20 25.58
CA CYS L 207 -14.73 -23.32 24.83
C CYS L 207 -13.47 -23.79 25.54
N PRO L 208 -13.48 -25.01 26.11
CA PRO L 208 -12.30 -25.43 26.87
C PRO L 208 -11.10 -25.78 25.99
N SER L 209 -11.33 -26.47 24.87
CA SER L 209 -10.27 -26.82 23.93
C SER L 209 -10.37 -25.90 22.72
N VAL L 210 -9.46 -24.92 22.64
CA VAL L 210 -9.43 -23.98 21.53
C VAL L 210 -8.12 -24.14 20.77
N SER L 211 -8.19 -23.99 19.46
CA SER L 211 -6.99 -23.91 18.64
C SER L 211 -7.05 -22.61 17.85
N THR L 212 -5.94 -22.27 17.21
CA THR L 212 -5.90 -21.15 16.29
C THR L 212 -5.33 -21.61 14.96
N VAL L 213 -5.85 -21.01 13.88
CA VAL L 213 -5.38 -21.27 12.53
C VAL L 213 -5.36 -19.95 11.78
N GLN L 214 -4.48 -19.87 10.76
CA GLN L 214 -4.58 -18.75 9.84
C GLN L 214 -5.84 -18.84 9.00
N CYS L 215 -6.28 -20.06 8.68
CA CYS L 215 -7.29 -20.30 7.65
C CYS L 215 -8.37 -21.26 8.13
N THR L 216 -9.61 -20.83 7.91
CA THR L 216 -10.77 -21.66 8.12
C THR L 216 -10.67 -22.78 7.13
N HIS L 217 -11.22 -23.94 7.48
CA HIS L 217 -11.14 -25.08 6.59
C HIS L 217 -11.85 -24.66 5.33
N GLY L 218 -11.45 -25.19 4.19
CA GLY L 218 -12.06 -24.78 2.94
C GLY L 218 -13.54 -25.07 3.07
N ILE L 219 -14.35 -24.13 2.62
CA ILE L 219 -15.78 -24.19 2.93
C ILE L 219 -16.63 -24.10 1.70
N LYS L 220 -17.79 -24.75 1.76
CA LYS L 220 -18.70 -24.74 0.63
C LYS L 220 -19.80 -23.71 0.84
N PRO L 221 -19.75 -22.67 0.03
CA PRO L 221 -20.81 -21.65 -0.08
C PRO L 221 -21.99 -22.16 -0.90
N VAL L 222 -22.63 -23.20 -0.41
CA VAL L 222 -23.70 -23.86 -1.14
C VAL L 222 -25.01 -23.11 -0.92
N VAL L 223 -25.76 -22.90 -2.01
CA VAL L 223 -27.01 -22.15 -1.96
C VAL L 223 -28.14 -23.17 -1.87
N SER L 224 -28.66 -23.33 -0.66
CA SER L 224 -29.74 -24.30 -0.44
C SER L 224 -30.87 -23.67 0.37
N THR L 225 -32.07 -24.21 0.22
CA THR L 225 -33.24 -23.68 0.89
C THR L 225 -33.74 -24.67 1.92
N GLN L 226 -33.99 -24.19 3.15
CA GLN L 226 -34.64 -25.04 4.12
C GLN L 226 -33.68 -26.11 4.59
N LEU L 227 -33.09 -26.81 3.63
CA LEU L 227 -32.22 -27.92 3.91
C LEU L 227 -30.78 -27.62 3.54
N LEU L 228 -29.85 -27.92 4.44
CA LEU L 228 -28.45 -27.68 4.14
C LEU L 228 -27.88 -28.88 3.38
N LEU L 229 -27.01 -28.60 2.41
CA LEU L 229 -26.41 -29.63 1.59
C LEU L 229 -24.90 -29.45 1.57
N ASN L 230 -24.16 -30.53 1.83
CA ASN L 230 -22.70 -30.53 1.76
C ASN L 230 -22.08 -29.62 2.81
N GLY L 231 -22.70 -29.52 3.98
CA GLY L 231 -22.18 -28.72 5.07
C GLY L 231 -21.27 -29.51 5.99
N SER L 232 -20.91 -28.88 7.11
CA SER L 232 -20.08 -29.54 8.11
C SER L 232 -20.92 -30.50 8.93
N LEU L 233 -20.48 -31.76 8.98
CA LEU L 233 -21.19 -32.79 9.72
C LEU L 233 -20.74 -32.80 11.18
N ALA L 234 -21.71 -32.80 12.08
CA ALA L 234 -21.41 -32.78 13.50
C ALA L 234 -20.79 -34.10 13.94
N GLU L 235 -19.82 -34.02 14.84
CA GLU L 235 -19.24 -35.20 15.44
C GLU L 235 -20.11 -35.68 16.59
N GLU L 236 -20.16 -37.00 16.76
CA GLU L 236 -20.90 -37.66 17.86
C GLU L 236 -22.38 -37.28 17.73
N GLU L 237 -23.04 -36.87 18.80
CA GLU L 237 -24.48 -36.67 18.77
C GLU L 237 -24.86 -35.37 18.08
N VAL L 238 -26.06 -35.37 17.49
CA VAL L 238 -26.61 -34.19 16.84
C VAL L 238 -26.97 -33.13 17.88
N MET L 239 -26.90 -31.87 17.48
CA MET L 239 -27.28 -30.76 18.34
C MET L 239 -28.05 -29.73 17.51
N ILE L 240 -28.69 -28.78 18.20
CA ILE L 240 -29.52 -27.76 17.57
C ILE L 240 -29.11 -26.39 18.09
N ARG L 241 -29.26 -25.37 17.25
CA ARG L 241 -28.71 -24.05 17.51
C ARG L 241 -29.68 -22.96 17.09
N SER L 242 -29.86 -21.98 17.95
CA SER L 242 -30.70 -20.82 17.67
C SER L 242 -30.11 -19.60 18.37
N GLU L 243 -30.26 -18.43 17.75
CA GLU L 243 -29.91 -17.20 18.44
C GLU L 243 -30.69 -17.05 19.73
N ASN L 244 -31.96 -17.46 19.68
CA ASN L 244 -32.84 -17.48 20.84
C ASN L 244 -33.75 -18.69 20.68
N ILE L 245 -33.50 -19.74 21.44
CA ILE L 245 -34.47 -20.83 21.54
C ILE L 245 -35.83 -20.26 21.92
N THR L 246 -35.85 -19.40 22.94
CA THR L 246 -37.10 -18.96 23.55
C THR L 246 -37.98 -18.21 22.56
N ASN L 247 -37.39 -17.53 21.58
CA ASN L 247 -38.18 -16.85 20.57
C ASN L 247 -38.39 -17.80 19.40
N ASN L 248 -39.65 -18.20 19.19
CA ASN L 248 -40.00 -19.05 18.07
C ASN L 248 -39.82 -18.34 16.74
N ALA L 249 -39.83 -17.01 16.74
CA ALA L 249 -39.50 -16.26 15.53
C ALA L 249 -38.08 -16.52 15.09
N LYS L 250 -37.19 -16.83 16.04
CA LYS L 250 -35.80 -17.12 15.73
C LYS L 250 -35.69 -18.52 15.14
N ASN L 251 -35.05 -18.62 13.97
CA ASN L 251 -34.88 -19.89 13.29
C ASN L 251 -34.04 -20.83 14.15
N ILE L 252 -34.11 -22.12 13.83
CA ILE L 252 -33.52 -23.18 14.64
C ILE L 252 -32.67 -24.05 13.74
N LEU L 253 -31.35 -23.91 13.86
CA LEU L 253 -30.41 -24.60 12.98
C LEU L 253 -30.08 -25.98 13.51
N VAL L 254 -30.17 -26.98 12.64
CA VAL L 254 -29.90 -28.37 12.97
C VAL L 254 -28.70 -28.84 12.16
N GLN L 255 -27.83 -29.63 12.78
CA GLN L 255 -26.64 -30.16 12.13
C GLN L 255 -26.62 -31.68 12.30
N PHE L 256 -26.76 -32.41 11.20
CA PHE L 256 -26.80 -33.85 11.25
C PHE L 256 -25.47 -34.43 11.71
N ASN L 257 -25.53 -35.65 12.22
CA ASN L 257 -24.36 -36.50 12.41
C ASN L 257 -24.27 -37.61 11.36
N THR L 258 -25.40 -38.23 11.04
CA THR L 258 -25.48 -39.21 9.97
C THR L 258 -25.95 -38.52 8.70
N PRO L 259 -25.20 -38.60 7.61
CA PRO L 259 -25.58 -37.89 6.38
C PRO L 259 -26.69 -38.61 5.64
N VAL L 260 -27.50 -37.82 4.95
CA VAL L 260 -28.68 -38.31 4.24
C VAL L 260 -28.45 -38.10 2.75
N GLN L 261 -28.22 -39.18 2.03
CA GLN L 261 -28.09 -39.11 0.57
C GLN L 261 -29.39 -38.63 -0.06
N ILE L 262 -29.27 -37.75 -1.07
CA ILE L 262 -30.44 -37.26 -1.81
C ILE L 262 -30.12 -37.27 -3.29
N ASN L 263 -30.92 -38.00 -4.07
CA ASN L 263 -30.77 -38.10 -5.51
C ASN L 263 -31.92 -37.36 -6.20
N CYS L 264 -31.58 -36.50 -7.16
CA CYS L 264 -32.55 -35.77 -7.95
C CYS L 264 -32.05 -35.67 -9.37
N THR L 265 -32.97 -35.47 -10.32
CA THR L 265 -32.63 -35.60 -11.73
C THR L 265 -33.60 -34.80 -12.58
N ARG L 266 -33.08 -34.21 -13.67
CA ARG L 266 -33.85 -33.57 -14.74
C ARG L 266 -33.82 -34.51 -15.95
N PRO L 267 -34.82 -35.38 -16.12
CA PRO L 267 -34.65 -36.57 -16.98
C PRO L 267 -35.04 -36.41 -18.45
N ASN L 268 -35.26 -35.21 -18.96
CA ASN L 268 -35.61 -35.01 -20.36
C ASN L 268 -34.41 -34.45 -21.11
N ASN L 269 -34.07 -35.07 -22.24
CA ASN L 269 -32.94 -34.63 -23.06
C ASN L 269 -33.35 -33.36 -23.79
N ASN L 270 -32.94 -32.22 -23.27
CA ASN L 270 -33.30 -30.93 -23.83
C ASN L 270 -32.36 -30.53 -24.96
N THR L 271 -32.80 -29.58 -25.77
CA THR L 271 -31.98 -28.94 -26.78
C THR L 271 -32.31 -27.46 -26.79
N ARG L 272 -31.28 -26.63 -26.94
CA ARG L 272 -31.44 -25.18 -26.90
C ARG L 272 -30.91 -24.56 -28.19
N LYS L 273 -31.67 -23.62 -28.74
CA LYS L 273 -31.33 -22.93 -29.97
C LYS L 273 -30.97 -21.49 -29.65
N SER L 274 -29.76 -21.09 -30.04
CA SER L 274 -29.24 -19.75 -29.72
C SER L 274 -29.76 -18.76 -30.75
N ILE L 275 -30.89 -18.13 -30.44
CA ILE L 275 -31.43 -17.11 -31.33
C ILE L 275 -30.58 -15.85 -31.25
N ARG L 276 -30.44 -15.17 -32.37
CA ARG L 276 -29.46 -14.08 -32.50
C ARG L 276 -30.12 -12.75 -32.18
N ILE L 277 -30.02 -12.36 -30.91
CA ILE L 277 -30.38 -11.01 -30.50
C ILE L 277 -29.13 -10.15 -30.64
N GLY L 278 -28.57 -10.11 -31.85
CA GLY L 278 -27.32 -9.41 -32.11
C GLY L 278 -27.35 -7.92 -31.83
N PRO L 279 -26.21 -7.24 -32.06
CA PRO L 279 -25.00 -7.81 -32.64
C PRO L 279 -24.11 -8.49 -31.61
N GLY L 280 -23.51 -9.62 -31.99
CA GLY L 280 -22.65 -10.35 -31.08
C GLY L 280 -23.42 -11.09 -30.00
N GLN L 281 -24.27 -10.35 -29.28
CA GLN L 281 -25.05 -10.96 -28.21
C GLN L 281 -26.06 -11.96 -28.78
N ALA L 282 -26.26 -13.05 -28.04
CA ALA L 282 -27.13 -14.13 -28.50
C ALA L 282 -27.81 -14.78 -27.30
N PHE L 283 -29.13 -14.91 -27.37
CA PHE L 283 -29.91 -15.54 -26.33
C PHE L 283 -30.16 -17.01 -26.67
N TYR L 284 -30.01 -17.86 -25.67
CA TYR L 284 -30.07 -19.31 -25.85
C TYR L 284 -31.49 -19.78 -25.54
N ALA L 285 -32.32 -19.87 -26.56
CA ALA L 285 -33.70 -20.29 -26.43
C ALA L 285 -33.81 -21.81 -26.57
N THR L 286 -34.97 -22.34 -26.18
CA THR L 286 -35.22 -23.78 -26.31
C THR L 286 -35.69 -24.13 -27.71
N SER L 301 -33.60 -42.16 0.49
CA SER L 301 -34.31 -43.24 1.19
C SER L 301 -34.90 -42.75 2.50
N LYS L 302 -36.17 -43.08 2.74
CA LYS L 302 -36.79 -42.77 4.02
C LYS L 302 -36.26 -43.66 5.14
N ALA L 303 -35.63 -44.78 4.80
CA ALA L 303 -35.00 -45.63 5.81
C ALA L 303 -33.93 -44.86 6.57
N THR L 304 -33.23 -43.94 5.91
CA THR L 304 -32.28 -43.05 6.56
C THR L 304 -32.94 -41.80 7.14
N TRP L 305 -34.10 -41.39 6.61
CA TRP L 305 -34.76 -40.21 7.12
C TRP L 305 -35.41 -40.48 8.47
N ASN L 306 -36.02 -41.65 8.64
CA ASN L 306 -36.64 -41.99 9.92
C ASN L 306 -35.60 -42.23 11.00
N GLU L 307 -34.48 -42.86 10.64
CA GLU L 307 -33.39 -43.03 11.60
C GLU L 307 -32.76 -41.68 11.92
N THR L 308 -32.69 -40.77 10.95
CA THR L 308 -32.17 -39.44 11.20
C THR L 308 -33.11 -38.66 12.11
N LEU L 309 -34.39 -38.58 11.74
CA LEU L 309 -35.36 -37.87 12.56
C LEU L 309 -35.39 -38.43 13.98
N GLY L 310 -35.38 -39.77 14.11
CA GLY L 310 -35.37 -40.38 15.42
C GLY L 310 -34.23 -39.90 16.30
N LYS L 311 -33.07 -39.64 15.71
CA LYS L 311 -31.98 -39.02 16.45
C LYS L 311 -32.24 -37.52 16.65
N VAL L 312 -32.92 -36.88 15.70
CA VAL L 312 -33.19 -35.45 15.82
C VAL L 312 -34.21 -35.19 16.92
N VAL L 313 -35.23 -36.03 17.02
CA VAL L 313 -36.27 -35.81 18.02
C VAL L 313 -35.68 -35.79 19.43
N LYS L 314 -34.78 -36.73 19.73
CA LYS L 314 -34.24 -36.86 21.09
C LYS L 314 -33.51 -35.59 21.51
N GLN L 315 -32.53 -35.16 20.72
CA GLN L 315 -31.81 -33.93 21.03
C GLN L 315 -32.76 -32.74 21.07
N LEU L 316 -33.62 -32.64 20.06
CA LEU L 316 -34.63 -31.58 20.03
C LEU L 316 -35.57 -31.68 21.22
N ARG L 317 -35.91 -32.91 21.64
CA ARG L 317 -36.82 -33.08 22.76
C ARG L 317 -36.20 -32.61 24.07
N LYS L 318 -34.88 -32.71 24.21
CA LYS L 318 -34.23 -32.33 25.46
C LYS L 318 -34.52 -30.87 25.80
N HIS L 319 -34.44 -29.98 24.82
CA HIS L 319 -34.77 -28.58 25.05
C HIS L 319 -36.26 -28.39 25.27
N PHE L 320 -37.08 -29.16 24.55
CA PHE L 320 -38.53 -29.06 24.71
C PHE L 320 -39.03 -29.80 25.96
N GLY L 321 -38.23 -30.79 26.38
CA GLY L 321 -38.54 -31.65 27.52
C GLY L 321 -38.80 -33.08 27.09
N ASN L 322 -38.58 -34.02 28.01
CA ASN L 322 -38.71 -35.44 27.71
C ASN L 322 -40.17 -35.86 27.58
N ASN L 323 -41.05 -35.21 28.33
CA ASN L 323 -42.42 -35.70 28.44
C ASN L 323 -43.22 -35.47 27.17
N THR L 324 -43.11 -34.29 26.56
CA THR L 324 -44.00 -33.92 25.47
C THR L 324 -43.36 -34.16 24.10
N ILE L 325 -44.23 -34.28 23.11
CA ILE L 325 -43.89 -34.77 21.78
C ILE L 325 -43.90 -33.59 20.80
N ILE L 326 -43.18 -33.76 19.70
CA ILE L 326 -43.08 -32.74 18.67
C ILE L 326 -43.82 -33.20 17.41
N ARG L 327 -44.22 -32.23 16.59
CA ARG L 327 -44.90 -32.50 15.33
C ARG L 327 -44.12 -31.89 14.17
N PHE L 328 -44.10 -32.59 13.04
CA PHE L 328 -43.49 -32.12 11.82
C PHE L 328 -44.57 -31.78 10.80
N ALA L 329 -44.46 -30.60 10.18
CA ALA L 329 -45.45 -30.14 9.21
C ALA L 329 -44.75 -29.42 8.07
N ASN L 330 -45.50 -29.13 7.01
CA ASN L 330 -44.96 -28.47 5.83
C ASN L 330 -44.87 -26.95 6.08
N SER L 331 -44.16 -26.28 5.17
CA SER L 331 -43.91 -24.84 5.31
C SER L 331 -45.21 -24.07 5.40
N SER L 332 -45.22 -23.04 6.25
CA SER L 332 -46.42 -22.23 6.47
C SER L 332 -46.64 -21.20 5.38
N GLY L 333 -45.64 -20.95 4.53
CA GLY L 333 -45.78 -20.03 3.43
C GLY L 333 -44.64 -19.04 3.37
N GLY L 334 -44.73 -18.13 2.39
CA GLY L 334 -43.76 -17.10 2.14
C GLY L 334 -43.39 -17.07 0.67
N ASP L 335 -42.18 -16.58 0.37
CA ASP L 335 -41.71 -16.61 -0.99
C ASP L 335 -41.46 -18.05 -1.43
N LEU L 336 -41.21 -18.22 -2.73
CA LEU L 336 -40.91 -19.56 -3.22
C LEU L 336 -39.61 -20.10 -2.66
N GLU L 337 -38.76 -19.23 -2.10
CA GLU L 337 -37.46 -19.66 -1.59
C GLU L 337 -37.56 -20.35 -0.24
N VAL L 338 -38.54 -20.00 0.58
CA VAL L 338 -38.71 -20.70 1.85
C VAL L 338 -39.59 -21.93 1.68
N THR L 339 -40.64 -21.83 0.86
CA THR L 339 -41.59 -22.92 0.71
C THR L 339 -40.94 -24.16 0.09
N THR L 340 -39.94 -23.97 -0.75
CA THR L 340 -39.33 -25.05 -1.51
C THR L 340 -37.89 -25.27 -1.06
N HIS L 341 -37.40 -26.49 -1.32
CA HIS L 341 -35.99 -26.81 -1.11
C HIS L 341 -35.22 -26.45 -2.38
N SER L 342 -35.05 -25.14 -2.58
CA SER L 342 -34.56 -24.58 -3.83
C SER L 342 -33.04 -24.53 -3.85
N PHE L 343 -32.44 -25.17 -4.84
CA PHE L 343 -30.99 -25.10 -5.03
C PHE L 343 -30.66 -25.35 -6.49
N ASN L 344 -29.46 -24.90 -6.89
CA ASN L 344 -28.98 -25.11 -8.25
C ASN L 344 -28.33 -26.49 -8.35
N CYS L 345 -28.58 -27.20 -9.45
CA CYS L 345 -28.10 -28.56 -9.66
C CYS L 345 -27.65 -28.73 -11.10
N GLY L 346 -26.43 -29.22 -11.28
CA GLY L 346 -25.89 -29.45 -12.61
C GLY L 346 -25.85 -28.22 -13.48
N GLY L 347 -25.75 -27.05 -12.88
CA GLY L 347 -25.89 -25.80 -13.60
C GLY L 347 -27.32 -25.34 -13.79
N GLU L 348 -28.30 -26.11 -13.32
CA GLU L 348 -29.71 -25.79 -13.47
C GLU L 348 -30.34 -25.61 -12.09
N PHE L 349 -31.13 -24.55 -11.95
CA PHE L 349 -31.79 -24.28 -10.68
C PHE L 349 -32.98 -25.21 -10.49
N PHE L 350 -33.21 -25.61 -9.24
CA PHE L 350 -34.00 -26.79 -8.93
C PHE L 350 -34.73 -26.56 -7.62
N TYR L 351 -35.99 -26.99 -7.58
CA TYR L 351 -36.91 -26.67 -6.49
C TYR L 351 -37.73 -27.91 -6.14
N CYS L 352 -37.97 -28.14 -4.85
CA CYS L 352 -38.87 -29.21 -4.45
C CYS L 352 -39.64 -28.83 -3.20
N ASN L 353 -40.91 -29.18 -3.18
CA ASN L 353 -41.70 -29.15 -1.95
C ASN L 353 -41.29 -30.31 -1.06
N THR L 354 -40.88 -30.01 0.17
CA THR L 354 -40.44 -31.02 1.12
C THR L 354 -41.58 -31.52 2.01
N SER L 355 -42.83 -31.33 1.59
CA SER L 355 -43.96 -31.81 2.38
C SER L 355 -43.94 -33.33 2.55
N GLY L 356 -43.28 -34.06 1.65
CA GLY L 356 -43.16 -35.50 1.79
C GLY L 356 -42.23 -35.94 2.91
N LEU L 357 -41.39 -35.04 3.41
CA LEU L 357 -40.49 -35.33 4.52
C LEU L 357 -41.05 -34.88 5.86
N PHE L 358 -41.70 -33.73 5.89
CA PHE L 358 -42.09 -33.08 7.15
C PHE L 358 -43.58 -33.27 7.43
N ASN L 359 -43.98 -34.52 7.64
CA ASN L 359 -45.32 -34.83 8.15
C ASN L 359 -45.17 -35.94 9.18
N SER L 360 -45.35 -35.60 10.45
CA SER L 360 -45.11 -36.60 11.48
C SER L 360 -45.53 -36.08 12.85
N THR L 361 -45.84 -37.02 13.72
CA THR L 361 -45.99 -36.77 15.14
C THR L 361 -45.11 -37.84 15.75
N TRP L 362 -44.17 -37.43 16.58
CA TRP L 362 -43.30 -38.42 17.23
C TRP L 362 -43.51 -38.51 18.73
N ASP L 378 -36.43 -48.49 -0.56
CA ASP L 378 -37.62 -47.70 -0.85
C ASP L 378 -37.46 -46.28 -0.30
N SER L 379 -37.79 -45.29 -1.13
CA SER L 379 -37.57 -43.89 -0.81
C SER L 379 -38.82 -43.07 -1.13
N ILE L 380 -38.95 -41.94 -0.46
CA ILE L 380 -40.07 -41.02 -0.67
C ILE L 380 -39.57 -39.88 -1.53
N THR L 381 -40.08 -39.79 -2.75
CA THR L 381 -39.71 -38.71 -3.65
C THR L 381 -40.36 -37.41 -3.21
N LEU L 382 -39.81 -36.31 -3.68
CA LEU L 382 -40.35 -34.99 -3.43
C LEU L 382 -40.80 -34.36 -4.75
N PRO L 383 -41.90 -33.60 -4.74
CA PRO L 383 -42.33 -32.93 -5.97
C PRO L 383 -41.32 -31.86 -6.37
N CYS L 384 -40.88 -31.91 -7.63
CA CYS L 384 -39.71 -31.13 -8.03
C CYS L 384 -39.95 -30.40 -9.34
N ARG L 385 -39.80 -29.08 -9.31
CA ARG L 385 -40.05 -28.18 -10.41
C ARG L 385 -38.82 -27.32 -10.65
N ILE L 386 -38.81 -26.59 -11.77
CA ILE L 386 -37.69 -25.75 -12.15
C ILE L 386 -38.20 -24.33 -12.39
N LYS L 387 -37.52 -23.35 -11.81
CA LYS L 387 -37.80 -21.93 -12.02
C LYS L 387 -36.54 -21.31 -12.63
N GLN L 388 -36.58 -21.09 -13.94
CA GLN L 388 -35.35 -20.78 -14.68
C GLN L 388 -34.77 -19.44 -14.27
N ILE L 389 -35.62 -18.46 -13.99
CA ILE L 389 -35.17 -17.13 -13.60
C ILE L 389 -35.20 -17.04 -12.08
N ILE L 390 -34.20 -16.35 -11.52
CA ILE L 390 -34.08 -16.21 -10.07
C ILE L 390 -33.70 -14.78 -9.73
N ASN L 391 -34.13 -14.34 -8.54
CA ASN L 391 -33.70 -13.10 -7.93
C ASN L 391 -33.21 -13.39 -6.51
N MET L 392 -32.15 -14.19 -6.42
CA MET L 392 -31.67 -14.67 -5.13
C MET L 392 -31.17 -13.51 -4.27
N TRP L 393 -31.18 -13.76 -2.95
CA TRP L 393 -30.83 -12.76 -1.94
C TRP L 393 -31.74 -11.54 -2.02
N GLN L 394 -33.00 -11.75 -2.37
CA GLN L 394 -33.97 -10.69 -2.21
C GLN L 394 -33.40 -9.46 -2.87
N ARG L 395 -32.65 -9.65 -3.95
CA ARG L 395 -32.09 -8.52 -4.68
C ARG L 395 -33.03 -8.16 -5.82
N ILE L 396 -33.64 -6.99 -5.72
CA ILE L 396 -34.52 -6.48 -6.76
C ILE L 396 -33.74 -5.45 -7.58
N GLY L 397 -34.10 -5.32 -8.85
CA GLY L 397 -33.27 -4.64 -9.82
C GLY L 397 -32.32 -5.55 -10.57
N GLN L 398 -31.99 -6.70 -9.99
CA GLN L 398 -31.06 -7.65 -10.59
C GLN L 398 -31.74 -9.00 -10.69
N ALA L 399 -31.92 -9.49 -11.92
CA ALA L 399 -32.54 -10.78 -12.17
C ALA L 399 -31.70 -11.56 -13.17
N MET L 400 -31.50 -12.84 -12.90
CA MET L 400 -30.66 -13.69 -13.74
C MET L 400 -31.50 -14.76 -14.42
N TYR L 401 -31.24 -14.96 -15.71
CA TYR L 401 -31.82 -16.06 -16.47
C TYR L 401 -30.78 -17.17 -16.59
N ALA L 402 -31.17 -18.39 -16.24
CA ALA L 402 -30.26 -19.53 -16.30
C ALA L 402 -30.41 -20.22 -17.65
N PRO L 403 -29.40 -20.19 -18.51
CA PRO L 403 -29.50 -20.92 -19.78
C PRO L 403 -29.42 -22.42 -19.55
N PRO L 404 -30.45 -23.16 -19.96
CA PRO L 404 -30.46 -24.62 -19.75
C PRO L 404 -29.31 -25.29 -20.50
N ILE L 405 -29.10 -26.56 -20.16
CA ILE L 405 -27.95 -27.32 -20.61
C ILE L 405 -28.41 -28.52 -21.43
N GLN L 406 -27.57 -28.92 -22.38
CA GLN L 406 -27.87 -30.05 -23.24
C GLN L 406 -27.73 -31.36 -22.47
N GLY L 407 -28.67 -32.27 -22.68
CA GLY L 407 -28.64 -33.57 -22.06
C GLY L 407 -29.34 -33.61 -20.71
N VAL L 408 -29.46 -34.82 -20.17
CA VAL L 408 -30.15 -35.09 -18.92
C VAL L 408 -29.18 -34.92 -17.76
N ILE L 409 -29.68 -34.41 -16.64
CA ILE L 409 -28.86 -34.09 -15.46
C ILE L 409 -29.18 -35.06 -14.35
N ARG L 410 -28.15 -35.65 -13.74
CA ARG L 410 -28.28 -36.44 -12.53
C ARG L 410 -27.51 -35.76 -11.41
N CYS L 411 -28.17 -35.56 -10.26
CA CYS L 411 -27.57 -34.88 -9.11
C CYS L 411 -27.56 -35.82 -7.92
N VAL L 412 -26.42 -35.89 -7.23
CA VAL L 412 -26.28 -36.69 -6.02
C VAL L 412 -25.49 -35.88 -5.00
N SER L 413 -26.08 -35.68 -3.82
CA SER L 413 -25.41 -35.02 -2.70
C SER L 413 -26.02 -35.59 -1.42
N ASN L 414 -25.40 -35.29 -0.28
CA ASN L 414 -26.01 -35.64 1.01
C ASN L 414 -26.49 -34.40 1.77
N ILE L 415 -27.59 -34.59 2.51
CA ILE L 415 -28.11 -33.56 3.39
C ILE L 415 -27.32 -33.59 4.69
N THR L 416 -27.00 -32.40 5.22
CA THR L 416 -26.17 -32.29 6.41
C THR L 416 -26.82 -31.51 7.54
N GLY L 417 -28.03 -30.98 7.34
CA GLY L 417 -28.67 -30.22 8.39
C GLY L 417 -29.98 -29.64 7.92
N LEU L 418 -30.68 -29.01 8.86
CA LEU L 418 -31.99 -28.44 8.62
C LEU L 418 -32.07 -27.02 9.16
N ILE L 419 -32.91 -26.21 8.52
CA ILE L 419 -33.27 -24.88 8.99
C ILE L 419 -34.74 -24.95 9.35
N LEU L 420 -35.06 -24.76 10.63
CA LEU L 420 -36.42 -24.94 11.11
C LEU L 420 -36.93 -23.68 11.80
N THR L 421 -38.22 -23.43 11.64
CA THR L 421 -38.92 -22.34 12.29
C THR L 421 -39.96 -22.93 13.24
N ARG L 422 -40.56 -22.07 14.06
CA ARG L 422 -41.39 -22.53 15.16
C ARG L 422 -42.69 -21.75 15.21
N ASP L 423 -43.71 -22.35 15.83
CA ASP L 423 -45.06 -21.82 15.88
C ASP L 423 -45.27 -20.92 17.09
N GLY L 424 -46.44 -20.31 17.15
CA GLY L 424 -46.77 -19.41 18.23
C GLY L 424 -47.49 -20.09 19.39
N THR L 433 -44.77 -28.19 17.01
CA THR L 433 -44.79 -28.23 15.55
C THR L 433 -43.58 -27.49 14.97
N PHE L 434 -42.98 -28.05 13.93
CA PHE L 434 -41.78 -27.51 13.31
C PHE L 434 -42.00 -27.37 11.81
N ARG L 435 -41.52 -26.25 11.25
CA ARG L 435 -41.67 -25.94 9.85
C ARG L 435 -40.30 -25.79 9.19
N PRO L 436 -40.20 -26.11 7.90
CA PRO L 436 -38.93 -25.90 7.19
C PRO L 436 -38.63 -24.41 7.09
N GLY L 437 -37.40 -24.04 7.41
CA GLY L 437 -37.02 -22.65 7.46
C GLY L 437 -36.64 -22.10 6.11
N GLY L 438 -36.33 -20.82 6.11
CA GLY L 438 -35.93 -20.10 4.91
C GLY L 438 -35.53 -18.68 5.25
N GLY L 439 -35.70 -17.77 4.30
CA GLY L 439 -35.40 -16.37 4.56
C GLY L 439 -33.92 -16.09 4.43
N ASP L 440 -33.32 -15.55 5.49
CA ASP L 440 -31.95 -15.07 5.43
C ASP L 440 -30.97 -16.23 5.23
N MET L 441 -29.97 -16.00 4.39
CA MET L 441 -28.96 -17.00 4.08
C MET L 441 -27.79 -16.98 5.06
N ARG L 442 -27.71 -15.97 5.94
CA ARG L 442 -26.62 -15.92 6.92
C ARG L 442 -26.55 -17.21 7.73
N ASP L 443 -27.71 -17.77 8.08
CA ASP L 443 -27.74 -18.98 8.89
C ASP L 443 -26.99 -20.11 8.21
N ASN L 444 -27.09 -20.20 6.87
CA ASN L 444 -26.34 -21.22 6.14
C ASN L 444 -24.85 -21.11 6.43
N TRP L 445 -24.32 -19.89 6.45
CA TRP L 445 -22.91 -19.72 6.76
C TRP L 445 -22.62 -20.04 8.22
N ARG L 446 -23.56 -19.71 9.12
CA ARG L 446 -23.37 -19.99 10.53
C ARG L 446 -23.32 -21.48 10.83
N SER L 447 -23.89 -22.32 9.96
CA SER L 447 -23.75 -23.76 10.11
C SER L 447 -22.31 -24.21 9.92
N GLU L 448 -21.42 -23.32 9.48
CA GLU L 448 -20.00 -23.58 9.31
C GLU L 448 -19.14 -22.66 10.16
N LEU L 449 -19.53 -21.40 10.31
CA LEU L 449 -18.73 -20.39 11.01
C LEU L 449 -19.04 -20.30 12.49
N TYR L 450 -19.79 -21.25 13.04
CA TYR L 450 -19.98 -21.30 14.48
C TYR L 450 -18.67 -21.52 15.20
N LYS L 451 -17.75 -22.28 14.59
CA LYS L 451 -16.49 -22.61 15.25
C LYS L 451 -15.62 -21.39 15.46
N TYR L 452 -15.74 -20.39 14.60
CA TYR L 452 -14.69 -19.41 14.37
C TYR L 452 -15.04 -18.04 14.91
N LYS L 453 -14.00 -17.31 15.30
CA LYS L 453 -14.09 -15.90 15.63
C LYS L 453 -12.71 -15.28 15.44
N VAL L 454 -12.71 -14.01 15.05
CA VAL L 454 -11.49 -13.30 14.69
C VAL L 454 -11.00 -12.49 15.88
N VAL L 455 -9.70 -12.51 16.12
CA VAL L 455 -9.08 -11.77 17.22
C VAL L 455 -7.91 -10.96 16.67
N LYS L 456 -7.62 -9.85 17.33
CA LYS L 456 -6.46 -9.01 17.03
C LYS L 456 -5.33 -9.35 17.97
N ILE L 457 -4.11 -9.32 17.47
CA ILE L 457 -2.92 -9.66 18.24
C ILE L 457 -2.31 -8.38 18.78
N GLU L 458 -1.96 -8.38 20.07
CA GLU L 458 -1.30 -7.25 20.72
C GLU L 458 0.01 -7.74 21.31
N PRO L 459 1.10 -7.72 20.52
CA PRO L 459 2.34 -8.39 20.94
C PRO L 459 3.19 -7.59 21.89
N LEU L 460 2.88 -6.32 22.12
CA LEU L 460 3.68 -5.49 23.01
C LEU L 460 3.31 -5.78 24.46
N GLY L 461 4.32 -6.09 25.27
CA GLY L 461 4.12 -6.26 26.69
C GLY L 461 5.20 -5.57 27.50
N VAL L 462 4.81 -4.91 28.58
CA VAL L 462 5.76 -4.40 29.57
C VAL L 462 5.50 -5.14 30.88
N ALA L 463 6.59 -5.58 31.51
CA ALA L 463 6.50 -6.37 32.73
C ALA L 463 7.73 -6.08 33.56
N PRO L 464 7.63 -6.20 34.89
CA PRO L 464 8.81 -6.00 35.73
C PRO L 464 9.70 -7.23 35.79
N THR L 465 11.00 -6.96 35.86
CA THR L 465 12.02 -7.99 36.09
C THR L 465 13.20 -7.30 36.76
N ARG L 466 14.23 -8.07 37.07
CA ARG L 466 15.41 -7.54 37.75
C ARG L 466 16.44 -6.97 36.79
N CYS L 467 16.04 -6.63 35.57
CA CYS L 467 16.98 -6.29 34.52
C CYS L 467 17.24 -4.79 34.49
N LYS L 468 18.48 -4.40 34.24
CA LYS L 468 18.88 -3.00 34.17
C LYS L 468 19.67 -2.75 32.90
N ARG L 469 19.45 -1.59 32.30
CA ARG L 469 20.16 -1.17 31.09
C ARG L 469 21.24 -0.17 31.49
N ARG L 470 22.43 -0.32 30.91
CA ARG L 470 23.60 0.44 31.32
C ARG L 470 23.82 1.64 30.39
N VAL L 471 24.08 2.79 31.00
CA VAL L 471 24.26 4.05 30.27
C VAL L 471 25.72 4.49 30.35
#